data_8S3D
#
_entry.id   8S3D
#
_cell.length_a   111.832
_cell.length_b   155.707
_cell.length_c   163.089
_cell.angle_alpha   90.000
_cell.angle_beta   90.000
_cell.angle_gamma   90.000
#
_symmetry.space_group_name_H-M   'P 21 21 21'
#
loop_
_entity.id
_entity.type
_entity.pdbx_description
1 polymer 'Glutamate dehydrogenase'
2 non-polymer NICOTINAMIDE-ADENINE-DINUCLEOTIDE
3 non-polymer 1,2-ETHANEDIOL
4 non-polymer DI(HYDROXYETHYL)ETHER
5 non-polymer '(2S)-2-azanyl-2-oxidanyl-pentanedioic acid'
6 non-polymer 'TETRAETHYLENE GLYCOL'
7 non-polymer 'CALCIUM ION'
8 non-polymer 'SODIUM ION'
9 non-polymer GLYCINE
10 non-polymer 'TRIETHYLENE GLYCOL'
11 water water
#
_entity_poly.entity_id   1
_entity_poly.type   'polypeptide(L)'
_entity_poly.pdbx_seq_one_letter_code
;SNAMNALVATNRNFQRASRILGLDSKLEKSLLIPYREIKVECTIPKDDGSLVSYVGFRIQHDNARGPMKGGIRYHPEVDP
DEVNALAQLMTWKTAVVDIPYGGAKGGIGCNPKDLSISELERLTRVFTQKIHDLIGIHRDVPAPDMGTNSQTMAWILDEY
SKFHGHSPAVVTGKPIDLGGSLGREAATGLGVVFATEALFAEYGKSISDMTFAIQGFGNVGTWAAKAIFERGGKVVAVSD
INGAISNPNGIDIAALLKHKAGNGSLKDFSGGDAMNPNDLLVHDCDVLIPCALGGVLNKENANDVKAKFIIEAANHPTDP
DADEILSKKGVIILPDVYANAGGVTVSYFEWVQNIQGFMWDEEKVNQELKRYMTKAFNDIKANCKTHNCDLRMGAFTLGL
NRVARATLLRGWEA
;
_entity_poly.pdbx_strand_id   A,B,C,D,E,F
#
loop_
_chem_comp.id
_chem_comp.type
_chem_comp.name
_chem_comp.formula
8GL non-polymer '(2S)-2-azanyl-2-oxidanyl-pentanedioic acid' 'C5 H9 N O5'
CA non-polymer 'CALCIUM ION' 'Ca 2'
EDO non-polymer 1,2-ETHANEDIOL 'C2 H6 O2'
NA non-polymer 'SODIUM ION' 'Na 1'
NAD non-polymer NICOTINAMIDE-ADENINE-DINUCLEOTIDE 'C21 H27 N7 O14 P2'
PEG non-polymer DI(HYDROXYETHYL)ETHER 'C4 H10 O3'
PG4 non-polymer 'TETRAETHYLENE GLYCOL' 'C8 H18 O5'
PGE non-polymer 'TRIETHYLENE GLYCOL' 'C6 H14 O4'
#
# COMPACT_ATOMS: atom_id res chain seq x y z
N ALA A 3 28.02 -37.31 -5.38
CA ALA A 3 27.18 -37.35 -4.14
C ALA A 3 25.74 -37.75 -4.44
N MET A 4 25.07 -38.27 -3.42
CA MET A 4 23.64 -38.52 -3.52
C MET A 4 22.92 -37.20 -3.74
N ASN A 5 21.86 -37.22 -4.55
CA ASN A 5 21.04 -36.01 -4.74
C ASN A 5 20.61 -35.44 -3.39
N ALA A 6 20.78 -34.14 -3.20
CA ALA A 6 20.56 -33.58 -1.87
C ALA A 6 19.10 -33.67 -1.48
N LEU A 7 18.20 -33.56 -2.44
CA LEU A 7 16.78 -33.59 -2.09
C LEU A 7 16.32 -35.02 -1.86
N VAL A 8 16.83 -35.95 -2.66
CA VAL A 8 16.57 -37.37 -2.38
C VAL A 8 17.02 -37.71 -0.96
N ALA A 9 18.24 -37.31 -0.60
CA ALA A 9 18.76 -37.60 0.74
C ALA A 9 17.88 -37.03 1.83
N THR A 10 17.57 -35.74 1.76
CA THR A 10 16.80 -35.08 2.80
C THR A 10 15.38 -35.64 2.88
N ASN A 11 14.78 -35.94 1.73
CA ASN A 11 13.44 -36.52 1.71
C ASN A 11 13.43 -37.92 2.33
N ARG A 12 14.55 -38.66 2.21
CA ARG A 12 14.65 -39.94 2.89
C ARG A 12 14.60 -39.75 4.41
N ASN A 13 15.30 -38.74 4.90
CA ASN A 13 15.29 -38.46 6.34
C ASN A 13 13.92 -38.01 6.79
N PHE A 14 13.28 -37.17 5.97
CA PHE A 14 11.92 -36.71 6.26
C PHE A 14 10.96 -37.90 6.36
N GLN A 15 11.06 -38.84 5.42
CA GLN A 15 10.14 -39.97 5.44
C GLN A 15 10.41 -40.83 6.67
N ARG A 16 11.68 -41.01 7.03
CA ARG A 16 11.99 -41.81 8.22
C ARG A 16 11.40 -41.15 9.46
N ALA A 17 11.53 -39.82 9.58
CA ALA A 17 10.98 -39.12 10.74
C ALA A 17 9.46 -39.12 10.75
N SER A 18 8.83 -38.98 9.57
N SER A 18 8.85 -38.98 9.58
CA SER A 18 7.38 -39.05 9.50
CA SER A 18 7.40 -39.05 9.49
C SER A 18 6.86 -40.40 9.97
C SER A 18 6.88 -40.39 9.99
N ARG A 19 7.58 -41.46 9.63
CA ARG A 19 7.12 -42.78 10.04
C ARG A 19 7.25 -42.98 11.54
N ILE A 20 8.34 -42.48 12.14
CA ILE A 20 8.49 -42.55 13.59
C ILE A 20 7.34 -41.84 14.28
N LEU A 21 6.94 -40.70 13.76
CA LEU A 21 5.81 -39.97 14.33
C LEU A 21 4.47 -40.55 13.93
N GLY A 22 4.40 -41.38 12.90
CA GLY A 22 3.11 -41.88 12.44
C GLY A 22 2.22 -40.79 11.86
N LEU A 23 2.81 -39.85 11.13
CA LEU A 23 2.03 -38.77 10.54
C LEU A 23 1.04 -39.32 9.53
N ASP A 24 -0.15 -38.75 9.55
CA ASP A 24 -1.11 -38.96 8.49
C ASP A 24 -0.47 -38.66 7.13
N SER A 25 -0.77 -39.48 6.12
CA SER A 25 -0.09 -39.31 4.84
C SER A 25 -0.45 -38.01 4.12
N LYS A 26 -1.68 -37.51 4.30
CA LYS A 26 -2.05 -36.25 3.64
C LYS A 26 -1.37 -35.06 4.28
N LEU A 27 -1.24 -35.07 5.62
CA LEU A 27 -0.42 -34.07 6.30
C LEU A 27 1.03 -34.17 5.84
N GLU A 28 1.57 -35.39 5.80
CA GLU A 28 2.94 -35.57 5.34
C GLU A 28 3.14 -34.95 3.97
N LYS A 29 2.24 -35.25 3.04
CA LYS A 29 2.42 -34.73 1.68
C LYS A 29 2.43 -33.22 1.69
N SER A 30 1.56 -32.60 2.47
CA SER A 30 1.55 -31.13 2.53
C SER A 30 2.83 -30.61 3.12
N LEU A 31 3.30 -31.23 4.20
CA LEU A 31 4.51 -30.74 4.82
C LEU A 31 5.72 -30.84 3.89
N LEU A 32 5.73 -31.82 3.00
CA LEU A 32 6.85 -31.96 2.09
C LEU A 32 6.85 -30.85 1.03
N ILE A 33 5.68 -30.56 0.45
CA ILE A 33 5.57 -29.57 -0.63
C ILE A 33 5.95 -28.19 -0.11
N PRO A 34 6.89 -27.48 -0.72
CA PRO A 34 7.16 -26.12 -0.29
C PRO A 34 5.99 -25.21 -0.52
N TYR A 35 5.84 -24.27 0.42
CA TYR A 35 4.91 -23.16 0.26
C TYR A 35 5.04 -22.50 -1.13
N ARG A 36 6.25 -22.12 -1.51
CA ARG A 36 6.44 -21.37 -2.76
C ARG A 36 7.88 -21.52 -3.22
N GLU A 37 8.08 -21.89 -4.48
CA GLU A 37 9.41 -21.97 -5.08
C GLU A 37 9.51 -20.83 -6.09
N ILE A 38 10.59 -20.05 -6.00
CA ILE A 38 10.80 -18.88 -6.86
C ILE A 38 12.12 -19.01 -7.60
N LYS A 39 12.10 -18.85 -8.92
CA LYS A 39 13.31 -18.81 -9.76
C LYS A 39 13.26 -17.53 -10.57
N VAL A 40 14.31 -16.71 -10.52
CA VAL A 40 14.27 -15.40 -11.16
C VAL A 40 15.52 -15.15 -11.99
N GLU A 41 15.33 -14.48 -13.13
CA GLU A 41 16.50 -14.04 -13.90
C GLU A 41 17.22 -12.96 -13.13
N CYS A 42 18.55 -13.08 -13.00
CA CYS A 42 19.41 -12.04 -12.43
C CYS A 42 20.49 -11.73 -13.46
N THR A 43 20.31 -10.64 -14.21
CA THR A 43 21.25 -10.25 -15.24
C THR A 43 21.86 -8.91 -14.87
N ILE A 44 23.19 -8.82 -14.95
CA ILE A 44 23.89 -7.58 -14.62
C ILE A 44 24.89 -7.24 -15.72
N PRO A 45 25.27 -5.97 -15.84
CA PRO A 45 26.49 -5.63 -16.54
C PRO A 45 27.73 -5.93 -15.71
N LYS A 46 28.69 -6.57 -16.34
CA LYS A 46 30.00 -6.71 -15.75
C LYS A 46 30.70 -5.35 -15.73
N ASP A 47 31.82 -5.28 -15.04
CA ASP A 47 32.56 -4.02 -15.02
C ASP A 47 32.96 -3.54 -16.42
N ASP A 48 33.20 -4.45 -17.38
CA ASP A 48 33.48 -4.03 -18.77
C ASP A 48 32.24 -3.73 -19.59
N GLY A 49 31.06 -3.77 -18.98
CA GLY A 49 29.81 -3.50 -19.65
C GLY A 49 29.13 -4.70 -20.31
N SER A 50 29.82 -5.83 -20.44
CA SER A 50 29.22 -7.02 -21.03
C SER A 50 28.26 -7.64 -20.04
N LEU A 51 27.24 -8.31 -20.55
CA LEU A 51 26.22 -8.86 -19.69
C LEU A 51 26.61 -10.24 -19.18
N VAL A 52 26.13 -10.57 -17.99
CA VAL A 52 26.15 -11.94 -17.52
C VAL A 52 24.79 -12.21 -16.87
N SER A 53 24.25 -13.42 -17.07
CA SER A 53 22.92 -13.79 -16.59
C SER A 53 23.03 -15.03 -15.71
N TYR A 54 22.41 -14.95 -14.55
CA TYR A 54 22.29 -16.03 -13.61
C TYR A 54 20.81 -16.26 -13.32
N VAL A 55 20.48 -17.41 -12.76
CA VAL A 55 19.16 -17.65 -12.19
C VAL A 55 19.31 -17.65 -10.69
N GLY A 56 18.49 -16.85 -10.01
CA GLY A 56 18.44 -16.81 -8.56
C GLY A 56 17.27 -17.62 -8.04
N PHE A 57 17.45 -18.23 -6.88
CA PHE A 57 16.43 -19.06 -6.25
C PHE A 57 16.06 -18.51 -4.90
N ARG A 58 14.78 -18.57 -4.58
CA ARG A 58 14.35 -18.48 -3.19
C ARG A 58 13.24 -19.50 -3.00
N ILE A 59 13.55 -20.54 -2.24
CA ILE A 59 12.59 -21.58 -1.92
C ILE A 59 12.04 -21.26 -0.56
N GLN A 60 10.73 -21.04 -0.49
CA GLN A 60 10.01 -20.80 0.76
C GLN A 60 9.34 -22.10 1.15
N HIS A 61 9.94 -22.85 2.10
CA HIS A 61 9.43 -24.19 2.29
C HIS A 61 8.18 -24.23 3.17
N ASP A 62 8.21 -23.59 4.34
CA ASP A 62 7.10 -23.71 5.29
C ASP A 62 7.05 -22.48 6.19
N ASN A 63 5.85 -21.95 6.43
CA ASN A 63 5.72 -20.79 7.30
C ASN A 63 4.70 -21.01 8.43
N ALA A 64 4.45 -22.27 8.83
CA ALA A 64 3.49 -22.53 9.89
C ALA A 64 3.89 -21.89 11.22
N ARG A 65 5.19 -21.87 11.54
CA ARG A 65 5.64 -21.43 12.86
C ARG A 65 6.10 -19.99 12.87
N GLY A 66 6.03 -19.31 11.73
CA GLY A 66 6.45 -17.93 11.67
C GLY A 66 7.03 -17.51 10.34
N PRO A 67 7.52 -16.27 10.28
CA PRO A 67 8.24 -15.84 9.08
C PRO A 67 9.31 -16.85 8.68
N MET A 68 9.45 -17.03 7.38
CA MET A 68 10.45 -18.00 6.93
C MET A 68 11.84 -17.45 7.10
N LYS A 69 12.80 -18.38 7.20
CA LYS A 69 14.16 -18.02 7.58
C LYS A 69 15.17 -18.93 6.91
N GLY A 70 16.22 -18.32 6.38
CA GLY A 70 17.33 -19.10 5.88
C GLY A 70 18.21 -18.27 4.96
N GLY A 71 19.45 -18.73 4.80
CA GLY A 71 20.48 -17.97 4.10
C GLY A 71 20.37 -17.99 2.59
N ILE A 72 21.32 -17.26 1.98
CA ILE A 72 21.52 -17.17 0.55
C ILE A 72 22.93 -17.67 0.26
N ARG A 73 23.02 -18.68 -0.59
CA ARG A 73 24.28 -19.31 -0.95
C ARG A 73 24.67 -18.86 -2.34
N TYR A 74 25.89 -18.34 -2.46
CA TYR A 74 26.53 -18.09 -3.75
C TYR A 74 27.56 -19.19 -3.94
N HIS A 75 27.27 -20.14 -4.81
CA HIS A 75 28.17 -21.26 -4.96
C HIS A 75 27.85 -21.92 -6.27
N PRO A 76 28.85 -22.42 -7.01
CA PRO A 76 28.60 -22.94 -8.37
C PRO A 76 27.71 -24.16 -8.43
N GLU A 77 27.54 -24.90 -7.34
CA GLU A 77 26.65 -26.06 -7.34
C GLU A 77 25.24 -25.74 -6.88
N VAL A 78 24.90 -24.46 -6.68
CA VAL A 78 23.53 -24.14 -6.31
C VAL A 78 22.61 -24.55 -7.45
N ASP A 79 21.57 -25.33 -7.13
CA ASP A 79 20.53 -25.69 -8.09
C ASP A 79 19.23 -25.90 -7.32
N PRO A 80 18.11 -26.10 -8.01
CA PRO A 80 16.84 -26.20 -7.28
C PRO A 80 16.82 -27.32 -6.24
N ASP A 81 17.38 -28.49 -6.57
CA ASP A 81 17.39 -29.58 -5.59
C ASP A 81 18.09 -29.16 -4.31
N GLU A 82 19.29 -28.58 -4.43
CA GLU A 82 20.04 -28.16 -3.25
C GLU A 82 19.29 -27.10 -2.47
N VAL A 83 18.74 -26.09 -3.13
CA VAL A 83 18.04 -25.05 -2.39
C VAL A 83 16.76 -25.60 -1.73
N ASN A 84 16.07 -26.52 -2.39
CA ASN A 84 14.88 -27.12 -1.78
C ASN A 84 15.28 -27.91 -0.54
N ALA A 85 16.37 -28.65 -0.62
CA ALA A 85 16.78 -29.45 0.54
C ALA A 85 17.16 -28.56 1.70
N LEU A 86 17.97 -27.54 1.43
CA LEU A 86 18.35 -26.59 2.47
C LEU A 86 17.14 -25.90 3.08
N ALA A 87 16.16 -25.50 2.26
CA ALA A 87 14.99 -24.79 2.77
C ALA A 87 14.20 -25.70 3.71
N GLN A 88 14.05 -26.96 3.32
CA GLN A 88 13.35 -27.91 4.16
C GLN A 88 14.06 -28.09 5.50
N LEU A 89 15.38 -28.19 5.47
CA LEU A 89 16.17 -28.34 6.68
C LEU A 89 16.00 -27.12 7.58
N MET A 90 15.84 -25.91 7.01
CA MET A 90 15.59 -24.73 7.84
C MET A 90 14.28 -24.86 8.62
N THR A 91 13.26 -25.41 7.98
CA THR A 91 11.99 -25.59 8.67
C THR A 91 12.16 -26.45 9.91
N TRP A 92 12.88 -27.59 9.78
CA TRP A 92 13.06 -28.46 10.93
C TRP A 92 13.97 -27.80 11.97
N LYS A 93 15.05 -27.16 11.51
CA LYS A 93 16.07 -26.61 12.40
C LYS A 93 15.48 -25.51 13.27
N THR A 94 14.73 -24.59 12.66
CA THR A 94 14.11 -23.52 13.45
C THR A 94 13.18 -24.09 14.52
N ALA A 95 12.49 -25.16 14.18
CA ALA A 95 11.62 -25.81 15.16
C ALA A 95 12.41 -26.57 16.22
N VAL A 96 13.56 -27.13 15.89
CA VAL A 96 14.38 -27.82 16.89
C VAL A 96 14.78 -26.87 18.00
N VAL A 97 15.22 -25.66 17.65
CA VAL A 97 15.63 -24.73 18.69
C VAL A 97 14.48 -23.89 19.19
N ASP A 98 13.30 -24.07 18.62
CA ASP A 98 12.05 -23.45 19.10
C ASP A 98 12.08 -21.95 18.98
N ILE A 99 12.50 -21.47 17.83
CA ILE A 99 12.38 -20.06 17.52
C ILE A 99 11.21 -19.92 16.55
N PRO A 100 10.49 -18.81 16.57
CA PRO A 100 9.21 -18.68 15.84
C PRO A 100 9.44 -18.27 14.40
N TYR A 101 10.10 -19.16 13.66
CA TYR A 101 10.39 -19.03 12.25
C TYR A 101 10.05 -20.33 11.54
N GLY A 102 9.66 -20.19 10.28
CA GLY A 102 9.67 -21.26 9.32
C GLY A 102 10.95 -21.26 8.52
N GLY A 103 10.94 -22.05 7.44
CA GLY A 103 12.14 -22.34 6.68
C GLY A 103 12.12 -21.90 5.23
N ALA A 104 13.24 -21.35 4.79
CA ALA A 104 13.44 -20.97 3.41
C ALA A 104 14.93 -20.97 3.11
N LYS A 105 15.27 -20.88 1.84
CA LYS A 105 16.68 -20.80 1.47
C LYS A 105 16.76 -20.19 0.09
N GLY A 106 17.85 -19.48 -0.17
CA GLY A 106 18.06 -18.93 -1.49
C GLY A 106 19.45 -19.14 -2.00
N GLY A 107 19.65 -18.73 -3.24
CA GLY A 107 21.00 -18.81 -3.76
C GLY A 107 21.09 -18.46 -5.22
N ILE A 108 22.34 -18.35 -5.65
CA ILE A 108 22.71 -18.11 -7.04
C ILE A 108 23.90 -19.01 -7.36
N GLY A 109 23.83 -19.70 -8.50
CA GLY A 109 24.90 -20.57 -8.96
C GLY A 109 26.02 -19.80 -9.63
N CYS A 110 26.77 -19.08 -8.83
CA CYS A 110 27.89 -18.31 -9.31
C CYS A 110 29.08 -18.69 -8.44
N ASN A 111 30.27 -18.28 -8.88
CA ASN A 111 31.46 -18.42 -8.04
C ASN A 111 31.92 -17.04 -7.67
N PRO A 112 31.77 -16.62 -6.42
CA PRO A 112 32.13 -15.25 -6.05
C PRO A 112 33.55 -14.88 -6.36
N LYS A 113 34.48 -15.84 -6.34
CA LYS A 113 35.87 -15.48 -6.58
C LYS A 113 36.07 -14.97 -8.00
N ASP A 114 35.15 -15.30 -8.91
CA ASP A 114 35.28 -14.92 -10.32
C ASP A 114 34.58 -13.59 -10.64
N LEU A 115 33.96 -12.98 -9.67
CA LEU A 115 33.29 -11.71 -9.85
C LEU A 115 34.03 -10.66 -9.05
N SER A 116 34.08 -9.44 -9.59
CA SER A 116 34.63 -8.34 -8.82
C SER A 116 33.67 -7.94 -7.70
N ILE A 117 34.16 -7.14 -6.75
CA ILE A 117 33.28 -6.78 -5.64
C ILE A 117 32.14 -5.89 -6.13
N SER A 118 32.37 -5.08 -7.17
CA SER A 118 31.28 -4.27 -7.71
C SER A 118 30.26 -5.16 -8.42
N GLU A 119 30.73 -6.19 -9.11
CA GLU A 119 29.83 -7.13 -9.77
C GLU A 119 29.01 -7.91 -8.75
N LEU A 120 29.64 -8.37 -7.67
CA LEU A 120 28.89 -9.06 -6.63
C LEU A 120 27.82 -8.14 -6.04
N GLU A 121 28.15 -6.85 -5.86
CA GLU A 121 27.16 -5.91 -5.35
C GLU A 121 26.00 -5.75 -6.32
N ARG A 122 26.29 -5.55 -7.62
CA ARG A 122 25.19 -5.43 -8.58
C ARG A 122 24.37 -6.69 -8.61
N LEU A 123 25.02 -7.84 -8.57
CA LEU A 123 24.26 -9.07 -8.61
C LEU A 123 23.34 -9.20 -7.40
N THR A 124 23.85 -8.86 -6.21
CA THR A 124 23.07 -8.94 -4.98
C THR A 124 21.90 -7.98 -5.03
N ARG A 125 22.12 -6.77 -5.54
CA ARG A 125 21.05 -5.78 -5.64
C ARG A 125 19.99 -6.20 -6.66
N VAL A 126 20.40 -6.73 -7.81
CA VAL A 126 19.42 -7.21 -8.78
C VAL A 126 18.60 -8.38 -8.23
N PHE A 127 19.27 -9.32 -7.56
CA PHE A 127 18.54 -10.42 -6.94
C PHE A 127 17.50 -9.87 -5.97
N THR A 128 17.90 -8.88 -5.18
CA THR A 128 16.98 -8.26 -4.24
C THR A 128 15.83 -7.59 -4.97
N GLN A 129 16.12 -6.88 -6.07
CA GLN A 129 15.03 -6.33 -6.87
C GLN A 129 14.06 -7.40 -7.35
N LYS A 130 14.57 -8.59 -7.62
CA LYS A 130 13.70 -9.61 -8.18
C LYS A 130 12.93 -10.38 -7.13
N ILE A 131 13.31 -10.31 -5.85
CA ILE A 131 12.59 -11.02 -4.79
C ILE A 131 12.00 -10.10 -3.74
N HIS A 132 12.08 -8.77 -3.90
CA HIS A 132 11.69 -7.89 -2.79
C HIS A 132 10.23 -8.09 -2.43
N ASP A 133 9.39 -8.42 -3.41
CA ASP A 133 7.96 -8.53 -3.16
C ASP A 133 7.61 -9.84 -2.48
N LEU A 134 8.54 -10.74 -2.40
CA LEU A 134 8.29 -12.04 -1.83
C LEU A 134 8.95 -12.24 -0.47
N ILE A 135 9.83 -11.32 -0.05
CA ILE A 135 10.45 -11.42 1.27
C ILE A 135 9.92 -10.27 2.12
N GLY A 136 10.36 -10.19 3.35
CA GLY A 136 9.86 -9.17 4.25
C GLY A 136 10.08 -9.56 5.69
N ILE A 137 10.09 -8.53 6.54
CA ILE A 137 10.39 -8.71 7.96
C ILE A 137 9.51 -9.80 8.60
N HIS A 138 8.23 -9.86 8.19
CA HIS A 138 7.29 -10.84 8.73
C HIS A 138 6.88 -11.88 7.70
N ARG A 139 7.70 -12.08 6.70
CA ARG A 139 7.37 -12.95 5.59
C ARG A 139 8.50 -13.94 5.37
N ASP A 140 9.70 -13.45 5.12
CA ASP A 140 10.84 -14.31 4.78
C ASP A 140 12.08 -13.45 4.91
N VAL A 141 13.00 -13.87 5.78
CA VAL A 141 14.15 -13.07 6.21
C VAL A 141 15.44 -13.78 5.85
N PRO A 142 16.17 -13.32 4.83
CA PRO A 142 17.43 -13.99 4.47
C PRO A 142 18.56 -13.69 5.45
N ALA A 143 19.73 -14.21 5.09
CA ALA A 143 20.91 -14.25 5.93
C ALA A 143 22.06 -14.80 5.09
N PRO A 144 23.29 -14.82 5.60
CA PRO A 144 24.37 -15.43 4.84
C PRO A 144 24.30 -16.95 4.85
N ASP A 145 25.13 -17.52 3.98
CA ASP A 145 25.43 -18.92 3.88
C ASP A 145 26.76 -18.98 3.12
N MET A 146 27.08 -20.11 2.51
N MET A 146 27.07 -20.12 2.50
CA MET A 146 28.35 -20.25 1.81
CA MET A 146 28.32 -20.21 1.75
C MET A 146 28.42 -19.27 0.65
C MET A 146 28.37 -19.13 0.69
N GLY A 147 29.53 -18.49 0.59
CA GLY A 147 29.73 -17.53 -0.48
C GLY A 147 29.13 -16.16 -0.24
N THR A 148 28.41 -15.95 0.84
CA THR A 148 27.91 -14.62 1.18
C THR A 148 28.31 -14.29 2.60
N ASN A 149 28.23 -13.00 2.93
CA ASN A 149 28.63 -12.57 4.27
C ASN A 149 27.87 -11.30 4.67
N SER A 150 28.35 -10.65 5.73
CA SER A 150 27.63 -9.48 6.25
C SER A 150 27.65 -8.34 5.25
N GLN A 151 28.67 -8.26 4.39
CA GLN A 151 28.67 -7.22 3.36
C GLN A 151 27.58 -7.50 2.33
N THR A 152 27.36 -8.78 1.97
CA THR A 152 26.26 -9.14 1.07
C THR A 152 24.95 -8.71 1.67
N MET A 153 24.80 -8.93 2.99
CA MET A 153 23.55 -8.57 3.63
C MET A 153 23.34 -7.08 3.65
N ALA A 154 24.42 -6.29 3.80
CA ALA A 154 24.28 -4.84 3.74
C ALA A 154 23.64 -4.40 2.44
N TRP A 155 24.03 -5.02 1.33
CA TRP A 155 23.50 -4.64 0.02
C TRP A 155 22.03 -5.04 -0.13
N ILE A 156 21.67 -6.22 0.38
CA ILE A 156 20.24 -6.60 0.40
C ILE A 156 19.42 -5.60 1.19
N LEU A 157 19.89 -5.27 2.40
CA LEU A 157 19.17 -4.30 3.22
C LEU A 157 19.01 -3.00 2.47
N ASP A 158 20.10 -2.52 1.88
CA ASP A 158 20.07 -1.20 1.27
C ASP A 158 19.12 -1.18 0.07
N GLU A 159 19.19 -2.21 -0.78
CA GLU A 159 18.35 -2.22 -1.96
C GLU A 159 16.89 -2.47 -1.58
N TYR A 160 16.65 -3.36 -0.63
CA TYR A 160 15.29 -3.65 -0.24
C TYR A 160 14.61 -2.42 0.32
N SER A 161 15.34 -1.66 1.14
CA SER A 161 14.80 -0.47 1.75
C SER A 161 14.35 0.56 0.72
N LYS A 162 14.85 0.48 -0.52
CA LYS A 162 14.37 1.42 -1.53
C LYS A 162 12.91 1.14 -1.90
N PHE A 163 12.51 -0.12 -1.80
CA PHE A 163 11.19 -0.56 -2.19
C PHE A 163 10.20 -0.53 -1.04
N HIS A 164 10.68 -0.67 0.22
CA HIS A 164 9.79 -0.83 1.35
C HIS A 164 10.17 0.03 2.54
N GLY A 165 11.06 1.00 2.36
CA GLY A 165 11.51 1.77 3.49
C GLY A 165 12.55 1.03 4.30
N HIS A 166 13.26 1.79 5.13
CA HIS A 166 14.29 1.20 6.00
C HIS A 166 13.74 0.01 6.78
N SER A 167 14.34 -1.16 6.55
CA SER A 167 13.82 -2.44 7.06
C SER A 167 14.95 -3.30 7.60
N PRO A 168 15.58 -2.88 8.72
CA PRO A 168 16.75 -3.66 9.23
C PRO A 168 16.47 -5.11 9.45
N ALA A 169 15.26 -5.44 9.87
CA ALA A 169 14.91 -6.82 10.18
C ALA A 169 14.62 -7.68 8.96
N VAL A 170 14.73 -7.14 7.74
CA VAL A 170 14.46 -7.96 6.57
C VAL A 170 15.58 -8.95 6.31
N VAL A 171 16.75 -8.75 6.90
CA VAL A 171 17.86 -9.66 6.68
C VAL A 171 18.70 -9.68 7.94
N THR A 172 19.26 -10.84 8.27
CA THR A 172 20.14 -10.94 9.43
C THR A 172 21.56 -11.29 8.98
N GLY A 173 22.47 -11.34 9.95
CA GLY A 173 23.87 -11.38 9.60
C GLY A 173 24.36 -10.05 9.05
N LYS A 174 23.72 -8.97 9.43
CA LYS A 174 24.17 -7.65 9.01
C LYS A 174 25.44 -7.18 9.73
N PRO A 175 26.16 -6.26 9.13
CA PRO A 175 27.23 -5.61 9.88
C PRO A 175 26.70 -4.92 11.13
N ILE A 176 27.55 -4.91 12.17
CA ILE A 176 27.18 -4.24 13.42
C ILE A 176 26.75 -2.79 13.16
N ASP A 177 27.44 -2.09 12.24
CA ASP A 177 27.14 -0.69 11.99
C ASP A 177 25.84 -0.48 11.22
N LEU A 178 25.19 -1.55 10.74
CA LEU A 178 23.90 -1.47 10.05
C LEU A 178 22.83 -2.30 10.76
N GLY A 179 22.93 -2.41 12.07
CA GLY A 179 21.92 -3.11 12.82
C GLY A 179 22.20 -4.56 13.07
N GLY A 180 23.43 -5.02 12.81
CA GLY A 180 23.74 -6.42 13.11
C GLY A 180 23.82 -6.67 14.59
N SER A 181 23.76 -7.95 14.97
CA SER A 181 23.89 -8.34 16.37
C SER A 181 25.33 -8.70 16.71
N LEU A 182 25.83 -8.19 17.82
CA LEU A 182 27.01 -8.80 18.40
C LEU A 182 26.80 -10.30 18.52
N GLY A 183 27.86 -11.07 18.35
CA GLY A 183 27.79 -12.51 18.43
C GLY A 183 27.34 -13.23 17.18
N ARG A 184 26.70 -12.55 16.21
CA ARG A 184 26.17 -13.27 15.05
C ARG A 184 27.28 -13.82 14.17
N GLU A 185 28.36 -13.05 13.94
CA GLU A 185 29.43 -13.60 13.11
C GLU A 185 29.93 -14.93 13.64
N ALA A 186 30.13 -15.05 14.96
CA ALA A 186 30.68 -16.24 15.58
C ALA A 186 29.62 -17.30 15.93
N ALA A 187 28.34 -17.00 15.77
CA ALA A 187 27.29 -17.79 16.42
C ALA A 187 27.28 -19.24 15.96
N THR A 188 27.43 -19.48 14.67
CA THR A 188 27.27 -20.87 14.19
C THR A 188 28.41 -21.73 14.72
N GLY A 189 29.64 -21.26 14.61
CA GLY A 189 30.78 -22.01 15.14
C GLY A 189 30.73 -22.18 16.66
N LEU A 190 30.38 -21.10 17.38
CA LEU A 190 30.28 -21.20 18.83
C LEU A 190 29.14 -22.13 19.23
N GLY A 191 28.01 -22.04 18.50
CA GLY A 191 26.90 -22.93 18.78
C GLY A 191 27.24 -24.39 18.55
N VAL A 192 28.02 -24.67 17.50
CA VAL A 192 28.52 -26.03 17.24
C VAL A 192 29.28 -26.54 18.46
N VAL A 193 30.11 -25.70 19.04
CA VAL A 193 30.88 -26.10 20.22
C VAL A 193 30.00 -26.27 21.45
N PHE A 194 28.99 -25.39 21.64
CA PHE A 194 28.07 -25.61 22.76
C PHE A 194 27.34 -26.95 22.59
N ALA A 195 26.92 -27.25 21.36
CA ALA A 195 26.23 -28.50 21.06
C ALA A 195 27.15 -29.70 21.34
N THR A 196 28.42 -29.57 20.93
CA THR A 196 29.40 -30.63 21.18
C THR A 196 29.65 -30.84 22.66
N GLU A 197 29.78 -29.74 23.42
CA GLU A 197 29.96 -29.83 24.87
C GLU A 197 28.79 -30.54 25.52
N ALA A 198 27.56 -30.26 25.05
CA ALA A 198 26.38 -30.91 25.63
C ALA A 198 26.37 -32.38 25.31
N LEU A 199 26.76 -32.75 24.09
CA LEU A 199 26.83 -34.16 23.78
C LEU A 199 27.90 -34.84 24.63
N PHE A 200 29.09 -34.26 24.68
CA PHE A 200 30.21 -34.95 25.34
C PHE A 200 29.99 -35.09 26.83
N ALA A 201 29.21 -34.18 27.43
CA ALA A 201 28.88 -34.33 28.85
C ALA A 201 28.14 -35.62 29.13
N GLU A 202 27.37 -36.13 28.15
CA GLU A 202 26.66 -37.37 28.36
C GLU A 202 27.61 -38.55 28.55
N TYR A 203 28.84 -38.42 28.06
CA TYR A 203 29.88 -39.44 28.16
C TYR A 203 30.92 -39.11 29.23
N GLY A 204 30.70 -38.07 30.03
CA GLY A 204 31.72 -37.67 30.99
C GLY A 204 32.95 -37.05 30.37
N LYS A 205 32.86 -36.57 29.13
CA LYS A 205 34.03 -36.10 28.41
C LYS A 205 33.93 -34.62 28.12
N SER A 206 35.10 -34.05 27.81
CA SER A 206 35.20 -32.63 27.48
C SER A 206 35.89 -32.49 26.14
N ILE A 207 35.66 -31.32 25.53
CA ILE A 207 36.36 -30.97 24.30
C ILE A 207 37.86 -31.13 24.48
N SER A 208 38.39 -30.76 25.64
CA SER A 208 39.82 -30.85 25.87
C SER A 208 40.34 -32.28 25.88
N ASP A 209 39.47 -33.27 25.87
CA ASP A 209 39.89 -34.67 25.81
C ASP A 209 40.20 -35.13 24.40
N MET A 210 39.84 -34.35 23.39
CA MET A 210 39.64 -34.85 22.03
C MET A 210 40.54 -34.17 20.99
N THR A 211 40.77 -34.90 19.91
CA THR A 211 41.31 -34.34 18.68
C THR A 211 40.20 -34.15 17.64
N PHE A 212 40.37 -33.12 16.81
CA PHE A 212 39.38 -32.65 15.87
C PHE A 212 39.97 -32.47 14.47
N ALA A 213 39.20 -32.88 13.46
CA ALA A 213 39.49 -32.53 12.07
C ALA A 213 38.32 -31.72 11.52
N ILE A 214 38.64 -30.64 10.79
CA ILE A 214 37.65 -29.67 10.35
C ILE A 214 37.76 -29.50 8.84
N GLN A 215 36.66 -29.72 8.12
CA GLN A 215 36.61 -29.54 6.66
C GLN A 215 35.91 -28.20 6.36
N GLY A 216 36.66 -27.26 5.84
CA GLY A 216 36.13 -25.94 5.55
C GLY A 216 36.61 -24.98 6.59
N PHE A 217 36.92 -23.76 6.18
CA PHE A 217 37.56 -22.80 7.09
C PHE A 217 37.09 -21.39 6.73
N GLY A 218 35.79 -21.26 6.59
CA GLY A 218 35.09 -20.01 6.42
C GLY A 218 34.41 -19.52 7.68
N ASN A 219 33.23 -18.95 7.52
CA ASN A 219 32.53 -18.40 8.67
C ASN A 219 32.31 -19.45 9.74
N VAL A 220 31.86 -20.65 9.35
CA VAL A 220 31.59 -21.70 10.33
C VAL A 220 32.89 -22.31 10.83
N GLY A 221 33.77 -22.74 9.93
CA GLY A 221 34.98 -23.43 10.33
C GLY A 221 35.94 -22.62 11.19
N THR A 222 36.12 -21.34 10.85
CA THR A 222 37.08 -20.54 11.62
C THR A 222 36.61 -20.39 13.07
N TRP A 223 35.35 -20.00 13.26
CA TRP A 223 34.88 -19.76 14.62
C TRP A 223 34.74 -21.06 15.39
N ALA A 224 34.37 -22.16 14.72
CA ALA A 224 34.32 -23.43 15.40
C ALA A 224 35.72 -23.83 15.88
N ALA A 225 36.70 -23.72 14.98
CA ALA A 225 38.08 -24.06 15.36
C ALA A 225 38.57 -23.20 16.51
N LYS A 226 38.26 -21.91 16.46
CA LYS A 226 38.68 -21.01 17.52
C LYS A 226 38.11 -21.42 18.84
N ALA A 227 36.80 -21.70 18.87
CA ALA A 227 36.11 -22.03 20.10
C ALA A 227 36.59 -23.37 20.64
N ILE A 228 36.89 -24.32 19.75
CA ILE A 228 37.44 -25.59 20.18
C ILE A 228 38.81 -25.38 20.80
N PHE A 229 39.67 -24.67 20.08
CA PHE A 229 41.03 -24.39 20.52
C PHE A 229 41.05 -23.71 21.88
N GLU A 230 40.15 -22.75 22.09
CA GLU A 230 40.13 -22.03 23.35
C GLU A 230 39.60 -22.87 24.49
N ARG A 231 38.95 -23.99 24.20
CA ARG A 231 38.53 -24.95 25.21
C ARG A 231 39.50 -26.11 25.38
N GLY A 232 40.69 -26.03 24.80
CA GLY A 232 41.65 -27.08 25.01
C GLY A 232 41.58 -28.21 24.02
N GLY A 233 40.70 -28.13 23.03
CA GLY A 233 40.66 -29.15 22.02
C GLY A 233 41.87 -29.08 21.10
N LYS A 234 42.31 -30.23 20.61
CA LYS A 234 43.43 -30.28 19.66
C LYS A 234 42.88 -30.40 18.27
N VAL A 235 43.04 -29.35 17.48
CA VAL A 235 42.63 -29.35 16.08
C VAL A 235 43.83 -29.85 15.29
N VAL A 236 43.76 -31.11 14.83
CA VAL A 236 44.91 -31.74 14.18
C VAL A 236 44.90 -31.61 12.67
N ALA A 237 43.78 -31.19 12.07
CA ALA A 237 43.71 -31.06 10.62
C ALA A 237 42.61 -30.09 10.24
N VAL A 238 42.89 -29.25 9.25
CA VAL A 238 41.94 -28.27 8.71
C VAL A 238 42.11 -28.24 7.19
N SER A 239 41.01 -28.25 6.46
CA SER A 239 41.08 -28.10 5.02
C SER A 239 40.17 -26.97 4.57
N ASP A 240 40.42 -26.48 3.35
CA ASP A 240 39.46 -25.62 2.65
C ASP A 240 39.59 -25.93 1.16
N ILE A 241 38.94 -25.14 0.31
CA ILE A 241 38.88 -25.50 -1.10
C ILE A 241 40.27 -25.54 -1.73
N ASN A 242 41.26 -24.87 -1.17
CA ASN A 242 42.55 -24.74 -1.81
C ASN A 242 43.64 -25.65 -1.25
N GLY A 243 43.43 -26.24 -0.08
CA GLY A 243 44.44 -27.11 0.46
C GLY A 243 44.09 -27.46 1.89
N ALA A 244 45.10 -27.97 2.60
CA ALA A 244 44.86 -28.42 3.96
C ALA A 244 46.19 -28.48 4.70
N ILE A 245 46.07 -28.57 6.02
CA ILE A 245 47.21 -28.50 6.94
C ILE A 245 46.94 -29.43 8.12
N SER A 246 47.97 -30.09 8.63
CA SER A 246 47.80 -30.97 9.77
C SER A 246 48.94 -30.75 10.76
N ASN A 247 48.70 -31.15 11.99
CA ASN A 247 49.71 -31.15 13.04
C ASN A 247 49.19 -32.08 14.13
N PRO A 248 49.82 -33.23 14.34
CA PRO A 248 49.27 -34.20 15.29
C PRO A 248 49.34 -33.73 16.73
N ASN A 249 50.05 -32.65 17.02
CA ASN A 249 50.07 -32.08 18.38
C ASN A 249 49.04 -31.00 18.56
N GLY A 250 48.25 -30.71 17.54
CA GLY A 250 47.33 -29.59 17.59
C GLY A 250 47.90 -28.40 16.84
N ILE A 251 47.10 -27.84 15.94
CA ILE A 251 47.46 -26.60 15.26
C ILE A 251 47.17 -25.44 16.19
N ASP A 252 48.08 -24.46 16.24
CA ASP A 252 47.83 -23.18 16.92
C ASP A 252 46.81 -22.42 16.10
N ILE A 253 45.53 -22.52 16.47
CA ILE A 253 44.47 -21.93 15.66
C ILE A 253 44.53 -20.40 15.67
N ALA A 254 44.97 -19.80 16.77
CA ALA A 254 45.13 -18.35 16.75
C ALA A 254 46.15 -17.92 15.69
N ALA A 255 47.29 -18.61 15.62
CA ALA A 255 48.26 -18.30 14.58
C ALA A 255 47.71 -18.61 13.18
N LEU A 256 46.98 -19.72 13.05
CA LEU A 256 46.43 -20.09 11.74
C LEU A 256 45.45 -19.05 11.26
N LEU A 257 44.65 -18.51 12.18
CA LEU A 257 43.69 -17.47 11.79
C LEU A 257 44.41 -16.20 11.40
N LYS A 258 45.48 -15.85 12.12
CA LYS A 258 46.22 -14.66 11.74
C LYS A 258 46.84 -14.83 10.35
N HIS A 259 47.36 -16.04 10.06
CA HIS A 259 47.89 -16.36 8.74
C HIS A 259 46.81 -16.22 7.67
N LYS A 260 45.62 -16.80 7.91
CA LYS A 260 44.50 -16.65 6.99
C LYS A 260 44.15 -15.19 6.74
N ALA A 261 44.14 -14.36 7.80
CA ALA A 261 43.77 -12.97 7.67
C ALA A 261 44.78 -12.17 6.84
N GLY A 262 46.03 -12.62 6.78
CA GLY A 262 47.07 -12.02 5.96
C GLY A 262 47.11 -12.57 4.54
N ASN A 263 46.01 -13.23 4.12
CA ASN A 263 45.83 -13.83 2.79
C ASN A 263 46.69 -15.06 2.59
N GLY A 264 47.03 -15.72 3.70
CA GLY A 264 47.79 -16.95 3.60
C GLY A 264 46.90 -18.11 3.21
N SER A 265 47.52 -19.09 2.57
N SER A 265 47.51 -19.10 2.56
CA SER A 265 46.86 -20.35 2.22
CA SER A 265 46.85 -20.35 2.24
C SER A 265 47.19 -21.39 3.28
C SER A 265 47.19 -21.39 3.28
N LEU A 266 46.21 -22.24 3.61
CA LEU A 266 46.41 -23.25 4.65
C LEU A 266 47.66 -24.08 4.45
N LYS A 267 47.89 -24.56 3.23
CA LYS A 267 48.99 -25.49 3.00
C LYS A 267 50.35 -24.84 3.28
N ASP A 268 50.42 -23.50 3.32
CA ASP A 268 51.67 -22.78 3.50
C ASP A 268 51.93 -22.40 4.95
N PHE A 269 51.02 -22.73 5.86
CA PHE A 269 51.17 -22.35 7.26
C PHE A 269 52.34 -23.09 7.89
N SER A 270 53.25 -22.34 8.52
CA SER A 270 54.48 -22.89 9.06
C SER A 270 54.27 -23.72 10.33
N GLY A 271 53.09 -23.64 10.93
CA GLY A 271 52.83 -24.34 12.17
C GLY A 271 52.18 -25.69 11.95
N GLY A 272 52.29 -26.22 10.74
CA GLY A 272 51.77 -27.53 10.43
C GLY A 272 52.42 -28.04 9.16
N ASP A 273 51.93 -29.19 8.70
CA ASP A 273 52.43 -29.86 7.52
C ASP A 273 51.36 -29.87 6.46
N ALA A 274 51.71 -29.42 5.27
CA ALA A 274 50.73 -29.45 4.20
C ALA A 274 50.17 -30.86 4.03
N MET A 275 48.87 -30.92 3.72
CA MET A 275 48.13 -32.16 3.64
C MET A 275 47.24 -32.20 2.41
N ASN A 276 47.11 -33.37 1.83
CA ASN A 276 46.13 -33.58 0.79
C ASN A 276 44.72 -33.35 1.36
N PRO A 277 43.95 -32.38 0.86
CA PRO A 277 42.61 -32.18 1.42
C PRO A 277 41.73 -33.41 1.32
N ASN A 278 42.00 -34.33 0.39
CA ASN A 278 41.20 -35.55 0.35
C ASN A 278 41.41 -36.43 1.58
N ASP A 279 42.42 -36.18 2.38
CA ASP A 279 42.64 -36.96 3.59
C ASP A 279 41.88 -36.44 4.79
N LEU A 280 41.05 -35.39 4.65
CA LEU A 280 40.50 -34.77 5.84
C LEU A 280 39.41 -35.63 6.47
N LEU A 281 38.41 -36.05 5.67
CA LEU A 281 37.25 -36.72 6.25
C LEU A 281 37.64 -38.08 6.82
N VAL A 282 38.73 -38.65 6.33
CA VAL A 282 39.16 -39.97 6.79
C VAL A 282 40.35 -39.86 7.73
N HIS A 283 40.62 -38.67 8.23
CA HIS A 283 41.81 -38.44 9.04
C HIS A 283 41.63 -39.12 10.39
N ASP A 284 42.76 -39.47 11.01
CA ASP A 284 42.74 -40.05 12.36
C ASP A 284 42.47 -38.93 13.35
N CYS A 285 41.28 -38.93 13.93
CA CYS A 285 40.89 -37.95 14.92
C CYS A 285 39.75 -38.57 15.74
N ASP A 286 39.47 -37.97 16.90
CA ASP A 286 38.31 -38.37 17.69
C ASP A 286 37.04 -37.82 17.09
N VAL A 287 37.10 -36.60 16.55
CA VAL A 287 35.89 -35.84 16.20
C VAL A 287 36.10 -35.22 14.84
N LEU A 288 35.14 -35.42 13.94
CA LEU A 288 35.16 -34.85 12.61
C LEU A 288 34.05 -33.84 12.51
N ILE A 289 34.38 -32.64 12.04
CA ILE A 289 33.41 -31.56 11.91
C ILE A 289 33.43 -31.08 10.47
N PRO A 290 32.51 -31.58 9.65
CA PRO A 290 32.35 -31.02 8.30
C PRO A 290 31.74 -29.63 8.39
N CYS A 291 32.39 -28.64 7.75
CA CYS A 291 32.02 -27.23 7.79
C CYS A 291 31.99 -26.62 6.38
N ALA A 292 31.75 -27.44 5.37
CA ALA A 292 31.75 -26.95 4.00
C ALA A 292 30.52 -27.49 3.27
N LEU A 293 30.67 -28.33 2.24
CA LEU A 293 29.53 -28.73 1.43
C LEU A 293 28.74 -29.89 2.08
N GLY A 294 27.54 -30.11 1.55
CA GLY A 294 26.75 -31.25 1.95
C GLY A 294 27.09 -32.49 1.13
N GLY A 295 26.63 -33.62 1.64
CA GLY A 295 26.74 -34.88 0.89
C GLY A 295 28.13 -35.45 0.83
N VAL A 296 29.05 -34.91 1.63
CA VAL A 296 30.47 -35.27 1.53
C VAL A 296 30.80 -36.56 2.25
N LEU A 297 29.97 -37.00 3.20
CA LEU A 297 30.08 -38.35 3.77
C LEU A 297 29.00 -39.18 3.10
N ASN A 298 29.43 -40.18 2.35
CA ASN A 298 28.58 -40.94 1.47
C ASN A 298 29.04 -42.39 1.50
N LYS A 299 28.42 -43.22 0.64
CA LYS A 299 28.69 -44.65 0.69
C LYS A 299 30.10 -44.99 0.24
N GLU A 300 30.78 -44.10 -0.45
CA GLU A 300 32.10 -44.40 -0.96
C GLU A 300 33.23 -44.08 -0.01
N ASN A 301 33.02 -43.25 1.03
CA ASN A 301 34.09 -42.98 1.98
C ASN A 301 33.72 -43.25 3.44
N ALA A 302 32.47 -43.58 3.74
CA ALA A 302 32.06 -43.62 5.14
C ALA A 302 32.78 -44.74 5.89
N ASN A 303 33.09 -45.84 5.22
CA ASN A 303 33.78 -46.95 5.86
C ASN A 303 35.18 -46.59 6.28
N ASP A 304 35.73 -45.51 5.75
CA ASP A 304 37.11 -45.13 6.03
C ASP A 304 37.19 -44.04 7.06
N VAL A 305 36.05 -43.54 7.51
CA VAL A 305 36.01 -42.53 8.58
C VAL A 305 36.56 -43.16 9.85
N LYS A 306 37.47 -42.43 10.51
N LYS A 306 37.43 -42.40 10.54
CA LYS A 306 38.11 -42.89 11.74
CA LYS A 306 38.13 -42.86 11.74
C LYS A 306 37.50 -42.28 13.00
C LYS A 306 37.61 -42.22 13.01
N ALA A 307 36.97 -41.07 12.91
CA ALA A 307 36.37 -40.41 14.05
C ALA A 307 35.28 -41.26 14.70
N LYS A 308 35.14 -41.07 16.02
CA LYS A 308 34.04 -41.68 16.74
C LYS A 308 32.82 -40.77 16.81
N PHE A 309 33.03 -39.47 16.66
CA PHE A 309 31.97 -38.46 16.67
C PHE A 309 32.04 -37.65 15.39
N ILE A 310 30.88 -37.37 14.81
CA ILE A 310 30.77 -36.42 13.71
C ILE A 310 29.82 -35.34 14.18
N ILE A 311 30.25 -34.08 14.12
CA ILE A 311 29.42 -32.95 14.49
C ILE A 311 29.10 -32.22 13.18
N GLU A 312 27.81 -32.20 12.83
CA GLU A 312 27.41 -31.64 11.53
C GLU A 312 27.23 -30.13 11.65
N ALA A 313 28.30 -29.41 11.35
CA ALA A 313 28.26 -27.95 11.25
C ALA A 313 27.73 -27.53 9.89
N ALA A 314 28.30 -28.07 8.85
CA ALA A 314 27.72 -27.93 7.51
C ALA A 314 26.28 -28.38 7.50
N ASN A 315 25.51 -27.88 6.55
CA ASN A 315 24.20 -28.44 6.31
C ASN A 315 24.35 -29.75 5.51
N HIS A 316 23.57 -30.75 5.90
CA HIS A 316 23.52 -32.12 5.38
C HIS A 316 24.82 -32.69 4.83
N PRO A 317 25.87 -32.74 5.66
CA PRO A 317 27.14 -33.32 5.20
C PRO A 317 27.11 -34.82 5.06
N THR A 318 26.19 -35.51 5.74
CA THR A 318 26.15 -36.96 5.78
C THR A 318 24.87 -37.45 5.11
N ASP A 319 25.00 -38.33 4.13
CA ASP A 319 23.80 -38.83 3.47
C ASP A 319 23.31 -40.08 4.19
N PRO A 320 22.10 -40.53 3.87
CA PRO A 320 21.50 -41.60 4.65
C PRO A 320 22.22 -42.93 4.54
N ASP A 321 22.91 -43.20 3.40
CA ASP A 321 23.71 -44.41 3.27
C ASP A 321 24.88 -44.38 4.24
N ALA A 322 25.54 -43.22 4.31
CA ALA A 322 26.68 -43.05 5.22
C ALA A 322 26.23 -43.14 6.67
N ASP A 323 25.04 -42.60 7.00
CA ASP A 323 24.50 -42.73 8.35
C ASP A 323 24.49 -44.20 8.77
N GLU A 324 24.02 -45.06 7.88
CA GLU A 324 23.90 -46.49 8.19
C GLU A 324 25.27 -47.12 8.36
N ILE A 325 26.20 -46.81 7.44
CA ILE A 325 27.56 -47.33 7.55
C ILE A 325 28.21 -46.87 8.85
N LEU A 326 28.08 -45.58 9.14
CA LEU A 326 28.75 -45.04 10.30
C LEU A 326 28.10 -45.53 11.58
N SER A 327 26.78 -45.76 11.58
CA SER A 327 26.14 -46.41 12.72
C SER A 327 26.76 -47.77 13.01
N LYS A 328 26.99 -48.54 11.96
CA LYS A 328 27.54 -49.88 12.14
C LYS A 328 28.94 -49.80 12.73
N LYS A 329 29.65 -48.70 12.50
CA LYS A 329 31.01 -48.51 12.99
C LYS A 329 31.04 -47.90 14.40
N GLY A 330 29.90 -47.70 15.03
CA GLY A 330 29.86 -47.12 16.34
C GLY A 330 30.05 -45.64 16.39
N VAL A 331 29.85 -44.95 15.29
CA VAL A 331 30.06 -43.51 15.19
C VAL A 331 28.77 -42.81 15.60
N ILE A 332 28.90 -41.77 16.40
CA ILE A 332 27.77 -40.98 16.86
C ILE A 332 27.76 -39.67 16.08
N ILE A 333 26.62 -39.31 15.50
CA ILE A 333 26.51 -38.15 14.60
C ILE A 333 25.53 -37.14 15.20
N LEU A 334 26.05 -35.97 15.54
CA LEU A 334 25.21 -34.91 16.07
C LEU A 334 24.67 -34.15 14.86
N PRO A 335 23.35 -34.14 14.65
CA PRO A 335 22.82 -33.76 13.34
C PRO A 335 22.80 -32.25 13.11
N ASP A 336 22.92 -31.90 11.84
CA ASP A 336 22.93 -30.50 11.38
C ASP A 336 21.78 -29.70 11.95
N VAL A 337 20.53 -30.19 11.85
CA VAL A 337 19.37 -29.44 12.27
C VAL A 337 19.39 -29.09 13.76
N TYR A 338 20.27 -29.71 14.54
CA TYR A 338 20.55 -29.21 15.87
C TYR A 338 21.90 -28.47 15.93
N ALA A 339 22.97 -29.15 15.56
CA ALA A 339 24.30 -28.66 15.91
C ALA A 339 24.63 -27.32 15.29
N ASN A 340 24.10 -27.02 14.08
CA ASN A 340 24.49 -25.79 13.42
C ASN A 340 23.46 -24.69 13.61
N ALA A 341 22.45 -24.91 14.43
CA ALA A 341 21.34 -23.98 14.60
C ALA A 341 21.69 -22.75 15.41
N GLY A 342 22.92 -22.65 15.86
CA GLY A 342 23.33 -21.42 16.54
C GLY A 342 23.25 -20.18 15.67
N GLY A 343 23.53 -20.33 14.37
CA GLY A 343 23.46 -19.19 13.48
C GLY A 343 22.05 -18.65 13.38
N VAL A 344 21.08 -19.52 13.11
CA VAL A 344 19.72 -19.02 12.96
C VAL A 344 19.16 -18.56 14.31
N THR A 345 19.63 -19.16 15.41
CA THR A 345 19.19 -18.72 16.71
C THR A 345 19.62 -17.28 16.96
N VAL A 346 20.90 -16.97 16.67
CA VAL A 346 21.32 -15.59 16.91
C VAL A 346 20.72 -14.67 15.87
N SER A 347 20.42 -15.18 14.67
CA SER A 347 19.67 -14.38 13.71
C SER A 347 18.31 -13.99 14.28
N TYR A 348 17.63 -14.93 14.96
CA TYR A 348 16.39 -14.57 15.64
C TYR A 348 16.64 -13.45 16.62
N PHE A 349 17.70 -13.55 17.41
CA PHE A 349 18.01 -12.48 18.36
C PHE A 349 18.25 -11.16 17.64
N GLU A 350 18.96 -11.21 16.51
CA GLU A 350 19.20 -9.99 15.73
C GLU A 350 17.89 -9.37 15.26
N TRP A 351 17.04 -10.21 14.68
CA TRP A 351 15.74 -9.81 14.18
C TRP A 351 14.92 -9.18 15.30
N VAL A 352 14.93 -9.79 16.48
CA VAL A 352 14.21 -9.22 17.61
C VAL A 352 14.77 -7.84 17.94
N GLN A 353 16.10 -7.76 18.04
CA GLN A 353 16.74 -6.49 18.38
C GLN A 353 16.36 -5.40 17.39
N ASN A 354 16.31 -5.75 16.09
CA ASN A 354 15.93 -4.78 15.08
C ASN A 354 14.48 -4.32 15.28
N ILE A 355 13.57 -5.27 15.52
CA ILE A 355 12.17 -4.88 15.64
C ILE A 355 11.94 -4.08 16.93
N GLN A 356 12.59 -4.48 18.02
CA GLN A 356 12.50 -3.75 19.28
C GLN A 356 13.23 -2.42 19.24
N GLY A 357 14.12 -2.23 18.27
CA GLY A 357 14.82 -0.95 18.15
C GLY A 357 15.95 -0.77 19.13
N PHE A 358 16.41 -1.87 19.76
CA PHE A 358 17.36 -1.77 20.86
C PHE A 358 18.24 -3.00 20.86
N MET A 359 19.56 -2.79 20.86
CA MET A 359 20.52 -3.88 20.73
C MET A 359 20.93 -4.45 22.10
N TRP A 360 21.38 -5.72 22.07
CA TRP A 360 21.93 -6.44 23.21
C TRP A 360 23.46 -6.46 23.21
N ASP A 361 24.05 -6.72 24.38
CA ASP A 361 25.50 -6.91 24.43
C ASP A 361 25.87 -8.36 24.18
N GLU A 362 27.16 -8.58 23.93
CA GLU A 362 27.55 -9.85 23.38
C GLU A 362 27.41 -10.91 24.44
N GLU A 363 27.56 -10.53 25.71
CA GLU A 363 27.38 -11.50 26.77
C GLU A 363 25.95 -11.98 26.82
N LYS A 364 24.97 -11.07 26.68
CA LYS A 364 23.58 -11.54 26.66
C LYS A 364 23.34 -12.45 25.46
N VAL A 365 23.86 -12.08 24.27
CA VAL A 365 23.65 -12.93 23.10
C VAL A 365 24.19 -14.34 23.36
N ASN A 366 25.42 -14.44 23.87
CA ASN A 366 25.99 -15.77 23.98
C ASN A 366 25.38 -16.56 25.12
N GLN A 367 24.97 -15.90 26.19
CA GLN A 367 24.26 -16.62 27.25
C GLN A 367 22.97 -17.22 26.72
N GLU A 368 22.20 -16.43 25.96
CA GLU A 368 20.94 -16.95 25.44
C GLU A 368 21.20 -18.00 24.36
N LEU A 369 22.25 -17.84 23.58
CA LEU A 369 22.59 -18.88 22.59
C LEU A 369 22.87 -20.21 23.29
N LYS A 370 23.67 -20.16 24.34
CA LYS A 370 24.00 -21.39 25.04
C LYS A 370 22.74 -21.98 25.67
N ARG A 371 21.87 -21.13 26.20
CA ARG A 371 20.63 -21.64 26.79
C ARG A 371 19.76 -22.32 25.72
N TYR A 372 19.65 -21.72 24.53
CA TYR A 372 18.85 -22.32 23.47
C TYR A 372 19.44 -23.65 23.01
N MET A 373 20.77 -23.72 22.90
CA MET A 373 21.43 -24.95 22.45
C MET A 373 21.29 -26.05 23.50
N THR A 374 21.32 -25.68 24.78
CA THR A 374 21.17 -26.67 25.84
C THR A 374 19.73 -27.17 25.91
N LYS A 375 18.74 -26.26 25.89
CA LYS A 375 17.35 -26.72 25.92
C LYS A 375 17.07 -27.65 24.74
N ALA A 376 17.59 -27.32 23.58
CA ALA A 376 17.35 -28.15 22.43
C ALA A 376 17.97 -29.53 22.62
N PHE A 377 19.21 -29.60 23.12
CA PHE A 377 19.82 -30.91 23.30
C PHE A 377 19.03 -31.72 24.30
N ASN A 378 18.61 -31.08 25.39
CA ASN A 378 17.85 -31.81 26.41
C ASN A 378 16.52 -32.30 25.84
N ASP A 379 15.87 -31.50 24.98
CA ASP A 379 14.63 -31.93 24.35
C ASP A 379 14.87 -33.09 23.39
N ILE A 380 16.00 -33.06 22.64
CA ILE A 380 16.39 -34.14 21.74
C ILE A 380 16.62 -35.43 22.51
N LYS A 381 17.38 -35.35 23.61
CA LYS A 381 17.65 -36.51 24.44
C LYS A 381 16.33 -37.15 24.91
N ALA A 382 15.38 -36.31 25.33
CA ALA A 382 14.09 -36.84 25.78
C ALA A 382 13.35 -37.51 24.63
N ASN A 383 13.35 -36.88 23.45
CA ASN A 383 12.71 -37.44 22.28
C ASN A 383 13.37 -38.76 21.85
N CYS A 384 14.70 -38.84 21.93
CA CYS A 384 15.38 -40.09 21.62
C CYS A 384 14.94 -41.21 22.56
N LYS A 385 14.74 -40.89 23.84
CA LYS A 385 14.26 -41.90 24.77
C LYS A 385 12.84 -42.32 24.42
N THR A 386 11.97 -41.37 24.08
CA THR A 386 10.56 -41.68 23.79
C THR A 386 10.45 -42.61 22.59
N HIS A 387 11.23 -42.37 21.55
CA HIS A 387 11.13 -43.10 20.29
C HIS A 387 12.20 -44.17 20.11
N ASN A 388 13.10 -44.30 21.06
CA ASN A 388 14.21 -45.23 20.95
C ASN A 388 14.93 -45.05 19.61
N CYS A 389 15.32 -43.83 19.31
CA CYS A 389 15.88 -43.50 17.99
C CYS A 389 17.21 -42.78 18.11
N ASP A 390 17.91 -42.67 16.99
CA ASP A 390 19.22 -42.03 16.99
C ASP A 390 19.08 -40.51 17.04
N LEU A 391 20.23 -39.83 17.19
CA LEU A 391 20.19 -38.39 17.43
C LEU A 391 19.58 -37.66 16.26
N ARG A 392 19.90 -38.10 15.05
CA ARG A 392 19.35 -37.40 13.89
C ARG A 392 17.82 -37.42 13.93
N MET A 393 17.23 -38.59 14.21
CA MET A 393 15.79 -38.72 14.25
C MET A 393 15.22 -38.06 15.50
N GLY A 394 15.99 -38.02 16.58
CA GLY A 394 15.50 -37.35 17.77
C GLY A 394 15.29 -35.87 17.49
N ALA A 395 16.22 -35.26 16.75
CA ALA A 395 16.08 -33.87 16.35
C ALA A 395 15.06 -33.70 15.23
N PHE A 396 15.09 -34.56 14.23
CA PHE A 396 14.23 -34.37 13.07
C PHE A 396 12.76 -34.51 13.48
N THR A 397 12.45 -35.51 14.30
CA THR A 397 11.08 -35.68 14.75
C THR A 397 10.66 -34.56 15.72
N LEU A 398 11.58 -34.05 16.54
CA LEU A 398 11.25 -32.92 17.41
C LEU A 398 10.79 -31.73 16.58
N GLY A 399 11.56 -31.41 15.57
CA GLY A 399 11.20 -30.26 14.73
C GLY A 399 9.96 -30.53 13.90
N LEU A 400 9.89 -31.71 13.28
CA LEU A 400 8.77 -32.05 12.42
C LEU A 400 7.47 -32.05 13.21
N ASN A 401 7.50 -32.58 14.42
CA ASN A 401 6.29 -32.62 15.23
C ASN A 401 5.82 -31.20 15.57
N ARG A 402 6.76 -30.32 15.90
CA ARG A 402 6.37 -28.96 16.22
C ARG A 402 5.74 -28.26 15.01
N VAL A 403 6.30 -28.48 13.80
CA VAL A 403 5.73 -27.89 12.59
C VAL A 403 4.35 -28.49 12.32
N ALA A 404 4.22 -29.80 12.48
CA ALA A 404 2.94 -30.44 12.26
C ALA A 404 1.89 -29.87 13.20
N ARG A 405 2.26 -29.66 14.45
CA ARG A 405 1.31 -29.18 15.44
C ARG A 405 0.79 -27.80 15.06
N ALA A 406 1.72 -26.90 14.66
CA ALA A 406 1.31 -25.56 14.25
C ALA A 406 0.44 -25.62 13.01
N THR A 407 0.80 -26.49 12.07
CA THR A 407 0.05 -26.62 10.84
C THR A 407 -1.39 -27.06 11.13
N LEU A 408 -1.54 -28.07 12.00
CA LEU A 408 -2.87 -28.56 12.32
C LEU A 408 -3.70 -27.51 13.05
N LEU A 409 -3.06 -26.72 13.93
CA LEU A 409 -3.80 -25.69 14.66
C LEU A 409 -4.33 -24.62 13.73
N ARG A 410 -3.52 -24.25 12.72
CA ARG A 410 -3.94 -23.19 11.81
C ARG A 410 -5.07 -23.62 10.90
N GLY A 411 -5.16 -24.90 10.53
CA GLY A 411 -6.26 -25.38 9.74
C GLY A 411 -6.10 -25.19 8.25
N TRP A 412 -7.15 -25.59 7.54
CA TRP A 412 -7.07 -25.88 6.11
C TRP A 412 -8.11 -25.20 5.26
N GLU A 413 -9.13 -24.59 5.86
CA GLU A 413 -10.14 -23.93 5.05
C GLU A 413 -9.60 -22.63 4.50
N ALA A 414 -10.18 -22.18 3.40
CA ALA A 414 -9.60 -21.02 2.70
C ALA A 414 -9.94 -19.67 3.33
N ALA B 3 -45.76 8.02 7.94
CA ALA B 3 -45.27 7.14 6.83
C ALA B 3 -44.94 5.72 7.33
N MET B 4 -44.98 4.76 6.40
CA MET B 4 -44.44 3.44 6.64
C MET B 4 -42.91 3.51 6.73
N ASN B 5 -42.32 2.62 7.53
CA ASN B 5 -40.88 2.61 7.61
C ASN B 5 -40.26 2.39 6.22
N ALA B 6 -39.25 3.19 5.88
CA ALA B 6 -38.69 3.15 4.52
C ALA B 6 -38.14 1.77 4.19
N LEU B 7 -37.53 1.12 5.17
CA LEU B 7 -36.86 -0.14 4.87
C LEU B 7 -37.88 -1.28 4.89
N VAL B 8 -38.89 -1.22 5.78
CA VAL B 8 -40.03 -2.13 5.70
C VAL B 8 -40.68 -2.04 4.31
N ALA B 9 -40.97 -0.81 3.87
CA ALA B 9 -41.58 -0.61 2.55
C ALA B 9 -40.72 -1.21 1.43
N THR B 10 -39.42 -0.90 1.42
CA THR B 10 -38.57 -1.37 0.32
C THR B 10 -38.40 -2.89 0.37
N ASN B 11 -38.31 -3.45 1.56
CA ASN B 11 -38.18 -4.90 1.69
C ASN B 11 -39.45 -5.60 1.22
N ARG B 12 -40.62 -4.99 1.42
CA ARG B 12 -41.82 -5.61 0.90
C ARG B 12 -41.76 -5.72 -0.61
N ASN B 13 -41.28 -4.64 -1.25
CA ASN B 13 -41.15 -4.68 -2.68
C ASN B 13 -40.13 -5.73 -3.11
N PHE B 14 -39.01 -5.82 -2.38
CA PHE B 14 -37.99 -6.82 -2.67
C PHE B 14 -38.56 -8.22 -2.56
N GLN B 15 -39.28 -8.49 -1.48
CA GLN B 15 -39.89 -9.82 -1.29
C GLN B 15 -40.85 -10.13 -2.42
N ARG B 16 -41.65 -9.14 -2.84
CA ARG B 16 -42.62 -9.38 -3.88
C ARG B 16 -41.92 -9.69 -5.21
N ALA B 17 -40.84 -8.96 -5.50
CA ALA B 17 -40.10 -9.19 -6.73
C ALA B 17 -39.40 -10.56 -6.68
N SER B 18 -38.87 -10.92 -5.51
N SER B 18 -38.82 -10.90 -5.53
CA SER B 18 -38.26 -12.24 -5.33
CA SER B 18 -38.17 -12.21 -5.40
C SER B 18 -39.24 -13.37 -5.62
C SER B 18 -39.17 -13.34 -5.59
N ARG B 19 -40.44 -13.27 -5.05
N ARG B 19 -40.37 -13.18 -5.06
CA ARG B 19 -41.40 -14.35 -5.27
CA ARG B 19 -41.40 -14.20 -5.24
C ARG B 19 -41.81 -14.43 -6.75
C ARG B 19 -41.72 -14.40 -6.72
N ILE B 20 -41.85 -13.29 -7.47
CA ILE B 20 -42.15 -13.36 -8.91
C ILE B 20 -41.06 -14.12 -9.64
N LEU B 21 -39.80 -13.85 -9.33
CA LEU B 21 -38.69 -14.55 -9.94
C LEU B 21 -38.53 -15.98 -9.44
N GLY B 22 -39.18 -16.32 -8.34
CA GLY B 22 -38.92 -17.61 -7.71
C GLY B 22 -37.51 -17.77 -7.20
N LEU B 23 -36.90 -16.70 -6.70
CA LEU B 23 -35.53 -16.77 -6.20
C LEU B 23 -35.41 -17.79 -5.08
N ASP B 24 -34.30 -18.49 -5.10
CA ASP B 24 -33.95 -19.38 -4.00
C ASP B 24 -33.92 -18.57 -2.70
N SER B 25 -34.52 -19.11 -1.63
CA SER B 25 -34.68 -18.32 -0.40
C SER B 25 -33.33 -18.00 0.25
N LYS B 26 -32.32 -18.84 0.05
CA LYS B 26 -31.02 -18.53 0.64
C LYS B 26 -30.33 -17.42 -0.15
N LEU B 27 -30.47 -17.45 -1.47
CA LEU B 27 -29.94 -16.35 -2.27
C LEU B 27 -30.63 -15.04 -1.91
N GLU B 28 -31.97 -15.10 -1.76
CA GLU B 28 -32.74 -13.92 -1.37
C GLU B 28 -32.20 -13.29 -0.09
N LYS B 29 -31.94 -14.12 0.92
CA LYS B 29 -31.45 -13.57 2.19
C LYS B 29 -30.10 -12.90 2.00
N SER B 30 -29.19 -13.53 1.26
CA SER B 30 -27.91 -12.90 0.99
C SER B 30 -28.09 -11.56 0.28
N LEU B 31 -28.95 -11.52 -0.72
CA LEU B 31 -29.09 -10.27 -1.49
C LEU B 31 -29.70 -9.17 -0.65
N LEU B 32 -30.47 -9.54 0.40
CA LEU B 32 -31.04 -8.53 1.27
C LEU B 32 -29.97 -7.90 2.14
N ILE B 33 -29.10 -8.72 2.71
CA ILE B 33 -28.12 -8.23 3.70
C ILE B 33 -27.11 -7.34 3.00
N PRO B 34 -26.85 -6.14 3.49
CA PRO B 34 -25.81 -5.33 2.88
C PRO B 34 -24.41 -5.94 3.04
N TYR B 35 -23.62 -5.76 2.00
CA TYR B 35 -22.19 -6.03 2.03
C TYR B 35 -21.56 -5.44 3.30
N ARG B 36 -21.72 -4.14 3.53
CA ARG B 36 -21.10 -3.48 4.67
C ARG B 36 -21.89 -2.23 5.03
N GLU B 37 -22.22 -2.07 6.30
CA GLU B 37 -22.83 -0.86 6.81
C GLU B 37 -21.80 -0.13 7.67
N ILE B 38 -21.64 1.16 7.44
CA ILE B 38 -20.64 1.98 8.12
C ILE B 38 -21.33 3.14 8.78
N LYS B 39 -21.06 3.35 10.07
CA LYS B 39 -21.50 4.54 10.79
C LYS B 39 -20.26 5.16 11.44
N VAL B 40 -19.99 6.45 11.17
CA VAL B 40 -18.79 7.09 11.69
C VAL B 40 -19.12 8.38 12.41
N GLU B 41 -18.36 8.67 13.48
CA GLU B 41 -18.45 9.98 14.09
C GLU B 41 -17.88 11.04 13.15
N CYS B 42 -18.62 12.14 13.00
CA CYS B 42 -18.20 13.32 12.24
C CYS B 42 -18.35 14.52 13.14
N THR B 43 -17.25 14.95 13.73
CA THR B 43 -17.26 16.10 14.63
C THR B 43 -16.37 17.21 14.07
N ILE B 44 -16.89 18.43 14.04
CA ILE B 44 -16.16 19.57 13.51
C ILE B 44 -16.26 20.73 14.49
N PRO B 45 -15.33 21.68 14.39
CA PRO B 45 -15.55 22.98 15.03
C PRO B 45 -16.42 23.84 14.15
N LYS B 46 -17.41 24.46 14.77
CA LYS B 46 -18.19 25.52 14.14
C LYS B 46 -17.30 26.72 13.94
N ASP B 47 -17.84 27.73 13.22
CA ASP B 47 -17.08 28.94 12.97
C ASP B 47 -16.66 29.64 14.25
N ASP B 48 -17.42 29.49 15.34
CA ASP B 48 -17.04 30.14 16.58
C ASP B 48 -16.13 29.28 17.45
N GLY B 49 -15.75 28.09 16.99
CA GLY B 49 -14.86 27.22 17.72
C GLY B 49 -15.57 26.12 18.50
N SER B 50 -16.86 26.27 18.77
CA SER B 50 -17.58 25.23 19.51
C SER B 50 -17.79 24.01 18.63
N LEU B 51 -17.86 22.85 19.28
CA LEU B 51 -17.96 21.59 18.57
C LEU B 51 -19.42 21.26 18.23
N VAL B 52 -19.59 20.57 17.11
CA VAL B 52 -20.82 19.86 16.81
C VAL B 52 -20.49 18.47 16.30
N SER B 53 -21.27 17.46 16.71
CA SER B 53 -21.04 16.07 16.35
C SER B 53 -22.23 15.50 15.61
N TYR B 54 -21.97 14.81 14.51
CA TYR B 54 -22.96 14.08 13.76
C TYR B 54 -22.51 12.64 13.59
N VAL B 55 -23.44 11.77 13.20
CA VAL B 55 -23.12 10.44 12.74
C VAL B 55 -23.29 10.42 11.24
N GLY B 56 -22.25 10.01 10.53
CA GLY B 56 -22.30 9.85 9.08
C GLY B 56 -22.48 8.38 8.75
N PHE B 57 -23.25 8.13 7.70
CA PHE B 57 -23.58 6.77 7.28
C PHE B 57 -23.06 6.53 5.87
N ARG B 58 -22.52 5.34 5.61
CA ARG B 58 -22.32 4.90 4.24
C ARG B 58 -22.71 3.43 4.22
N ILE B 59 -23.85 3.14 3.63
CA ILE B 59 -24.35 1.78 3.51
C ILE B 59 -23.92 1.27 2.15
N GLN B 60 -23.12 0.21 2.16
CA GLN B 60 -22.62 -0.41 0.94
C GLN B 60 -23.44 -1.68 0.73
N HIS B 61 -24.48 -1.59 -0.09
CA HIS B 61 -25.44 -2.69 -0.08
C HIS B 61 -24.95 -3.89 -0.90
N ASP B 62 -24.54 -3.69 -2.14
CA ASP B 62 -24.14 -4.79 -3.01
C ASP B 62 -23.15 -4.35 -4.07
N ASN B 63 -22.13 -5.17 -4.30
CA ASN B 63 -21.12 -4.87 -5.33
C ASN B 63 -20.93 -6.02 -6.30
N ALA B 64 -21.95 -6.87 -6.45
CA ALA B 64 -21.79 -8.02 -7.35
C ALA B 64 -21.52 -7.60 -8.79
N ARG B 65 -22.17 -6.51 -9.24
CA ARG B 65 -22.09 -6.06 -10.63
C ARG B 65 -21.04 -4.97 -10.86
N GLY B 66 -20.39 -4.47 -9.81
CA GLY B 66 -19.34 -3.52 -9.97
C GLY B 66 -19.17 -2.66 -8.74
N PRO B 67 -18.33 -1.64 -8.88
CA PRO B 67 -18.18 -0.64 -7.82
C PRO B 67 -19.54 -0.12 -7.37
N MET B 68 -19.65 0.18 -6.10
CA MET B 68 -20.92 0.62 -5.58
C MET B 68 -21.14 2.08 -5.91
N LYS B 69 -22.41 2.45 -6.01
CA LYS B 69 -22.76 3.77 -6.50
C LYS B 69 -23.98 4.28 -5.77
N GLY B 70 -23.93 5.55 -5.40
CA GLY B 70 -25.09 6.23 -4.84
C GLY B 70 -24.70 7.47 -4.07
N GLY B 71 -25.68 8.34 -3.89
CA GLY B 71 -25.38 9.68 -3.43
C GLY B 71 -25.23 9.81 -1.91
N ILE B 72 -25.04 11.04 -1.49
CA ILE B 72 -24.92 11.42 -0.09
C ILE B 72 -26.02 12.44 0.22
N ARG B 73 -26.85 12.11 1.19
CA ARG B 73 -27.95 12.98 1.59
C ARG B 73 -27.58 13.72 2.87
N TYR B 74 -27.73 15.04 2.85
CA TYR B 74 -27.68 15.86 4.06
C TYR B 74 -29.10 16.33 4.37
N HIS B 75 -29.73 15.73 5.38
CA HIS B 75 -31.13 16.02 5.66
C HIS B 75 -31.40 15.59 7.08
N PRO B 76 -32.16 16.37 7.86
CA PRO B 76 -32.29 16.05 9.29
C PRO B 76 -32.96 14.71 9.58
N GLU B 77 -33.73 14.15 8.66
CA GLU B 77 -34.38 12.87 8.92
C GLU B 77 -33.60 11.67 8.36
N VAL B 78 -32.35 11.89 7.91
CA VAL B 78 -31.44 10.79 7.58
C VAL B 78 -31.30 9.87 8.78
N ASP B 79 -31.47 8.58 8.55
CA ASP B 79 -31.25 7.61 9.61
C ASP B 79 -30.93 6.27 8.97
N PRO B 80 -30.54 5.28 9.76
CA PRO B 80 -30.04 4.04 9.16
C PRO B 80 -31.05 3.33 8.27
N ASP B 81 -32.32 3.34 8.66
CA ASP B 81 -33.32 2.69 7.83
C ASP B 81 -33.44 3.38 6.49
N GLU B 82 -33.43 4.72 6.48
CA GLU B 82 -33.55 5.44 5.22
C GLU B 82 -32.35 5.17 4.33
N VAL B 83 -31.13 5.26 4.89
CA VAL B 83 -29.95 5.05 4.03
C VAL B 83 -29.91 3.60 3.58
N ASN B 84 -30.32 2.65 4.42
CA ASN B 84 -30.34 1.25 3.97
C ASN B 84 -31.34 1.04 2.83
N ALA B 85 -32.53 1.67 2.92
CA ALA B 85 -33.51 1.51 1.85
C ALA B 85 -32.99 2.10 0.55
N LEU B 86 -32.39 3.29 0.64
CA LEU B 86 -31.90 3.97 -0.54
C LEU B 86 -30.74 3.22 -1.17
N ALA B 87 -29.87 2.65 -0.34
CA ALA B 87 -28.74 1.88 -0.86
C ALA B 87 -29.22 0.62 -1.60
N GLN B 88 -30.22 -0.06 -1.05
CA GLN B 88 -30.76 -1.23 -1.70
C GLN B 88 -31.37 -0.83 -3.02
N LEU B 89 -32.12 0.27 -3.04
CA LEU B 89 -32.71 0.75 -4.28
C LEU B 89 -31.65 1.07 -5.33
N MET B 90 -30.46 1.56 -4.91
CA MET B 90 -29.39 1.83 -5.87
C MET B 90 -28.91 0.55 -6.52
N THR B 91 -28.88 -0.54 -5.75
CA THR B 91 -28.48 -1.81 -6.32
C THR B 91 -29.42 -2.23 -7.45
N TRP B 92 -30.73 -2.09 -7.24
CA TRP B 92 -31.65 -2.48 -8.30
C TRP B 92 -31.62 -1.50 -9.47
N LYS B 93 -31.52 -0.21 -9.18
CA LYS B 93 -31.56 0.84 -10.20
C LYS B 93 -30.39 0.75 -11.15
N THR B 94 -29.17 0.60 -10.61
CA THR B 94 -28.00 0.43 -11.47
C THR B 94 -28.16 -0.79 -12.36
N ALA B 95 -28.80 -1.86 -11.85
CA ALA B 95 -29.05 -3.04 -12.65
C ALA B 95 -30.16 -2.84 -13.68
N VAL B 96 -31.18 -2.04 -13.35
CA VAL B 96 -32.27 -1.78 -14.31
C VAL B 96 -31.72 -1.12 -15.57
N VAL B 97 -30.87 -0.10 -15.41
CA VAL B 97 -30.34 0.56 -16.60
C VAL B 97 -29.09 -0.14 -17.11
N ASP B 98 -28.64 -1.18 -16.45
CA ASP B 98 -27.52 -2.01 -16.91
C ASP B 98 -26.21 -1.23 -17.02
N ILE B 99 -25.90 -0.46 -15.99
CA ILE B 99 -24.59 0.15 -15.85
C ILE B 99 -23.79 -0.70 -14.87
N PRO B 100 -22.46 -0.72 -14.99
CA PRO B 100 -21.64 -1.73 -14.26
C PRO B 100 -21.29 -1.28 -12.85
N TYR B 101 -22.34 -1.10 -12.03
CA TYR B 101 -22.25 -0.64 -10.66
C TYR B 101 -23.15 -1.50 -9.79
N GLY B 102 -22.78 -1.60 -8.52
CA GLY B 102 -23.67 -1.98 -7.45
C GLY B 102 -24.23 -0.77 -6.73
N GLY B 103 -24.83 -0.99 -5.55
CA GLY B 103 -25.57 0.06 -4.84
C GLY B 103 -24.99 0.42 -3.48
N ALA B 104 -24.97 1.73 -3.20
CA ALA B 104 -24.62 2.26 -1.88
C ALA B 104 -25.35 3.56 -1.70
N LYS B 105 -25.38 4.05 -0.46
CA LYS B 105 -25.92 5.37 -0.15
C LYS B 105 -25.25 5.86 1.11
N GLY B 106 -25.10 7.17 1.22
CA GLY B 106 -24.58 7.76 2.43
C GLY B 106 -25.43 8.94 2.86
N GLY B 107 -25.14 9.42 4.06
CA GLY B 107 -25.93 10.55 4.56
C GLY B 107 -25.44 11.00 5.92
N ILE B 108 -25.84 12.21 6.25
CA ILE B 108 -25.58 12.82 7.54
C ILE B 108 -26.88 13.50 7.93
N GLY B 109 -27.35 13.25 9.15
CA GLY B 109 -28.54 13.88 9.67
C GLY B 109 -28.30 15.32 10.11
N CYS B 110 -28.10 16.20 9.18
CA CYS B 110 -27.92 17.60 9.49
C CYS B 110 -28.91 18.38 8.64
N ASN B 111 -29.06 19.64 8.98
CA ASN B 111 -29.79 20.56 8.14
C ASN B 111 -28.84 21.59 7.53
N PRO B 112 -28.57 21.52 6.24
CA PRO B 112 -27.60 22.44 5.64
C PRO B 112 -27.94 23.90 5.85
N LYS B 113 -29.22 24.23 5.99
CA LYS B 113 -29.59 25.63 6.18
C LYS B 113 -29.04 26.16 7.48
N ASP B 114 -28.69 25.28 8.40
CA ASP B 114 -28.26 25.67 9.73
C ASP B 114 -26.76 25.76 9.87
N LEU B 115 -26.02 25.45 8.81
CA LEU B 115 -24.56 25.40 8.79
C LEU B 115 -24.06 26.44 7.80
N SER B 116 -22.99 27.15 8.17
CA SER B 116 -22.34 28.04 7.23
C SER B 116 -21.61 27.23 6.16
N ILE B 117 -21.18 27.93 5.11
CA ILE B 117 -20.55 27.21 4.02
C ILE B 117 -19.20 26.66 4.45
N SER B 118 -18.52 27.33 5.37
CA SER B 118 -17.26 26.81 5.88
C SER B 118 -17.51 25.60 6.78
N GLU B 119 -18.60 25.63 7.55
CA GLU B 119 -18.96 24.48 8.39
C GLU B 119 -19.35 23.28 7.54
N LEU B 120 -20.13 23.50 6.47
CA LEU B 120 -20.49 22.43 5.55
C LEU B 120 -19.25 21.82 4.91
N GLU B 121 -18.26 22.66 4.57
CA GLU B 121 -17.03 22.15 3.98
C GLU B 121 -16.27 21.29 5.02
N ARG B 122 -16.16 21.77 6.24
CA ARG B 122 -15.44 20.98 7.24
C ARG B 122 -16.15 19.66 7.47
N LEU B 123 -17.48 19.70 7.61
CA LEU B 123 -18.24 18.46 7.80
C LEU B 123 -18.00 17.49 6.66
N THR B 124 -18.04 18.01 5.43
CA THR B 124 -17.85 17.13 4.27
C THR B 124 -16.46 16.52 4.26
N ARG B 125 -15.47 17.32 4.62
CA ARG B 125 -14.10 16.81 4.62
C ARG B 125 -13.90 15.79 5.72
N VAL B 126 -14.45 16.04 6.91
CA VAL B 126 -14.30 15.08 7.99
C VAL B 126 -15.00 13.77 7.67
N PHE B 127 -16.22 13.86 7.13
CA PHE B 127 -16.89 12.64 6.65
C PHE B 127 -16.00 11.87 5.68
N THR B 128 -15.41 12.58 4.71
CA THR B 128 -14.51 11.94 3.74
C THR B 128 -13.30 11.32 4.45
N GLN B 129 -12.71 12.04 5.43
CA GLN B 129 -11.61 11.44 6.20
C GLN B 129 -12.04 10.14 6.86
N LYS B 130 -13.28 10.07 7.30
CA LYS B 130 -13.72 8.93 8.09
C LYS B 130 -14.10 7.76 7.21
N ILE B 131 -14.34 7.97 5.91
CA ILE B 131 -14.69 6.85 5.05
C ILE B 131 -13.70 6.63 3.90
N HIS B 132 -12.60 7.39 3.87
CA HIS B 132 -11.72 7.35 2.70
C HIS B 132 -11.22 5.95 2.39
N ASP B 133 -10.92 5.14 3.40
CA ASP B 133 -10.34 3.81 3.20
C ASP B 133 -11.39 2.80 2.75
N LEU B 134 -12.66 3.16 2.79
CA LEU B 134 -13.77 2.29 2.45
C LEU B 134 -14.43 2.65 1.13
N ILE B 135 -14.07 3.76 0.50
CA ILE B 135 -14.59 4.10 -0.82
C ILE B 135 -13.45 4.07 -1.83
N GLY B 136 -13.75 4.41 -3.08
CA GLY B 136 -12.72 4.37 -4.11
C GLY B 136 -13.30 4.20 -5.50
N ILE B 137 -12.47 4.54 -6.48
CA ILE B 137 -12.88 4.57 -7.89
C ILE B 137 -13.51 3.26 -8.33
N HIS B 138 -12.97 2.14 -7.87
CA HIS B 138 -13.52 0.85 -8.24
C HIS B 138 -14.15 0.15 -7.07
N ARG B 139 -14.47 0.89 -6.03
CA ARG B 139 -14.99 0.32 -4.81
C ARG B 139 -16.35 0.90 -4.47
N ASP B 140 -16.47 2.22 -4.38
CA ASP B 140 -17.71 2.86 -3.98
C ASP B 140 -17.55 4.33 -4.34
N VAL B 141 -18.44 4.84 -5.17
CA VAL B 141 -18.29 6.17 -5.78
C VAL B 141 -19.51 7.03 -5.44
N PRO B 142 -19.39 7.98 -4.52
CA PRO B 142 -20.54 8.80 -4.17
C PRO B 142 -20.90 9.83 -5.21
N ALA B 143 -21.84 10.67 -4.83
CA ALA B 143 -22.53 11.59 -5.71
C ALA B 143 -23.45 12.44 -4.86
N PRO B 144 -24.12 13.42 -5.45
CA PRO B 144 -25.10 14.19 -4.71
C PRO B 144 -26.39 13.44 -4.46
N ASP B 145 -27.14 13.99 -3.51
CA ASP B 145 -28.53 13.66 -3.26
C ASP B 145 -29.14 14.89 -2.59
N MET B 146 -30.26 14.72 -1.90
N MET B 146 -30.26 14.72 -1.89
CA MET B 146 -30.87 15.84 -1.20
CA MET B 146 -30.92 15.86 -1.27
C MET B 146 -29.85 16.51 -0.30
C MET B 146 -30.00 16.50 -0.24
N GLY B 147 -29.81 17.82 -0.35
CA GLY B 147 -28.97 18.54 0.57
C GLY B 147 -27.52 18.63 0.19
N THR B 148 -27.09 17.98 -0.90
CA THR B 148 -25.71 18.11 -1.37
C THR B 148 -25.74 18.47 -2.85
N ASN B 149 -24.59 18.94 -3.33
CA ASN B 149 -24.51 19.43 -4.70
C ASN B 149 -23.08 19.30 -5.23
N SER B 150 -22.81 19.92 -6.37
CA SER B 150 -21.52 19.73 -7.00
C SER B 150 -20.41 20.36 -6.14
N GLN B 151 -20.70 21.42 -5.40
CA GLN B 151 -19.68 21.96 -4.51
C GLN B 151 -19.35 20.97 -3.40
N THR B 152 -20.35 20.27 -2.86
CA THR B 152 -20.07 19.25 -1.85
C THR B 152 -19.12 18.22 -2.43
N MET B 153 -19.38 17.81 -3.66
CA MET B 153 -18.57 16.78 -4.31
C MET B 153 -17.14 17.26 -4.54
N ALA B 154 -16.95 18.55 -4.84
CA ALA B 154 -15.61 19.09 -4.95
C ALA B 154 -14.82 18.86 -3.68
N TRP B 155 -15.43 19.13 -2.53
CA TRP B 155 -14.73 18.94 -1.26
C TRP B 155 -14.40 17.47 -1.02
N ILE B 156 -15.30 16.57 -1.38
CA ILE B 156 -15.00 15.15 -1.25
C ILE B 156 -13.80 14.79 -2.12
N LEU B 157 -13.82 15.20 -3.39
CA LEU B 157 -12.68 14.92 -4.28
C LEU B 157 -11.41 15.45 -3.67
N ASP B 158 -11.46 16.69 -3.18
CA ASP B 158 -10.24 17.35 -2.71
C ASP B 158 -9.69 16.65 -1.48
N GLU B 159 -10.55 16.29 -0.52
CA GLU B 159 -10.04 15.68 0.70
C GLU B 159 -9.61 14.24 0.43
N TYR B 160 -10.40 13.49 -0.35
CA TYR B 160 -10.01 12.13 -0.70
C TYR B 160 -8.63 12.10 -1.35
N SER B 161 -8.37 13.05 -2.25
CA SER B 161 -7.13 13.05 -3.00
C SER B 161 -5.91 13.29 -2.14
N LYS B 162 -6.08 13.87 -0.94
CA LYS B 162 -4.96 13.97 -0.01
C LYS B 162 -4.50 12.62 0.46
N PHE B 163 -5.43 11.66 0.55
CA PHE B 163 -5.14 10.30 1.02
C PHE B 163 -4.73 9.35 -0.08
N HIS B 164 -5.16 9.60 -1.32
CA HIS B 164 -4.94 8.61 -2.38
C HIS B 164 -4.47 9.18 -3.70
N GLY B 165 -4.07 10.43 -3.75
CA GLY B 165 -3.71 11.05 -5.00
C GLY B 165 -4.95 11.52 -5.73
N HIS B 166 -4.72 12.38 -6.71
CA HIS B 166 -5.79 12.89 -7.56
C HIS B 166 -6.66 11.74 -8.08
N SER B 167 -7.94 11.77 -7.73
CA SER B 167 -8.86 10.66 -8.05
C SER B 167 -10.20 11.19 -8.54
N PRO B 168 -10.23 11.83 -9.72
CA PRO B 168 -11.50 12.43 -10.17
C PRO B 168 -12.68 11.47 -10.16
N ALA B 169 -12.44 10.20 -10.51
CA ALA B 169 -13.51 9.22 -10.62
C ALA B 169 -13.97 8.70 -9.27
N VAL B 170 -13.45 9.21 -8.14
CA VAL B 170 -13.92 8.72 -6.84
C VAL B 170 -15.30 9.26 -6.49
N VAL B 171 -15.74 10.31 -7.17
CA VAL B 171 -17.04 10.93 -6.85
C VAL B 171 -17.56 11.55 -8.13
N THR B 172 -18.90 11.51 -8.31
CA THR B 172 -19.50 12.07 -9.52
C THR B 172 -20.41 13.23 -9.10
N GLY B 173 -21.00 13.90 -10.10
CA GLY B 173 -21.65 15.17 -9.86
C GLY B 173 -20.71 16.29 -9.52
N LYS B 174 -19.46 16.17 -9.95
CA LYS B 174 -18.46 17.20 -9.71
C LYS B 174 -18.74 18.46 -10.54
N PRO B 175 -18.21 19.61 -10.10
CA PRO B 175 -18.24 20.80 -10.98
C PRO B 175 -17.55 20.52 -12.29
N ILE B 176 -18.05 21.12 -13.38
CA ILE B 176 -17.40 20.93 -14.68
C ILE B 176 -15.91 21.22 -14.59
N ASP B 177 -15.53 22.30 -13.89
CA ASP B 177 -14.14 22.70 -13.90
C ASP B 177 -13.26 21.81 -13.04
N LEU B 178 -13.82 20.77 -12.37
CA LEU B 178 -13.05 19.79 -11.63
C LEU B 178 -13.35 18.38 -12.15
N GLY B 179 -13.65 18.26 -13.42
CA GLY B 179 -13.83 16.95 -14.00
C GLY B 179 -15.27 16.45 -14.08
N GLY B 180 -16.25 17.30 -13.76
CA GLY B 180 -17.63 16.93 -13.90
C GLY B 180 -18.02 16.72 -15.34
N SER B 181 -19.18 16.11 -15.53
CA SER B 181 -19.70 15.83 -16.86
C SER B 181 -20.74 16.87 -17.26
N LEU B 182 -20.60 17.42 -18.45
CA LEU B 182 -21.73 18.14 -19.01
C LEU B 182 -22.97 17.26 -18.95
N GLY B 183 -24.11 17.86 -18.64
CA GLY B 183 -25.35 17.11 -18.56
C GLY B 183 -25.65 16.48 -17.23
N ARG B 184 -24.69 16.39 -16.31
CA ARG B 184 -25.01 15.68 -15.07
C ARG B 184 -25.97 16.49 -14.19
N GLU B 185 -25.86 17.82 -14.19
CA GLU B 185 -26.77 18.58 -13.35
C GLU B 185 -28.20 18.33 -13.76
N ALA B 186 -28.45 18.32 -15.07
CA ALA B 186 -29.81 18.14 -15.59
C ALA B 186 -30.26 16.71 -15.71
N ALA B 187 -29.39 15.74 -15.46
CA ALA B 187 -29.62 14.38 -15.95
C ALA B 187 -30.84 13.71 -15.33
N THR B 188 -31.04 13.88 -14.03
CA THR B 188 -32.15 13.17 -13.41
C THR B 188 -33.47 13.70 -13.92
N GLY B 189 -33.63 15.02 -13.96
CA GLY B 189 -34.86 15.59 -14.48
C GLY B 189 -35.08 15.27 -15.95
N LEU B 190 -34.03 15.37 -16.76
CA LEU B 190 -34.13 14.99 -18.17
C LEU B 190 -34.49 13.53 -18.33
N GLY B 191 -33.83 12.67 -17.53
CA GLY B 191 -34.11 11.27 -17.62
C GLY B 191 -35.54 10.94 -17.25
N VAL B 192 -36.09 11.67 -16.25
CA VAL B 192 -37.49 11.49 -15.88
C VAL B 192 -38.39 11.76 -17.09
N VAL B 193 -38.06 12.77 -17.88
CA VAL B 193 -38.86 13.10 -19.04
C VAL B 193 -38.66 12.06 -20.14
N PHE B 194 -37.44 11.60 -20.38
CA PHE B 194 -37.25 10.49 -21.32
C PHE B 194 -38.09 9.27 -20.92
N ALA B 195 -38.06 8.91 -19.65
CA ALA B 195 -38.86 7.79 -19.16
C ALA B 195 -40.34 8.02 -19.36
N THR B 196 -40.81 9.22 -19.04
CA THR B 196 -42.23 9.57 -19.19
C THR B 196 -42.65 9.53 -20.65
N GLU B 197 -41.83 10.07 -21.56
CA GLU B 197 -42.14 10.01 -22.99
C GLU B 197 -42.28 8.56 -23.44
N ALA B 198 -41.33 7.72 -23.03
CA ALA B 198 -41.40 6.31 -23.41
C ALA B 198 -42.69 5.66 -22.91
N LEU B 199 -43.09 5.93 -21.67
CA LEU B 199 -44.34 5.36 -21.16
C LEU B 199 -45.54 5.89 -21.94
N PHE B 200 -45.63 7.20 -22.10
CA PHE B 200 -46.81 7.77 -22.75
C PHE B 200 -46.94 7.28 -24.19
N ALA B 201 -45.81 6.99 -24.86
CA ALA B 201 -45.89 6.50 -26.24
C ALA B 201 -46.66 5.19 -26.32
N GLU B 202 -46.62 4.40 -25.24
CA GLU B 202 -47.39 3.14 -25.24
C GLU B 202 -48.87 3.37 -25.34
N TYR B 203 -49.34 4.56 -24.94
CA TYR B 203 -50.73 4.94 -24.96
C TYR B 203 -51.07 5.82 -26.14
N GLY B 204 -50.10 6.11 -27.01
CA GLY B 204 -50.34 6.97 -28.14
C GLY B 204 -50.43 8.42 -27.73
N LYS B 205 -49.77 8.77 -26.64
CA LYS B 205 -49.86 10.10 -26.06
C LYS B 205 -48.47 10.69 -25.90
N SER B 206 -48.46 12.00 -25.61
CA SER B 206 -47.23 12.77 -25.44
C SER B 206 -47.36 13.60 -24.18
N ILE B 207 -46.20 14.09 -23.71
CA ILE B 207 -46.18 15.02 -22.59
C ILE B 207 -47.10 16.22 -22.85
N SER B 208 -47.17 16.67 -24.10
CA SER B 208 -47.95 17.88 -24.38
C SER B 208 -49.45 17.65 -24.26
N ASP B 209 -49.90 16.41 -24.15
CA ASP B 209 -51.30 16.11 -23.91
C ASP B 209 -51.72 16.28 -22.45
N MET B 210 -50.79 16.54 -21.53
CA MET B 210 -51.02 16.29 -20.12
C MET B 210 -50.78 17.52 -19.24
N THR B 211 -51.42 17.51 -18.08
CA THR B 211 -51.12 18.42 -16.99
C THR B 211 -50.31 17.71 -15.91
N PHE B 212 -49.46 18.49 -15.21
CA PHE B 212 -48.46 17.97 -14.29
C PHE B 212 -48.45 18.72 -12.97
N ALA B 213 -48.32 17.98 -11.88
CA ALA B 213 -48.07 18.56 -10.57
C ALA B 213 -46.79 17.97 -10.03
N ILE B 214 -45.92 18.84 -9.50
CA ILE B 214 -44.54 18.50 -9.13
C ILE B 214 -44.32 18.85 -7.66
N GLN B 215 -43.90 17.87 -6.85
CA GLN B 215 -43.62 18.11 -5.43
C GLN B 215 -42.11 18.20 -5.28
N GLY B 216 -41.62 19.38 -4.92
CA GLY B 216 -40.18 19.55 -4.75
C GLY B 216 -39.60 20.28 -5.94
N PHE B 217 -38.68 21.18 -5.68
CA PHE B 217 -38.17 22.06 -6.73
C PHE B 217 -36.70 22.35 -6.52
N GLY B 218 -35.92 21.28 -6.44
CA GLY B 218 -34.48 21.32 -6.28
C GLY B 218 -33.82 20.80 -7.53
N ASN B 219 -32.71 20.08 -7.37
CA ASN B 219 -32.02 19.61 -8.56
C ASN B 219 -32.91 18.75 -9.45
N VAL B 220 -33.71 17.88 -8.85
CA VAL B 220 -34.58 17.03 -9.67
C VAL B 220 -35.80 17.79 -10.18
N GLY B 221 -36.50 18.47 -9.27
CA GLY B 221 -37.76 19.11 -9.64
C GLY B 221 -37.61 20.25 -10.64
N THR B 222 -36.56 21.07 -10.49
CA THR B 222 -36.39 22.17 -11.44
C THR B 222 -36.14 21.64 -12.86
N TRP B 223 -35.20 20.71 -13.02
CA TRP B 223 -34.86 20.23 -14.35
C TRP B 223 -35.98 19.39 -14.94
N ALA B 224 -36.67 18.59 -14.13
CA ALA B 224 -37.86 17.90 -14.60
C ALA B 224 -38.91 18.88 -15.11
N ALA B 225 -39.24 19.86 -14.30
CA ALA B 225 -40.21 20.85 -14.72
C ALA B 225 -39.79 21.56 -16.00
N LYS B 226 -38.52 21.95 -16.09
CA LYS B 226 -38.02 22.58 -17.29
C LYS B 226 -38.21 21.68 -18.51
N ALA B 227 -37.80 20.41 -18.40
CA ALA B 227 -37.88 19.53 -19.57
C ALA B 227 -39.31 19.22 -19.95
N ILE B 228 -40.21 19.09 -18.96
CA ILE B 228 -41.63 18.92 -19.23
C ILE B 228 -42.17 20.13 -19.99
N PHE B 229 -41.87 21.34 -19.47
CA PHE B 229 -42.34 22.58 -20.07
C PHE B 229 -41.88 22.68 -21.53
N GLU B 230 -40.61 22.35 -21.79
CA GLU B 230 -40.07 22.44 -23.13
C GLU B 230 -40.62 21.38 -24.08
N ARG B 231 -41.22 20.33 -23.54
N ARG B 231 -41.21 20.31 -23.55
CA ARG B 231 -41.93 19.35 -24.35
CA ARG B 231 -41.90 19.34 -24.39
C ARG B 231 -43.42 19.59 -24.39
C ARG B 231 -43.39 19.67 -24.56
N GLY B 232 -43.85 20.79 -24.01
CA GLY B 232 -45.21 21.23 -24.21
C GLY B 232 -46.17 20.81 -23.11
N GLY B 233 -45.66 20.23 -22.03
CA GLY B 233 -46.52 19.84 -20.93
C GLY B 233 -46.99 21.04 -20.14
N LYS B 234 -48.20 20.92 -19.58
CA LYS B 234 -48.80 21.99 -18.80
C LYS B 234 -48.56 21.69 -17.33
N VAL B 235 -47.63 22.43 -16.72
CA VAL B 235 -47.28 22.26 -15.31
C VAL B 235 -48.23 23.15 -14.51
N VAL B 236 -49.17 22.54 -13.79
CA VAL B 236 -50.24 23.29 -13.13
C VAL B 236 -49.98 23.52 -11.65
N ALA B 237 -49.00 22.84 -11.05
CA ALA B 237 -48.70 23.09 -9.64
C ALA B 237 -47.27 22.64 -9.32
N VAL B 238 -46.60 23.41 -8.47
CA VAL B 238 -45.24 23.13 -8.01
C VAL B 238 -45.14 23.51 -6.54
N SER B 239 -44.55 22.63 -5.73
CA SER B 239 -44.31 22.94 -4.32
C SER B 239 -42.85 22.70 -3.97
N ASP B 240 -42.43 23.31 -2.87
CA ASP B 240 -41.20 22.94 -2.19
C ASP B 240 -41.41 23.10 -0.68
N ILE B 241 -40.32 23.05 0.08
CA ILE B 241 -40.43 23.02 1.54
C ILE B 241 -41.11 24.27 2.07
N ASN B 242 -41.07 25.37 1.31
CA ASN B 242 -41.51 26.66 1.82
C ASN B 242 -42.89 27.07 1.32
N GLY B 243 -43.45 26.41 0.31
CA GLY B 243 -44.71 26.87 -0.22
C GLY B 243 -44.96 26.26 -1.58
N ALA B 244 -45.95 26.84 -2.27
CA ALA B 244 -46.34 26.27 -3.54
C ALA B 244 -47.12 27.28 -4.38
N ILE B 245 -47.27 26.96 -5.66
CA ILE B 245 -47.86 27.85 -6.65
C ILE B 245 -48.64 26.98 -7.64
N SER B 246 -49.82 27.45 -8.06
CA SER B 246 -50.58 26.69 -9.02
C SER B 246 -51.15 27.61 -10.09
N ASN B 247 -51.40 27.04 -11.25
CA ASN B 247 -52.08 27.76 -12.32
C ASN B 247 -52.71 26.75 -13.26
N PRO B 248 -54.04 26.66 -13.29
CA PRO B 248 -54.69 25.62 -14.09
C PRO B 248 -54.46 25.80 -15.56
N ASN B 249 -54.03 26.98 -15.98
CA ASN B 249 -53.69 27.25 -17.37
C ASN B 249 -52.25 26.93 -17.69
N GLY B 250 -51.48 26.47 -16.70
CA GLY B 250 -50.07 26.23 -16.89
C GLY B 250 -49.17 27.33 -16.38
N ILE B 251 -48.16 26.94 -15.59
CA ILE B 251 -47.17 27.86 -15.06
C ILE B 251 -46.08 28.06 -16.09
N ASP B 252 -45.69 29.31 -16.30
CA ASP B 252 -44.52 29.62 -17.14
C ASP B 252 -43.27 29.21 -16.37
N ILE B 253 -42.80 27.98 -16.63
CA ILE B 253 -41.69 27.42 -15.86
C ILE B 253 -40.42 28.20 -16.11
N ALA B 254 -40.23 28.72 -17.32
CA ALA B 254 -39.05 29.55 -17.54
C ALA B 254 -39.04 30.73 -16.57
N ALA B 255 -40.19 31.41 -16.45
CA ALA B 255 -40.25 32.57 -15.55
C ALA B 255 -40.11 32.14 -14.10
N LEU B 256 -40.68 30.98 -13.77
CA LEU B 256 -40.63 30.47 -12.41
C LEU B 256 -39.19 30.20 -12.00
N LEU B 257 -38.40 29.62 -12.91
CA LEU B 257 -37.00 29.34 -12.61
C LEU B 257 -36.20 30.61 -12.48
N LYS B 258 -36.46 31.58 -13.34
CA LYS B 258 -35.80 32.86 -13.20
C LYS B 258 -36.14 33.50 -11.85
N HIS B 259 -37.41 33.43 -11.46
CA HIS B 259 -37.84 33.95 -10.17
C HIS B 259 -37.10 33.23 -9.03
N LYS B 260 -37.04 31.91 -9.09
CA LYS B 260 -36.30 31.14 -8.08
C LYS B 260 -34.84 31.55 -8.00
N ALA B 261 -34.19 31.75 -9.15
CA ALA B 261 -32.78 32.09 -9.16
C ALA B 261 -32.53 33.48 -8.57
N GLY B 262 -33.52 34.35 -8.63
CA GLY B 262 -33.46 35.64 -7.94
C GLY B 262 -33.83 35.59 -6.46
N ASN B 263 -33.92 34.39 -5.89
CA ASN B 263 -34.27 34.16 -4.48
C ASN B 263 -35.75 34.37 -4.21
N GLY B 264 -36.58 34.34 -5.24
CA GLY B 264 -38.01 34.36 -5.01
C GLY B 264 -38.51 33.05 -4.43
N SER B 265 -39.65 33.14 -3.75
N SER B 265 -39.64 33.13 -3.75
CA SER B 265 -40.35 31.97 -3.21
CA SER B 265 -40.33 31.95 -3.24
C SER B 265 -41.53 31.63 -4.12
C SER B 265 -41.52 31.63 -4.12
N LEU B 266 -41.83 30.34 -4.22
CA LEU B 266 -42.90 29.89 -5.13
C LEU B 266 -44.21 30.63 -4.88
N LYS B 267 -44.60 30.80 -3.62
CA LYS B 267 -45.92 31.34 -3.31
C LYS B 267 -46.07 32.78 -3.79
N ASP B 268 -44.94 33.48 -4.04
CA ASP B 268 -44.90 34.88 -4.47
C ASP B 268 -44.78 35.06 -5.97
N PHE B 269 -44.63 33.98 -6.72
CA PHE B 269 -44.57 34.09 -8.17
C PHE B 269 -45.87 34.67 -8.71
N SER B 270 -45.77 35.75 -9.49
CA SER B 270 -46.99 36.44 -9.92
C SER B 270 -47.79 35.63 -10.95
N GLY B 271 -47.16 34.69 -11.65
CA GLY B 271 -47.82 33.96 -12.72
C GLY B 271 -48.59 32.73 -12.26
N GLY B 272 -49.04 32.75 -11.01
CA GLY B 272 -49.97 31.75 -10.52
C GLY B 272 -50.61 32.17 -9.21
N ASP B 273 -51.28 31.22 -8.57
CA ASP B 273 -51.97 31.45 -7.30
C ASP B 273 -51.18 30.74 -6.21
N ALA B 274 -50.86 31.45 -5.13
CA ALA B 274 -50.25 30.76 -4.00
C ALA B 274 -51.16 29.62 -3.56
N MET B 275 -50.54 28.51 -3.20
CA MET B 275 -51.20 27.26 -2.88
C MET B 275 -50.59 26.66 -1.60
N ASN B 276 -51.42 26.01 -0.82
CA ASN B 276 -50.94 25.25 0.34
C ASN B 276 -50.13 24.04 -0.14
N PRO B 277 -48.84 23.92 0.18
CA PRO B 277 -48.07 22.78 -0.33
C PRO B 277 -48.61 21.44 0.16
N ASN B 278 -49.31 21.43 1.30
CA ASN B 278 -49.91 20.19 1.80
C ASN B 278 -51.01 19.67 0.89
N ASP B 279 -51.40 20.44 -0.12
CA ASP B 279 -52.41 20.02 -1.07
C ASP B 279 -51.82 19.60 -2.41
N LEU B 280 -50.48 19.58 -2.55
CA LEU B 280 -49.86 19.27 -3.83
C LEU B 280 -50.21 17.87 -4.30
N LEU B 281 -50.02 16.86 -3.47
CA LEU B 281 -50.16 15.48 -3.94
C LEU B 281 -51.59 15.14 -4.38
N VAL B 282 -52.59 15.84 -3.85
CA VAL B 282 -53.98 15.56 -4.19
C VAL B 282 -54.53 16.56 -5.20
N HIS B 283 -53.66 17.34 -5.83
CA HIS B 283 -54.07 18.34 -6.81
C HIS B 283 -54.63 17.68 -8.05
N ASP B 284 -55.59 18.35 -8.70
CA ASP B 284 -56.06 17.86 -9.99
C ASP B 284 -54.94 17.99 -11.01
N CYS B 285 -54.65 16.88 -11.68
CA CYS B 285 -53.63 16.82 -12.72
C CYS B 285 -53.75 15.45 -13.38
N ASP B 286 -53.18 15.33 -14.57
CA ASP B 286 -53.06 14.01 -15.17
C ASP B 286 -51.90 13.23 -14.57
N VAL B 287 -50.80 13.90 -14.26
CA VAL B 287 -49.53 13.29 -13.92
C VAL B 287 -48.99 13.95 -12.66
N LEU B 288 -48.67 13.14 -11.65
CA LEU B 288 -48.04 13.62 -10.42
C LEU B 288 -46.58 13.18 -10.43
N ILE B 289 -45.68 14.12 -10.17
CA ILE B 289 -44.26 13.77 -10.08
C ILE B 289 -43.68 14.19 -8.73
N PRO B 290 -43.67 13.29 -7.76
CA PRO B 290 -42.95 13.56 -6.52
C PRO B 290 -41.45 13.65 -6.79
N CYS B 291 -40.85 14.77 -6.39
CA CYS B 291 -39.42 15.08 -6.53
C CYS B 291 -38.78 15.48 -5.20
N ALA B 292 -39.35 15.04 -4.08
CA ALA B 292 -38.78 15.43 -2.80
C ALA B 292 -38.59 14.18 -1.93
N LEU B 293 -39.27 14.08 -0.80
CA LEU B 293 -39.03 12.97 0.12
C LEU B 293 -39.71 11.67 -0.31
N GLY B 294 -39.24 10.57 0.27
CA GLY B 294 -39.91 9.31 0.09
C GLY B 294 -41.07 9.11 1.05
N GLY B 295 -41.90 8.13 0.73
CA GLY B 295 -42.96 7.74 1.62
C GLY B 295 -44.15 8.65 1.63
N VAL B 296 -44.20 9.62 0.72
CA VAL B 296 -45.21 10.67 0.80
C VAL B 296 -46.58 10.25 0.27
N LEU B 297 -46.63 9.21 -0.53
CA LEU B 297 -47.88 8.59 -0.95
C LEU B 297 -48.06 7.32 -0.14
N ASN B 298 -49.09 7.29 0.71
CA ASN B 298 -49.24 6.24 1.71
C ASN B 298 -50.72 5.92 1.83
N LYS B 299 -51.05 5.08 2.81
CA LYS B 299 -52.44 4.68 2.94
C LYS B 299 -53.35 5.84 3.35
N GLU B 300 -52.79 6.94 3.89
CA GLU B 300 -53.65 8.04 4.34
C GLU B 300 -54.10 8.94 3.20
N ASN B 301 -53.28 9.12 2.17
CA ASN B 301 -53.65 10.03 1.09
C ASN B 301 -53.82 9.37 -0.27
N ALA B 302 -53.52 8.08 -0.42
CA ALA B 302 -53.51 7.52 -1.76
C ALA B 302 -54.90 7.55 -2.38
N ASN B 303 -55.96 7.44 -1.57
CA ASN B 303 -57.31 7.45 -2.11
C ASN B 303 -57.69 8.81 -2.68
N ASP B 304 -56.98 9.86 -2.29
CA ASP B 304 -57.31 11.22 -2.70
C ASP B 304 -56.48 11.69 -3.88
N VAL B 305 -55.54 10.88 -4.35
CA VAL B 305 -54.76 11.23 -5.53
C VAL B 305 -55.68 11.30 -6.74
N LYS B 306 -55.55 12.37 -7.54
CA LYS B 306 -56.39 12.60 -8.73
C LYS B 306 -55.69 12.21 -10.02
N ALA B 307 -54.36 12.13 -10.02
CA ALA B 307 -53.59 11.80 -11.21
C ALA B 307 -53.88 10.40 -11.71
N LYS B 308 -53.74 10.23 -13.02
CA LYS B 308 -53.79 8.91 -13.63
C LYS B 308 -52.42 8.28 -13.78
N PHE B 309 -51.35 9.08 -13.79
CA PHE B 309 -49.97 8.62 -13.83
C PHE B 309 -49.19 9.22 -12.66
N ILE B 310 -48.35 8.41 -12.03
CA ILE B 310 -47.36 8.90 -11.10
C ILE B 310 -45.99 8.55 -11.67
N ILE B 311 -45.11 9.55 -11.77
CA ILE B 311 -43.75 9.33 -12.23
C ILE B 311 -42.83 9.53 -11.03
N GLU B 312 -42.15 8.47 -10.59
CA GLU B 312 -41.37 8.51 -9.35
C GLU B 312 -39.97 9.06 -9.64
N ALA B 313 -39.81 10.38 -9.51
CA ALA B 313 -38.51 11.04 -9.64
C ALA B 313 -37.77 10.99 -8.31
N ALA B 314 -38.45 11.31 -7.22
CA ALA B 314 -37.92 11.02 -5.90
C ALA B 314 -37.63 9.53 -5.77
N ASN B 315 -36.72 9.21 -4.83
CA ASN B 315 -36.61 7.83 -4.42
C ASN B 315 -37.76 7.47 -3.47
N HIS B 316 -38.34 6.28 -3.71
CA HIS B 316 -39.42 5.59 -2.98
C HIS B 316 -40.50 6.53 -2.47
N PRO B 317 -41.07 7.38 -3.35
CA PRO B 317 -42.18 8.23 -2.90
C PRO B 317 -43.45 7.48 -2.56
N THR B 318 -43.67 6.27 -3.09
CA THR B 318 -44.93 5.55 -2.91
C THR B 318 -44.68 4.26 -2.14
N ASP B 319 -45.41 4.06 -1.07
CA ASP B 319 -45.24 2.83 -0.31
C ASP B 319 -46.18 1.75 -0.85
N PRO B 320 -45.96 0.50 -0.45
CA PRO B 320 -46.73 -0.59 -1.05
C PRO B 320 -48.21 -0.53 -0.73
N ASP B 321 -48.62 0.02 0.43
CA ASP B 321 -50.05 0.18 0.68
C ASP B 321 -50.67 1.11 -0.37
N ALA B 322 -49.99 2.22 -0.62
CA ALA B 322 -50.47 3.16 -1.62
C ALA B 322 -50.47 2.51 -3.01
N ASP B 323 -49.42 1.74 -3.32
CA ASP B 323 -49.41 1.04 -4.61
C ASP B 323 -50.72 0.26 -4.85
N GLU B 324 -51.20 -0.45 -3.84
CA GLU B 324 -52.40 -1.27 -3.96
C GLU B 324 -53.62 -0.39 -4.16
N ILE B 325 -53.73 0.68 -3.37
CA ILE B 325 -54.88 1.57 -3.47
C ILE B 325 -54.90 2.20 -4.86
N LEU B 326 -53.76 2.69 -5.29
CA LEU B 326 -53.66 3.40 -6.57
C LEU B 326 -53.88 2.46 -7.74
N SER B 327 -53.39 1.22 -7.65
CA SER B 327 -53.72 0.22 -8.66
C SER B 327 -55.22 0.05 -8.85
N LYS B 328 -55.97 -0.06 -7.76
CA LYS B 328 -57.40 -0.28 -7.90
C LYS B 328 -58.10 0.95 -8.43
N LYS B 329 -57.49 2.12 -8.30
CA LYS B 329 -58.00 3.37 -8.85
C LYS B 329 -57.64 3.55 -10.31
N GLY B 330 -56.85 2.63 -10.88
CA GLY B 330 -56.46 2.73 -12.27
C GLY B 330 -55.24 3.58 -12.52
N VAL B 331 -54.52 3.94 -11.46
CA VAL B 331 -53.33 4.77 -11.59
C VAL B 331 -52.17 3.91 -12.02
N ILE B 332 -51.34 4.44 -12.89
CA ILE B 332 -50.15 3.75 -13.40
C ILE B 332 -48.93 4.46 -12.84
N ILE B 333 -47.99 3.70 -12.28
CA ILE B 333 -46.86 4.26 -11.52
C ILE B 333 -45.57 3.82 -12.17
N LEU B 334 -44.86 4.78 -12.73
CA LEU B 334 -43.55 4.50 -13.31
C LEU B 334 -42.52 4.53 -12.19
N PRO B 335 -41.85 3.43 -11.90
CA PRO B 335 -41.14 3.33 -10.63
C PRO B 335 -39.80 4.05 -10.63
N ASP B 336 -39.44 4.46 -9.41
CA ASP B 336 -38.19 5.17 -9.13
C ASP B 336 -36.97 4.49 -9.74
N VAL B 337 -36.84 3.17 -9.54
CA VAL B 337 -35.62 2.51 -9.98
C VAL B 337 -35.46 2.53 -11.49
N TYR B 338 -36.49 2.97 -12.22
CA TYR B 338 -36.35 3.26 -13.63
C TYR B 338 -36.35 4.76 -13.86
N ALA B 339 -37.40 5.44 -13.42
CA ALA B 339 -37.66 6.78 -13.91
C ALA B 339 -36.60 7.76 -13.49
N ASN B 340 -35.95 7.56 -12.34
CA ASN B 340 -35.01 8.54 -11.82
C ASN B 340 -33.56 8.13 -12.06
N ALA B 341 -33.36 7.08 -12.84
CA ALA B 341 -32.03 6.52 -13.03
C ALA B 341 -31.16 7.35 -13.98
N GLY B 342 -31.66 8.46 -14.50
CA GLY B 342 -30.84 9.30 -15.35
C GLY B 342 -29.63 9.86 -14.62
N GLY B 343 -29.79 10.18 -13.34
CA GLY B 343 -28.70 10.70 -12.55
C GLY B 343 -27.54 9.73 -12.50
N VAL B 344 -27.82 8.52 -12.00
CA VAL B 344 -26.77 7.56 -11.83
C VAL B 344 -26.21 7.14 -13.19
N THR B 345 -27.04 7.17 -14.23
CA THR B 345 -26.56 6.79 -15.55
C THR B 345 -25.56 7.82 -16.07
N VAL B 346 -25.88 9.10 -15.93
CA VAL B 346 -24.90 10.10 -16.37
C VAL B 346 -23.71 10.14 -15.41
N SER B 347 -23.90 9.78 -14.14
CA SER B 347 -22.73 9.62 -13.27
C SER B 347 -21.81 8.54 -13.80
N TYR B 348 -22.38 7.44 -14.30
CA TYR B 348 -21.54 6.43 -14.92
C TYR B 348 -20.72 7.04 -16.05
N PHE B 349 -21.37 7.87 -16.89
CA PHE B 349 -20.64 8.49 -17.98
C PHE B 349 -19.55 9.43 -17.47
N GLU B 350 -19.82 10.15 -16.38
CA GLU B 350 -18.81 11.03 -15.78
C GLU B 350 -17.61 10.21 -15.34
N TRP B 351 -17.87 9.10 -14.68
CA TRP B 351 -16.82 8.19 -14.23
C TRP B 351 -16.01 7.68 -15.42
N VAL B 352 -16.68 7.31 -16.51
CA VAL B 352 -16.00 6.83 -17.70
C VAL B 352 -15.11 7.91 -18.29
N GLN B 353 -15.64 9.14 -18.40
CA GLN B 353 -14.83 10.25 -18.90
C GLN B 353 -13.60 10.48 -18.02
N ASN B 354 -13.77 10.45 -16.69
CA ASN B 354 -12.64 10.65 -15.81
C ASN B 354 -11.58 9.56 -16.01
N ILE B 355 -12.00 8.29 -16.01
CA ILE B 355 -11.07 7.18 -16.18
C ILE B 355 -10.37 7.26 -17.52
N GLN B 356 -11.08 7.68 -18.56
CA GLN B 356 -10.48 7.78 -19.88
C GLN B 356 -9.65 9.04 -20.09
N GLY B 357 -9.75 10.00 -19.17
CA GLY B 357 -8.95 11.20 -19.24
C GLY B 357 -9.39 12.19 -20.27
N PHE B 358 -10.62 12.07 -20.79
CA PHE B 358 -11.12 12.86 -21.90
C PHE B 358 -12.62 13.02 -21.73
N MET B 359 -13.13 14.23 -21.93
CA MET B 359 -14.54 14.55 -21.68
C MET B 359 -15.37 14.51 -22.94
N TRP B 360 -16.70 14.32 -22.75
CA TRP B 360 -17.70 14.26 -23.82
C TRP B 360 -18.43 15.59 -23.91
N ASP B 361 -18.98 15.89 -25.10
CA ASP B 361 -19.86 17.04 -25.22
C ASP B 361 -21.26 16.67 -24.69
N GLU B 362 -22.08 17.71 -24.42
CA GLU B 362 -23.34 17.46 -23.73
C GLU B 362 -24.29 16.65 -24.60
N GLU B 363 -24.25 16.87 -25.92
CA GLU B 363 -25.14 16.14 -26.81
C GLU B 363 -24.85 14.64 -26.78
N LYS B 364 -23.58 14.26 -26.70
CA LYS B 364 -23.23 12.84 -26.62
C LYS B 364 -23.67 12.24 -25.29
N VAL B 365 -23.55 13.01 -24.20
CA VAL B 365 -24.04 12.57 -22.90
C VAL B 365 -25.54 12.28 -22.97
N ASN B 366 -26.30 13.21 -23.53
CA ASN B 366 -27.74 13.02 -23.53
C ASN B 366 -28.19 11.96 -24.53
N GLN B 367 -27.48 11.82 -25.63
CA GLN B 367 -27.84 10.76 -26.57
C GLN B 367 -27.62 9.40 -25.92
N GLU B 368 -26.53 9.26 -25.18
CA GLU B 368 -26.27 7.99 -24.50
C GLU B 368 -27.29 7.78 -23.39
N LEU B 369 -27.63 8.85 -22.67
CA LEU B 369 -28.66 8.76 -21.64
C LEU B 369 -29.95 8.25 -22.28
N LYS B 370 -30.35 8.81 -23.42
CA LYS B 370 -31.61 8.38 -24.01
C LYS B 370 -31.54 6.93 -24.47
N ARG B 371 -30.39 6.51 -25.00
CA ARG B 371 -30.23 5.11 -25.39
C ARG B 371 -30.42 4.18 -24.20
N TYR B 372 -29.80 4.53 -23.06
CA TYR B 372 -29.93 3.70 -21.87
C TYR B 372 -31.37 3.68 -21.35
N MET B 373 -32.03 4.84 -21.30
CA MET B 373 -33.40 4.87 -20.80
C MET B 373 -34.36 4.14 -21.74
N THR B 374 -34.09 4.18 -23.03
CA THR B 374 -34.96 3.50 -23.98
C THR B 374 -34.81 1.99 -23.83
N LYS B 375 -33.58 1.51 -23.76
CA LYS B 375 -33.37 0.08 -23.61
C LYS B 375 -33.97 -0.42 -22.31
N ALA B 376 -33.78 0.32 -21.22
CA ALA B 376 -34.31 -0.12 -19.95
C ALA B 376 -35.83 -0.22 -20.01
N PHE B 377 -36.49 0.78 -20.62
CA PHE B 377 -37.94 0.69 -20.71
C PHE B 377 -38.37 -0.52 -21.53
N ASN B 378 -37.73 -0.74 -22.69
CA ASN B 378 -38.09 -1.92 -23.47
C ASN B 378 -37.90 -3.20 -22.67
N ASP B 379 -36.86 -3.27 -21.84
CA ASP B 379 -36.62 -4.49 -21.06
C ASP B 379 -37.70 -4.64 -19.99
N ILE B 380 -38.09 -3.54 -19.36
CA ILE B 380 -39.13 -3.55 -18.36
C ILE B 380 -40.45 -4.01 -18.98
N LYS B 381 -40.78 -3.49 -20.16
CA LYS B 381 -41.97 -3.92 -20.86
C LYS B 381 -41.97 -5.42 -21.05
N ALA B 382 -40.83 -5.96 -21.48
CA ALA B 382 -40.78 -7.39 -21.77
C ALA B 382 -40.98 -8.20 -20.50
N ASN B 383 -40.41 -7.75 -19.39
CA ASN B 383 -40.58 -8.44 -18.11
C ASN B 383 -42.01 -8.35 -17.63
N CYS B 384 -42.65 -7.17 -17.76
CA CYS B 384 -44.06 -7.07 -17.40
C CYS B 384 -44.90 -8.09 -18.15
N LYS B 385 -44.59 -8.29 -19.44
CA LYS B 385 -45.35 -9.25 -20.24
C LYS B 385 -45.05 -10.66 -19.79
N THR B 386 -43.77 -10.98 -19.57
CA THR B 386 -43.36 -12.32 -19.14
C THR B 386 -44.05 -12.69 -17.84
N HIS B 387 -44.05 -11.78 -16.87
CA HIS B 387 -44.54 -12.09 -15.54
C HIS B 387 -45.94 -11.58 -15.28
N ASN B 388 -46.57 -10.94 -16.26
CA ASN B 388 -47.88 -10.36 -16.08
C ASN B 388 -47.93 -9.55 -14.79
N CYS B 389 -46.96 -8.65 -14.62
CA CYS B 389 -46.85 -7.84 -13.43
C CYS B 389 -46.86 -6.35 -13.78
N ASP B 390 -46.91 -5.54 -12.73
CA ASP B 390 -47.01 -4.10 -12.90
C ASP B 390 -45.62 -3.52 -13.19
N LEU B 391 -45.58 -2.23 -13.53
CA LEU B 391 -44.32 -1.60 -13.92
C LEU B 391 -43.28 -1.65 -12.82
N ARG B 392 -43.67 -1.38 -11.57
CA ARG B 392 -42.68 -1.46 -10.49
C ARG B 392 -42.02 -2.82 -10.49
N MET B 393 -42.82 -3.89 -10.54
CA MET B 393 -42.25 -5.23 -10.50
C MET B 393 -41.49 -5.57 -11.77
N GLY B 394 -41.93 -5.04 -12.91
CA GLY B 394 -41.17 -5.22 -14.13
C GLY B 394 -39.75 -4.73 -13.99
N ALA B 395 -39.58 -3.56 -13.37
CA ALA B 395 -38.24 -3.01 -13.17
C ALA B 395 -37.52 -3.72 -12.04
N PHE B 396 -38.24 -3.92 -10.92
CA PHE B 396 -37.60 -4.52 -9.75
C PHE B 396 -37.08 -5.91 -10.09
N THR B 397 -37.89 -6.74 -10.77
CA THR B 397 -37.43 -8.08 -11.14
C THR B 397 -36.30 -8.01 -12.17
N LEU B 398 -36.35 -7.05 -13.11
CA LEU B 398 -35.26 -6.91 -14.08
C LEU B 398 -33.93 -6.68 -13.35
N GLY B 399 -33.90 -5.73 -12.42
CA GLY B 399 -32.66 -5.43 -11.74
C GLY B 399 -32.23 -6.54 -10.79
N LEU B 400 -33.21 -7.09 -10.06
CA LEU B 400 -32.94 -8.14 -9.08
C LEU B 400 -32.36 -9.36 -9.77
N ASN B 401 -32.92 -9.72 -10.92
CA ASN B 401 -32.39 -10.87 -11.64
C ASN B 401 -30.96 -10.64 -12.13
N ARG B 402 -30.65 -9.44 -12.59
CA ARG B 402 -29.29 -9.16 -13.04
C ARG B 402 -28.29 -9.25 -11.89
N VAL B 403 -28.67 -8.77 -10.71
CA VAL B 403 -27.79 -8.88 -9.56
C VAL B 403 -27.67 -10.33 -9.12
N ALA B 404 -28.79 -11.06 -9.09
CA ALA B 404 -28.73 -12.47 -8.73
C ALA B 404 -27.78 -13.22 -9.67
N ARG B 405 -27.88 -12.98 -10.96
CA ARG B 405 -27.02 -13.68 -11.92
C ARG B 405 -25.53 -13.43 -11.64
N ALA B 406 -25.15 -12.17 -11.41
CA ALA B 406 -23.76 -11.86 -11.14
C ALA B 406 -23.31 -12.50 -9.84
N THR B 407 -24.17 -12.47 -8.83
CA THR B 407 -23.90 -13.06 -7.53
C THR B 407 -23.63 -14.55 -7.67
N LEU B 408 -24.46 -15.23 -8.41
CA LEU B 408 -24.31 -16.67 -8.57
C LEU B 408 -23.04 -17.00 -9.34
N LEU B 409 -22.67 -16.16 -10.31
CA LEU B 409 -21.45 -16.40 -11.05
C LEU B 409 -20.24 -16.27 -10.14
N ARG B 410 -20.26 -15.32 -9.22
CA ARG B 410 -19.08 -15.12 -8.36
C ARG B 410 -18.91 -16.25 -7.36
N GLY B 411 -19.99 -16.86 -6.92
CA GLY B 411 -19.86 -17.99 -6.03
C GLY B 411 -19.69 -17.64 -4.56
N TRP B 412 -19.47 -18.70 -3.76
CA TRP B 412 -19.64 -18.61 -2.32
C TRP B 412 -18.50 -19.21 -1.50
N GLU B 413 -17.55 -19.89 -2.14
CA GLU B 413 -16.47 -20.52 -1.38
C GLU B 413 -15.50 -19.42 -0.95
N ALA B 414 -14.78 -19.68 0.13
CA ALA B 414 -13.87 -18.67 0.74
C ALA B 414 -12.59 -18.39 -0.03
N ALA C 3 22.06 37.73 -17.57
CA ALA C 3 20.58 37.55 -17.67
C ALA C 3 19.86 37.85 -16.36
N MET C 4 18.58 38.17 -16.45
CA MET C 4 17.74 38.30 -15.28
C MET C 4 17.55 36.94 -14.63
N ASN C 5 17.48 36.91 -13.30
CA ASN C 5 17.12 35.67 -12.61
C ASN C 5 15.80 35.15 -13.17
N ALA C 6 15.76 33.86 -13.48
CA ALA C 6 14.59 33.31 -14.18
C ALA C 6 13.33 33.39 -13.35
N LEU C 7 13.46 33.19 -12.04
CA LEU C 7 12.28 33.21 -11.20
C LEU C 7 11.84 34.64 -10.92
N VAL C 8 12.79 35.60 -10.79
CA VAL C 8 12.41 37.02 -10.72
C VAL C 8 11.63 37.40 -11.95
N ALA C 9 12.10 36.96 -13.12
CA ALA C 9 11.46 37.32 -14.38
C ALA C 9 10.07 36.74 -14.46
N THR C 10 9.95 35.43 -14.20
CA THR C 10 8.66 34.77 -14.30
C THR C 10 7.70 35.31 -13.26
N ASN C 11 8.18 35.59 -12.03
CA ASN C 11 7.31 36.16 -11.01
C ASN C 11 6.84 37.57 -11.39
N ARG C 12 7.68 38.35 -12.06
CA ARG C 12 7.22 39.66 -12.53
C ARG C 12 6.06 39.50 -13.51
N ASN C 13 6.13 38.50 -14.40
CA ASN C 13 5.02 38.25 -15.34
C ASN C 13 3.77 37.76 -14.59
N PHE C 14 3.95 36.88 -13.60
CA PHE C 14 2.83 36.42 -12.78
C PHE C 14 2.15 37.59 -12.08
N GLN C 15 2.96 38.50 -11.51
N GLN C 15 2.92 38.50 -11.51
CA GLN C 15 2.45 39.67 -10.80
CA GLN C 15 2.30 39.60 -10.79
C GLN C 15 1.63 40.54 -11.73
C GLN C 15 1.58 40.54 -11.75
N ARG C 16 2.12 40.71 -12.96
CA ARG C 16 1.41 41.57 -13.93
C ARG C 16 0.08 40.93 -14.35
N ALA C 17 0.08 39.62 -14.54
CA ALA C 17 -1.14 38.94 -14.95
C ALA C 17 -2.14 38.96 -13.81
N SER C 18 -1.66 38.76 -12.58
N SER C 18 -1.66 38.77 -12.58
CA SER C 18 -2.53 38.80 -11.40
CA SER C 18 -2.54 38.78 -11.42
C SER C 18 -3.21 40.15 -11.30
C SER C 18 -3.19 40.14 -11.26
N ARG C 19 -2.47 41.22 -11.56
CA ARG C 19 -3.07 42.56 -11.47
C ARG C 19 -4.10 42.78 -12.57
N ILE C 20 -3.86 42.28 -13.76
CA ILE C 20 -4.87 42.40 -14.81
C ILE C 20 -6.15 41.72 -14.37
N LEU C 21 -6.05 40.55 -13.73
CA LEU C 21 -7.22 39.82 -13.26
C LEU C 21 -7.80 40.36 -11.95
N GLY C 22 -7.07 41.22 -11.26
CA GLY C 22 -7.59 41.72 -10.00
C GLY C 22 -7.65 40.64 -8.95
N LEU C 23 -6.74 39.67 -9.01
CA LEU C 23 -6.75 38.59 -8.03
C LEU C 23 -6.61 39.11 -6.61
N ASP C 24 -7.36 38.50 -5.68
CA ASP C 24 -7.14 38.72 -4.26
C ASP C 24 -5.70 38.39 -3.88
N SER C 25 -5.10 39.22 -3.02
CA SER C 25 -3.67 39.07 -2.76
C SER C 25 -3.35 37.77 -2.02
N LYS C 26 -4.27 37.26 -1.20
CA LYS C 26 -4.00 36.00 -0.49
C LYS C 26 -4.10 34.81 -1.44
N LEU C 27 -5.05 34.85 -2.38
CA LEU C 27 -5.08 33.86 -3.46
C LEU C 27 -3.81 33.91 -4.28
N GLU C 28 -3.41 35.12 -4.67
CA GLU C 28 -2.19 35.28 -5.44
C GLU C 28 -1.00 34.63 -4.74
N LYS C 29 -0.84 34.89 -3.44
CA LYS C 29 0.31 34.37 -2.72
C LYS C 29 0.30 32.85 -2.72
N SER C 30 -0.88 32.24 -2.55
CA SER C 30 -0.96 30.79 -2.59
C SER C 30 -0.60 30.25 -3.95
N LEU C 31 -1.10 30.88 -5.02
CA LEU C 31 -0.82 30.41 -6.38
C LEU C 31 0.67 30.52 -6.74
N LEU C 32 1.38 31.50 -6.17
CA LEU C 32 2.81 31.60 -6.43
C LEU C 32 3.59 30.45 -5.79
N ILE C 33 3.29 30.13 -4.53
CA ILE C 33 4.06 29.13 -3.78
C ILE C 33 3.86 27.76 -4.41
N PRO C 34 4.93 27.04 -4.72
CA PRO C 34 4.79 25.68 -5.21
C PRO C 34 4.19 24.76 -4.16
N TYR C 35 3.37 23.85 -4.65
CA TYR C 35 2.86 22.74 -3.83
C TYR C 35 3.98 22.04 -3.06
N ARG C 36 5.01 21.61 -3.77
CA ARG C 36 6.12 20.87 -3.17
C ARG C 36 7.38 21.02 -4.01
N GLU C 37 8.47 21.41 -3.36
CA GLU C 37 9.79 21.42 -3.97
C GLU C 37 10.61 20.27 -3.38
N ILE C 38 11.22 19.48 -4.27
CA ILE C 38 12.01 18.31 -3.92
C ILE C 38 13.40 18.47 -4.50
N LYS C 39 14.44 18.35 -3.65
CA LYS C 39 15.83 18.26 -4.11
C LYS C 39 16.45 17.00 -3.52
N VAL C 40 17.02 16.15 -4.38
CA VAL C 40 17.53 14.84 -3.97
C VAL C 40 18.96 14.62 -4.42
N GLU C 41 19.78 14.00 -3.57
CA GLU C 41 21.08 13.55 -4.01
C GLU C 41 20.96 12.48 -5.08
N CYS C 42 21.75 12.62 -6.14
CA CYS C 42 21.85 11.58 -7.17
C CYS C 42 23.31 11.22 -7.37
N THR C 43 23.74 10.11 -6.79
CA THR C 43 25.13 9.69 -6.88
C THR C 43 25.22 8.38 -7.63
N ILE C 44 26.14 8.30 -8.58
CA ILE C 44 26.36 7.09 -9.35
C ILE C 44 27.84 6.77 -9.39
N PRO C 45 28.18 5.50 -9.58
CA PRO C 45 29.52 5.13 -10.05
C PRO C 45 29.65 5.45 -11.53
N LYS C 46 30.76 6.07 -11.90
CA LYS C 46 31.09 6.23 -13.30
C LYS C 46 31.57 4.89 -13.86
N ASP C 47 31.78 4.86 -15.17
CA ASP C 47 32.23 3.62 -15.78
C ASP C 47 33.55 3.13 -15.19
N ASP C 48 34.40 4.03 -14.69
CA ASP C 48 35.67 3.60 -14.13
C ASP C 48 35.57 3.28 -12.64
N GLY C 49 34.35 3.34 -12.08
CA GLY C 49 34.09 3.04 -10.70
C GLY C 49 34.13 4.23 -9.76
N SER C 50 34.63 5.37 -10.22
CA SER C 50 34.71 6.52 -9.34
C SER C 50 33.31 7.15 -9.22
N LEU C 51 33.07 7.78 -8.10
CA LEU C 51 31.74 8.36 -7.81
C LEU C 51 31.66 9.77 -8.36
N VAL C 52 30.46 10.12 -8.76
CA VAL C 52 30.07 11.51 -8.99
C VAL C 52 28.72 11.75 -8.35
N SER C 53 28.55 12.91 -7.70
CA SER C 53 27.30 13.26 -7.06
C SER C 53 26.70 14.49 -7.70
N TYR C 54 25.45 14.36 -8.10
CA TYR C 54 24.64 15.43 -8.61
C TYR C 54 23.48 15.69 -7.66
N VAL C 55 22.82 16.84 -7.87
CA VAL C 55 21.58 17.16 -7.19
C VAL C 55 20.46 17.17 -8.21
N GLY C 56 19.45 16.35 -7.99
CA GLY C 56 18.27 16.37 -8.84
C GLY C 56 17.11 17.15 -8.21
N PHE C 57 16.27 17.71 -9.08
CA PHE C 57 15.13 18.52 -8.69
C PHE C 57 13.86 17.97 -9.28
N ARG C 58 12.80 17.99 -8.49
CA ARG C 58 11.45 17.95 -9.03
C ARG C 58 10.63 18.98 -8.26
N ILE C 59 10.25 20.05 -8.96
CA ILE C 59 9.43 21.12 -8.41
C ILE C 59 8.01 20.83 -8.87
N GLN C 60 7.11 20.63 -7.92
CA GLN C 60 5.71 20.36 -8.18
C GLN C 60 4.97 21.66 -7.89
N HIS C 61 4.66 22.45 -8.93
CA HIS C 61 4.19 23.81 -8.63
C HIS C 61 2.71 23.83 -8.27
N ASP C 62 1.86 23.20 -9.07
CA ASP C 62 0.43 23.35 -8.82
C ASP C 62 -0.31 22.15 -9.38
N ASN C 63 -1.24 21.60 -8.61
CA ASN C 63 -2.03 20.50 -9.13
C ASN C 63 -3.54 20.75 -9.05
N ALA C 64 -3.97 22.00 -9.09
CA ALA C 64 -5.40 22.25 -8.95
C ALA C 64 -6.19 21.64 -10.11
N ARG C 65 -5.63 21.66 -11.33
CA ARG C 65 -6.37 21.23 -12.50
C ARG C 65 -6.09 19.77 -12.86
N GLY C 66 -5.23 19.08 -12.13
CA GLY C 66 -5.00 17.67 -12.42
C GLY C 66 -3.60 17.24 -12.05
N PRO C 67 -3.21 16.03 -12.46
CA PRO C 67 -1.84 15.57 -12.25
C PRO C 67 -0.87 16.57 -12.82
N MET C 68 0.25 16.75 -12.13
CA MET C 68 1.22 17.71 -12.62
C MET C 68 1.97 17.16 -13.83
N LYS C 69 2.48 18.09 -14.64
CA LYS C 69 3.08 17.76 -15.91
C LYS C 69 4.25 18.68 -16.19
N GLY C 70 5.32 18.10 -16.71
CA GLY C 70 6.47 18.87 -17.13
C GLY C 70 7.73 18.05 -17.28
N GLY C 71 8.63 18.51 -18.13
CA GLY C 71 9.78 17.72 -18.48
C GLY C 71 10.91 17.71 -17.44
N ILE C 72 11.97 17.01 -17.83
CA ILE C 72 13.19 16.88 -17.06
C ILE C 72 14.34 17.40 -17.90
N ARG C 73 15.03 18.40 -17.39
CA ARG C 73 16.16 19.01 -18.10
C ARG C 73 17.49 18.53 -17.52
N TYR C 74 18.38 18.05 -18.40
CA TYR C 74 19.78 17.78 -18.03
C TYR C 74 20.62 18.88 -18.66
N HIS C 75 21.07 19.83 -17.84
CA HIS C 75 21.81 20.96 -18.37
C HIS C 75 22.63 21.56 -17.23
N PRO C 76 23.82 22.09 -17.50
CA PRO C 76 24.68 22.56 -16.39
C PRO C 76 24.14 23.73 -15.60
N GLU C 77 23.23 24.53 -16.17
CA GLU C 77 22.65 25.68 -15.47
C GLU C 77 21.33 25.36 -14.78
N VAL C 78 20.92 24.08 -14.72
CA VAL C 78 19.77 23.70 -13.90
C VAL C 78 20.08 24.08 -12.45
N ASP C 79 19.18 24.84 -11.85
CA ASP C 79 19.29 25.18 -10.43
C ASP C 79 17.88 25.43 -9.91
N PRO C 80 17.72 25.61 -8.59
CA PRO C 80 16.35 25.74 -8.05
C PRO C 80 15.53 26.85 -8.71
N ASP C 81 16.14 28.02 -8.95
CA ASP C 81 15.37 29.13 -9.52
C ASP C 81 14.87 28.77 -10.91
N GLU C 82 15.74 28.16 -11.70
CA GLU C 82 15.36 27.81 -13.06
C GLU C 82 14.25 26.76 -13.07
N VAL C 83 14.37 25.70 -12.25
CA VAL C 83 13.34 24.66 -12.26
C VAL C 83 12.02 25.20 -11.69
N ASN C 84 12.08 26.07 -10.67
CA ASN C 84 10.87 26.69 -10.13
C ASN C 84 10.16 27.54 -11.20
N ALA C 85 10.94 28.31 -11.95
CA ALA C 85 10.35 29.14 -13.00
C ALA C 85 9.71 28.28 -14.06
N LEU C 86 10.40 27.22 -14.47
CA LEU C 86 9.87 26.32 -15.48
C LEU C 86 8.62 25.63 -15.00
N ALA C 87 8.61 25.21 -13.73
CA ALA C 87 7.44 24.51 -13.20
C ALA C 87 6.23 25.42 -13.15
N GLN C 88 6.44 26.67 -12.76
CA GLN C 88 5.32 27.62 -12.73
C GLN C 88 4.78 27.87 -14.15
N LEU C 89 5.67 27.99 -15.14
CA LEU C 89 5.22 28.14 -16.53
C LEU C 89 4.41 26.95 -17.01
N MET C 90 4.76 25.73 -16.56
CA MET C 90 3.94 24.57 -16.91
C MET C 90 2.52 24.67 -16.36
N THR C 91 2.34 25.21 -15.16
CA THR C 91 1.00 25.39 -14.62
C THR C 91 0.17 26.30 -15.50
N TRP C 92 0.77 27.37 -15.99
CA TRP C 92 -0.02 28.27 -16.84
C TRP C 92 -0.22 27.68 -18.25
N LYS C 93 0.80 27.02 -18.78
CA LYS C 93 0.77 26.50 -20.14
C LYS C 93 -0.27 25.41 -20.28
N THR C 94 -0.28 24.47 -19.35
CA THR C 94 -1.30 23.42 -19.37
C THR C 94 -2.70 24.03 -19.32
N ALA C 95 -2.86 25.13 -18.59
CA ALA C 95 -4.16 25.76 -18.50
C ALA C 95 -4.51 26.54 -19.77
N VAL C 96 -3.52 27.14 -20.43
CA VAL C 96 -3.76 27.85 -21.68
C VAL C 96 -4.35 26.92 -22.72
N VAL C 97 -3.77 25.71 -22.89
CA VAL C 97 -4.30 24.79 -23.90
C VAL C 97 -5.42 23.92 -23.35
N ASP C 98 -5.76 24.10 -22.09
CA ASP C 98 -6.95 23.52 -21.46
C ASP C 98 -6.85 22.00 -21.46
N ILE C 99 -5.71 21.51 -20.99
CA ILE C 99 -5.54 20.08 -20.80
C ILE C 99 -5.58 19.86 -19.29
N PRO C 100 -6.01 18.69 -18.83
CA PRO C 100 -6.32 18.48 -17.41
C PRO C 100 -5.09 18.10 -16.59
N TYR C 101 -4.14 19.04 -16.55
CA TYR C 101 -2.86 18.87 -15.87
C TYR C 101 -2.54 20.15 -15.12
N GLY C 102 -1.82 19.98 -14.01
CA GLY C 102 -1.06 21.05 -13.40
C GLY C 102 0.39 21.07 -13.88
N GLY C 103 1.20 21.82 -13.17
CA GLY C 103 2.57 22.10 -13.60
C GLY C 103 3.65 21.59 -12.67
N ALA C 104 4.71 21.04 -13.27
CA ALA C 104 5.87 20.61 -12.53
C ALA C 104 7.07 20.66 -13.48
N LYS C 105 8.25 20.54 -12.90
CA LYS C 105 9.43 20.43 -13.75
C LYS C 105 10.54 19.77 -12.94
N GLY C 106 11.44 19.07 -13.63
CA GLY C 106 12.55 18.42 -12.97
C GLY C 106 13.85 18.70 -13.71
N GLY C 107 14.95 18.33 -13.08
CA GLY C 107 16.22 18.43 -13.78
C GLY C 107 17.40 18.05 -12.91
N ILE C 108 18.53 17.92 -13.59
CA ILE C 108 19.82 17.65 -12.97
C ILE C 108 20.85 18.58 -13.59
N GLY C 109 21.64 19.22 -12.73
CA GLY C 109 22.74 20.04 -13.15
C GLY C 109 23.92 19.19 -13.62
N CYS C 110 23.88 18.76 -14.86
CA CYS C 110 24.94 17.98 -15.44
C CYS C 110 25.03 18.39 -16.89
N ASN C 111 26.11 17.98 -17.55
CA ASN C 111 26.20 18.13 -19.00
C ASN C 111 26.22 16.75 -19.61
N PRO C 112 25.16 16.35 -20.32
CA PRO C 112 25.12 14.97 -20.82
C PRO C 112 26.23 14.64 -21.76
N LYS C 113 26.77 15.63 -22.46
CA LYS C 113 27.85 15.32 -23.38
C LYS C 113 29.05 14.76 -22.65
N ASP C 114 29.19 15.05 -21.35
CA ASP C 114 30.34 14.62 -20.56
C ASP C 114 30.14 13.24 -19.95
N LEU C 115 28.98 12.64 -20.13
CA LEU C 115 28.66 11.36 -19.53
C LEU C 115 28.51 10.33 -20.63
N SER C 116 28.98 9.11 -20.36
CA SER C 116 28.75 8.01 -21.29
C SER C 116 27.28 7.61 -21.27
N ILE C 117 26.89 6.78 -22.23
CA ILE C 117 25.48 6.39 -22.28
C ILE C 117 25.12 5.47 -21.09
N SER C 118 26.06 4.65 -20.62
CA SER C 118 25.80 3.86 -19.41
C SER C 118 25.72 4.74 -18.18
N GLU C 119 26.56 5.78 -18.10
CA GLU C 119 26.48 6.72 -16.99
C GLU C 119 25.16 7.51 -16.99
N LEU C 120 24.72 8.02 -18.16
CA LEU C 120 23.42 8.67 -18.26
C LEU C 120 22.29 7.76 -17.82
N GLU C 121 22.36 6.49 -18.18
CA GLU C 121 21.33 5.53 -17.76
C GLU C 121 21.32 5.36 -16.26
N ARG C 122 22.49 5.12 -15.65
CA ARG C 122 22.55 5.01 -14.20
C ARG C 122 22.02 6.24 -13.51
N LEU C 123 22.43 7.42 -14.00
CA LEU C 123 22.00 8.66 -13.35
C LEU C 123 20.49 8.76 -13.44
N THR C 124 19.95 8.41 -14.60
CA THR C 124 18.51 8.51 -14.80
C THR C 124 17.77 7.55 -13.90
N ARG C 125 18.28 6.33 -13.77
CA ARG C 125 17.62 5.36 -12.92
C ARG C 125 17.72 5.77 -11.45
N VAL C 126 18.85 6.32 -11.02
CA VAL C 126 18.98 6.76 -9.64
C VAL C 126 18.04 7.92 -9.35
N PHE C 127 17.97 8.88 -10.25
CA PHE C 127 17.02 9.98 -10.11
C PHE C 127 15.62 9.42 -9.93
N THR C 128 15.25 8.43 -10.78
CA THR C 128 13.93 7.82 -10.67
C THR C 128 13.73 7.13 -9.33
N GLN C 129 14.75 6.42 -8.86
CA GLN C 129 14.68 5.84 -7.51
C GLN C 129 14.43 6.90 -6.45
N LYS C 130 15.01 8.07 -6.62
CA LYS C 130 14.89 9.09 -5.59
C LYS C 130 13.56 9.84 -5.64
N ILE C 131 12.86 9.84 -6.77
CA ILE C 131 11.60 10.55 -6.87
C ILE C 131 10.40 9.66 -7.12
N HIS C 132 10.58 8.33 -7.18
CA HIS C 132 9.47 7.50 -7.64
C HIS C 132 8.24 7.67 -6.76
N ASP C 133 8.46 7.90 -5.46
CA ASP C 133 7.36 7.98 -4.51
C ASP C 133 6.62 9.29 -4.60
N LEU C 134 7.13 10.22 -5.38
CA LEU C 134 6.56 11.54 -5.51
C LEU C 134 5.90 11.76 -6.85
N ILE C 135 6.08 10.86 -7.80
CA ILE C 135 5.51 11.02 -9.13
C ILE C 135 4.48 9.92 -9.32
N GLY C 136 3.85 9.88 -10.48
CA GLY C 136 2.83 8.87 -10.73
C GLY C 136 1.84 9.30 -11.79
N ILE C 137 1.14 8.29 -12.30
CA ILE C 137 0.21 8.49 -13.42
C ILE C 137 -0.80 9.58 -13.15
N HIS C 138 -1.32 9.65 -11.92
CA HIS C 138 -2.31 10.64 -11.54
C HIS C 138 -1.77 11.67 -10.55
N ARG C 139 -0.46 11.80 -10.46
CA ARG C 139 0.20 12.67 -9.50
C ARG C 139 1.13 13.66 -10.18
N ASP C 140 2.04 13.17 -11.01
CA ASP C 140 3.08 13.99 -11.63
C ASP C 140 3.73 13.14 -12.71
N VAL C 141 3.67 13.60 -13.95
CA VAL C 141 4.05 12.82 -15.12
C VAL C 141 5.15 13.57 -15.87
N PRO C 142 6.42 13.11 -15.77
CA PRO C 142 7.50 13.79 -16.50
C PRO C 142 7.50 13.54 -18.00
N ALA C 143 8.55 14.00 -18.63
CA ALA C 143 8.68 14.08 -20.09
C ALA C 143 10.06 14.62 -20.39
N PRO C 144 10.46 14.69 -21.67
CA PRO C 144 11.77 15.28 -21.99
C PRO C 144 11.76 16.79 -21.89
N ASP C 145 12.96 17.32 -21.87
CA ASP C 145 13.27 18.73 -22.02
C ASP C 145 14.69 18.78 -22.59
N MET C 146 15.36 19.91 -22.41
N MET C 146 15.36 19.92 -22.43
CA MET C 146 16.70 20.05 -22.96
CA MET C 146 16.73 20.02 -22.88
C MET C 146 17.66 19.07 -22.30
C MET C 146 17.55 18.89 -22.28
N GLY C 147 18.38 18.31 -23.12
CA GLY C 147 19.35 17.35 -22.64
C GLY C 147 18.76 15.99 -22.31
N THR C 148 17.47 15.79 -22.48
CA THR C 148 16.85 14.45 -22.35
C THR C 148 16.00 14.16 -23.59
N ASN C 149 15.67 12.87 -23.76
CA ASN C 149 14.99 12.44 -24.98
C ASN C 149 14.19 11.18 -24.67
N SER C 150 13.67 10.55 -25.72
CA SER C 150 12.81 9.39 -25.50
C SER C 150 13.58 8.21 -24.91
N GLN C 151 14.88 8.11 -25.14
CA GLN C 151 15.65 7.05 -24.50
C GLN C 151 15.75 7.33 -23.00
N THR C 152 15.89 8.59 -22.62
CA THR C 152 15.86 8.91 -21.19
C THR C 152 14.56 8.43 -20.55
N MET C 153 13.44 8.71 -21.21
CA MET C 153 12.11 8.37 -20.71
C MET C 153 11.93 6.86 -20.60
N ALA C 154 12.54 6.11 -21.52
CA ALA C 154 12.47 4.66 -21.44
C ALA C 154 13.10 4.17 -20.14
N TRP C 155 14.20 4.80 -19.73
CA TRP C 155 14.85 4.39 -18.49
C TRP C 155 14.02 4.77 -17.28
N ILE C 156 13.42 5.95 -17.30
CA ILE C 156 12.51 6.34 -16.22
C ILE C 156 11.38 5.32 -16.09
N LEU C 157 10.72 5.03 -17.22
CA LEU C 157 9.63 4.07 -17.24
C LEU C 157 10.07 2.74 -16.64
N ASP C 158 11.23 2.26 -17.10
CA ASP C 158 11.67 0.95 -16.71
C ASP C 158 11.99 0.89 -15.23
N GLU C 159 12.70 1.90 -14.71
CA GLU C 159 13.03 1.89 -13.29
C GLU C 159 11.79 2.12 -12.43
N TYR C 160 10.91 3.04 -12.85
CA TYR C 160 9.68 3.28 -12.10
C TYR C 160 8.84 2.02 -12.02
N SER C 161 8.81 1.27 -13.09
CA SER C 161 7.92 0.13 -13.13
C SER C 161 8.39 -0.97 -12.20
N LYS C 162 9.66 -0.95 -11.77
CA LYS C 162 10.08 -1.94 -10.77
C LYS C 162 9.40 -1.68 -9.43
N PHE C 163 9.09 -0.42 -9.14
CA PHE C 163 8.49 -0.03 -7.87
C PHE C 163 6.97 -0.11 -7.88
N HIS C 164 6.33 0.00 -9.06
CA HIS C 164 4.88 0.18 -9.14
C HIS C 164 4.19 -0.67 -10.22
N GLY C 165 4.87 -1.63 -10.84
CA GLY C 165 4.36 -2.35 -11.98
C GLY C 165 4.41 -1.50 -13.26
N HIS C 166 4.06 -2.15 -14.38
N HIS C 166 4.11 -2.16 -14.40
CA HIS C 166 4.14 -1.49 -15.68
CA HIS C 166 4.12 -1.48 -15.69
C HIS C 166 3.25 -0.25 -15.69
C HIS C 166 3.26 -0.24 -15.60
N SER C 167 3.88 0.91 -15.86
CA SER C 167 3.22 2.21 -15.69
C SER C 167 3.53 3.12 -16.87
N PRO C 168 3.05 2.75 -18.06
CA PRO C 168 3.42 3.56 -19.24
C PRO C 168 3.04 5.00 -19.12
N ALA C 169 1.92 5.31 -18.45
CA ALA C 169 1.48 6.70 -18.37
C ALA C 169 2.26 7.51 -17.35
N VAL C 170 3.25 6.93 -16.68
CA VAL C 170 4.02 7.68 -15.70
C VAL C 170 4.92 8.72 -16.34
N VAL C 171 5.27 8.56 -17.61
CA VAL C 171 6.15 9.49 -18.31
C VAL C 171 5.70 9.53 -19.76
N THR C 172 5.84 10.70 -20.40
CA THR C 172 5.51 10.81 -21.81
C THR C 172 6.78 11.16 -22.59
N GLY C 173 6.65 11.30 -23.90
CA GLY C 173 7.83 11.33 -24.73
C GLY C 173 8.53 10.00 -24.82
N LYS C 174 7.81 8.91 -24.57
CA LYS C 174 8.39 7.58 -24.65
C LYS C 174 8.67 7.17 -26.10
N PRO C 175 9.61 6.24 -26.31
CA PRO C 175 9.73 5.63 -27.62
C PRO C 175 8.42 4.98 -28.00
N ILE C 176 8.14 5.01 -29.31
CA ILE C 176 6.97 4.31 -29.85
C ILE C 176 6.90 2.87 -29.36
N ASP C 177 8.03 2.15 -29.39
CA ASP C 177 8.02 0.73 -29.04
C ASP C 177 7.84 0.49 -27.56
N LEU C 178 7.81 1.55 -26.77
CA LEU C 178 7.46 1.42 -25.36
C LEU C 178 6.22 2.25 -25.01
N GLY C 179 5.28 2.38 -25.94
CA GLY C 179 4.05 3.05 -25.62
C GLY C 179 4.04 4.53 -25.89
N GLY C 180 5.00 5.05 -26.62
CA GLY C 180 4.97 6.46 -26.99
C GLY C 180 3.92 6.73 -28.04
N SER C 181 3.67 8.02 -28.25
CA SER C 181 2.68 8.48 -29.21
C SER C 181 3.36 8.87 -30.51
N LEU C 182 2.79 8.41 -31.62
CA LEU C 182 3.14 9.00 -32.90
C LEU C 182 2.92 10.50 -32.80
N GLY C 183 3.80 11.25 -33.44
CA GLY C 183 3.69 12.69 -33.43
C GLY C 183 4.37 13.39 -32.26
N ARG C 184 4.70 12.67 -31.19
CA ARG C 184 5.21 13.41 -30.02
C ARG C 184 6.61 13.96 -30.26
N GLU C 185 7.45 13.26 -31.01
N GLU C 185 7.45 13.23 -31.00
CA GLU C 185 8.79 13.80 -31.22
CA GLU C 185 8.79 13.73 -31.28
C GLU C 185 8.71 15.14 -31.93
C GLU C 185 8.73 15.10 -31.94
N ALA C 186 7.83 15.26 -32.92
CA ALA C 186 7.73 16.46 -33.71
C ALA C 186 6.80 17.50 -33.11
N ALA C 187 6.08 17.17 -32.01
CA ALA C 187 4.91 17.94 -31.59
C ALA C 187 5.24 19.38 -31.25
N THR C 188 6.34 19.64 -30.52
CA THR C 188 6.59 21.00 -30.07
C THR C 188 6.90 21.89 -31.24
N GLY C 189 7.77 21.42 -32.12
CA GLY C 189 8.12 22.25 -33.28
C GLY C 189 6.95 22.43 -34.21
N LEU C 190 6.18 21.36 -34.45
CA LEU C 190 4.99 21.48 -35.28
C LEU C 190 3.96 22.40 -34.63
N GLY C 191 3.76 22.30 -33.31
CA GLY C 191 2.83 23.20 -32.64
C GLY C 191 3.27 24.65 -32.75
N VAL C 192 4.60 24.88 -32.66
CA VAL C 192 5.12 26.24 -32.83
C VAL C 192 4.67 26.79 -34.18
N VAL C 193 4.70 25.94 -35.20
CA VAL C 193 4.35 26.39 -36.55
C VAL C 193 2.84 26.57 -36.68
N PHE C 194 2.03 25.66 -36.09
CA PHE C 194 0.58 25.93 -36.03
C PHE C 194 0.30 27.26 -35.32
N ALA C 195 1.00 27.53 -34.22
CA ALA C 195 0.79 28.76 -33.47
C ALA C 195 1.17 29.97 -34.31
N THR C 196 2.26 29.84 -35.03
CA THR C 196 2.77 30.93 -35.86
C THR C 196 1.83 31.19 -37.02
N GLU C 197 1.34 30.14 -37.67
CA GLU C 197 0.38 30.33 -38.76
C GLU C 197 -0.86 31.01 -38.27
N ALA C 198 -1.32 30.66 -37.07
CA ALA C 198 -2.53 31.25 -36.53
C ALA C 198 -2.34 32.74 -36.29
N LEU C 199 -1.20 33.13 -35.69
CA LEU C 199 -0.88 34.55 -35.51
C LEU C 199 -0.82 35.28 -36.85
N PHE C 200 -0.05 34.73 -37.81
CA PHE C 200 0.19 35.44 -39.06
C PHE C 200 -1.11 35.64 -39.86
N ALA C 201 -2.07 34.72 -39.72
CA ALA C 201 -3.34 34.88 -40.43
C ALA C 201 -4.07 36.14 -40.00
N GLU C 202 -3.85 36.59 -38.77
CA GLU C 202 -4.45 37.84 -38.31
C GLU C 202 -3.96 39.02 -39.11
N TYR C 203 -2.78 38.89 -39.73
CA TYR C 203 -2.19 39.95 -40.56
C TYR C 203 -2.37 39.68 -42.03
N GLY C 204 -3.15 38.68 -42.40
CA GLY C 204 -3.28 38.27 -43.79
C GLY C 204 -2.01 37.71 -44.40
N LYS C 205 -1.14 37.14 -43.58
CA LYS C 205 0.16 36.65 -44.01
C LYS C 205 0.32 35.16 -43.74
N SER C 206 1.29 34.58 -44.44
CA SER C 206 1.61 33.18 -44.34
C SER C 206 3.08 33.03 -44.00
N ILE C 207 3.41 31.86 -43.48
CA ILE C 207 4.80 31.53 -43.24
C ILE C 207 5.65 31.73 -44.50
N SER C 208 5.08 31.44 -45.67
CA SER C 208 5.86 31.55 -46.91
C SER C 208 6.23 32.98 -47.26
N ASP C 209 5.62 33.97 -46.61
CA ASP C 209 5.96 35.37 -46.79
C ASP C 209 7.18 35.81 -46.00
N MET C 210 7.71 34.99 -45.08
CA MET C 210 8.63 35.45 -44.06
C MET C 210 9.99 34.77 -44.14
N THR C 211 11.00 35.46 -43.58
CA THR C 211 12.29 34.87 -43.23
C THR C 211 12.37 34.62 -41.74
N PHE C 212 13.11 33.57 -41.37
CA PHE C 212 13.18 33.07 -40.00
C PHE C 212 14.61 32.85 -39.54
N ALA C 213 14.89 33.22 -38.29
CA ALA C 213 16.16 32.87 -37.66
C ALA C 213 15.83 32.03 -36.43
N ILE C 214 16.58 30.93 -36.24
CA ILE C 214 16.26 29.94 -35.23
C ILE C 214 17.50 29.75 -34.34
N GLN C 215 17.33 29.93 -33.04
CA GLN C 215 18.42 29.70 -32.09
C GLN C 215 18.20 28.33 -31.44
N GLY C 216 19.09 27.41 -31.72
CA GLY C 216 19.05 26.09 -31.10
C GLY C 216 18.53 25.14 -32.16
N PHE C 217 19.02 23.90 -32.18
CA PHE C 217 18.69 22.98 -33.26
C PHE C 217 18.66 21.54 -32.72
N GLY C 218 17.86 21.37 -31.67
CA GLY C 218 17.60 20.08 -31.04
C GLY C 218 16.19 19.64 -31.32
N ASN C 219 15.53 19.02 -30.33
CA ASN C 219 14.22 18.50 -30.60
C ASN C 219 13.27 19.59 -31.10
N VAL C 220 13.34 20.78 -30.50
CA VAL C 220 12.38 21.82 -30.87
C VAL C 220 12.80 22.49 -32.17
N GLY C 221 14.07 22.92 -32.24
CA GLY C 221 14.56 23.66 -33.39
C GLY C 221 14.53 22.87 -34.70
N THR C 222 14.90 21.59 -34.67
CA THR C 222 14.88 20.81 -35.91
C THR C 222 13.48 20.70 -36.47
N TRP C 223 12.52 20.29 -35.64
CA TRP C 223 11.20 20.03 -36.18
C TRP C 223 10.49 21.34 -36.51
N ALA C 224 10.82 22.39 -35.79
CA ALA C 224 10.25 23.69 -36.15
C ALA C 224 10.79 24.13 -37.51
N ALA C 225 12.11 24.05 -37.68
CA ALA C 225 12.71 24.39 -38.96
C ALA C 225 12.13 23.55 -40.10
N LYS C 226 11.96 22.25 -39.88
CA LYS C 226 11.39 21.40 -40.91
C LYS C 226 9.98 21.83 -41.29
N ALA C 227 9.13 22.08 -40.29
CA ALA C 227 7.74 22.42 -40.57
C ALA C 227 7.63 23.78 -41.26
N ILE C 228 8.52 24.71 -40.92
CA ILE C 228 8.56 26.01 -41.60
C ILE C 228 8.98 25.85 -43.06
N PHE C 229 10.07 25.13 -43.26
CA PHE C 229 10.60 24.88 -44.60
C PHE C 229 9.54 24.25 -45.50
N GLU C 230 8.81 23.27 -44.99
CA GLU C 230 7.79 22.61 -45.79
C GLU C 230 6.61 23.52 -46.08
N ARG C 231 6.47 24.63 -45.36
CA ARG C 231 5.43 25.59 -45.65
C ARG C 231 5.95 26.76 -46.46
N GLY C 232 7.15 26.66 -47.00
CA GLY C 232 7.68 27.73 -47.82
C GLY C 232 8.37 28.85 -47.07
N GLY C 233 8.48 28.77 -45.77
CA GLY C 233 9.24 29.75 -45.03
C GLY C 233 10.73 29.68 -45.37
N LYS C 234 11.39 30.84 -45.35
CA LYS C 234 12.83 30.93 -45.64
C LYS C 234 13.58 30.98 -44.31
N VAL C 235 14.25 29.88 -43.97
CA VAL C 235 15.02 29.81 -42.75
C VAL C 235 16.41 30.32 -43.13
N VAL C 236 16.71 31.55 -42.73
CA VAL C 236 17.94 32.20 -43.17
C VAL C 236 19.09 32.09 -42.18
N ALA C 237 18.86 31.60 -40.96
CA ALA C 237 19.95 31.44 -40.02
C ALA C 237 19.53 30.42 -38.96
N VAL C 238 20.47 29.55 -38.59
CA VAL C 238 20.28 28.56 -37.54
C VAL C 238 21.56 28.47 -36.71
N SER C 239 21.41 28.42 -35.39
CA SER C 239 22.55 28.21 -34.52
C SER C 239 22.29 27.04 -33.56
N ASP C 240 23.38 26.53 -32.99
CA ASP C 240 23.29 25.67 -31.82
C ASP C 240 24.50 26.00 -30.95
N ILE C 241 24.75 25.15 -29.97
N ILE C 241 24.79 25.18 -29.94
CA ILE C 241 25.84 25.43 -29.01
CA ILE C 241 25.86 25.56 -29.02
C ILE C 241 27.18 25.61 -29.71
C ILE C 241 27.25 25.50 -29.65
N ASN C 242 27.39 24.91 -30.83
CA ASN C 242 28.72 24.79 -31.41
C ASN C 242 28.98 25.71 -32.59
N GLY C 243 27.96 26.36 -33.12
CA GLY C 243 28.16 27.22 -34.27
C GLY C 243 26.83 27.63 -34.91
N ALA C 244 26.93 28.11 -36.15
CA ALA C 244 25.75 28.68 -36.80
C ALA C 244 26.04 28.78 -38.29
N ILE C 245 24.96 28.87 -39.05
CA ILE C 245 25.03 28.85 -40.50
C ILE C 245 23.94 29.79 -41.00
N SER C 246 24.20 30.48 -42.12
CA SER C 246 23.21 31.39 -42.65
C SER C 246 23.15 31.23 -44.16
N ASN C 247 22.01 31.61 -44.71
CA ASN C 247 21.85 31.73 -46.14
C ASN C 247 20.68 32.66 -46.37
N PRO C 248 20.91 33.89 -46.84
CA PRO C 248 19.79 34.85 -46.95
C PRO C 248 18.73 34.42 -47.95
N ASN C 249 19.05 33.49 -48.86
CA ASN C 249 18.11 32.90 -49.80
C ASN C 249 17.26 31.82 -49.17
N GLY C 250 17.57 31.42 -47.93
CA GLY C 250 16.91 30.30 -47.30
C GLY C 250 17.78 29.06 -47.34
N ILE C 251 17.96 28.45 -46.19
CA ILE C 251 18.72 27.22 -46.09
C ILE C 251 17.83 26.05 -46.48
N ASP C 252 18.42 25.10 -47.18
CA ASP C 252 17.73 23.86 -47.50
C ASP C 252 17.71 23.02 -46.21
N ILE C 253 16.60 23.11 -45.48
CA ILE C 253 16.54 22.46 -44.17
C ILE C 253 16.57 20.94 -44.29
N ALA C 254 16.03 20.37 -45.37
CA ALA C 254 16.13 18.93 -45.52
C ALA C 254 17.59 18.51 -45.60
N ALA C 255 18.40 19.24 -46.38
CA ALA C 255 19.80 18.91 -46.49
C ALA C 255 20.53 19.20 -45.18
N LEU C 256 20.18 20.30 -44.51
CA LEU C 256 20.77 20.62 -43.21
C LEU C 256 20.52 19.51 -42.19
N LEU C 257 19.32 18.96 -42.17
CA LEU C 257 18.99 17.91 -41.21
C LEU C 257 19.71 16.63 -41.55
N LYS C 258 19.86 16.31 -42.84
CA LYS C 258 20.64 15.14 -43.21
C LYS C 258 22.09 15.29 -42.78
N HIS C 259 22.63 16.49 -42.95
CA HIS C 259 24.02 16.74 -42.54
C HIS C 259 24.17 16.57 -41.04
N LYS C 260 23.23 17.11 -40.28
CA LYS C 260 23.26 16.92 -38.83
C LYS C 260 23.20 15.45 -38.45
N ALA C 261 22.33 14.69 -39.12
CA ALA C 261 22.14 13.26 -38.80
C ALA C 261 23.41 12.48 -39.05
N GLY C 262 24.23 12.94 -39.99
CA GLY C 262 25.54 12.42 -40.27
C GLY C 262 26.63 12.91 -39.34
N ASN C 263 26.27 13.54 -38.22
CA ASN C 263 27.19 14.13 -37.25
C ASN C 263 27.91 15.36 -37.78
N GLY C 264 27.34 16.04 -38.77
CA GLY C 264 27.92 17.28 -39.23
C GLY C 264 27.63 18.42 -38.28
N SER C 265 28.51 19.42 -38.31
N SER C 265 28.51 19.42 -38.31
CA SER C 265 28.34 20.64 -37.55
CA SER C 265 28.33 20.65 -37.54
C SER C 265 27.73 21.71 -38.43
C SER C 265 27.74 21.73 -38.43
N LEU C 266 26.85 22.53 -37.85
CA LEU C 266 26.19 23.58 -38.61
C LEU C 266 27.18 24.44 -39.40
N LYS C 267 28.29 24.87 -38.78
CA LYS C 267 29.19 25.79 -39.47
C LYS C 267 29.79 25.17 -40.72
N ASP C 268 29.81 23.85 -40.81
CA ASP C 268 30.45 23.18 -41.94
C ASP C 268 29.47 22.85 -43.06
N PHE C 269 28.19 23.19 -42.90
CA PHE C 269 27.20 22.87 -43.93
C PHE C 269 27.52 23.59 -45.23
N SER C 270 27.55 22.84 -46.35
CA SER C 270 27.99 23.47 -47.59
C SER C 270 26.92 24.35 -48.23
N GLY C 271 25.67 24.29 -47.75
CA GLY C 271 24.55 25.04 -48.30
C GLY C 271 24.29 26.35 -47.60
N GLY C 272 25.31 26.89 -46.95
CA GLY C 272 25.19 28.18 -46.31
C GLY C 272 26.56 28.71 -45.95
N ASP C 273 26.58 29.82 -45.23
CA ASP C 273 27.82 30.45 -44.78
C ASP C 273 27.92 30.37 -43.26
N ALA C 274 29.07 29.94 -42.76
CA ALA C 274 29.31 29.93 -41.32
C ALA C 274 29.09 31.32 -40.74
N MET C 275 28.51 31.35 -39.53
CA MET C 275 28.14 32.57 -38.85
C MET C 275 28.54 32.46 -37.39
N ASN C 276 28.88 33.60 -36.79
CA ASN C 276 29.09 33.63 -35.34
C ASN C 276 27.76 33.37 -34.62
N PRO C 277 27.63 32.32 -33.80
CA PRO C 277 26.35 32.08 -33.14
C PRO C 277 25.89 33.23 -32.28
N ASN C 278 26.82 34.03 -31.75
CA ASN C 278 26.44 35.18 -30.93
C ASN C 278 25.66 36.23 -31.73
N ASP C 279 25.63 36.14 -33.05
CA ASP C 279 24.91 37.11 -33.86
C ASP C 279 23.52 36.64 -34.27
N LEU C 280 23.09 35.49 -33.79
CA LEU C 280 21.81 34.94 -34.23
C LEU C 280 20.63 35.82 -33.84
N LEU C 281 20.53 36.22 -32.56
CA LEU C 281 19.31 36.88 -32.07
C LEU C 281 19.10 38.24 -32.72
N VAL C 282 20.19 38.86 -33.17
CA VAL C 282 20.16 40.16 -33.80
C VAL C 282 20.24 40.06 -35.32
N HIS C 283 20.07 38.85 -35.88
CA HIS C 283 20.16 38.66 -37.32
C HIS C 283 18.98 39.31 -38.02
N ASP C 284 19.22 39.74 -39.28
CA ASP C 284 18.16 40.34 -40.11
C ASP C 284 17.22 39.24 -40.57
N CYS C 285 15.98 39.29 -40.09
CA CYS C 285 14.93 38.32 -40.40
C CYS C 285 13.60 38.98 -40.06
N ASP C 286 12.51 38.37 -40.55
CA ASP C 286 11.18 38.83 -40.12
C ASP C 286 10.79 38.24 -38.78
N VAL C 287 11.20 36.99 -38.54
CA VAL C 287 10.71 36.19 -37.43
C VAL C 287 11.90 35.56 -36.75
N LEU C 288 12.00 35.72 -35.43
CA LEU C 288 13.06 35.13 -34.63
C LEU C 288 12.39 34.08 -33.75
N ILE C 289 12.89 32.85 -33.79
CA ILE C 289 12.37 31.76 -32.97
C ILE C 289 13.49 31.25 -32.06
N PRO C 290 13.56 31.73 -30.80
CA PRO C 290 14.47 31.10 -29.84
C PRO C 290 13.96 29.71 -29.46
N CYS C 291 14.86 28.72 -29.61
CA CYS C 291 14.61 27.30 -29.39
C CYS C 291 15.67 26.67 -28.49
N ALA C 292 16.31 27.48 -27.65
CA ALA C 292 17.32 26.96 -26.72
C ALA C 292 17.09 27.44 -25.28
N LEU C 293 18.01 28.24 -24.71
CA LEU C 293 17.90 28.60 -23.32
C LEU C 293 16.93 29.78 -23.11
N GLY C 294 16.57 29.97 -21.85
CA GLY C 294 15.73 31.09 -21.47
C GLY C 294 16.56 32.33 -21.15
N GLY C 295 15.86 33.47 -21.06
CA GLY C 295 16.47 34.73 -20.69
C GLY C 295 17.43 35.31 -21.69
N VAL C 296 17.43 34.82 -22.94
CA VAL C 296 18.44 35.20 -23.90
C VAL C 296 18.14 36.53 -24.59
N LEU C 297 16.90 36.97 -24.52
CA LEU C 297 16.52 38.31 -24.93
C LEU C 297 16.31 39.13 -23.66
N ASN C 298 17.13 40.15 -23.49
CA ASN C 298 17.21 40.85 -22.24
C ASN C 298 17.49 42.32 -22.53
N LYS C 299 17.72 43.09 -21.46
CA LYS C 299 17.82 44.53 -21.60
C LYS C 299 19.05 44.94 -22.39
N GLU C 300 20.04 44.06 -22.51
CA GLU C 300 21.29 44.41 -23.17
C GLU C 300 21.27 44.16 -24.67
N ASN C 301 20.43 43.27 -25.18
CA ASN C 301 20.36 43.03 -26.62
C ASN C 301 19.00 43.31 -27.24
N ALA C 302 17.98 43.62 -26.45
CA ALA C 302 16.64 43.69 -27.04
C ALA C 302 16.55 44.83 -28.06
N ASN C 303 17.24 45.94 -27.81
CA ASN C 303 17.17 47.04 -28.76
C ASN C 303 17.79 46.68 -30.11
N ASP C 304 18.59 45.61 -30.19
CA ASP C 304 19.26 45.24 -31.43
C ASP C 304 18.53 44.15 -32.22
N VAL C 305 17.42 43.63 -31.70
CA VAL C 305 16.61 42.66 -32.44
C VAL C 305 16.06 43.33 -33.70
N LYS C 306 16.15 42.62 -34.84
CA LYS C 306 15.64 43.14 -36.11
C LYS C 306 14.31 42.55 -36.51
N ALA C 307 14.00 41.36 -36.00
CA ALA C 307 12.73 40.70 -36.29
C ALA C 307 11.55 41.54 -35.83
N LYS C 308 10.45 41.45 -36.60
CA LYS C 308 9.21 42.05 -36.16
C LYS C 308 8.32 41.08 -35.37
N PHE C 309 8.57 39.78 -35.47
CA PHE C 309 7.89 38.75 -34.68
C PHE C 309 8.91 37.91 -33.96
N ILE C 310 8.61 37.61 -32.70
CA ILE C 310 9.34 36.63 -31.93
C ILE C 310 8.36 35.55 -31.54
N ILE C 311 8.70 34.29 -31.86
CA ILE C 311 7.89 33.13 -31.51
C ILE C 311 8.64 32.36 -30.44
N GLU C 312 8.10 32.31 -29.22
CA GLU C 312 8.83 31.70 -28.10
C GLU C 312 8.66 30.20 -28.09
N ALA C 313 9.56 29.52 -28.78
CA ALA C 313 9.59 28.06 -28.75
C ALA C 313 10.28 27.56 -27.48
N ALA C 314 11.44 28.12 -27.18
CA ALA C 314 12.07 27.92 -25.87
C ALA C 314 11.14 28.36 -24.74
N ASN C 315 11.37 27.81 -23.55
CA ASN C 315 10.74 28.34 -22.36
C ASN C 315 11.44 29.65 -21.94
N HIS C 316 10.64 30.66 -21.62
CA HIS C 316 11.00 31.99 -21.12
C HIS C 316 12.24 32.61 -21.78
N PRO C 317 12.29 32.70 -23.12
CA PRO C 317 13.47 33.29 -23.76
C PRO C 317 13.56 34.79 -23.63
N THR C 318 12.46 35.46 -23.32
CA THR C 318 12.39 36.93 -23.28
C THR C 318 12.07 37.36 -21.86
N ASP C 319 12.89 38.22 -21.28
CA ASP C 319 12.58 38.67 -19.94
C ASP C 319 11.73 39.92 -19.99
N PRO C 320 11.20 40.35 -18.85
CA PRO C 320 10.22 41.45 -18.87
C PRO C 320 10.81 42.76 -19.30
N ASP C 321 12.11 42.99 -19.06
CA ASP C 321 12.75 44.21 -19.54
C ASP C 321 12.74 44.23 -21.06
N ALA C 322 13.07 43.09 -21.66
CA ALA C 322 13.10 42.97 -23.09
C ALA C 322 11.70 43.10 -23.68
N ASP C 323 10.69 42.52 -23.00
CA ASP C 323 9.31 42.67 -23.45
C ASP C 323 8.98 44.14 -23.68
N GLU C 324 9.33 44.99 -22.71
CA GLU C 324 8.99 46.39 -22.81
C GLU C 324 9.73 47.05 -23.95
N ILE C 325 11.03 46.77 -24.06
CA ILE C 325 11.87 47.35 -25.11
C ILE C 325 11.35 46.95 -26.48
N LEU C 326 10.97 45.67 -26.62
CA LEU C 326 10.54 45.18 -27.92
C LEU C 326 9.15 45.69 -28.28
N SER C 327 8.27 45.81 -27.28
CA SER C 327 6.97 46.45 -27.48
C SER C 327 7.13 47.84 -28.09
N LYS C 328 8.09 48.62 -27.58
CA LYS C 328 8.28 49.98 -28.08
C LYS C 328 8.90 50.00 -29.47
N LYS C 329 9.49 48.90 -29.90
CA LYS C 329 9.98 48.75 -31.27
C LYS C 329 8.92 48.22 -32.23
N GLY C 330 7.71 47.90 -31.74
CA GLY C 330 6.68 47.34 -32.61
C GLY C 330 6.82 45.86 -32.87
N VAL C 331 7.56 45.16 -32.04
CA VAL C 331 7.74 43.72 -32.16
C VAL C 331 6.59 43.02 -31.45
N ILE C 332 6.09 41.97 -32.08
CA ILE C 332 4.99 41.17 -31.56
C ILE C 332 5.60 39.85 -31.10
N ILE C 333 5.29 39.46 -29.85
CA ILE C 333 5.89 38.28 -29.23
C ILE C 333 4.81 37.26 -28.89
N LEU C 334 4.87 36.10 -29.54
CA LEU C 334 3.93 35.02 -29.26
C LEU C 334 4.49 34.20 -28.11
N PRO C 335 3.80 34.18 -26.97
CA PRO C 335 4.46 33.78 -25.74
C PRO C 335 4.62 32.26 -25.61
N ASP C 336 5.71 31.90 -24.92
CA ASP C 336 6.04 30.50 -24.65
C ASP C 336 4.86 29.68 -24.16
N VAL C 337 4.11 30.20 -23.20
CA VAL C 337 3.07 29.40 -22.56
C VAL C 337 1.95 29.07 -23.53
N TYR C 338 1.92 29.71 -24.69
CA TYR C 338 1.09 29.25 -25.79
C TYR C 338 1.91 28.54 -26.87
N ALA C 339 2.92 29.21 -27.43
CA ALA C 339 3.48 28.78 -28.70
C ALA C 339 4.16 27.41 -28.61
N ASN C 340 4.72 27.07 -27.47
CA ASN C 340 5.46 25.83 -27.34
C ASN C 340 4.66 24.74 -26.66
N ALA C 341 3.37 24.94 -26.50
CA ALA C 341 2.52 24.01 -25.75
C ALA C 341 2.12 22.79 -26.58
N GLY C 342 2.58 22.71 -27.81
CA GLY C 342 2.31 21.52 -28.60
C GLY C 342 2.91 20.27 -27.97
N GLY C 343 4.04 20.41 -27.27
CA GLY C 343 4.69 19.25 -26.68
C GLY C 343 3.86 18.68 -25.56
N VAL C 344 3.46 19.53 -24.63
CA VAL C 344 2.69 19.03 -23.51
C VAL C 344 1.29 18.60 -23.95
N THR C 345 0.75 19.24 -25.00
CA THR C 345 -0.53 18.81 -25.55
C THR C 345 -0.45 17.40 -26.11
N VAL C 346 0.58 17.10 -26.91
CA VAL C 346 0.64 15.73 -27.43
C VAL C 346 1.03 14.78 -26.32
N SER C 347 1.77 15.26 -25.31
CA SER C 347 2.00 14.41 -24.14
C SER C 347 0.69 14.03 -23.48
N TYR C 348 -0.24 14.98 -23.38
CA TYR C 348 -1.58 14.61 -22.89
C TYR C 348 -2.19 13.53 -23.76
N PHE C 349 -2.06 13.64 -25.08
CA PHE C 349 -2.61 12.60 -25.94
C PHE C 349 -1.92 11.27 -25.70
N GLU C 350 -0.61 11.28 -25.49
CA GLU C 350 0.11 10.06 -25.18
C GLU C 350 -0.43 9.41 -23.91
N TRP C 351 -0.51 10.21 -22.84
CA TRP C 351 -1.01 9.77 -21.55
C TRP C 351 -2.40 9.20 -21.69
N VAL C 352 -3.24 9.86 -22.47
CA VAL C 352 -4.59 9.34 -22.69
C VAL C 352 -4.51 7.99 -23.35
N GLN C 353 -3.71 7.88 -24.41
CA GLN C 353 -3.55 6.60 -25.12
C GLN C 353 -3.07 5.50 -24.18
N ASN C 354 -2.19 5.83 -23.24
CA ASN C 354 -1.65 4.83 -22.30
C ASN C 354 -2.69 4.40 -21.26
N ILE C 355 -3.35 5.36 -20.60
CA ILE C 355 -4.31 4.95 -19.55
C ILE C 355 -5.47 4.21 -20.19
N GLN C 356 -5.75 4.51 -21.44
CA GLN C 356 -6.82 3.85 -22.18
C GLN C 356 -6.37 2.57 -22.77
N GLY C 357 -5.06 2.34 -22.78
CA GLY C 357 -4.54 1.06 -23.21
C GLY C 357 -4.63 0.85 -24.71
N PHE C 358 -4.84 1.92 -25.47
CA PHE C 358 -5.02 1.81 -26.92
C PHE C 358 -4.47 3.07 -27.59
N MET C 359 -3.71 2.90 -28.68
CA MET C 359 -2.98 4.01 -29.30
C MET C 359 -3.72 4.59 -30.50
N TRP C 360 -3.33 5.84 -30.91
CA TRP C 360 -3.87 6.56 -32.08
C TRP C 360 -2.89 6.65 -33.22
N ASP C 361 -3.40 6.88 -34.44
CA ASP C 361 -2.52 7.13 -35.58
C ASP C 361 -2.08 8.61 -35.65
N GLU C 362 -1.09 8.90 -36.51
CA GLU C 362 -0.41 10.20 -36.41
C GLU C 362 -1.30 11.30 -36.96
N GLU C 363 -2.10 10.98 -37.97
CA GLU C 363 -3.00 11.98 -38.51
C GLU C 363 -3.97 12.46 -37.44
N LYS C 364 -4.52 11.53 -36.65
CA LYS C 364 -5.40 11.92 -35.55
C LYS C 364 -4.63 12.80 -34.56
N VAL C 365 -3.44 12.36 -34.15
CA VAL C 365 -2.64 13.16 -33.21
C VAL C 365 -2.52 14.59 -33.70
N ASN C 366 -2.11 14.76 -34.96
CA ASN C 366 -1.81 16.10 -35.43
C ASN C 366 -3.07 16.91 -35.67
N GLN C 367 -4.18 16.27 -36.04
CA GLN C 367 -5.45 16.99 -36.17
C GLN C 367 -5.90 17.53 -34.83
N GLU C 368 -5.74 16.73 -33.78
CA GLU C 368 -6.14 17.20 -32.47
C GLU C 368 -5.16 18.22 -31.94
N LEU C 369 -3.87 18.04 -32.22
CA LEU C 369 -2.91 19.08 -31.83
C LEU C 369 -3.28 20.40 -32.47
N LYS C 370 -3.60 20.38 -33.77
CA LYS C 370 -3.97 21.61 -34.44
C LYS C 370 -5.22 22.22 -33.82
N ARG C 371 -6.21 21.39 -33.54
CA ARG C 371 -7.44 21.85 -32.89
C ARG C 371 -7.12 22.52 -31.55
N TYR C 372 -6.30 21.89 -30.71
CA TYR C 372 -6.00 22.47 -29.41
C TYR C 372 -5.22 23.77 -29.54
N MET C 373 -4.31 23.84 -30.50
CA MET C 373 -3.52 25.07 -30.65
C MET C 373 -4.38 26.19 -31.21
N THR C 374 -5.30 25.87 -32.11
CA THR C 374 -6.22 26.87 -32.66
C THR C 374 -7.19 27.40 -31.59
N LYS C 375 -7.75 26.50 -30.78
CA LYS C 375 -8.68 26.95 -29.76
C LYS C 375 -7.98 27.87 -28.79
N ALA C 376 -6.77 27.50 -28.41
CA ALA C 376 -6.02 28.33 -27.48
C ALA C 376 -5.73 29.71 -28.07
N PHE C 377 -5.31 29.78 -29.35
CA PHE C 377 -5.05 31.08 -29.94
C PHE C 377 -6.31 31.93 -29.97
N ASN C 378 -7.43 31.32 -30.37
CA ASN C 378 -8.67 32.07 -30.45
C ASN C 378 -9.09 32.57 -29.07
N ASP C 379 -8.84 31.77 -28.03
CA ASP C 379 -9.18 32.19 -26.67
C ASP C 379 -8.25 33.30 -26.19
N ILE C 380 -6.96 33.23 -26.57
CA ILE C 380 -6.00 34.28 -26.25
C ILE C 380 -6.45 35.58 -26.89
N LYS C 381 -6.85 35.53 -28.17
CA LYS C 381 -7.27 36.73 -28.87
C LYS C 381 -8.44 37.40 -28.15
N ALA C 382 -9.41 36.60 -27.73
CA ALA C 382 -10.58 37.17 -27.08
C ALA C 382 -10.18 37.78 -25.75
N ASN C 383 -9.28 37.10 -25.04
CA ASN C 383 -8.80 37.58 -23.75
C ASN C 383 -8.03 38.88 -23.90
N CYS C 384 -7.22 39.01 -24.96
CA CYS C 384 -6.54 40.27 -25.24
C CYS C 384 -7.53 41.40 -25.46
N LYS C 385 -8.62 41.10 -26.16
CA LYS C 385 -9.64 42.12 -26.42
C LYS C 385 -10.33 42.50 -25.11
N THR C 386 -10.67 41.50 -24.29
CA THR C 386 -11.33 41.78 -23.01
C THR C 386 -10.48 42.68 -22.13
N HIS C 387 -9.18 42.44 -22.05
CA HIS C 387 -8.30 43.16 -21.13
C HIS C 387 -7.44 44.21 -21.80
N ASN C 388 -7.55 44.36 -23.12
CA ASN C 388 -6.71 45.29 -23.88
C ASN C 388 -5.24 45.11 -23.53
N CYS C 389 -4.77 43.88 -23.63
CA CYS C 389 -3.42 43.55 -23.20
C CYS C 389 -2.68 42.84 -24.33
N ASP C 390 -1.38 42.66 -24.11
CA ASP C 390 -0.51 42.08 -25.13
C ASP C 390 -0.72 40.56 -25.13
N LEU C 391 -0.11 39.89 -26.12
CA LEU C 391 -0.32 38.45 -26.26
C LEU C 391 0.17 37.67 -25.05
N ARG C 392 1.32 38.07 -24.50
CA ARG C 392 1.83 37.35 -23.33
C ARG C 392 0.78 37.37 -22.21
N MET C 393 0.27 38.56 -21.89
CA MET C 393 -0.72 38.68 -20.83
C MET C 393 -2.04 38.04 -21.21
N GLY C 394 -2.40 38.03 -22.50
CA GLY C 394 -3.60 37.35 -22.91
C GLY C 394 -3.55 35.86 -22.60
N ALA C 395 -2.39 35.24 -22.84
CA ALA C 395 -2.21 33.83 -22.53
C ALA C 395 -2.03 33.62 -21.02
N PHE C 396 -1.18 34.43 -20.38
CA PHE C 396 -0.88 34.24 -18.96
C PHE C 396 -2.16 34.38 -18.14
N THR C 397 -2.98 35.40 -18.41
CA THR C 397 -4.22 35.58 -17.66
C THR C 397 -5.22 34.47 -17.97
N LEU C 398 -5.25 33.98 -19.22
CA LEU C 398 -6.15 32.88 -19.56
C LEU C 398 -5.82 31.67 -18.70
N GLY C 399 -4.55 31.31 -18.60
CA GLY C 399 -4.22 30.15 -17.81
C GLY C 399 -4.33 30.40 -16.32
N LEU C 400 -3.88 31.57 -15.86
CA LEU C 400 -3.96 31.89 -14.44
C LEU C 400 -5.40 31.87 -13.95
N ASN C 401 -6.32 32.43 -14.75
CA ASN C 401 -7.72 32.45 -14.37
C ASN C 401 -8.28 31.05 -14.23
N ARG C 402 -7.89 30.16 -15.14
CA ARG C 402 -8.40 28.79 -15.06
C ARG C 402 -7.86 28.08 -13.82
N VAL C 403 -6.59 28.30 -13.51
CA VAL C 403 -6.04 27.70 -12.29
C VAL C 403 -6.68 28.29 -11.05
N ALA C 404 -6.89 29.62 -11.01
CA ALA C 404 -7.58 30.24 -9.88
C ALA C 404 -8.99 29.68 -9.69
N ARG C 405 -9.71 29.47 -10.79
N ARG C 405 -9.73 29.51 -10.78
CA ARG C 405 -11.07 28.95 -10.73
CA ARG C 405 -11.07 28.94 -10.68
C ARG C 405 -11.11 27.54 -10.12
C ARG C 405 -11.02 27.57 -10.02
N ALA C 406 -10.15 26.69 -10.50
CA ALA C 406 -10.11 25.33 -9.95
C ALA C 406 -9.71 25.37 -8.48
N THR C 407 -8.77 26.25 -8.15
CA THR C 407 -8.30 26.38 -6.78
C THR C 407 -9.42 26.81 -5.87
N LEU C 408 -10.20 27.79 -6.29
CA LEU C 408 -11.25 28.29 -5.42
C LEU C 408 -12.37 27.26 -5.25
N LEU C 409 -12.68 26.50 -6.28
CA LEU C 409 -13.67 25.44 -6.14
C LEU C 409 -13.22 24.41 -5.13
N ARG C 410 -11.94 24.05 -5.15
CA ARG C 410 -11.46 23.03 -4.24
C ARG C 410 -11.53 23.49 -2.80
N GLY C 411 -11.28 24.75 -2.54
CA GLY C 411 -11.41 25.26 -1.18
C GLY C 411 -10.18 25.02 -0.31
N TRP C 412 -10.33 25.42 0.97
CA TRP C 412 -9.18 25.70 1.82
C TRP C 412 -9.21 25.06 3.19
N GLU C 413 -10.29 24.41 3.58
CA GLU C 413 -10.32 23.80 4.90
C GLU C 413 -9.53 22.50 4.87
N ALA C 414 -9.11 22.05 6.03
CA ALA C 414 -8.18 20.91 6.10
C ALA C 414 -8.87 19.55 5.95
N ALA D 3 -33.17 -7.76 30.88
CA ALA D 3 -34.42 -7.00 30.63
C ALA D 3 -34.06 -5.75 29.84
N MET D 4 -33.54 -4.75 30.55
CA MET D 4 -33.30 -3.43 29.97
C MET D 4 -32.42 -3.53 28.72
N ASN D 5 -32.68 -2.65 27.76
CA ASN D 5 -31.82 -2.56 26.59
C ASN D 5 -30.38 -2.30 27.03
N ALA D 6 -29.44 -3.11 26.49
CA ALA D 6 -28.05 -3.08 26.96
C ALA D 6 -27.40 -1.71 26.73
N LEU D 7 -27.68 -1.09 25.58
CA LEU D 7 -27.10 0.21 25.28
C LEU D 7 -27.81 1.32 26.08
N VAL D 8 -29.12 1.23 26.25
CA VAL D 8 -29.80 2.19 27.14
C VAL D 8 -29.16 2.14 28.52
N ALA D 9 -29.01 0.93 29.05
CA ALA D 9 -28.40 0.75 30.36
C ALA D 9 -27.01 1.36 30.44
N THR D 10 -26.16 1.01 29.48
CA THR D 10 -24.78 1.45 29.56
C THR D 10 -24.70 2.96 29.37
N ASN D 11 -25.56 3.50 28.48
CA ASN D 11 -25.57 4.95 28.28
C ASN D 11 -26.05 5.69 29.52
N ARG D 12 -26.97 5.12 30.28
CA ARG D 12 -27.36 5.72 31.57
C ARG D 12 -26.16 5.80 32.52
N ASN D 13 -25.33 4.77 32.54
CA ASN D 13 -24.17 4.79 33.42
C ASN D 13 -23.18 5.83 32.95
N PHE D 14 -22.97 5.90 31.63
CA PHE D 14 -22.10 6.92 31.04
C PHE D 14 -22.57 8.32 31.43
N GLN D 15 -23.88 8.60 31.25
CA GLN D 15 -24.40 9.93 31.58
C GLN D 15 -24.22 10.24 33.06
N ARG D 16 -24.39 9.25 33.93
CA ARG D 16 -24.19 9.47 35.35
C ARG D 16 -22.72 9.81 35.67
N ALA D 17 -21.78 9.09 35.04
CA ALA D 17 -20.36 9.34 35.26
C ALA D 17 -19.95 10.68 34.68
N SER D 18 -20.49 11.01 33.50
N SER D 18 -20.51 11.02 33.52
CA SER D 18 -20.25 12.30 32.88
CA SER D 18 -20.20 12.31 32.92
C SER D 18 -20.67 13.44 33.80
C SER D 18 -20.67 13.46 33.79
N ARG D 19 -21.83 13.30 34.42
CA ARG D 19 -22.37 14.34 35.30
C ARG D 19 -21.47 14.52 36.54
N ILE D 20 -20.97 13.41 37.08
CA ILE D 20 -20.05 13.51 38.22
C ILE D 20 -18.81 14.29 37.83
N LEU D 21 -18.24 13.98 36.66
CA LEU D 21 -17.06 14.69 36.18
C LEU D 21 -17.33 16.11 35.75
N GLY D 22 -18.60 16.47 35.56
CA GLY D 22 -18.90 17.79 35.03
C GLY D 22 -18.44 17.97 33.58
N LEU D 23 -18.44 16.90 32.79
CA LEU D 23 -17.98 17.03 31.41
C LEU D 23 -18.89 17.95 30.61
N ASP D 24 -18.25 18.77 29.78
CA ASP D 24 -18.99 19.60 28.83
C ASP D 24 -19.84 18.74 27.88
N SER D 25 -21.03 19.23 27.50
CA SER D 25 -21.96 18.40 26.74
C SER D 25 -21.43 18.03 25.36
N LYS D 26 -20.59 18.87 24.77
CA LYS D 26 -20.09 18.54 23.45
C LYS D 26 -19.01 17.46 23.52
N LEU D 27 -18.17 17.51 24.55
CA LEU D 27 -17.23 16.41 24.78
C LEU D 27 -17.96 15.12 25.10
N GLU D 28 -18.98 15.21 25.96
CA GLU D 28 -19.78 14.04 26.31
C GLU D 28 -20.38 13.39 25.07
N LYS D 29 -20.99 14.19 24.19
CA LYS D 29 -21.59 13.61 22.99
C LYS D 29 -20.54 12.93 22.12
N SER D 30 -19.36 13.55 21.94
CA SER D 30 -18.33 12.90 21.12
C SER D 30 -17.92 11.58 21.71
N LEU D 31 -17.76 11.53 23.04
CA LEU D 31 -17.28 10.33 23.67
C LEU D 31 -18.30 9.22 23.62
N LEU D 32 -19.57 9.57 23.52
CA LEU D 32 -20.59 8.54 23.40
C LEU D 32 -20.54 7.90 22.03
N ILE D 33 -20.42 8.72 20.97
CA ILE D 33 -20.52 8.21 19.60
C ILE D 33 -19.30 7.36 19.26
N PRO D 34 -19.49 6.14 18.78
CA PRO D 34 -18.34 5.32 18.39
C PRO D 34 -17.61 5.90 17.20
N TYR D 35 -16.31 5.68 17.22
CA TYR D 35 -15.45 6.02 16.12
C TYR D 35 -16.00 5.45 14.82
N ARG D 36 -16.29 4.15 14.83
CA ARG D 36 -16.76 3.53 13.58
C ARG D 36 -17.53 2.26 13.93
N GLU D 37 -18.74 2.15 13.41
CA GLU D 37 -19.52 0.92 13.50
C GLU D 37 -19.52 0.23 12.15
N ILE D 38 -19.19 -1.07 12.14
CA ILE D 38 -19.16 -1.88 10.92
C ILE D 38 -20.04 -3.13 11.10
N LYS D 39 -20.98 -3.32 10.16
CA LYS D 39 -21.77 -4.56 10.01
C LYS D 39 -21.53 -5.15 8.63
N VAL D 40 -21.18 -6.43 8.58
CA VAL D 40 -20.81 -7.09 7.33
C VAL D 40 -21.57 -8.38 7.15
N GLU D 41 -21.94 -8.70 5.90
CA GLU D 41 -22.49 -10.02 5.60
C GLU D 41 -21.41 -11.05 5.77
N CYS D 42 -21.73 -12.17 6.44
CA CYS D 42 -20.86 -13.34 6.55
C CYS D 42 -21.67 -14.56 6.09
N THR D 43 -21.45 -14.97 4.85
CA THR D 43 -22.15 -16.10 4.25
C THR D 43 -21.14 -17.20 3.94
N ILE D 44 -21.46 -18.43 4.33
CA ILE D 44 -20.59 -19.58 4.06
C ILE D 44 -21.42 -20.75 3.53
N PRO D 45 -20.76 -21.67 2.86
CA PRO D 45 -21.39 -22.97 2.61
C PRO D 45 -21.27 -23.83 3.85
N LYS D 46 -22.37 -24.52 4.18
CA LYS D 46 -22.34 -25.56 5.20
C LYS D 46 -21.58 -26.77 4.65
N ASP D 47 -21.37 -27.76 5.51
CA ASP D 47 -20.66 -28.94 5.06
C ASP D 47 -21.40 -29.62 3.91
N ASP D 48 -22.71 -29.51 3.86
CA ASP D 48 -23.44 -30.14 2.77
C ASP D 48 -23.56 -29.25 1.54
N GLY D 49 -22.91 -28.09 1.57
CA GLY D 49 -22.92 -27.18 0.44
C GLY D 49 -23.99 -26.12 0.48
N SER D 50 -25.02 -26.28 1.33
CA SER D 50 -26.07 -25.28 1.40
C SER D 50 -25.56 -24.05 2.16
N LEU D 51 -26.07 -22.89 1.76
CA LEU D 51 -25.65 -21.62 2.37
C LEU D 51 -26.27 -21.38 3.71
N VAL D 52 -25.52 -20.69 4.57
CA VAL D 52 -26.08 -19.95 5.70
C VAL D 52 -25.48 -18.54 5.70
N SER D 53 -26.30 -17.55 6.09
CA SER D 53 -25.92 -16.15 6.11
C SER D 53 -26.07 -15.56 7.50
N TYR D 54 -25.05 -14.87 7.95
CA TYR D 54 -25.09 -14.17 9.22
C TYR D 54 -24.64 -12.74 9.00
N VAL D 55 -24.91 -11.89 10.01
CA VAL D 55 -24.36 -10.54 10.07
C VAL D 55 -23.29 -10.50 11.14
N GLY D 56 -22.12 -9.99 10.78
CA GLY D 56 -21.01 -9.86 11.69
C GLY D 56 -20.85 -8.38 12.01
N PHE D 57 -20.31 -8.11 13.19
CA PHE D 57 -20.12 -6.75 13.71
C PHE D 57 -18.70 -6.57 14.18
N ARG D 58 -18.14 -5.40 13.91
CA ARG D 58 -16.99 -4.90 14.66
C ARG D 58 -17.31 -3.43 14.94
N ILE D 59 -17.60 -3.14 16.20
CA ILE D 59 -17.84 -1.78 16.64
C ILE D 59 -16.54 -1.24 17.23
N GLN D 60 -16.03 -0.18 16.66
CA GLN D 60 -14.81 0.46 17.13
C GLN D 60 -15.24 1.73 17.87
N HIS D 61 -15.28 1.64 19.19
CA HIS D 61 -15.89 2.74 19.94
C HIS D 61 -14.94 3.92 20.12
N ASP D 62 -13.73 3.70 20.62
CA ASP D 62 -12.86 4.84 20.89
C ASP D 62 -11.41 4.41 20.81
N ASN D 63 -10.58 5.23 20.17
CA ASN D 63 -9.17 4.91 20.10
C ASN D 63 -8.27 6.06 20.55
N ALA D 64 -8.78 6.94 21.42
CA ALA D 64 -7.96 8.06 21.89
C ALA D 64 -6.72 7.58 22.61
N ARG D 65 -6.83 6.50 23.41
CA ARG D 65 -5.74 6.05 24.27
C ARG D 65 -4.87 4.98 23.65
N GLY D 66 -5.20 4.54 22.46
CA GLY D 66 -4.39 3.57 21.77
C GLY D 66 -5.21 2.65 20.87
N PRO D 67 -4.53 1.60 20.39
CA PRO D 67 -5.21 0.60 19.56
C PRO D 67 -6.44 0.10 20.26
N MET D 68 -7.49 -0.17 19.50
CA MET D 68 -8.72 -0.60 20.14
C MET D 68 -8.61 -2.08 20.50
N LYS D 69 -9.40 -2.47 21.48
CA LYS D 69 -9.29 -3.78 22.07
C LYS D 69 -10.64 -4.29 22.52
N GLY D 70 -10.88 -5.56 22.26
CA GLY D 70 -12.10 -6.19 22.73
C GLY D 70 -12.38 -7.47 21.98
N GLY D 71 -13.16 -8.34 22.61
CA GLY D 71 -13.35 -9.67 22.03
C GLY D 71 -14.42 -9.78 20.94
N ILE D 72 -14.57 -11.03 20.48
CA ILE D 72 -15.55 -11.41 19.45
C ILE D 72 -16.50 -12.42 20.05
N ARG D 73 -17.78 -12.11 20.06
CA ARG D 73 -18.79 -12.97 20.65
C ARG D 73 -19.53 -13.71 19.55
N TYR D 74 -19.62 -15.04 19.68
CA TYR D 74 -20.52 -15.85 18.84
C TYR D 74 -21.67 -16.29 19.73
N HIS D 75 -22.85 -15.70 19.52
CA HIS D 75 -23.95 -15.98 20.42
C HIS D 75 -25.22 -15.55 19.71
N PRO D 76 -26.31 -16.29 19.87
CA PRO D 76 -27.51 -15.98 19.08
C PRO D 76 -28.20 -14.69 19.42
N GLU D 77 -27.90 -14.05 20.55
CA GLU D 77 -28.50 -12.77 20.90
C GLU D 77 -27.62 -11.58 20.53
N VAL D 78 -26.49 -11.81 19.86
CA VAL D 78 -25.64 -10.71 19.43
C VAL D 78 -26.44 -9.83 18.49
N ASP D 79 -26.37 -8.53 18.72
CA ASP D 79 -27.07 -7.55 17.89
C ASP D 79 -26.39 -6.21 18.07
N PRO D 80 -26.76 -5.20 17.29
CA PRO D 80 -26.00 -3.95 17.32
C PRO D 80 -25.97 -3.30 18.69
N ASP D 81 -27.10 -3.29 19.41
CA ASP D 81 -27.11 -2.63 20.72
C ASP D 81 -26.14 -3.33 21.68
N GLU D 82 -26.14 -4.65 21.70
CA GLU D 82 -25.24 -5.39 22.58
C GLU D 82 -23.78 -5.10 22.23
N VAL D 83 -23.42 -5.19 20.94
CA VAL D 83 -22.02 -4.97 20.58
C VAL D 83 -21.62 -3.53 20.89
N ASN D 84 -22.51 -2.57 20.64
CA ASN D 84 -22.19 -1.20 20.98
C ASN D 84 -21.94 -1.01 22.47
N ALA D 85 -22.80 -1.58 23.32
CA ALA D 85 -22.61 -1.46 24.76
C ALA D 85 -21.28 -2.09 25.17
N LEU D 86 -21.01 -3.29 24.70
CA LEU D 86 -19.77 -3.98 25.05
C LEU D 86 -18.54 -3.19 24.60
N ALA D 87 -18.59 -2.63 23.38
CA ALA D 87 -17.45 -1.87 22.87
C ALA D 87 -17.20 -0.65 23.74
N GLN D 88 -18.27 0.05 24.12
CA GLN D 88 -18.13 1.18 25.01
C GLN D 88 -17.55 0.76 26.36
N LEU D 89 -18.01 -0.35 26.91
CA LEU D 89 -17.44 -0.80 28.17
C LEU D 89 -15.94 -1.09 28.04
N MET D 90 -15.51 -1.60 26.87
CA MET D 90 -14.08 -1.85 26.68
C MET D 90 -13.28 -0.55 26.74
N THR D 91 -13.82 0.55 26.20
CA THR D 91 -13.10 1.80 26.28
C THR D 91 -12.87 2.18 27.74
N TRP D 92 -13.90 2.06 28.58
CA TRP D 92 -13.72 2.48 29.97
C TRP D 92 -12.85 1.49 30.71
N LYS D 93 -13.00 0.19 30.43
CA LYS D 93 -12.28 -0.87 31.14
C LYS D 93 -10.77 -0.75 30.94
N THR D 94 -10.37 -0.60 29.66
CA THR D 94 -8.96 -0.46 29.32
C THR D 94 -8.38 0.74 30.04
N ALA D 95 -9.17 1.80 30.17
CA ALA D 95 -8.70 2.99 30.88
C ALA D 95 -8.66 2.77 32.38
N VAL D 96 -9.58 1.98 32.93
CA VAL D 96 -9.58 1.72 34.37
C VAL D 96 -8.26 1.08 34.79
N VAL D 97 -7.81 0.08 34.03
CA VAL D 97 -6.58 -0.61 34.39
C VAL D 97 -5.36 0.08 33.82
N ASP D 98 -5.57 1.14 33.03
CA ASP D 98 -4.49 1.97 32.54
C ASP D 98 -3.54 1.20 31.62
N ILE D 99 -4.13 0.42 30.71
CA ILE D 99 -3.38 -0.19 29.60
C ILE D 99 -3.58 0.67 28.35
N PRO D 100 -2.62 0.72 27.45
CA PRO D 100 -2.65 1.69 26.34
C PRO D 100 -3.46 1.24 25.15
N TYR D 101 -4.76 1.10 25.40
CA TYR D 101 -5.75 0.62 24.45
C TYR D 101 -7.02 1.45 24.57
N GLY D 102 -7.73 1.52 23.45
CA GLY D 102 -9.12 1.92 23.41
C GLY D 102 -10.06 0.73 23.35
N GLY D 103 -11.31 0.99 23.00
CA GLY D 103 -12.37 -0.03 23.12
C GLY D 103 -13.01 -0.39 21.79
N ALA D 104 -13.20 -1.70 21.57
CA ALA D 104 -13.97 -2.19 20.44
C ALA D 104 -14.62 -3.51 20.84
N LYS D 105 -15.50 -4.01 19.99
CA LYS D 105 -16.08 -5.34 20.23
C LYS D 105 -16.63 -5.84 18.91
N GLY D 106 -16.63 -7.15 18.71
CA GLY D 106 -17.25 -7.72 17.53
C GLY D 106 -18.10 -8.90 17.90
N GLY D 107 -18.81 -9.41 16.90
CA GLY D 107 -19.61 -10.59 17.14
C GLY D 107 -20.34 -11.04 15.89
N ILE D 108 -20.90 -12.23 16.00
CA ILE D 108 -21.76 -12.82 14.98
C ILE D 108 -22.93 -13.47 15.70
N GLY D 109 -24.15 -13.17 15.25
CA GLY D 109 -25.34 -13.72 15.84
C GLY D 109 -25.64 -15.18 15.51
N CYS D 110 -24.68 -16.05 15.70
CA CYS D 110 -24.85 -17.46 15.40
C CYS D 110 -24.88 -18.21 16.72
N ASN D 111 -25.29 -19.46 16.63
CA ASN D 111 -25.18 -20.35 17.78
C ASN D 111 -24.15 -21.41 17.45
N PRO D 112 -22.95 -21.35 18.03
CA PRO D 112 -21.92 -22.36 17.69
C PRO D 112 -22.38 -23.81 17.80
N LYS D 113 -23.34 -24.15 18.66
CA LYS D 113 -23.76 -25.54 18.76
C LYS D 113 -24.40 -26.03 17.45
N ASP D 114 -24.87 -25.16 16.59
N ASP D 114 -24.88 -25.09 16.61
CA ASP D 114 -25.49 -25.65 15.37
CA ASP D 114 -25.51 -25.36 15.32
C ASP D 114 -24.53 -25.61 14.19
C ASP D 114 -24.50 -25.79 14.25
N LEU D 115 -23.23 -25.47 14.46
CA LEU D 115 -22.22 -25.45 13.41
C LEU D 115 -21.17 -26.49 13.69
N SER D 116 -20.74 -27.19 12.65
CA SER D 116 -19.62 -28.10 12.76
C SER D 116 -18.30 -27.31 12.91
N ILE D 117 -17.24 -28.02 13.27
CA ILE D 117 -15.97 -27.32 13.49
C ILE D 117 -15.43 -26.75 12.18
N SER D 118 -15.70 -27.41 11.07
CA SER D 118 -15.27 -26.88 9.78
C SER D 118 -16.12 -25.68 9.37
N GLU D 119 -17.41 -25.71 9.69
CA GLU D 119 -18.27 -24.55 9.45
C GLU D 119 -17.85 -23.37 10.32
N LEU D 120 -17.51 -23.63 11.57
CA LEU D 120 -17.06 -22.54 12.44
C LEU D 120 -15.76 -21.92 11.90
N GLU D 121 -14.86 -22.75 11.37
CA GLU D 121 -13.64 -22.23 10.76
C GLU D 121 -13.95 -21.38 9.54
N ARG D 122 -14.78 -21.88 8.63
CA ARG D 122 -15.13 -21.07 7.46
C ARG D 122 -15.77 -19.76 7.85
N LEU D 123 -16.68 -19.79 8.83
CA LEU D 123 -17.33 -18.56 9.28
C LEU D 123 -16.32 -17.58 9.86
N THR D 124 -15.37 -18.07 10.66
CA THR D 124 -14.35 -17.20 11.25
C THR D 124 -13.47 -16.61 10.17
N ARG D 125 -13.10 -17.43 9.19
CA ARG D 125 -12.26 -16.93 8.12
C ARG D 125 -12.98 -15.92 7.25
N VAL D 126 -14.27 -16.14 6.97
CA VAL D 126 -15.02 -15.17 6.16
C VAL D 126 -15.19 -13.86 6.92
N PHE D 127 -15.53 -13.94 8.21
CA PHE D 127 -15.61 -12.74 9.03
C PHE D 127 -14.29 -11.97 8.96
N THR D 128 -13.17 -12.68 9.10
CA THR D 128 -11.86 -12.03 9.03
C THR D 128 -11.64 -11.37 7.66
N GLN D 129 -12.00 -12.06 6.57
CA GLN D 129 -11.90 -11.47 5.23
C GLN D 129 -12.70 -10.18 5.17
N LYS D 130 -13.84 -10.16 5.86
CA LYS D 130 -14.69 -8.97 5.81
C LYS D 130 -14.23 -7.83 6.71
N ILE D 131 -13.37 -8.08 7.70
CA ILE D 131 -12.93 -7.00 8.59
C ILE D 131 -11.42 -6.81 8.61
N HIS D 132 -10.66 -7.54 7.79
CA HIS D 132 -9.21 -7.47 7.95
C HIS D 132 -8.68 -6.08 7.75
N ASP D 133 -9.35 -5.29 6.91
CA ASP D 133 -8.91 -3.93 6.61
C ASP D 133 -9.23 -2.96 7.75
N LEU D 134 -9.93 -3.42 8.79
CA LEU D 134 -10.34 -2.63 9.96
C LEU D 134 -9.50 -2.87 11.17
N ILE D 135 -8.82 -4.01 11.24
CA ILE D 135 -8.12 -4.40 12.45
C ILE D 135 -6.64 -4.39 12.14
N GLY D 136 -5.83 -4.66 13.14
CA GLY D 136 -4.39 -4.56 13.00
C GLY D 136 -3.72 -4.34 14.33
N ILE D 137 -2.43 -4.68 14.36
CA ILE D 137 -1.66 -4.70 15.57
C ILE D 137 -1.77 -3.40 16.33
N HIS D 138 -1.71 -2.26 15.62
CA HIS D 138 -1.76 -0.94 16.26
C HIS D 138 -3.06 -0.22 15.98
N ARG D 139 -4.08 -0.97 15.55
N ARG D 139 -4.06 -0.95 15.45
CA ARG D 139 -5.34 -0.42 15.10
CA ARG D 139 -5.36 -0.37 15.09
C ARG D 139 -6.52 -0.93 15.92
C ARG D 139 -6.50 -0.92 15.94
N ASP D 140 -6.66 -2.25 16.00
CA ASP D 140 -7.78 -2.89 16.68
C ASP D 140 -7.46 -4.37 16.77
N VAL D 141 -7.39 -4.89 17.99
CA VAL D 141 -6.86 -6.22 18.24
C VAL D 141 -7.94 -7.06 18.90
N PRO D 142 -8.55 -8.01 18.21
CA PRO D 142 -9.62 -8.79 18.84
C PRO D 142 -9.08 -9.84 19.81
N ALA D 143 -9.99 -10.68 20.29
CA ALA D 143 -9.75 -11.62 21.40
C ALA D 143 -11.01 -12.47 21.52
N PRO D 144 -11.00 -13.50 22.35
CA PRO D 144 -12.23 -14.26 22.59
C PRO D 144 -13.23 -13.48 23.42
N ASP D 145 -14.45 -14.02 23.41
CA ASP D 145 -15.53 -13.66 24.29
C ASP D 145 -16.47 -14.87 24.30
N MET D 146 -17.72 -14.67 24.68
N MET D 146 -17.72 -14.68 24.64
CA MET D 146 -18.66 -15.79 24.74
CA MET D 146 -18.64 -15.80 24.76
C MET D 146 -18.70 -16.46 23.38
C MET D 146 -18.82 -16.48 23.41
N GLY D 147 -18.63 -17.80 23.38
CA GLY D 147 -18.76 -18.55 22.16
C GLY D 147 -17.53 -18.63 21.27
N THR D 148 -16.43 -18.00 21.64
CA THR D 148 -15.21 -18.15 20.89
C THR D 148 -14.10 -18.53 21.86
N ASN D 149 -12.96 -18.96 21.31
CA ASN D 149 -11.87 -19.51 22.13
C ASN D 149 -10.55 -19.36 21.37
N SER D 150 -9.50 -19.99 21.91
CA SER D 150 -8.17 -19.79 21.33
C SER D 150 -8.10 -20.39 19.94
N GLN D 151 -8.88 -21.42 19.65
CA GLN D 151 -8.90 -21.99 18.30
C GLN D 151 -9.54 -21.02 17.34
N THR D 152 -10.59 -20.31 17.79
CA THR D 152 -11.16 -19.26 16.94
C THR D 152 -10.09 -18.24 16.60
N MET D 153 -9.26 -17.87 17.60
CA MET D 153 -8.24 -16.84 17.39
C MET D 153 -7.15 -17.33 16.43
N ALA D 154 -6.80 -18.62 16.47
CA ALA D 154 -5.85 -19.17 15.53
C ALA D 154 -6.33 -18.96 14.09
N TRP D 155 -7.61 -19.18 13.84
CA TRP D 155 -8.14 -19.02 12.49
C TRP D 155 -8.12 -17.56 12.04
N ILE D 156 -8.49 -16.63 12.93
CA ILE D 156 -8.38 -15.20 12.60
C ILE D 156 -6.94 -14.86 12.26
N LEU D 157 -5.99 -15.29 13.08
CA LEU D 157 -4.58 -15.01 12.81
C LEU D 157 -4.17 -15.52 11.43
N ASP D 158 -4.53 -16.77 11.16
CA ASP D 158 -4.12 -17.43 9.94
C ASP D 158 -4.71 -16.73 8.73
N GLU D 159 -5.99 -16.40 8.79
CA GLU D 159 -6.61 -15.75 7.62
C GLU D 159 -6.10 -14.32 7.47
N TYR D 160 -6.08 -13.56 8.56
CA TYR D 160 -5.51 -12.22 8.53
C TYR D 160 -4.11 -12.18 7.94
N SER D 161 -3.27 -13.15 8.31
CA SER D 161 -1.89 -13.16 7.86
C SER D 161 -1.77 -13.38 6.34
N LYS D 162 -2.78 -13.98 5.68
CA LYS D 162 -2.77 -14.05 4.23
C LYS D 162 -2.76 -12.67 3.59
N PHE D 163 -3.39 -11.71 4.24
CA PHE D 163 -3.56 -10.37 3.72
C PHE D 163 -2.44 -9.43 4.17
N HIS D 164 -1.76 -9.74 5.28
CA HIS D 164 -0.84 -8.75 5.85
C HIS D 164 0.48 -9.33 6.34
N GLY D 165 0.80 -10.59 6.01
CA GLY D 165 1.95 -11.28 6.57
C GLY D 165 1.71 -11.72 8.01
N HIS D 166 2.64 -12.54 8.53
N HIS D 166 2.60 -12.59 8.50
CA HIS D 166 2.50 -13.12 9.86
CA HIS D 166 2.51 -13.05 9.86
C HIS D 166 2.38 -12.04 10.93
C HIS D 166 2.27 -11.87 10.77
N SER D 167 1.21 -11.94 11.57
CA SER D 167 0.87 -10.84 12.48
C SER D 167 0.35 -11.41 13.79
N PRO D 168 1.22 -12.06 14.59
CA PRO D 168 0.75 -12.63 15.86
C PRO D 168 0.02 -11.65 16.74
N ALA D 169 0.41 -10.37 16.78
CA ALA D 169 -0.20 -9.43 17.69
C ALA D 169 -1.52 -8.87 17.20
N VAL D 170 -2.03 -9.37 16.07
CA VAL D 170 -3.31 -8.86 15.58
C VAL D 170 -4.50 -9.36 16.43
N VAL D 171 -4.31 -10.42 17.20
CA VAL D 171 -5.37 -11.00 18.01
C VAL D 171 -4.70 -11.59 19.24
N THR D 172 -5.39 -11.56 20.37
CA THR D 172 -4.89 -12.14 21.61
C THR D 172 -5.84 -13.26 22.03
N GLY D 173 -5.47 -13.96 23.10
CA GLY D 173 -6.17 -15.21 23.38
C GLY D 173 -5.72 -16.35 22.50
N LYS D 174 -4.53 -16.25 21.90
CA LYS D 174 -4.12 -17.25 20.94
C LYS D 174 -3.69 -18.50 21.66
N PRO D 175 -3.68 -19.65 20.98
CA PRO D 175 -3.09 -20.85 21.59
C PRO D 175 -1.63 -20.60 21.94
N ILE D 176 -1.17 -21.24 23.01
CA ILE D 176 0.22 -21.04 23.42
C ILE D 176 1.16 -21.40 22.29
N ASP D 177 0.84 -22.48 21.56
CA ASP D 177 1.68 -22.91 20.46
C ASP D 177 1.65 -22.00 19.26
N LEU D 178 0.85 -20.93 19.24
CA LEU D 178 0.88 -19.99 18.14
C LEU D 178 1.06 -18.57 18.66
N GLY D 179 1.80 -18.42 19.74
CA GLY D 179 2.13 -17.09 20.23
C GLY D 179 1.25 -16.58 21.34
N GLY D 180 0.42 -17.45 21.93
CA GLY D 180 -0.37 -17.03 23.07
C GLY D 180 0.48 -16.85 24.31
N SER D 181 -0.14 -16.29 25.33
CA SER D 181 0.52 -16.02 26.60
C SER D 181 0.08 -17.04 27.63
N LEU D 182 1.03 -17.56 28.37
CA LEU D 182 0.66 -18.27 29.57
C LEU D 182 -0.18 -17.34 30.44
N GLY D 183 -1.11 -17.92 31.17
CA GLY D 183 -1.97 -17.15 32.03
C GLY D 183 -3.17 -16.52 31.36
N ARG D 184 -3.21 -16.42 30.01
CA ARG D 184 -4.34 -15.72 29.41
C ARG D 184 -5.65 -16.49 29.56
N GLU D 185 -5.62 -17.82 29.42
CA GLU D 185 -6.87 -18.56 29.56
C GLU D 185 -7.52 -18.33 30.92
N ALA D 186 -6.72 -18.32 31.99
CA ALA D 186 -7.20 -18.19 33.36
C ALA D 186 -7.34 -16.75 33.80
N ALA D 187 -6.95 -15.79 32.95
CA ALA D 187 -6.70 -14.44 33.41
C ALA D 187 -7.97 -13.75 33.93
N THR D 188 -9.10 -13.91 33.23
CA THR D 188 -10.27 -13.17 33.66
C THR D 188 -10.74 -13.66 35.02
N GLY D 189 -10.83 -14.96 35.18
CA GLY D 189 -11.23 -15.51 36.46
C GLY D 189 -10.25 -15.18 37.59
N LEU D 190 -8.94 -15.23 37.29
CA LEU D 190 -7.97 -14.90 38.33
C LEU D 190 -8.03 -13.41 38.68
N GLY D 191 -8.21 -12.56 37.68
CA GLY D 191 -8.35 -11.14 37.97
C GLY D 191 -9.59 -10.88 38.79
N VAL D 192 -10.68 -11.59 38.51
CA VAL D 192 -11.89 -11.45 39.31
C VAL D 192 -11.57 -11.71 40.77
N VAL D 193 -10.77 -12.72 41.03
CA VAL D 193 -10.43 -13.08 42.40
C VAL D 193 -9.48 -12.04 43.01
N PHE D 194 -8.51 -11.55 42.25
CA PHE D 194 -7.67 -10.46 42.74
C PHE D 194 -8.53 -9.26 43.13
N ALA D 195 -9.48 -8.89 42.26
CA ALA D 195 -10.34 -7.75 42.54
C ALA D 195 -11.17 -7.97 43.79
N THR D 196 -11.70 -9.17 43.93
CA THR D 196 -12.54 -9.53 45.07
C THR D 196 -11.76 -9.52 46.37
N GLU D 197 -10.55 -10.09 46.35
CA GLU D 197 -9.67 -10.07 47.51
C GLU D 197 -9.37 -8.65 47.96
N ALA D 198 -9.15 -7.75 47.00
CA ALA D 198 -8.85 -6.36 47.32
C ALA D 198 -10.07 -5.69 47.94
N LEU D 199 -11.24 -5.91 47.36
CA LEU D 199 -12.46 -5.36 47.94
C LEU D 199 -12.67 -5.88 49.36
N PHE D 200 -12.58 -7.18 49.54
CA PHE D 200 -12.94 -7.70 50.85
C PHE D 200 -11.96 -7.23 51.91
N ALA D 201 -10.71 -6.98 51.52
CA ALA D 201 -9.72 -6.49 52.48
C ALA D 201 -10.13 -5.16 53.10
N GLU D 202 -10.94 -4.35 52.39
CA GLU D 202 -11.39 -3.08 52.96
C GLU D 202 -12.33 -3.30 54.16
N TYR D 203 -12.88 -4.49 54.31
CA TYR D 203 -13.74 -4.85 55.43
C TYR D 203 -13.01 -5.70 56.46
N GLY D 204 -11.71 -5.93 56.29
CA GLY D 204 -11.01 -6.92 57.09
C GLY D 204 -11.50 -8.34 56.85
N LYS D 205 -12.00 -8.64 55.66
CA LYS D 205 -12.48 -9.98 55.34
C LYS D 205 -11.69 -10.56 54.18
N SER D 206 -11.90 -11.86 53.95
CA SER D 206 -11.24 -12.56 52.87
C SER D 206 -12.23 -13.46 52.15
N ILE D 207 -11.82 -13.88 50.95
CA ILE D 207 -12.58 -14.84 50.15
C ILE D 207 -12.99 -16.02 51.01
N SER D 208 -12.07 -16.51 51.86
CA SER D 208 -12.32 -17.69 52.67
C SER D 208 -13.40 -17.49 53.73
N ASP D 209 -13.86 -16.26 53.97
CA ASP D 209 -14.92 -16.00 54.92
C ASP D 209 -16.31 -16.16 54.32
N MET D 210 -16.42 -16.30 53.00
CA MET D 210 -17.67 -16.11 52.28
C MET D 210 -18.14 -17.37 51.55
N THR D 211 -19.46 -17.41 51.30
CA THR D 211 -20.05 -18.32 50.35
C THR D 211 -20.35 -17.60 49.04
N PHE D 212 -20.34 -18.36 47.96
CA PHE D 212 -20.38 -17.83 46.62
C PHE D 212 -21.39 -18.56 45.75
N ALA D 213 -22.11 -17.81 44.93
CA ALA D 213 -22.92 -18.39 43.86
C ALA D 213 -22.42 -17.84 42.53
N ILE D 214 -22.27 -18.73 41.54
CA ILE D 214 -21.67 -18.39 40.24
C ILE D 214 -22.67 -18.71 39.11
N GLN D 215 -23.00 -17.71 38.26
CA GLN D 215 -23.87 -17.94 37.10
C GLN D 215 -22.98 -17.98 35.87
N GLY D 216 -22.90 -19.14 35.25
CA GLY D 216 -22.08 -19.32 34.06
C GLY D 216 -20.88 -20.14 34.45
N PHE D 217 -20.49 -21.07 33.58
CA PHE D 217 -19.38 -21.96 33.89
C PHE D 217 -18.57 -22.25 32.63
N GLY D 218 -18.17 -21.19 31.95
CA GLY D 218 -17.30 -21.25 30.79
C GLY D 218 -15.92 -20.72 31.09
N ASN D 219 -15.33 -19.97 30.16
CA ASN D 219 -13.96 -19.52 30.37
C ASN D 219 -13.84 -18.68 31.62
N VAL D 220 -14.78 -17.77 31.85
CA VAL D 220 -14.74 -16.94 33.05
C VAL D 220 -15.18 -17.74 34.28
N GLY D 221 -16.30 -18.44 34.20
CA GLY D 221 -16.89 -19.02 35.42
C GLY D 221 -16.03 -20.14 36.00
N THR D 222 -15.44 -20.96 35.13
CA THR D 222 -14.64 -22.08 35.62
C THR D 222 -13.38 -21.57 36.32
N TRP D 223 -12.68 -20.62 35.70
CA TRP D 223 -11.43 -20.14 36.31
C TRP D 223 -11.71 -19.26 37.51
N ALA D 224 -12.83 -18.50 37.51
CA ALA D 224 -13.20 -17.79 38.73
C ALA D 224 -13.50 -18.77 39.85
N ALA D 225 -14.28 -19.83 39.55
CA ALA D 225 -14.61 -20.80 40.58
C ALA D 225 -13.36 -21.45 41.15
N LYS D 226 -12.44 -21.84 40.26
CA LYS D 226 -11.23 -22.52 40.69
C LYS D 226 -10.37 -21.60 41.56
N ALA D 227 -10.29 -20.32 41.21
CA ALA D 227 -9.41 -19.44 41.98
C ALA D 227 -10.03 -19.09 43.33
N ILE D 228 -11.36 -18.98 43.40
CA ILE D 228 -12.05 -18.81 44.68
C ILE D 228 -11.88 -20.03 45.54
N PHE D 229 -12.08 -21.21 44.95
CA PHE D 229 -11.98 -22.46 45.68
C PHE D 229 -10.60 -22.61 46.30
N GLU D 230 -9.57 -22.33 45.51
CA GLU D 230 -8.19 -22.44 45.96
C GLU D 230 -7.80 -21.35 46.94
N ARG D 231 -8.68 -20.39 47.23
CA ARG D 231 -8.47 -19.40 48.26
C ARG D 231 -9.41 -19.61 49.44
N GLY D 232 -9.98 -20.81 49.55
CA GLY D 232 -10.81 -21.18 50.67
C GLY D 232 -12.24 -20.72 50.59
N GLY D 233 -12.64 -20.10 49.49
CA GLY D 233 -14.02 -19.70 49.33
C GLY D 233 -14.92 -20.91 49.21
N LYS D 234 -16.13 -20.76 49.74
CA LYS D 234 -17.12 -21.83 49.76
C LYS D 234 -18.12 -21.55 48.65
N VAL D 235 -18.01 -22.30 47.56
CA VAL D 235 -18.86 -22.10 46.39
C VAL D 235 -20.10 -22.96 46.59
N VAL D 236 -21.24 -22.32 46.91
CA VAL D 236 -22.43 -23.08 47.26
C VAL D 236 -23.38 -23.32 46.08
N ALA D 237 -23.18 -22.62 44.95
CA ALA D 237 -24.05 -22.84 43.80
C ALA D 237 -23.36 -22.40 42.52
N VAL D 238 -23.61 -23.15 41.44
CA VAL D 238 -23.04 -22.89 40.11
C VAL D 238 -24.08 -23.26 39.09
N SER D 239 -24.24 -22.43 38.08
CA SER D 239 -25.19 -22.73 37.01
C SER D 239 -24.52 -22.51 35.66
N ASP D 240 -25.14 -23.11 34.65
CA ASP D 240 -24.82 -22.74 33.27
C ASP D 240 -26.11 -22.85 32.47
N ILE D 241 -25.98 -22.84 31.14
CA ILE D 241 -27.16 -22.76 30.29
C ILE D 241 -28.04 -24.00 30.43
N ASN D 242 -27.49 -25.10 30.93
CA ASN D 242 -28.20 -26.36 30.93
C ASN D 242 -28.72 -26.81 32.29
N GLY D 243 -28.27 -26.24 33.39
CA GLY D 243 -28.74 -26.63 34.70
C GLY D 243 -27.87 -26.00 35.77
N ALA D 244 -27.99 -26.50 37.00
CA ALA D 244 -27.24 -25.89 38.10
C ALA D 244 -27.16 -26.89 39.25
N ILE D 245 -26.27 -26.57 40.19
CA ILE D 245 -25.89 -27.47 41.27
C ILE D 245 -25.68 -26.63 42.53
N SER D 246 -26.10 -27.14 43.68
CA SER D 246 -25.87 -26.40 44.90
C SER D 246 -25.41 -27.36 45.97
N ASN D 247 -24.65 -26.83 46.93
CA ASN D 247 -24.25 -27.55 48.13
C ASN D 247 -23.98 -26.50 49.21
N PRO D 248 -24.89 -26.35 50.19
CA PRO D 248 -24.66 -25.33 51.21
C PRO D 248 -23.38 -25.52 51.98
N ASN D 249 -22.83 -26.73 52.00
CA ASN D 249 -21.56 -26.97 52.66
C ASN D 249 -20.37 -26.62 51.77
N GLY D 250 -20.61 -26.25 50.52
CA GLY D 250 -19.52 -25.96 49.62
C GLY D 250 -19.35 -27.08 48.61
N ILE D 251 -19.24 -26.69 47.35
CA ILE D 251 -19.03 -27.62 46.24
C ILE D 251 -17.53 -27.83 46.05
N ASP D 252 -17.15 -29.08 45.90
CA ASP D 252 -15.77 -29.41 45.55
C ASP D 252 -15.49 -28.99 44.12
N ILE D 253 -14.96 -27.78 43.92
CA ILE D 253 -14.81 -27.26 42.54
C ILE D 253 -13.77 -28.05 41.75
N ALA D 254 -12.71 -28.54 42.40
CA ALA D 254 -11.77 -29.36 41.64
C ALA D 254 -12.49 -30.57 41.07
N ALA D 255 -13.38 -31.19 41.85
CA ALA D 255 -14.08 -32.38 41.36
C ALA D 255 -15.09 -31.98 40.30
N LEU D 256 -15.75 -30.84 40.51
CA LEU D 256 -16.71 -30.36 39.53
C LEU D 256 -16.05 -30.08 38.18
N LEU D 257 -14.84 -29.52 38.19
CA LEU D 257 -14.11 -29.25 36.95
C LEU D 257 -13.66 -30.52 36.24
N LYS D 258 -13.27 -31.54 36.97
CA LYS D 258 -13.00 -32.84 36.33
C LYS D 258 -14.27 -33.43 35.73
N HIS D 259 -15.38 -33.38 36.47
CA HIS D 259 -16.67 -33.85 35.95
C HIS D 259 -17.01 -33.17 34.62
N LYS D 260 -16.96 -31.84 34.60
CA LYS D 260 -17.23 -31.09 33.37
C LYS D 260 -16.28 -31.50 32.25
N ALA D 261 -15.00 -31.64 32.56
CA ALA D 261 -14.03 -32.07 31.55
C ALA D 261 -14.38 -33.45 31.02
N GLY D 262 -15.11 -34.25 31.79
CA GLY D 262 -15.54 -35.55 31.34
C GLY D 262 -16.86 -35.50 30.61
N ASN D 263 -17.29 -34.31 30.18
CA ASN D 263 -18.57 -34.10 29.51
C ASN D 263 -19.76 -34.23 30.46
N GLY D 264 -19.54 -34.13 31.74
CA GLY D 264 -20.64 -34.14 32.66
C GLY D 264 -21.36 -32.80 32.70
N SER D 265 -22.61 -32.85 33.13
CA SER D 265 -23.40 -31.65 33.35
C SER D 265 -23.49 -31.36 34.85
N LEU D 266 -23.55 -30.08 35.19
CA LEU D 266 -23.67 -29.64 36.58
C LEU D 266 -24.79 -30.40 37.32
N LYS D 267 -25.89 -30.66 36.64
CA LYS D 267 -27.04 -31.32 37.26
C LYS D 267 -26.69 -32.71 37.79
N ASP D 268 -25.78 -33.41 37.09
CA ASP D 268 -25.40 -34.78 37.44
C ASP D 268 -24.35 -34.85 38.54
N PHE D 269 -23.64 -33.75 38.81
CA PHE D 269 -22.50 -33.82 39.73
C PHE D 269 -22.95 -34.40 41.06
N SER D 270 -22.27 -35.46 41.49
CA SER D 270 -22.68 -36.15 42.72
C SER D 270 -22.29 -35.37 43.98
N GLY D 271 -21.37 -34.40 43.85
CA GLY D 271 -20.96 -33.59 44.99
C GLY D 271 -21.93 -32.47 45.34
N GLY D 272 -23.09 -32.43 44.69
CA GLY D 272 -24.08 -31.40 44.93
C GLY D 272 -25.48 -31.95 44.71
N ASP D 273 -26.47 -31.10 44.96
CA ASP D 273 -27.87 -31.37 44.63
C ASP D 273 -28.26 -30.53 43.42
N ALA D 274 -28.97 -31.14 42.48
CA ALA D 274 -29.42 -30.42 41.31
C ALA D 274 -30.33 -29.27 41.71
N MET D 275 -30.36 -28.24 40.88
CA MET D 275 -30.99 -26.98 41.26
C MET D 275 -31.50 -26.28 40.02
N ASN D 276 -32.69 -25.68 40.12
CA ASN D 276 -33.21 -24.87 39.03
C ASN D 276 -32.29 -23.66 38.76
N PRO D 277 -31.72 -23.51 37.54
CA PRO D 277 -30.77 -22.40 37.32
C PRO D 277 -31.45 -21.05 37.39
N ASN D 278 -32.78 -21.02 37.27
CA ASN D 278 -33.49 -19.76 37.35
C ASN D 278 -33.44 -19.19 38.75
N ASP D 279 -33.11 -20.01 39.75
CA ASP D 279 -32.90 -19.58 41.13
C ASP D 279 -31.42 -19.28 41.48
N LEU D 280 -30.53 -19.20 40.51
CA LEU D 280 -29.13 -18.94 40.86
C LEU D 280 -28.98 -17.54 41.44
N LEU D 281 -29.50 -16.52 40.76
CA LEU D 281 -29.23 -15.16 41.19
C LEU D 281 -29.85 -14.84 42.55
N VAL D 282 -30.89 -15.54 42.98
CA VAL D 282 -31.51 -15.25 44.27
C VAL D 282 -31.05 -16.22 45.35
N HIS D 283 -30.02 -17.00 45.07
CA HIS D 283 -29.54 -17.99 46.01
C HIS D 283 -29.04 -17.34 47.30
N ASP D 284 -29.18 -18.08 48.39
CA ASP D 284 -28.66 -17.68 49.70
C ASP D 284 -27.14 -17.85 49.68
N CYS D 285 -26.43 -16.74 49.50
CA CYS D 285 -24.96 -16.71 49.51
C CYS D 285 -24.52 -15.34 50.04
N ASP D 286 -23.21 -15.24 50.36
CA ASP D 286 -22.66 -13.91 50.65
C ASP D 286 -22.35 -13.14 49.37
N VAL D 287 -21.90 -13.86 48.34
CA VAL D 287 -21.34 -13.24 47.15
C VAL D 287 -21.94 -13.89 45.91
N LEU D 288 -22.45 -13.06 45.01
CA LEU D 288 -22.98 -13.50 43.74
C LEU D 288 -22.02 -13.02 42.66
N ILE D 289 -21.62 -13.95 41.79
CA ILE D 289 -20.69 -13.62 40.70
C ILE D 289 -21.32 -14.02 39.37
N PRO D 290 -22.02 -13.10 38.70
CA PRO D 290 -22.51 -13.38 37.34
C PRO D 290 -21.34 -13.49 36.37
N CYS D 291 -21.30 -14.61 35.65
CA CYS D 291 -20.27 -14.96 34.68
C CYS D 291 -20.86 -15.38 33.33
N ALA D 292 -22.09 -14.97 33.02
CA ALA D 292 -22.68 -15.33 31.74
C ALA D 292 -23.16 -14.09 30.99
N LEU D 293 -24.47 -13.89 30.89
CA LEU D 293 -24.98 -12.81 30.05
C LEU D 293 -25.13 -11.52 30.85
N GLY D 294 -25.26 -10.41 30.11
CA GLY D 294 -25.56 -9.14 30.73
C GLY D 294 -27.05 -8.97 31.03
N GLY D 295 -27.32 -7.92 31.81
CA GLY D 295 -28.66 -7.48 32.12
C GLY D 295 -29.48 -8.45 32.95
N VAL D 296 -28.84 -9.43 33.58
CA VAL D 296 -29.58 -10.45 34.31
C VAL D 296 -30.05 -9.98 35.68
N LEU D 297 -29.53 -8.87 36.18
CA LEU D 297 -30.01 -8.26 37.42
C LEU D 297 -30.67 -6.95 37.04
N ASN D 298 -31.97 -6.85 37.30
CA ASN D 298 -32.80 -5.81 36.70
C ASN D 298 -33.89 -5.47 37.71
N LYS D 299 -34.88 -4.67 37.28
CA LYS D 299 -35.92 -4.26 38.24
C LYS D 299 -36.77 -5.42 38.73
N GLU D 300 -36.86 -6.50 37.96
CA GLU D 300 -37.75 -7.61 38.29
C GLU D 300 -37.25 -8.44 39.46
N ASN D 301 -35.91 -8.60 39.61
CA ASN D 301 -35.36 -9.53 40.58
C ASN D 301 -34.39 -8.93 41.59
N ALA D 302 -34.00 -7.67 41.45
CA ALA D 302 -33.00 -7.13 42.36
C ALA D 302 -33.48 -7.15 43.81
N ASN D 303 -34.80 -7.00 44.04
CA ASN D 303 -35.32 -7.05 45.40
C ASN D 303 -35.12 -8.42 46.03
N ASP D 304 -34.94 -9.46 45.21
CA ASP D 304 -34.88 -10.82 45.69
C ASP D 304 -33.46 -11.32 45.88
N VAL D 305 -32.47 -10.55 45.46
CA VAL D 305 -31.07 -10.92 45.69
C VAL D 305 -30.82 -10.97 47.18
N LYS D 306 -30.17 -12.04 47.62
CA LYS D 306 -29.79 -12.24 49.01
C LYS D 306 -28.32 -11.92 49.30
N ALA D 307 -27.48 -11.99 48.28
CA ALA D 307 -26.06 -11.72 48.44
C ALA D 307 -25.86 -10.31 48.96
N LYS D 308 -24.76 -10.11 49.68
CA LYS D 308 -24.43 -8.77 50.09
C LYS D 308 -23.36 -8.15 49.21
N PHE D 309 -22.68 -8.96 48.40
CA PHE D 309 -21.71 -8.52 47.41
C PHE D 309 -22.04 -9.13 46.06
N ILE D 310 -21.92 -8.32 45.00
CA ILE D 310 -21.99 -8.79 43.63
C ILE D 310 -20.67 -8.41 42.99
N ILE D 311 -19.99 -9.40 42.43
CA ILE D 311 -18.75 -9.19 41.68
C ILE D 311 -19.06 -9.41 40.21
N GLU D 312 -18.88 -8.36 39.39
CA GLU D 312 -19.32 -8.41 37.98
C GLU D 312 -18.22 -8.99 37.11
N ALA D 313 -18.27 -10.31 36.91
CA ALA D 313 -17.31 -10.98 36.03
C ALA D 313 -17.82 -10.90 34.58
N ALA D 314 -19.10 -11.22 34.38
CA ALA D 314 -19.77 -10.93 33.14
C ALA D 314 -19.66 -9.45 32.82
N ASN D 315 -19.79 -9.13 31.54
CA ASN D 315 -19.97 -7.74 31.16
C ASN D 315 -21.41 -7.33 31.42
N HIS D 316 -21.57 -6.13 31.99
CA HIS D 316 -22.84 -5.48 32.37
C HIS D 316 -23.95 -6.41 32.87
N PRO D 317 -23.69 -7.21 33.90
CA PRO D 317 -24.75 -8.06 34.45
C PRO D 317 -25.86 -7.31 35.20
N THR D 318 -25.62 -6.07 35.64
CA THR D 318 -26.55 -5.34 36.47
C THR D 318 -26.95 -4.04 35.81
N ASP D 319 -28.26 -3.82 35.67
CA ASP D 319 -28.71 -2.58 35.05
C ASP D 319 -28.91 -1.51 36.09
N PRO D 320 -29.10 -0.27 35.65
CA PRO D 320 -29.14 0.85 36.60
C PRO D 320 -30.34 0.84 37.51
N ASP D 321 -31.50 0.31 37.09
CA ASP D 321 -32.59 0.08 38.02
C ASP D 321 -32.16 -0.82 39.17
N ALA D 322 -31.48 -1.91 38.85
CA ALA D 322 -31.05 -2.80 39.93
C ALA D 322 -29.94 -2.18 40.76
N ASP D 323 -29.03 -1.43 40.15
CA ASP D 323 -28.05 -0.71 40.97
C ASP D 323 -28.75 0.05 42.10
N GLU D 324 -29.85 0.77 41.79
CA GLU D 324 -30.51 1.59 42.81
C GLU D 324 -31.18 0.74 43.86
N ILE D 325 -31.87 -0.32 43.42
CA ILE D 325 -32.52 -1.23 44.36
C ILE D 325 -31.51 -1.86 45.29
N LEU D 326 -30.42 -2.37 44.71
CA LEU D 326 -29.42 -3.07 45.50
C LEU D 326 -28.73 -2.12 46.46
N SER D 327 -28.44 -0.90 46.02
CA SER D 327 -27.87 0.09 46.92
C SER D 327 -28.74 0.27 48.16
N LYS D 328 -30.07 0.33 47.94
CA LYS D 328 -31.01 0.53 49.04
C LYS D 328 -31.01 -0.66 49.99
N LYS D 329 -30.71 -1.85 49.50
CA LYS D 329 -30.62 -3.06 50.30
C LYS D 329 -29.23 -3.27 50.93
N GLY D 330 -28.30 -2.33 50.75
CA GLY D 330 -27.01 -2.45 51.40
C GLY D 330 -26.03 -3.30 50.63
N VAL D 331 -26.29 -3.56 49.39
CA VAL D 331 -25.48 -4.48 48.60
C VAL D 331 -24.38 -3.68 47.95
N ILE D 332 -23.16 -4.23 47.92
CA ILE D 332 -22.00 -3.60 47.29
C ILE D 332 -21.72 -4.34 46.00
N ILE D 333 -21.53 -3.59 44.91
CA ILE D 333 -21.35 -4.16 43.58
C ILE D 333 -20.01 -3.73 43.02
N LEU D 334 -19.13 -4.69 42.78
CA LEU D 334 -17.82 -4.41 42.21
C LEU D 334 -17.96 -4.43 40.69
N PRO D 335 -17.69 -3.34 39.99
CA PRO D 335 -18.15 -3.18 38.62
C PRO D 335 -17.33 -3.93 37.59
N ASP D 336 -18.05 -4.39 36.56
CA ASP D 336 -17.46 -5.12 35.44
C ASP D 336 -16.19 -4.46 34.90
N VAL D 337 -16.22 -3.14 34.68
CA VAL D 337 -15.09 -2.45 34.05
C VAL D 337 -13.83 -2.49 34.91
N TYR D 338 -13.95 -2.89 36.17
CA TYR D 338 -12.79 -3.20 36.99
C TYR D 338 -12.64 -4.70 37.15
N ALA D 339 -13.68 -5.36 37.70
CA ALA D 339 -13.50 -6.73 38.17
C ALA D 339 -13.12 -7.72 37.08
N ASN D 340 -13.57 -7.53 35.84
CA ASN D 340 -13.32 -8.52 34.81
C ASN D 340 -12.20 -8.12 33.88
N ALA D 341 -11.47 -7.05 34.20
CA ALA D 341 -10.43 -6.51 33.31
C ALA D 341 -9.14 -7.33 33.29
N GLY D 342 -9.06 -8.41 34.09
CA GLY D 342 -7.90 -9.28 34.01
C GLY D 342 -7.69 -9.88 32.63
N GLY D 343 -8.77 -10.19 31.91
CA GLY D 343 -8.60 -10.75 30.58
C GLY D 343 -7.92 -9.78 29.63
N VAL D 344 -8.43 -8.55 29.56
CA VAL D 344 -7.85 -7.59 28.61
C VAL D 344 -6.47 -7.14 29.06
N THR D 345 -6.20 -7.15 30.37
CA THR D 345 -4.88 -6.82 30.88
C THR D 345 -3.85 -7.86 30.45
N VAL D 346 -4.19 -9.15 30.58
CA VAL D 346 -3.24 -10.18 30.16
C VAL D 346 -3.19 -10.25 28.64
N SER D 347 -4.28 -9.86 27.96
CA SER D 347 -4.19 -9.66 26.51
C SER D 347 -3.17 -8.59 26.16
N TYR D 348 -3.14 -7.50 26.91
CA TYR D 348 -2.10 -6.51 26.70
C TYR D 348 -0.71 -7.15 26.87
N PHE D 349 -0.53 -7.93 27.94
CA PHE D 349 0.74 -8.61 28.11
C PHE D 349 1.06 -9.53 26.93
N GLU D 350 0.05 -10.22 26.41
CA GLU D 350 0.26 -11.11 25.27
C GLU D 350 0.76 -10.35 24.06
N TRP D 351 0.12 -9.21 23.82
CA TRP D 351 0.49 -8.31 22.72
C TRP D 351 1.92 -7.81 22.88
N VAL D 352 2.28 -7.39 24.08
CA VAL D 352 3.64 -6.98 24.37
C VAL D 352 4.62 -8.13 24.10
N GLN D 353 4.32 -9.33 24.63
CA GLN D 353 5.20 -10.46 24.38
C GLN D 353 5.39 -10.72 22.88
N ASN D 354 4.31 -10.63 22.10
CA ASN D 354 4.40 -10.87 20.67
C ASN D 354 5.32 -9.84 20.02
N ILE D 355 5.16 -8.57 20.39
CA ILE D 355 6.07 -7.52 19.90
C ILE D 355 7.49 -7.77 20.37
N GLN D 356 7.66 -8.15 21.64
CA GLN D 356 9.00 -8.39 22.16
C GLN D 356 9.68 -9.59 21.49
N GLY D 357 8.90 -10.61 21.09
CA GLY D 357 9.43 -11.83 20.52
C GLY D 357 9.78 -12.91 21.51
N PHE D 358 9.45 -12.75 22.77
CA PHE D 358 9.72 -13.75 23.78
C PHE D 358 8.56 -13.78 24.76
N MET D 359 8.36 -14.95 25.33
CA MET D 359 7.19 -15.23 26.13
C MET D 359 7.57 -15.30 27.60
N TRP D 360 6.76 -14.66 28.42
CA TRP D 360 6.94 -14.60 29.86
C TRP D 360 6.50 -15.91 30.48
N ASP D 361 7.10 -16.21 31.63
CA ASP D 361 6.58 -17.31 32.40
C ASP D 361 5.29 -16.91 33.11
N GLU D 362 4.57 -17.93 33.55
CA GLU D 362 3.22 -17.72 34.01
C GLU D 362 3.21 -16.87 35.27
N GLU D 363 4.18 -17.07 36.16
CA GLU D 363 4.22 -16.30 37.39
C GLU D 363 4.43 -14.81 37.09
N LYS D 364 5.28 -14.51 36.09
CA LYS D 364 5.50 -13.12 35.73
C LYS D 364 4.21 -12.48 35.26
N VAL D 365 3.47 -13.20 34.42
CA VAL D 365 2.17 -12.72 33.95
C VAL D 365 1.24 -12.43 35.12
N ASN D 366 1.12 -13.39 36.03
CA ASN D 366 0.12 -13.29 37.08
C ASN D 366 0.51 -12.26 38.12
N GLN D 367 1.81 -12.17 38.42
CA GLN D 367 2.24 -11.14 39.37
C GLN D 367 2.04 -9.76 38.78
N GLU D 368 2.26 -9.61 37.48
CA GLU D 368 2.02 -8.31 36.88
C GLU D 368 0.53 -8.02 36.80
N LEU D 369 -0.28 -9.03 36.52
CA LEU D 369 -1.72 -8.85 36.57
C LEU D 369 -2.16 -8.37 37.94
N LYS D 370 -1.62 -8.98 38.99
CA LYS D 370 -2.00 -8.59 40.34
C LYS D 370 -1.65 -7.13 40.60
N ARG D 371 -0.48 -6.70 40.13
CA ARG D 371 -0.07 -5.30 40.29
C ARG D 371 -1.02 -4.36 39.58
N TYR D 372 -1.43 -4.71 38.36
CA TYR D 372 -2.41 -3.88 37.66
C TYR D 372 -3.74 -3.84 38.41
N MET D 373 -4.21 -4.98 38.91
CA MET D 373 -5.51 -4.99 39.55
C MET D 373 -5.48 -4.27 40.88
N THR D 374 -4.34 -4.32 41.58
CA THR D 374 -4.22 -3.64 42.87
C THR D 374 -4.17 -2.13 42.68
N LYS D 375 -3.40 -1.67 41.71
CA LYS D 375 -3.33 -0.23 41.48
C LYS D 375 -4.67 0.31 41.04
N ALA D 376 -5.36 -0.41 40.16
CA ALA D 376 -6.66 0.07 39.71
C ALA D 376 -7.61 0.20 40.88
N PHE D 377 -7.56 -0.76 41.82
CA PHE D 377 -8.52 -0.68 42.92
C PHE D 377 -8.20 0.49 43.82
N ASN D 378 -6.92 0.73 44.07
CA ASN D 378 -6.55 1.91 44.86
C ASN D 378 -7.01 3.18 44.16
N ASP D 379 -6.86 3.26 42.83
CA ASP D 379 -7.32 4.44 42.09
C ASP D 379 -8.82 4.60 42.21
N ILE D 380 -9.56 3.51 42.12
CA ILE D 380 -11.01 3.57 42.26
C ILE D 380 -11.41 4.09 43.63
N LYS D 381 -10.77 3.59 44.68
CA LYS D 381 -11.10 4.02 46.03
C LYS D 381 -10.87 5.51 46.20
N ALA D 382 -9.76 6.01 45.64
CA ALA D 382 -9.48 7.43 45.74
C ALA D 382 -10.56 8.24 45.03
N ASN D 383 -11.03 7.74 43.89
CA ASN D 383 -12.07 8.41 43.13
C ASN D 383 -13.41 8.39 43.86
N CYS D 384 -13.77 7.24 44.42
CA CYS D 384 -14.99 7.19 45.24
C CYS D 384 -14.94 8.21 46.36
N LYS D 385 -13.77 8.39 46.97
CA LYS D 385 -13.67 9.31 48.09
C LYS D 385 -13.81 10.73 47.59
N THR D 386 -13.15 11.04 46.47
CA THR D 386 -13.19 12.37 45.89
C THR D 386 -14.61 12.76 45.50
N HIS D 387 -15.35 11.85 44.88
CA HIS D 387 -16.67 12.16 44.37
C HIS D 387 -17.79 11.68 45.28
N ASN D 388 -17.47 11.04 46.39
CA ASN D 388 -18.49 10.50 47.29
C ASN D 388 -19.49 9.67 46.49
N CYS D 389 -18.96 8.76 45.67
CA CYS D 389 -19.78 7.98 44.76
C CYS D 389 -19.54 6.48 44.98
N ASP D 390 -20.42 5.66 44.41
CA ASP D 390 -20.31 4.21 44.54
C ASP D 390 -19.17 3.66 43.68
N LEU D 391 -18.88 2.37 43.89
CA LEU D 391 -17.75 1.74 43.20
C LEU D 391 -17.89 1.82 41.68
N ARG D 392 -19.08 1.61 41.13
CA ARG D 392 -19.24 1.63 39.69
C ARG D 392 -18.82 2.99 39.14
N MET D 393 -19.30 4.06 39.79
CA MET D 393 -18.93 5.38 39.34
C MET D 393 -17.46 5.71 39.65
N GLY D 394 -16.90 5.14 40.72
CA GLY D 394 -15.48 5.32 40.96
C GLY D 394 -14.67 4.81 39.79
N ALA D 395 -15.04 3.63 39.30
CA ALA D 395 -14.35 3.06 38.15
C ALA D 395 -14.75 3.77 36.86
N PHE D 396 -16.04 4.05 36.67
CA PHE D 396 -16.49 4.64 35.42
C PHE D 396 -15.89 6.00 35.23
N THR D 397 -15.88 6.83 36.29
CA THR D 397 -15.27 8.15 36.15
C THR D 397 -13.76 8.08 36.00
N LEU D 398 -13.12 7.11 36.65
CA LEU D 398 -11.67 6.98 36.48
C LEU D 398 -11.33 6.71 35.02
N GLY D 399 -12.06 5.78 34.41
CA GLY D 399 -11.80 5.46 33.01
C GLY D 399 -12.22 6.57 32.07
N LEU D 400 -13.43 7.10 32.27
CA LEU D 400 -13.95 8.16 31.41
C LEU D 400 -13.03 9.38 31.45
N ASN D 401 -12.55 9.75 32.63
CA ASN D 401 -11.66 10.91 32.73
C ASN D 401 -10.36 10.67 31.96
N ARG D 402 -9.84 9.46 32.01
CA ARG D 402 -8.60 9.18 31.30
C ARG D 402 -8.80 9.28 29.79
N VAL D 403 -9.94 8.80 29.31
CA VAL D 403 -10.26 8.86 27.89
C VAL D 403 -10.52 10.31 27.47
N ALA D 404 -11.23 11.07 28.30
CA ALA D 404 -11.45 12.49 28.03
C ALA D 404 -10.12 13.23 27.92
N ARG D 405 -9.19 12.96 28.82
CA ARG D 405 -7.92 13.67 28.81
C ARG D 405 -7.16 13.44 27.51
N ALA D 406 -7.09 12.18 27.06
CA ALA D 406 -6.40 11.87 25.82
C ALA D 406 -7.11 12.50 24.64
N THR D 407 -8.44 12.47 24.65
CA THR D 407 -9.23 13.08 23.57
C THR D 407 -8.95 14.57 23.47
N LEU D 408 -8.90 15.25 24.60
CA LEU D 408 -8.72 16.70 24.58
C LEU D 408 -7.31 17.05 24.10
N LEU D 409 -6.30 16.25 24.47
CA LEU D 409 -4.94 16.48 24.00
C LEU D 409 -4.88 16.37 22.47
N ARG D 410 -5.59 15.39 21.91
CA ARG D 410 -5.53 15.16 20.47
C ARG D 410 -6.16 16.32 19.71
N GLY D 411 -7.22 16.92 20.24
CA GLY D 411 -7.81 18.07 19.57
C GLY D 411 -8.80 17.68 18.50
N TRP D 412 -9.32 18.72 17.84
CA TRP D 412 -10.53 18.59 17.03
C TRP D 412 -10.44 19.14 15.60
N GLU D 413 -9.39 19.89 15.26
CA GLU D 413 -9.32 20.45 13.92
C GLU D 413 -9.04 19.33 12.92
N ALA D 414 -9.38 19.57 11.65
CA ALA D 414 -9.33 18.50 10.65
C ALA D 414 -7.90 18.26 10.15
N ALA E 3 6.25 -38.46 -28.02
CA ALA E 3 6.24 -36.97 -27.95
C ALA E 3 7.56 -36.44 -27.38
N MET E 4 8.10 -35.46 -28.08
CA MET E 4 9.30 -34.74 -27.64
C MET E 4 8.96 -33.89 -26.42
N ASN E 5 9.95 -33.68 -25.58
CA ASN E 5 9.75 -32.81 -24.45
C ASN E 5 9.34 -31.42 -24.96
N ALA E 6 8.32 -30.83 -24.35
CA ALA E 6 7.74 -29.60 -24.89
C ALA E 6 8.70 -28.44 -24.83
N LEU E 7 9.51 -28.39 -23.79
CA LEU E 7 10.42 -27.28 -23.64
C LEU E 7 11.65 -27.47 -24.52
N VAL E 8 12.11 -28.71 -24.70
CA VAL E 8 13.14 -29.00 -25.70
C VAL E 8 12.67 -28.55 -27.07
N ALA E 9 11.43 -28.92 -27.42
CA ALA E 9 10.88 -28.58 -28.72
C ALA E 9 10.85 -27.07 -28.91
N THR E 10 10.33 -26.36 -27.92
CA THR E 10 10.13 -24.92 -28.09
C THR E 10 11.47 -24.21 -28.11
N ASN E 11 12.41 -24.67 -27.29
CA ASN E 11 13.75 -24.10 -27.27
C ASN E 11 14.50 -24.36 -28.57
N ARG E 12 14.27 -25.49 -29.23
CA ARG E 12 14.85 -25.69 -30.56
C ARG E 12 14.36 -24.63 -31.54
N ASN E 13 13.07 -24.33 -31.50
CA ASN E 13 12.51 -23.30 -32.38
C ASN E 13 13.05 -21.93 -32.03
N PHE E 14 13.14 -21.64 -30.73
CA PHE E 14 13.74 -20.38 -30.27
C PHE E 14 15.17 -20.22 -30.75
N GLN E 15 15.97 -21.28 -30.62
CA GLN E 15 17.36 -21.22 -31.06
C GLN E 15 17.46 -20.96 -32.55
N ARG E 16 16.60 -21.63 -33.34
CA ARG E 16 16.63 -21.46 -34.77
C ARG E 16 16.27 -20.03 -35.15
N ALA E 17 15.21 -19.49 -34.52
CA ALA E 17 14.79 -18.11 -34.79
C ALA E 17 15.89 -17.13 -34.41
N SER E 18 16.53 -17.35 -33.26
CA SER E 18 17.64 -16.49 -32.83
C SER E 18 18.78 -16.48 -33.85
N ARG E 19 19.07 -17.63 -34.46
CA ARG E 19 20.14 -17.68 -35.43
C ARG E 19 19.74 -16.95 -36.70
N ILE E 20 18.47 -17.03 -37.10
CA ILE E 20 18.04 -16.28 -38.27
C ILE E 20 18.24 -14.80 -38.04
N LEU E 21 17.89 -14.32 -36.85
CA LEU E 21 18.03 -12.91 -36.53
C LEU E 21 19.47 -12.53 -36.26
N GLY E 22 20.37 -13.49 -36.05
CA GLY E 22 21.71 -13.16 -35.62
C GLY E 22 21.81 -12.53 -34.25
N LEU E 23 20.95 -12.91 -33.31
CA LEU E 23 21.01 -12.30 -31.99
C LEU E 23 22.35 -12.50 -31.30
N ASP E 24 22.77 -11.47 -30.60
CA ASP E 24 23.92 -11.60 -29.73
C ASP E 24 23.65 -12.67 -28.68
N SER E 25 24.66 -13.47 -28.32
CA SER E 25 24.43 -14.63 -27.45
C SER E 25 23.95 -14.24 -26.06
N LYS E 26 24.40 -13.10 -25.54
CA LYS E 26 24.01 -12.75 -24.19
C LYS E 26 22.58 -12.23 -24.16
N LEU E 27 22.16 -11.52 -25.21
CA LEU E 27 20.76 -11.15 -25.35
C LEU E 27 19.89 -12.37 -25.45
N GLU E 28 20.28 -13.31 -26.33
CA GLU E 28 19.55 -14.56 -26.51
C GLU E 28 19.35 -15.27 -25.20
N LYS E 29 20.42 -15.40 -24.43
CA LYS E 29 20.31 -16.08 -23.14
C LYS E 29 19.31 -15.38 -22.21
N SER E 30 19.39 -14.05 -22.11
CA SER E 30 18.41 -13.33 -21.29
C SER E 30 16.98 -13.58 -21.77
N LEU E 31 16.77 -13.56 -23.07
CA LEU E 31 15.42 -13.71 -23.61
C LEU E 31 14.86 -15.10 -23.37
N LEU E 32 15.74 -16.10 -23.32
CA LEU E 32 15.33 -17.46 -22.99
C LEU E 32 14.91 -17.58 -21.53
N ILE E 33 15.70 -17.04 -20.61
CA ILE E 33 15.44 -17.23 -19.18
C ILE E 33 14.15 -16.53 -18.79
N PRO E 34 13.20 -17.22 -18.20
CA PRO E 34 12.01 -16.53 -17.70
C PRO E 34 12.33 -15.50 -16.65
N TYR E 35 11.57 -14.41 -16.70
CA TYR E 35 11.60 -13.40 -15.67
C TYR E 35 11.43 -14.04 -14.28
N ARG E 36 10.42 -14.89 -14.11
CA ARG E 36 10.14 -15.45 -12.78
C ARG E 36 9.36 -16.74 -12.96
N GLU E 37 9.80 -17.80 -12.29
CA GLU E 37 9.04 -19.05 -12.23
C GLU E 37 8.53 -19.25 -10.81
N ILE E 38 7.24 -19.53 -10.67
CA ILE E 38 6.57 -19.71 -9.38
C ILE E 38 5.90 -21.06 -9.33
N LYS E 39 6.18 -21.81 -8.26
CA LYS E 39 5.47 -23.06 -7.97
C LYS E 39 4.90 -22.96 -6.55
N VAL E 40 3.60 -23.19 -6.39
CA VAL E 40 2.95 -22.99 -5.09
C VAL E 40 2.15 -24.21 -4.67
N GLU E 41 2.21 -24.52 -3.37
CA GLU E 41 1.32 -25.53 -2.83
C GLU E 41 -0.12 -25.06 -2.89
N CYS E 42 -1.02 -25.91 -3.37
CA CYS E 42 -2.46 -25.64 -3.47
C CYS E 42 -3.15 -26.82 -2.82
N THR E 43 -3.48 -26.71 -1.53
CA THR E 43 -4.13 -27.78 -0.79
C THR E 43 -5.53 -27.33 -0.38
N ILE E 44 -6.52 -28.18 -0.64
CA ILE E 44 -7.91 -27.89 -0.32
C ILE E 44 -8.52 -29.08 0.41
N PRO E 45 -9.57 -28.83 1.18
CA PRO E 45 -10.46 -29.92 1.58
C PRO E 45 -11.38 -30.31 0.45
N LYS E 46 -11.49 -31.62 0.22
CA LYS E 46 -12.48 -32.13 -0.70
C LYS E 46 -13.87 -31.99 -0.08
N ASP E 47 -14.89 -32.32 -0.84
CA ASP E 47 -16.26 -32.20 -0.29
C ASP E 47 -16.47 -33.05 0.95
N ASP E 48 -15.74 -34.16 1.08
CA ASP E 48 -15.86 -34.97 2.28
C ASP E 48 -14.94 -34.52 3.41
N GLY E 49 -14.20 -33.42 3.24
CA GLY E 49 -13.33 -32.88 4.25
C GLY E 49 -11.90 -33.37 4.18
N SER E 50 -11.62 -34.41 3.41
CA SER E 50 -10.26 -34.95 3.33
C SER E 50 -9.41 -34.03 2.46
N LEU E 51 -8.12 -34.01 2.72
CA LEU E 51 -7.25 -33.07 2.02
C LEU E 51 -6.79 -33.65 0.70
N VAL E 52 -6.58 -32.76 -0.27
CA VAL E 52 -5.84 -33.07 -1.49
C VAL E 52 -4.89 -31.92 -1.74
N SER E 53 -3.67 -32.23 -2.20
CA SER E 53 -2.60 -31.27 -2.35
C SER E 53 -2.10 -31.32 -3.79
N TYR E 54 -2.16 -30.18 -4.47
CA TYR E 54 -1.64 -30.02 -5.81
C TYR E 54 -0.52 -28.99 -5.76
N VAL E 55 0.24 -28.91 -6.85
CA VAL E 55 1.20 -27.84 -7.05
C VAL E 55 0.71 -26.99 -8.20
N GLY E 56 0.62 -25.70 -7.97
CA GLY E 56 0.24 -24.76 -9.00
C GLY E 56 1.48 -24.03 -9.52
N PHE E 57 1.42 -23.65 -10.79
CA PHE E 57 2.52 -23.04 -11.49
C PHE E 57 2.06 -21.72 -12.08
N ARG E 58 2.90 -20.70 -11.98
CA ARG E 58 2.77 -19.55 -12.86
C ARG E 58 4.16 -19.17 -13.31
N ILE E 59 4.40 -19.30 -14.60
CA ILE E 59 5.68 -18.96 -15.18
C ILE E 59 5.49 -17.60 -15.87
N GLN E 60 6.27 -16.62 -15.47
CA GLN E 60 6.22 -15.27 -16.02
C GLN E 60 7.44 -15.19 -16.91
N HIS E 61 7.26 -15.37 -18.21
CA HIS E 61 8.43 -15.51 -19.07
C HIS E 61 9.08 -14.15 -19.40
N ASP E 62 8.30 -13.18 -19.90
CA ASP E 62 8.94 -11.92 -20.32
C ASP E 62 7.95 -10.77 -20.19
N ASN E 63 8.42 -9.62 -19.71
CA ASN E 63 7.52 -8.48 -19.65
C ASN E 63 8.06 -7.23 -20.34
N ALA E 64 8.91 -7.40 -21.35
CA ALA E 64 9.50 -6.22 -21.97
C ALA E 64 8.47 -5.37 -22.70
N ARG E 65 7.46 -5.99 -23.30
CA ARG E 65 6.47 -5.29 -24.12
C ARG E 65 5.21 -4.94 -23.35
N GLY E 66 5.11 -5.32 -22.07
CA GLY E 66 3.96 -4.97 -21.26
C GLY E 66 3.64 -6.00 -20.20
N PRO E 67 2.47 -5.83 -19.55
CA PRO E 67 2.01 -6.83 -18.59
C PRO E 67 2.02 -8.22 -19.20
N MET E 68 2.36 -9.21 -18.40
CA MET E 68 2.42 -10.56 -18.95
C MET E 68 1.02 -11.12 -19.13
N LYS E 69 0.89 -12.05 -20.09
CA LYS E 69 -0.42 -12.53 -20.51
C LYS E 69 -0.36 -14.00 -20.83
N GLY E 70 -1.36 -14.73 -20.39
CA GLY E 70 -1.49 -16.12 -20.78
C GLY E 70 -2.40 -16.87 -19.85
N GLY E 71 -2.87 -18.02 -20.33
CA GLY E 71 -3.93 -18.75 -19.66
C GLY E 71 -3.45 -19.64 -18.54
N ILE E 72 -4.44 -20.30 -17.93
CA ILE E 72 -4.27 -21.26 -16.85
C ILE E 72 -4.86 -22.57 -17.33
N ARG E 73 -4.04 -23.62 -17.31
CA ARG E 73 -4.47 -24.92 -17.78
C ARG E 73 -4.66 -25.84 -16.58
N TYR E 74 -5.78 -26.51 -16.53
CA TYR E 74 -6.00 -27.58 -15.57
C TYR E 74 -6.01 -28.89 -16.36
N HIS E 75 -4.94 -29.65 -16.25
CA HIS E 75 -4.82 -30.84 -17.07
C HIS E 75 -3.78 -31.75 -16.42
N PRO E 76 -3.95 -33.07 -16.50
CA PRO E 76 -3.03 -33.97 -15.78
C PRO E 76 -1.59 -33.89 -16.23
N GLU E 77 -1.33 -33.47 -17.45
CA GLU E 77 0.04 -33.41 -17.95
C GLU E 77 0.71 -32.07 -17.71
N VAL E 78 0.05 -31.14 -17.01
CA VAL E 78 0.71 -29.91 -16.62
C VAL E 78 1.91 -30.20 -15.74
N ASP E 79 3.05 -29.67 -16.14
CA ASP E 79 4.27 -29.76 -15.37
C ASP E 79 5.14 -28.56 -15.74
N PRO E 80 6.25 -28.36 -15.05
CA PRO E 80 7.02 -27.14 -15.30
C PRO E 80 7.49 -27.01 -16.73
N ASP E 81 7.89 -28.10 -17.37
CA ASP E 81 8.35 -28.00 -18.76
C ASP E 81 7.25 -27.47 -19.66
N GLU E 82 6.04 -28.02 -19.50
CA GLU E 82 4.92 -27.60 -20.35
C GLU E 82 4.56 -26.15 -20.09
N VAL E 83 4.48 -25.75 -18.81
CA VAL E 83 4.11 -24.36 -18.53
C VAL E 83 5.20 -23.40 -18.99
N ASN E 84 6.47 -23.77 -18.84
CA ASN E 84 7.56 -22.94 -19.36
C ASN E 84 7.45 -22.78 -20.88
N ALA E 85 7.16 -23.86 -21.60
CA ALA E 85 7.07 -23.78 -23.06
C ALA E 85 5.92 -22.88 -23.47
N LEU E 86 4.78 -23.08 -22.82
CA LEU E 86 3.61 -22.29 -23.13
C LEU E 86 3.84 -20.82 -22.81
N ALA E 87 4.52 -20.53 -21.68
CA ALA E 87 4.77 -19.14 -21.31
C ALA E 87 5.66 -18.46 -22.32
N GLN E 88 6.68 -19.16 -22.79
CA GLN E 88 7.56 -18.58 -23.80
C GLN E 88 6.81 -18.33 -25.10
N LEU E 89 5.97 -19.27 -25.55
CA LEU E 89 5.17 -19.04 -26.75
C LEU E 89 4.26 -17.84 -26.60
N MET E 90 3.73 -17.56 -25.40
CA MET E 90 2.89 -16.39 -25.21
C MET E 90 3.69 -15.11 -25.47
N THR E 91 4.97 -15.09 -25.06
CA THR E 91 5.78 -13.90 -25.30
C THR E 91 5.91 -13.61 -26.80
N TRP E 92 6.12 -14.66 -27.59
CA TRP E 92 6.29 -14.43 -29.03
C TRP E 92 4.96 -14.13 -29.70
N LYS E 93 3.89 -14.79 -29.27
CA LYS E 93 2.57 -14.63 -29.87
C LYS E 93 2.03 -13.22 -29.65
N THR E 94 2.11 -12.70 -28.42
CA THR E 94 1.69 -11.34 -28.16
C THR E 94 2.46 -10.36 -29.03
N ALA E 95 3.74 -10.65 -29.28
CA ALA E 95 4.52 -9.77 -30.13
C ALA E 95 4.17 -9.93 -31.63
N VAL E 96 3.82 -11.14 -32.08
CA VAL E 96 3.41 -11.34 -33.47
C VAL E 96 2.23 -10.45 -33.82
N VAL E 97 1.19 -10.42 -32.95
CA VAL E 97 0.01 -9.62 -33.24
C VAL E 97 0.17 -8.19 -32.76
N ASP E 98 1.28 -7.89 -32.09
CA ASP E 98 1.63 -6.52 -31.69
C ASP E 98 0.63 -5.94 -30.71
N ILE E 99 0.26 -6.74 -29.71
CA ILE E 99 -0.46 -6.22 -28.56
C ILE E 99 0.54 -5.97 -27.44
N PRO E 100 0.24 -5.02 -26.55
CA PRO E 100 1.25 -4.53 -25.57
C PRO E 100 1.28 -5.39 -24.31
N TYR E 101 1.61 -6.65 -24.51
CA TYR E 101 1.72 -7.66 -23.48
C TYR E 101 3.00 -8.45 -23.64
N GLY E 102 3.50 -8.98 -22.51
CA GLY E 102 4.48 -10.03 -22.51
C GLY E 102 3.80 -11.37 -22.30
N GLY E 103 4.61 -12.38 -21.96
CA GLY E 103 4.14 -13.76 -21.94
C GLY E 103 4.22 -14.42 -20.57
N ALA E 104 3.19 -15.18 -20.23
CA ALA E 104 3.16 -15.98 -19.00
C ALA E 104 2.20 -17.14 -19.21
N LYS E 105 2.26 -18.10 -18.32
CA LYS E 105 1.30 -19.19 -18.38
C LYS E 105 1.23 -19.78 -16.99
N GLY E 106 0.07 -20.38 -16.65
CA GLY E 106 -0.03 -21.08 -15.38
C GLY E 106 -0.78 -22.38 -15.54
N GLY E 107 -0.82 -23.16 -14.48
CA GLY E 107 -1.61 -24.37 -14.54
C GLY E 107 -1.50 -25.17 -13.26
N ILE E 108 -2.35 -26.19 -13.19
CA ILE E 108 -2.35 -27.18 -12.11
C ILE E 108 -2.50 -28.54 -12.74
N GLY E 109 -1.64 -29.47 -12.35
CA GLY E 109 -1.73 -30.85 -12.77
C GLY E 109 -2.86 -31.54 -12.03
N CYS E 110 -4.06 -31.44 -12.57
CA CYS E 110 -5.22 -32.09 -12.01
C CYS E 110 -6.08 -32.50 -13.19
N ASN E 111 -7.07 -33.34 -12.91
CA ASN E 111 -8.04 -33.69 -13.93
C ASN E 111 -9.40 -33.15 -13.49
N PRO E 112 -9.92 -32.11 -14.13
CA PRO E 112 -11.18 -31.53 -13.64
C PRO E 112 -12.33 -32.47 -13.57
N LYS E 113 -12.33 -33.51 -14.41
CA LYS E 113 -13.44 -34.43 -14.40
C LYS E 113 -13.53 -35.20 -13.10
N ASP E 114 -12.44 -35.27 -12.34
CA ASP E 114 -12.37 -35.99 -11.07
C ASP E 114 -12.66 -35.10 -9.86
N LEU E 115 -12.91 -33.81 -10.07
CA LEU E 115 -13.23 -32.87 -9.00
C LEU E 115 -14.65 -32.36 -9.18
N SER E 116 -15.36 -32.22 -8.06
CA SER E 116 -16.67 -31.59 -8.08
C SER E 116 -16.53 -30.11 -8.38
N ILE E 117 -17.66 -29.49 -8.74
CA ILE E 117 -17.59 -28.05 -9.07
C ILE E 117 -17.20 -27.23 -7.84
N SER E 118 -17.60 -27.63 -6.62
CA SER E 118 -17.18 -26.89 -5.43
C SER E 118 -15.70 -27.09 -5.15
N GLU E 119 -15.18 -28.29 -5.41
CA GLU E 119 -13.75 -28.52 -5.27
C GLU E 119 -12.94 -27.71 -6.30
N LEU E 120 -13.40 -27.66 -7.54
CA LEU E 120 -12.72 -26.82 -8.54
C LEU E 120 -12.71 -25.37 -8.10
N GLU E 121 -13.81 -24.90 -7.52
CA GLU E 121 -13.83 -23.53 -7.06
C GLU E 121 -12.85 -23.31 -5.90
N ARG E 122 -12.86 -24.19 -4.90
CA ARG E 122 -11.90 -24.04 -3.82
C ARG E 122 -10.46 -24.07 -4.35
N LEU E 123 -10.19 -25.00 -5.28
CA LEU E 123 -8.84 -25.09 -5.82
C LEU E 123 -8.42 -23.81 -6.54
N THR E 124 -9.34 -23.24 -7.31
CA THR E 124 -9.08 -22.02 -8.03
C THR E 124 -8.86 -20.85 -7.08
N ARG E 125 -9.69 -20.76 -6.03
CA ARG E 125 -9.53 -19.66 -5.09
C ARG E 125 -8.24 -19.79 -4.31
N VAL E 126 -7.87 -21.03 -3.92
CA VAL E 126 -6.61 -21.18 -3.18
C VAL E 126 -5.43 -20.87 -4.09
N PHE E 127 -5.48 -21.30 -5.35
CA PHE E 127 -4.44 -20.94 -6.30
C PHE E 127 -4.32 -19.43 -6.41
N THR E 128 -5.46 -18.74 -6.44
CA THR E 128 -5.42 -17.29 -6.49
C THR E 128 -4.83 -16.70 -5.21
N GLN E 129 -5.19 -17.23 -4.04
CA GLN E 129 -4.55 -16.79 -2.82
C GLN E 129 -3.04 -16.98 -2.88
N LYS E 130 -2.59 -17.99 -3.58
CA LYS E 130 -1.16 -18.26 -3.56
C LYS E 130 -0.39 -17.45 -4.59
N ILE E 131 -1.06 -16.85 -5.59
CA ILE E 131 -0.38 -16.06 -6.62
C ILE E 131 -0.84 -14.61 -6.68
N HIS E 132 -1.75 -14.18 -5.79
CA HIS E 132 -2.35 -12.85 -5.99
C HIS E 132 -1.30 -11.76 -5.97
N ASP E 133 -0.24 -11.93 -5.18
CA ASP E 133 0.80 -10.93 -5.07
C ASP E 133 1.71 -10.88 -6.30
N LEU E 134 1.56 -11.82 -7.21
CA LEU E 134 2.38 -11.99 -8.40
C LEU E 134 1.71 -11.48 -9.66
N ILE E 135 0.40 -11.40 -9.66
CA ILE E 135 -0.39 -11.05 -10.83
C ILE E 135 -1.00 -9.66 -10.59
N GLY E 136 -1.71 -9.14 -11.57
CA GLY E 136 -2.21 -7.79 -11.45
C GLY E 136 -2.52 -7.21 -12.80
N ILE E 137 -3.41 -6.21 -12.79
CA ILE E 137 -3.87 -5.60 -14.03
C ILE E 137 -2.71 -5.15 -14.90
N HIS E 138 -1.67 -4.59 -14.29
CA HIS E 138 -0.52 -4.11 -15.04
C HIS E 138 0.74 -4.95 -14.81
N ARG E 139 0.57 -6.20 -14.40
CA ARG E 139 1.70 -7.05 -14.07
C ARG E 139 1.63 -8.40 -14.82
N ASP E 140 0.53 -9.12 -14.64
CA ASP E 140 0.31 -10.45 -15.23
C ASP E 140 -1.17 -10.73 -15.17
N VAL E 141 -1.77 -10.99 -16.33
CA VAL E 141 -3.21 -11.10 -16.48
C VAL E 141 -3.55 -12.49 -17.04
N PRO E 142 -4.07 -13.40 -16.18
CA PRO E 142 -4.45 -14.72 -16.68
C PRO E 142 -5.71 -14.73 -17.54
N ALA E 143 -6.12 -15.93 -17.88
CA ALA E 143 -7.18 -16.20 -18.84
C ALA E 143 -7.40 -17.71 -18.85
N PRO E 144 -8.41 -18.20 -19.58
CA PRO E 144 -8.61 -19.64 -19.69
C PRO E 144 -7.59 -20.30 -20.60
N ASP E 145 -7.52 -21.62 -20.48
CA ASP E 145 -6.79 -22.51 -21.37
C ASP E 145 -7.51 -23.85 -21.23
N MET E 146 -6.83 -24.95 -21.55
N MET E 146 -6.83 -24.95 -21.54
CA MET E 146 -7.46 -26.25 -21.43
CA MET E 146 -7.51 -26.24 -21.48
C MET E 146 -7.90 -26.49 -20.00
C MET E 146 -7.86 -26.60 -20.04
N GLY E 147 -9.11 -27.02 -19.84
CA GLY E 147 -9.59 -27.35 -18.53
C GLY E 147 -10.12 -26.21 -17.68
N THR E 148 -10.06 -24.97 -18.17
CA THR E 148 -10.63 -23.84 -17.44
C THR E 148 -11.51 -23.05 -18.42
N ASN E 149 -12.32 -22.15 -17.87
CA ASN E 149 -13.30 -21.43 -18.68
C ASN E 149 -13.68 -20.15 -17.97
N SER E 150 -14.71 -19.48 -18.48
CA SER E 150 -15.10 -18.20 -17.92
C SER E 150 -15.58 -18.32 -16.47
N GLN E 151 -16.15 -19.46 -16.06
CA GLN E 151 -16.51 -19.64 -14.67
C GLN E 151 -15.26 -19.68 -13.79
N THR E 152 -14.23 -20.38 -14.25
CA THR E 152 -12.94 -20.38 -13.54
C THR E 152 -12.47 -18.94 -13.34
N MET E 153 -12.56 -18.14 -14.40
CA MET E 153 -12.06 -16.77 -14.34
C MET E 153 -12.87 -15.93 -13.37
N ALA E 154 -14.19 -16.17 -13.28
CA ALA E 154 -15.01 -15.46 -12.30
C ALA E 154 -14.48 -15.70 -10.90
N TRP E 155 -14.07 -16.92 -10.61
CA TRP E 155 -13.59 -17.22 -9.27
C TRP E 155 -12.25 -16.54 -8.98
N ILE E 156 -11.36 -16.52 -9.98
CA ILE E 156 -10.10 -15.80 -9.84
C ILE E 156 -10.38 -14.32 -9.58
N LEU E 157 -11.21 -13.71 -10.41
CA LEU E 157 -11.56 -12.32 -10.18
C LEU E 157 -12.06 -12.11 -8.76
N ASP E 158 -13.01 -12.94 -8.36
CA ASP E 158 -13.67 -12.73 -7.09
C ASP E 158 -12.69 -12.85 -5.93
N GLU E 159 -11.81 -13.87 -5.98
CA GLU E 159 -10.86 -14.03 -4.87
C GLU E 159 -9.79 -12.97 -4.90
N TYR E 160 -9.27 -12.66 -6.09
CA TYR E 160 -8.22 -11.66 -6.19
C TYR E 160 -8.71 -10.32 -5.65
N SER E 161 -9.97 -10.00 -5.94
CA SER E 161 -10.50 -8.71 -5.53
C SER E 161 -10.60 -8.56 -4.01
N LYS E 162 -10.57 -9.67 -3.27
CA LYS E 162 -10.50 -9.57 -1.81
C LYS E 162 -9.18 -9.00 -1.36
N PHE E 163 -8.11 -9.27 -2.10
CA PHE E 163 -6.77 -8.84 -1.70
C PHE E 163 -6.42 -7.47 -2.25
N HIS E 164 -7.01 -7.06 -3.38
CA HIS E 164 -6.58 -5.83 -4.03
C HIS E 164 -7.74 -4.96 -4.48
N GLY E 165 -8.95 -5.28 -4.09
CA GLY E 165 -10.10 -4.53 -4.53
C GLY E 165 -10.58 -5.02 -5.89
N HIS E 166 -11.79 -4.61 -6.22
CA HIS E 166 -12.39 -4.98 -7.50
C HIS E 166 -11.49 -4.65 -8.69
N SER E 167 -11.08 -5.69 -9.40
CA SER E 167 -10.07 -5.58 -10.46
C SER E 167 -10.48 -6.37 -11.69
N PRO E 168 -11.51 -5.93 -12.40
CA PRO E 168 -11.99 -6.71 -13.55
C PRO E 168 -10.88 -7.05 -14.53
N ALA E 169 -9.93 -6.14 -14.73
CA ALA E 169 -8.93 -6.39 -15.76
C ALA E 169 -7.81 -7.30 -15.29
N VAL E 170 -7.93 -7.91 -14.11
CA VAL E 170 -6.88 -8.81 -13.63
C VAL E 170 -6.93 -10.15 -14.35
N VAL E 171 -8.04 -10.47 -15.01
N VAL E 171 -8.07 -10.52 -14.92
CA VAL E 171 -8.20 -11.74 -15.70
CA VAL E 171 -8.18 -11.72 -15.74
C VAL E 171 -9.12 -11.48 -16.88
C VAL E 171 -9.03 -11.38 -16.94
N THR E 172 -8.84 -12.14 -18.00
CA THR E 172 -9.71 -12.06 -19.17
C THR E 172 -10.37 -13.41 -19.43
N GLY E 173 -11.23 -13.44 -20.43
CA GLY E 173 -12.13 -14.56 -20.57
C GLY E 173 -13.22 -14.60 -19.54
N LYS E 174 -13.56 -13.46 -18.95
CA LYS E 174 -14.59 -13.42 -17.93
C LYS E 174 -15.99 -13.62 -18.51
N PRO E 175 -16.93 -14.06 -17.69
CA PRO E 175 -18.34 -14.01 -18.13
C PRO E 175 -18.73 -12.59 -18.47
N ILE E 176 -19.65 -12.48 -19.44
CA ILE E 176 -20.16 -11.17 -19.84
C ILE E 176 -20.71 -10.40 -18.65
N ASP E 177 -21.41 -11.10 -17.75
CA ASP E 177 -22.01 -10.40 -16.62
C ASP E 177 -20.99 -9.96 -15.57
N LEU E 178 -19.72 -10.33 -15.71
CA LEU E 178 -18.66 -9.88 -14.81
C LEU E 178 -17.57 -9.11 -15.55
N GLY E 179 -17.95 -8.42 -16.62
CA GLY E 179 -17.03 -7.59 -17.40
C GLY E 179 -16.33 -8.28 -18.54
N GLY E 180 -16.77 -9.48 -18.94
CA GLY E 180 -16.20 -10.10 -20.13
C GLY E 180 -16.52 -9.32 -21.39
N SER E 181 -15.79 -9.65 -22.45
CA SER E 181 -15.97 -9.03 -23.75
C SER E 181 -16.83 -9.90 -24.64
N LEU E 182 -17.80 -9.27 -25.27
CA LEU E 182 -18.44 -9.93 -26.38
C LEU E 182 -17.35 -10.36 -27.37
N GLY E 183 -17.56 -11.49 -28.02
CA GLY E 183 -16.59 -12.01 -28.94
C GLY E 183 -15.46 -12.81 -28.32
N ARG E 184 -15.23 -12.74 -27.00
CA ARG E 184 -14.04 -13.43 -26.50
C ARG E 184 -14.23 -14.94 -26.53
N GLU E 185 -15.43 -15.45 -26.24
N GLU E 185 -15.44 -15.42 -26.26
CA GLU E 185 -15.54 -16.90 -26.23
CA GLU E 185 -15.64 -16.87 -26.21
C GLU E 185 -15.17 -17.46 -27.60
C GLU E 185 -15.31 -17.51 -27.56
N ALA E 186 -15.66 -16.84 -28.65
CA ALA E 186 -15.43 -17.33 -30.00
C ALA E 186 -14.08 -16.93 -30.61
N ALA E 187 -13.33 -16.08 -29.92
CA ALA E 187 -12.25 -15.34 -30.59
C ALA E 187 -11.17 -16.26 -31.13
N THR E 188 -10.80 -17.33 -30.41
CA THR E 188 -9.67 -18.09 -30.91
C THR E 188 -10.03 -18.82 -32.18
N GLY E 189 -11.19 -19.46 -32.16
CA GLY E 189 -11.66 -20.17 -33.35
C GLY E 189 -11.91 -19.25 -34.53
N LEU E 190 -12.50 -18.08 -34.26
CA LEU E 190 -12.74 -17.13 -35.34
C LEU E 190 -11.41 -16.59 -35.87
N GLY E 191 -10.48 -16.28 -34.96
CA GLY E 191 -9.14 -15.89 -35.41
C GLY E 191 -8.44 -16.94 -36.25
N VAL E 192 -8.56 -18.21 -35.87
CA VAL E 192 -8.00 -19.29 -36.68
C VAL E 192 -8.52 -19.23 -38.11
N VAL E 193 -9.82 -18.97 -38.27
CA VAL E 193 -10.41 -18.85 -39.59
C VAL E 193 -9.90 -17.62 -40.33
N PHE E 194 -9.86 -16.44 -39.68
CA PHE E 194 -9.24 -15.27 -40.30
C PHE E 194 -7.82 -15.57 -40.77
N ALA E 195 -7.03 -16.24 -39.93
CA ALA E 195 -5.65 -16.57 -40.29
C ALA E 195 -5.59 -17.50 -41.48
N THR E 196 -6.43 -18.52 -41.45
CA THR E 196 -6.51 -19.46 -42.55
C THR E 196 -6.93 -18.78 -43.83
N GLU E 197 -7.93 -17.88 -43.75
CA GLU E 197 -8.37 -17.17 -44.94
C GLU E 197 -7.26 -16.35 -45.54
N ALA E 198 -6.49 -15.68 -44.70
CA ALA E 198 -5.36 -14.90 -45.19
C ALA E 198 -4.37 -15.79 -45.93
N LEU E 199 -4.00 -16.92 -45.32
CA LEU E 199 -3.05 -17.82 -45.97
C LEU E 199 -3.61 -18.35 -47.29
N PHE E 200 -4.87 -18.81 -47.29
CA PHE E 200 -5.41 -19.44 -48.48
C PHE E 200 -5.53 -18.44 -49.64
N ALA E 201 -5.77 -17.18 -49.33
CA ALA E 201 -5.80 -16.17 -50.38
C ALA E 201 -4.50 -16.13 -51.17
N GLU E 202 -3.36 -16.38 -50.52
CA GLU E 202 -2.09 -16.38 -51.24
C GLU E 202 -2.08 -17.44 -52.35
N TYR E 203 -2.92 -18.47 -52.22
CA TYR E 203 -3.02 -19.56 -53.19
C TYR E 203 -4.21 -19.42 -54.11
N GLY E 204 -4.97 -18.32 -54.00
CA GLY E 204 -6.16 -18.18 -54.82
C GLY E 204 -7.31 -19.03 -54.34
N LYS E 205 -7.28 -19.44 -53.09
CA LYS E 205 -8.23 -20.39 -52.56
C LYS E 205 -9.02 -19.81 -51.39
N SER E 206 -10.17 -20.44 -51.12
CA SER E 206 -11.08 -20.04 -50.06
C SER E 206 -11.35 -21.22 -49.13
N ILE E 207 -11.91 -20.92 -47.96
CA ILE E 207 -12.23 -22.00 -47.02
C ILE E 207 -13.21 -22.98 -47.67
N SER E 208 -14.13 -22.48 -48.48
CA SER E 208 -15.11 -23.32 -49.13
C SER E 208 -14.54 -24.27 -50.17
N ASP E 209 -13.28 -24.10 -50.53
CA ASP E 209 -12.63 -25.05 -51.43
C ASP E 209 -12.14 -26.30 -50.74
N MET E 210 -12.14 -26.34 -49.40
CA MET E 210 -11.35 -27.29 -48.64
C MET E 210 -12.18 -28.18 -47.72
N THR E 211 -11.59 -29.33 -47.39
CA THR E 211 -12.04 -30.19 -46.32
C THR E 211 -11.10 -30.07 -45.12
N PHE E 212 -11.65 -30.29 -43.92
CA PHE E 212 -10.98 -29.97 -42.67
C PHE E 212 -11.19 -31.11 -41.68
N ALA E 213 -10.12 -31.47 -40.96
CA ALA E 213 -10.23 -32.35 -39.81
C ALA E 213 -9.75 -31.61 -38.57
N ILE E 214 -10.51 -31.77 -37.48
CA ILE E 214 -10.33 -31.00 -36.24
C ILE E 214 -10.10 -31.96 -35.07
N GLN E 215 -8.98 -31.78 -34.39
CA GLN E 215 -8.66 -32.59 -33.21
C GLN E 215 -8.97 -31.75 -31.97
N GLY E 216 -9.98 -32.18 -31.21
CA GLY E 216 -10.39 -31.46 -30.00
C GLY E 216 -11.64 -30.66 -30.30
N PHE E 217 -12.56 -30.58 -29.34
CA PHE E 217 -13.85 -29.95 -29.59
C PHE E 217 -14.32 -29.22 -28.36
N GLY E 218 -13.43 -28.36 -27.85
CA GLY E 218 -13.71 -27.51 -26.71
C GLY E 218 -13.84 -26.07 -27.16
N ASN E 219 -13.37 -25.14 -26.34
CA ASN E 219 -13.55 -23.74 -26.71
C ASN E 219 -12.96 -23.44 -28.08
N VAL E 220 -11.78 -23.99 -28.39
CA VAL E 220 -11.15 -23.64 -29.66
C VAL E 220 -11.76 -24.41 -30.82
N GLY E 221 -11.90 -25.72 -30.67
CA GLY E 221 -12.42 -26.54 -31.73
C GLY E 221 -13.87 -26.27 -32.11
N THR E 222 -14.76 -26.07 -31.13
CA THR E 222 -16.17 -25.78 -31.47
C THR E 222 -16.29 -24.51 -32.31
N TRP E 223 -15.70 -23.41 -31.85
CA TRP E 223 -15.86 -22.16 -32.58
C TRP E 223 -15.09 -22.15 -33.88
N ALA E 224 -13.95 -22.84 -33.96
CA ALA E 224 -13.25 -22.95 -35.24
C ALA E 224 -14.10 -23.74 -36.24
N ALA E 225 -14.64 -24.87 -35.80
CA ALA E 225 -15.51 -25.65 -36.68
C ALA E 225 -16.71 -24.83 -37.14
N LYS E 226 -17.34 -24.08 -36.23
CA LYS E 226 -18.50 -23.28 -36.58
C LYS E 226 -18.13 -22.21 -37.61
N ALA E 227 -17.02 -21.50 -37.38
CA ALA E 227 -16.65 -20.45 -38.32
C ALA E 227 -16.25 -21.01 -39.68
N ILE E 228 -15.59 -22.18 -39.71
CA ILE E 228 -15.30 -22.85 -40.98
C ILE E 228 -16.59 -23.22 -41.70
N PHE E 229 -17.51 -23.83 -40.97
CA PHE E 229 -18.76 -24.31 -41.56
C PHE E 229 -19.54 -23.16 -42.16
N GLU E 230 -19.59 -22.04 -41.44
CA GLU E 230 -20.40 -20.91 -41.89
C GLU E 230 -19.81 -20.26 -43.13
N ARG E 231 -18.57 -20.56 -43.44
CA ARG E 231 -17.88 -20.09 -44.63
C ARG E 231 -17.80 -21.16 -45.70
N GLY E 232 -18.60 -22.21 -45.58
CA GLY E 232 -18.67 -23.20 -46.64
C GLY E 232 -17.58 -24.25 -46.61
N GLY E 233 -16.68 -24.23 -45.62
CA GLY E 233 -15.74 -25.33 -45.48
C GLY E 233 -16.45 -26.62 -45.11
N LYS E 234 -15.87 -27.74 -45.56
CA LYS E 234 -16.41 -29.06 -45.24
C LYS E 234 -15.58 -29.65 -44.11
N VAL E 235 -16.20 -29.77 -42.95
CA VAL E 235 -15.52 -30.31 -41.77
C VAL E 235 -15.84 -31.80 -41.80
N VAL E 236 -14.86 -32.62 -42.20
CA VAL E 236 -15.11 -34.03 -42.46
C VAL E 236 -14.80 -34.93 -41.28
N ALA E 237 -14.17 -34.41 -40.24
CA ALA E 237 -13.86 -35.22 -39.06
C ALA E 237 -13.62 -34.31 -37.86
N VAL E 238 -14.15 -34.74 -36.72
CA VAL E 238 -13.95 -34.05 -35.44
C VAL E 238 -13.73 -35.10 -34.36
N SER E 239 -12.77 -34.84 -33.47
CA SER E 239 -12.52 -35.72 -32.34
C SER E 239 -12.47 -34.92 -31.04
N ASP E 240 -12.64 -35.66 -29.95
CA ASP E 240 -12.32 -35.13 -28.61
C ASP E 240 -11.80 -36.30 -27.80
N ILE E 241 -11.67 -36.11 -26.48
N ILE E 241 -11.68 -36.12 -26.48
CA ILE E 241 -11.04 -37.12 -25.64
CA ILE E 241 -11.00 -37.15 -25.68
C ILE E 241 -11.82 -38.42 -25.66
C ILE E 241 -11.84 -38.43 -25.61
N ASN E 242 -13.13 -38.35 -25.94
CA ASN E 242 -14.01 -39.49 -25.76
C ASN E 242 -14.34 -40.24 -27.02
N GLY E 243 -14.16 -39.63 -28.18
CA GLY E 243 -14.52 -40.30 -29.40
C GLY E 243 -14.38 -39.34 -30.57
N ALA E 244 -14.96 -39.74 -31.70
CA ALA E 244 -14.80 -38.94 -32.91
C ALA E 244 -15.88 -39.32 -33.89
N ILE E 245 -16.07 -38.45 -34.88
CA ILE E 245 -17.16 -38.53 -35.86
C ILE E 245 -16.63 -38.07 -37.21
N SER E 246 -17.07 -38.73 -38.28
N SER E 246 -17.05 -38.73 -38.28
CA SER E 246 -16.55 -38.51 -39.62
CA SER E 246 -16.56 -38.34 -39.59
C SER E 246 -17.69 -38.44 -40.62
C SER E 246 -17.70 -38.36 -40.59
N ASN E 247 -17.56 -37.54 -41.61
CA ASN E 247 -18.48 -37.52 -42.72
C ASN E 247 -17.74 -36.95 -43.91
N PRO E 248 -17.43 -37.74 -44.93
CA PRO E 248 -16.59 -37.20 -46.04
C PRO E 248 -17.26 -36.11 -46.83
N ASN E 249 -18.59 -35.97 -46.75
CA ASN E 249 -19.32 -34.89 -47.41
C ASN E 249 -19.39 -33.62 -46.58
N GLY E 250 -18.85 -33.64 -45.37
CA GLY E 250 -18.93 -32.52 -44.47
C GLY E 250 -19.99 -32.77 -43.42
N ILE E 251 -19.63 -32.60 -42.17
CA ILE E 251 -20.56 -32.73 -41.04
C ILE E 251 -21.37 -31.44 -40.89
N ASP E 252 -22.65 -31.60 -40.55
CA ASP E 252 -23.47 -30.44 -40.20
C ASP E 252 -23.04 -29.93 -38.84
N ILE E 253 -22.15 -28.95 -38.81
CA ILE E 253 -21.56 -28.50 -37.55
C ILE E 253 -22.59 -27.83 -36.67
N ALA E 254 -23.54 -27.10 -37.25
CA ALA E 254 -24.62 -26.55 -36.45
C ALA E 254 -25.36 -27.65 -35.71
N ALA E 255 -25.67 -28.75 -36.41
CA ALA E 255 -26.36 -29.88 -35.76
C ALA E 255 -25.46 -30.56 -34.74
N LEU E 256 -24.16 -30.68 -35.08
CA LEU E 256 -23.22 -31.34 -34.16
C LEU E 256 -23.07 -30.52 -32.87
N LEU E 257 -23.05 -29.20 -32.97
CA LEU E 257 -22.94 -28.37 -31.77
C LEU E 257 -24.19 -28.48 -30.92
N LYS E 258 -25.37 -28.56 -31.55
CA LYS E 258 -26.59 -28.73 -30.78
C LYS E 258 -26.59 -30.07 -30.05
N HIS E 259 -26.14 -31.12 -30.73
CA HIS E 259 -25.99 -32.44 -30.11
C HIS E 259 -25.04 -32.37 -28.91
N LYS E 260 -23.89 -31.71 -29.10
CA LYS E 260 -22.95 -31.55 -27.99
C LYS E 260 -23.59 -30.80 -26.82
N ALA E 261 -24.36 -29.75 -27.11
CA ALA E 261 -24.95 -28.97 -26.02
C ALA E 261 -25.98 -29.77 -25.24
N GLY E 262 -26.58 -30.79 -25.85
CA GLY E 262 -27.53 -31.65 -25.17
C GLY E 262 -26.84 -32.82 -24.51
N ASN E 263 -25.52 -32.72 -24.34
CA ASN E 263 -24.67 -33.69 -23.66
C ASN E 263 -24.48 -34.96 -24.49
N GLY E 264 -24.55 -34.83 -25.80
CA GLY E 264 -24.30 -35.95 -26.67
C GLY E 264 -22.82 -36.14 -26.88
N SER E 265 -22.45 -37.37 -27.18
N SER E 265 -22.44 -37.37 -27.20
CA SER E 265 -21.08 -37.72 -27.49
CA SER E 265 -21.06 -37.69 -27.50
C SER E 265 -20.87 -37.75 -29.00
C SER E 265 -20.86 -37.77 -29.00
N LEU E 266 -19.67 -37.35 -29.44
CA LEU E 266 -19.39 -37.27 -30.87
C LEU E 266 -19.74 -38.58 -31.60
N LYS E 267 -19.31 -39.72 -31.06
CA LYS E 267 -19.46 -40.99 -31.75
C LYS E 267 -20.92 -41.35 -31.99
N ASP E 268 -21.84 -40.73 -31.24
CA ASP E 268 -23.27 -41.05 -31.36
C ASP E 268 -24.02 -40.13 -32.31
N PHE E 269 -23.41 -39.08 -32.80
CA PHE E 269 -24.09 -38.10 -33.65
C PHE E 269 -24.61 -38.74 -34.92
N SER E 270 -25.87 -38.43 -35.26
CA SER E 270 -26.50 -39.12 -36.35
C SER E 270 -26.01 -38.64 -37.72
N GLY E 271 -25.37 -37.48 -37.78
CA GLY E 271 -24.93 -36.91 -39.05
C GLY E 271 -23.52 -37.28 -39.47
N GLY E 272 -22.98 -38.36 -38.93
CA GLY E 272 -21.72 -38.88 -39.42
C GLY E 272 -21.59 -40.31 -38.95
N ASP E 273 -20.42 -40.89 -39.24
CA ASP E 273 -20.08 -42.24 -38.79
C ASP E 273 -19.09 -42.12 -37.64
N ALA E 274 -19.27 -42.97 -36.63
CA ALA E 274 -18.29 -43.01 -35.56
C ALA E 274 -16.91 -43.35 -36.13
N MET E 275 -15.89 -42.77 -35.50
CA MET E 275 -14.51 -42.88 -35.93
C MET E 275 -13.61 -43.01 -34.70
N ASN E 276 -12.50 -43.70 -34.84
CA ASN E 276 -11.57 -43.81 -33.74
C ASN E 276 -10.81 -42.49 -33.60
N PRO E 277 -10.86 -41.83 -32.44
CA PRO E 277 -10.14 -40.56 -32.30
C PRO E 277 -8.65 -40.70 -32.55
N ASN E 278 -8.08 -41.88 -32.33
CA ASN E 278 -6.66 -42.06 -32.58
C ASN E 278 -6.31 -41.94 -34.06
N ASP E 279 -7.30 -41.92 -34.95
CA ASP E 279 -7.08 -41.81 -36.39
C ASP E 279 -7.28 -40.40 -36.93
N LEU E 280 -7.62 -39.43 -36.08
CA LEU E 280 -7.94 -38.08 -36.55
C LEU E 280 -6.78 -37.43 -37.29
N LEU E 281 -5.59 -37.43 -36.69
CA LEU E 281 -4.49 -36.67 -37.28
C LEU E 281 -4.09 -37.16 -38.66
N VAL E 282 -4.37 -38.42 -38.99
CA VAL E 282 -3.98 -39.01 -40.25
C VAL E 282 -5.16 -39.13 -41.20
N HIS E 283 -6.27 -38.46 -40.89
CA HIS E 283 -7.49 -38.59 -41.68
C HIS E 283 -7.28 -37.91 -43.02
N ASP E 284 -7.97 -38.42 -44.05
CA ASP E 284 -7.93 -37.80 -45.37
C ASP E 284 -8.67 -36.47 -45.32
N CYS E 285 -7.96 -35.37 -45.59
CA CYS E 285 -8.52 -34.03 -45.59
C CYS E 285 -7.50 -33.13 -46.26
N ASP E 286 -7.93 -31.91 -46.63
CA ASP E 286 -6.97 -30.92 -47.14
C ASP E 286 -6.25 -30.22 -45.99
N VAL E 287 -6.98 -29.98 -44.92
CA VAL E 287 -6.54 -29.11 -43.82
C VAL E 287 -6.74 -29.84 -42.51
N LEU E 288 -5.70 -29.85 -41.69
CA LEU E 288 -5.71 -30.46 -40.38
C LEU E 288 -5.54 -29.35 -39.36
N ILE E 289 -6.45 -29.31 -38.38
CA ILE E 289 -6.41 -28.25 -37.36
C ILE E 289 -6.37 -28.93 -36.00
N PRO E 290 -5.18 -29.15 -35.45
CA PRO E 290 -5.13 -29.61 -34.05
C PRO E 290 -5.65 -28.52 -33.13
N CYS E 291 -6.56 -28.89 -32.21
CA CYS E 291 -7.20 -27.97 -31.26
C CYS E 291 -7.19 -28.53 -29.86
N ALA E 292 -6.22 -29.40 -29.55
CA ALA E 292 -6.15 -30.02 -28.25
C ALA E 292 -4.73 -29.94 -27.69
N LEU E 293 -4.08 -31.08 -27.43
CA LEU E 293 -2.79 -31.03 -26.78
C LEU E 293 -1.64 -30.65 -27.75
N GLY E 294 -0.52 -30.24 -27.15
CA GLY E 294 0.68 -29.99 -27.92
C GLY E 294 1.47 -31.28 -28.14
N GLY E 295 2.39 -31.20 -29.10
CA GLY E 295 3.36 -32.27 -29.31
C GLY E 295 2.75 -33.49 -29.97
N VAL E 296 1.55 -33.34 -30.52
CA VAL E 296 0.79 -34.48 -31.05
C VAL E 296 1.24 -34.89 -32.45
N LEU E 297 1.91 -34.01 -33.18
CA LEU E 297 2.52 -34.33 -34.46
C LEU E 297 4.01 -34.44 -34.21
N ASN E 298 4.54 -35.66 -34.40
CA ASN E 298 5.86 -36.02 -33.94
C ASN E 298 6.54 -36.85 -35.02
N LYS E 299 7.72 -37.33 -34.69
CA LYS E 299 8.57 -37.94 -35.71
C LYS E 299 8.01 -39.26 -36.23
N GLU E 300 7.07 -39.87 -35.53
CA GLU E 300 6.45 -41.07 -36.11
C GLU E 300 5.29 -40.71 -37.02
N ASN E 301 4.28 -40.05 -36.46
CA ASN E 301 3.03 -39.96 -37.19
C ASN E 301 3.07 -38.89 -38.25
N ALA E 302 4.09 -38.01 -38.25
CA ALA E 302 4.10 -36.92 -39.24
C ALA E 302 4.16 -37.48 -40.65
N ASN E 303 4.75 -38.66 -40.83
CA ASN E 303 4.82 -39.29 -42.13
C ASN E 303 3.46 -39.60 -42.71
N ASP E 304 2.45 -39.78 -41.84
CA ASP E 304 1.17 -40.32 -42.24
C ASP E 304 0.11 -39.25 -42.41
N VAL E 305 0.43 -37.99 -42.09
CA VAL E 305 -0.52 -36.90 -42.28
C VAL E 305 -0.87 -36.80 -43.76
N LYS E 306 -2.18 -36.67 -44.04
CA LYS E 306 -2.71 -36.56 -45.40
C LYS E 306 -2.94 -35.13 -45.83
N ALA E 307 -3.16 -34.24 -44.86
CA ALA E 307 -3.44 -32.83 -45.13
C ALA E 307 -2.26 -32.18 -45.83
N LYS E 308 -2.53 -31.18 -46.67
CA LYS E 308 -1.46 -30.36 -47.22
C LYS E 308 -1.32 -29.03 -46.51
N PHE E 309 -2.26 -28.67 -45.66
CA PHE E 309 -2.15 -27.56 -44.73
C PHE E 309 -2.40 -28.01 -43.30
N ILE E 310 -1.59 -27.54 -42.36
CA ILE E 310 -1.86 -27.66 -40.94
C ILE E 310 -2.01 -26.26 -40.36
N ILE E 311 -3.13 -26.01 -39.67
CA ILE E 311 -3.36 -24.73 -39.00
C ILE E 311 -3.27 -25.01 -37.51
N GLU E 312 -2.28 -24.41 -36.86
CA GLU E 312 -2.02 -24.72 -35.46
C GLU E 312 -2.91 -23.86 -34.56
N ALA E 313 -4.07 -24.42 -34.20
CA ALA E 313 -4.94 -23.75 -33.24
C ALA E 313 -4.49 -24.06 -31.82
N ALA E 314 -4.25 -25.33 -31.53
CA ALA E 314 -3.60 -25.69 -30.28
C ALA E 314 -2.24 -25.01 -30.17
N ASN E 315 -1.78 -24.85 -28.94
CA ASN E 315 -0.38 -24.46 -28.72
C ASN E 315 0.56 -25.65 -28.98
N HIS E 316 1.66 -25.34 -29.67
CA HIS E 316 2.74 -26.24 -30.11
C HIS E 316 2.31 -27.67 -30.42
N PRO E 317 1.36 -27.86 -31.34
CA PRO E 317 0.94 -29.22 -31.70
C PRO E 317 1.98 -29.99 -32.51
N THR E 318 2.92 -29.30 -33.17
CA THR E 318 3.89 -29.92 -34.09
C THR E 318 5.29 -29.73 -33.53
N ASP E 319 6.01 -30.81 -33.34
CA ASP E 319 7.38 -30.66 -32.89
C ASP E 319 8.32 -30.49 -34.08
N PRO E 320 9.57 -30.12 -33.81
CA PRO E 320 10.47 -29.75 -34.91
C PRO E 320 10.88 -30.91 -35.79
N ASP E 321 10.88 -32.14 -35.27
CA ASP E 321 11.12 -33.30 -36.12
C ASP E 321 9.98 -33.45 -37.12
N ALA E 322 8.75 -33.28 -36.65
CA ALA E 322 7.61 -33.35 -37.55
C ALA E 322 7.63 -32.22 -38.57
N ASP E 323 8.06 -31.04 -38.14
CA ASP E 323 8.11 -29.90 -39.06
C ASP E 323 8.93 -30.26 -40.30
N GLU E 324 10.10 -30.86 -40.09
CA GLU E 324 11.00 -31.26 -41.17
C GLU E 324 10.37 -32.33 -42.05
N ILE E 325 9.80 -33.36 -41.44
CA ILE E 325 9.14 -34.42 -42.19
C ILE E 325 8.01 -33.84 -43.04
N LEU E 326 7.19 -32.97 -42.42
CA LEU E 326 6.03 -32.41 -43.10
C LEU E 326 6.44 -31.46 -44.21
N SER E 327 7.54 -30.73 -44.01
CA SER E 327 8.02 -29.84 -45.06
C SER E 327 8.38 -30.62 -46.32
N LYS E 328 9.06 -31.77 -46.16
CA LYS E 328 9.43 -32.60 -47.30
C LYS E 328 8.22 -33.20 -48.00
N LYS E 329 7.12 -33.38 -47.28
CA LYS E 329 5.88 -33.90 -47.88
C LYS E 329 5.10 -32.81 -48.59
N GLY E 330 5.56 -31.58 -48.56
CA GLY E 330 4.82 -30.49 -49.21
C GLY E 330 3.73 -29.88 -48.37
N VAL E 331 3.78 -30.08 -47.07
CA VAL E 331 2.78 -29.58 -46.15
C VAL E 331 3.20 -28.19 -45.71
N ILE E 332 2.24 -27.26 -45.69
CA ILE E 332 2.44 -25.90 -45.20
C ILE E 332 1.80 -25.78 -43.83
N ILE E 333 2.51 -25.20 -42.87
CA ILE E 333 2.05 -25.16 -41.49
C ILE E 333 1.95 -23.72 -41.03
N LEU E 334 0.74 -23.30 -40.72
CA LEU E 334 0.53 -21.97 -40.19
C LEU E 334 0.71 -22.02 -38.66
N PRO E 335 1.70 -21.30 -38.13
CA PRO E 335 2.16 -21.55 -36.76
C PRO E 335 1.26 -20.99 -35.68
N ASP E 336 1.26 -21.72 -34.57
CA ASP E 336 0.46 -21.39 -33.38
C ASP E 336 0.57 -19.91 -32.98
N VAL E 337 1.80 -19.38 -32.94
CA VAL E 337 2.01 -18.03 -32.43
C VAL E 337 1.38 -16.97 -33.31
N TYR E 338 0.92 -17.33 -34.52
CA TYR E 338 0.04 -16.47 -35.31
C TYR E 338 -1.40 -16.98 -35.28
N ALA E 339 -1.61 -18.22 -35.71
CA ALA E 339 -2.96 -18.68 -36.04
C ALA E 339 -3.90 -18.69 -34.85
N ASN E 340 -3.41 -18.94 -33.64
CA ASN E 340 -4.30 -19.05 -32.48
C ASN E 340 -4.30 -17.78 -31.64
N ALA E 341 -3.67 -16.73 -32.12
CA ALA E 341 -3.53 -15.50 -31.36
C ALA E 341 -4.80 -14.65 -31.29
N GLY E 342 -5.89 -15.06 -31.94
CA GLY E 342 -7.15 -14.35 -31.78
C GLY E 342 -7.63 -14.31 -30.33
N GLY E 343 -7.39 -15.37 -29.58
CA GLY E 343 -7.80 -15.41 -28.20
C GLY E 343 -7.14 -14.32 -27.37
N VAL E 344 -5.81 -14.24 -27.42
CA VAL E 344 -5.10 -13.25 -26.61
C VAL E 344 -5.35 -11.84 -27.15
N THR E 345 -5.59 -11.71 -28.44
CA THR E 345 -5.93 -10.42 -29.03
C THR E 345 -7.26 -9.90 -28.49
N VAL E 346 -8.29 -10.76 -28.46
CA VAL E 346 -9.54 -10.32 -27.89
C VAL E 346 -9.45 -10.21 -26.36
N SER E 347 -8.58 -10.98 -25.70
CA SER E 347 -8.30 -10.69 -24.31
C SER E 347 -7.76 -9.28 -24.15
N TYR E 348 -6.87 -8.85 -25.04
CA TYR E 348 -6.39 -7.48 -24.94
C TYR E 348 -7.56 -6.51 -25.04
N PHE E 349 -8.47 -6.75 -25.98
CA PHE E 349 -9.62 -5.87 -26.11
C PHE E 349 -10.46 -5.90 -24.83
N GLU E 350 -10.60 -7.09 -24.21
CA GLU E 350 -11.38 -7.16 -22.97
C GLU E 350 -10.74 -6.31 -21.89
N TRP E 351 -9.43 -6.46 -21.74
CA TRP E 351 -8.67 -5.71 -20.74
C TRP E 351 -8.81 -4.22 -20.97
N VAL E 352 -8.72 -3.79 -22.23
CA VAL E 352 -8.90 -2.38 -22.58
C VAL E 352 -10.29 -1.91 -22.17
N GLN E 353 -11.31 -2.70 -22.49
CA GLN E 353 -12.68 -2.33 -22.13
C GLN E 353 -12.81 -2.17 -20.63
N ASN E 354 -12.24 -3.11 -19.86
CA ASN E 354 -12.30 -3.03 -18.41
C ASN E 354 -11.62 -1.77 -17.90
N ILE E 355 -10.42 -1.48 -18.38
N ILE E 355 -10.41 -1.47 -18.40
CA ILE E 355 -9.71 -0.32 -17.85
CA ILE E 355 -9.68 -0.32 -17.87
C ILE E 355 -10.44 0.96 -18.26
C ILE E 355 -10.30 0.99 -18.36
N GLN E 356 -11.03 0.97 -19.47
CA GLN E 356 -11.77 2.14 -19.93
C GLN E 356 -13.14 2.27 -19.29
N GLY E 357 -13.60 1.23 -18.60
CA GLY E 357 -14.87 1.25 -17.91
C GLY E 357 -16.08 1.15 -18.80
N PHE E 358 -15.90 0.71 -20.05
CA PHE E 358 -16.95 0.82 -21.07
C PHE E 358 -16.76 -0.27 -22.12
N MET E 359 -17.83 -1.03 -22.37
CA MET E 359 -17.73 -2.21 -23.19
C MET E 359 -18.04 -1.88 -24.66
N TRP E 360 -17.48 -2.69 -25.57
CA TRP E 360 -17.69 -2.60 -27.00
C TRP E 360 -18.76 -3.58 -27.46
N ASP E 361 -19.36 -3.31 -28.61
CA ASP E 361 -20.23 -4.32 -29.19
C ASP E 361 -19.45 -5.35 -29.98
N GLU E 362 -20.11 -6.47 -30.25
CA GLU E 362 -19.38 -7.60 -30.81
C GLU E 362 -18.84 -7.29 -32.19
N GLU E 363 -19.56 -6.48 -32.97
CA GLU E 363 -19.10 -6.14 -34.30
C GLU E 363 -17.78 -5.40 -34.24
N LYS E 364 -17.63 -4.46 -33.29
CA LYS E 364 -16.36 -3.74 -33.16
C LYS E 364 -15.22 -4.66 -32.74
N VAL E 365 -15.49 -5.56 -31.78
CA VAL E 365 -14.49 -6.55 -31.39
C VAL E 365 -13.99 -7.32 -32.60
N ASN E 366 -14.92 -7.86 -33.41
CA ASN E 366 -14.49 -8.73 -34.50
C ASN E 366 -13.84 -7.97 -35.64
N GLN E 367 -14.28 -6.74 -35.88
CA GLN E 367 -13.63 -5.89 -36.87
C GLN E 367 -12.20 -5.60 -36.45
N GLU E 368 -12.00 -5.32 -35.16
CA GLU E 368 -10.65 -5.08 -34.69
C GLU E 368 -9.84 -6.35 -34.73
N LEU E 369 -10.43 -7.50 -34.38
CA LEU E 369 -9.72 -8.78 -34.47
C LEU E 369 -9.25 -9.03 -35.89
N LYS E 370 -10.13 -8.81 -36.85
CA LYS E 370 -9.77 -9.03 -38.24
C LYS E 370 -8.61 -8.12 -38.67
N ARG E 371 -8.61 -6.86 -38.21
CA ARG E 371 -7.53 -5.94 -38.56
C ARG E 371 -6.20 -6.40 -37.98
N TYR E 372 -6.22 -6.92 -36.75
CA TYR E 372 -4.98 -7.40 -36.13
C TYR E 372 -4.48 -8.64 -36.85
N MET E 373 -5.38 -9.57 -37.18
CA MET E 373 -4.92 -10.81 -37.80
C MET E 373 -4.42 -10.56 -39.21
N THR E 374 -5.04 -9.61 -39.91
CA THR E 374 -4.59 -9.29 -41.26
C THR E 374 -3.21 -8.63 -41.25
N LYS E 375 -3.00 -7.66 -40.37
CA LYS E 375 -1.70 -7.01 -40.30
C LYS E 375 -0.62 -8.01 -39.92
N ALA E 376 -0.92 -8.91 -39.00
CA ALA E 376 0.10 -9.86 -38.57
C ALA E 376 0.51 -10.78 -39.73
N PHE E 377 -0.45 -11.26 -40.50
CA PHE E 377 -0.07 -12.12 -41.61
C PHE E 377 0.76 -11.36 -42.63
N ASN E 378 0.39 -10.11 -42.92
CA ASN E 378 1.19 -9.34 -43.87
C ASN E 378 2.60 -9.14 -43.34
N ASP E 379 2.76 -8.97 -42.03
CA ASP E 379 4.08 -8.76 -41.45
C ASP E 379 4.88 -10.06 -41.52
N ILE E 380 4.20 -11.18 -41.31
CA ILE E 380 4.84 -12.49 -41.39
C ILE E 380 5.31 -12.76 -42.82
N LYS E 381 4.45 -12.51 -43.78
CA LYS E 381 4.81 -12.68 -45.18
C LYS E 381 6.04 -11.85 -45.55
N ALA E 382 6.09 -10.59 -45.10
CA ALA E 382 7.26 -9.76 -45.41
C ALA E 382 8.50 -10.30 -44.73
N ASN E 383 8.38 -10.78 -43.49
CA ASN E 383 9.51 -11.34 -42.77
C ASN E 383 10.01 -12.64 -43.41
N CYS E 384 9.10 -13.49 -43.89
CA CYS E 384 9.49 -14.69 -44.63
C CYS E 384 10.30 -14.35 -45.88
N LYS E 385 9.91 -13.29 -46.59
CA LYS E 385 10.66 -12.88 -47.75
C LYS E 385 12.04 -12.34 -47.35
N THR E 386 12.08 -11.52 -46.30
CA THR E 386 13.36 -10.97 -45.85
C THR E 386 14.35 -12.09 -45.52
N HIS E 387 13.89 -13.12 -44.82
CA HIS E 387 14.78 -14.14 -44.29
C HIS E 387 14.74 -15.43 -45.08
N ASN E 388 13.97 -15.49 -46.15
CA ASN E 388 13.74 -16.71 -46.94
C ASN E 388 13.51 -17.91 -46.03
N CYS E 389 12.55 -17.76 -45.12
CA CYS E 389 12.29 -18.79 -44.13
C CYS E 389 10.83 -19.23 -44.20
N ASP E 390 10.52 -20.32 -43.49
CA ASP E 390 9.17 -20.86 -43.49
C ASP E 390 8.24 -20.04 -42.60
N LEU E 391 6.93 -20.32 -42.70
CA LEU E 391 5.96 -19.52 -41.94
C LEU E 391 6.24 -19.54 -40.44
N ARG E 392 6.62 -20.69 -39.88
CA ARG E 392 6.85 -20.71 -38.44
C ARG E 392 7.96 -19.75 -38.07
N MET E 393 9.08 -19.79 -38.81
CA MET E 393 10.19 -18.89 -38.54
C MET E 393 9.85 -17.45 -38.89
N GLY E 394 9.03 -17.23 -39.92
CA GLY E 394 8.59 -15.88 -40.19
C GLY E 394 7.85 -15.27 -39.03
N ALA E 395 6.93 -16.03 -38.42
CA ALA E 395 6.23 -15.52 -37.23
C ALA E 395 7.14 -15.48 -36.00
N PHE E 396 7.91 -16.54 -35.76
CA PHE E 396 8.74 -16.60 -34.56
C PHE E 396 9.76 -15.48 -34.54
N THR E 397 10.42 -15.21 -35.69
CA THR E 397 11.42 -14.14 -35.72
C THR E 397 10.77 -12.77 -35.62
N LEU E 398 9.58 -12.60 -36.19
CA LEU E 398 8.85 -11.33 -36.06
C LEU E 398 8.61 -11.01 -34.58
N GLY E 399 8.11 -11.99 -33.83
CA GLY E 399 7.84 -11.72 -32.43
C GLY E 399 9.10 -11.58 -31.61
N LEU E 400 10.05 -12.52 -31.80
CA LEU E 400 11.33 -12.44 -31.11
C LEU E 400 12.04 -11.10 -31.34
N ASN E 401 12.03 -10.61 -32.56
CA ASN E 401 12.70 -9.34 -32.84
C ASN E 401 12.02 -8.17 -32.16
N ARG E 402 10.70 -8.19 -32.08
CA ARG E 402 9.99 -7.12 -31.38
C ARG E 402 10.31 -7.16 -29.89
N VAL E 403 10.30 -8.34 -29.30
CA VAL E 403 10.67 -8.46 -27.89
C VAL E 403 12.11 -8.00 -27.67
N ALA E 404 13.03 -8.44 -28.52
CA ALA E 404 14.41 -7.99 -28.40
C ALA E 404 14.53 -6.48 -28.48
N ARG E 405 13.80 -5.86 -29.41
N ARG E 405 13.80 -5.86 -29.41
CA ARG E 405 13.90 -4.42 -29.57
CA ARG E 405 13.89 -4.42 -29.58
C ARG E 405 13.48 -3.70 -28.29
C ARG E 405 13.46 -3.70 -28.30
N ALA E 406 12.36 -4.14 -27.70
CA ALA E 406 11.88 -3.51 -26.47
C ALA E 406 12.88 -3.72 -25.35
N THR E 407 13.43 -4.94 -25.27
CA THR E 407 14.39 -5.27 -24.22
C THR E 407 15.61 -4.35 -24.30
N LEU E 408 16.12 -4.15 -25.51
CA LEU E 408 17.30 -3.34 -25.68
C LEU E 408 17.00 -1.88 -25.38
N LEU E 409 15.80 -1.41 -25.73
CA LEU E 409 15.42 -0.04 -25.39
C LEU E 409 15.37 0.17 -23.90
N ARG E 410 14.84 -0.81 -23.17
CA ARG E 410 14.74 -0.64 -21.72
C ARG E 410 16.10 -0.65 -21.05
N GLY E 411 17.04 -1.44 -21.54
CA GLY E 411 18.34 -1.42 -20.95
C GLY E 411 18.52 -2.35 -19.77
N TRP E 412 19.73 -2.29 -19.25
CA TRP E 412 20.28 -3.31 -18.36
C TRP E 412 20.84 -2.82 -17.03
N GLU E 413 20.96 -1.52 -16.80
CA GLU E 413 21.51 -1.04 -15.53
C GLU E 413 20.44 -1.14 -14.46
N ALA E 414 20.87 -1.16 -13.20
CA ALA E 414 20.00 -1.49 -12.09
C ALA E 414 19.15 -0.31 -11.67
N ALA F 3 25.85 38.06 12.56
CA ALA F 3 25.93 36.55 12.55
C ALA F 3 26.28 35.97 11.19
N MET F 4 27.10 34.93 11.21
CA MET F 4 27.49 34.24 10.02
C MET F 4 26.33 33.40 9.49
N ASN F 5 26.27 33.23 8.18
CA ASN F 5 25.28 32.30 7.62
C ASN F 5 25.41 30.93 8.29
N ALA F 6 24.27 30.35 8.70
CA ALA F 6 24.29 29.15 9.53
C ALA F 6 24.86 27.97 8.77
N LEU F 7 24.58 27.90 7.49
CA LEU F 7 25.03 26.75 6.72
C LEU F 7 26.51 26.92 6.33
N VAL F 8 26.94 28.15 6.00
CA VAL F 8 28.37 28.43 5.81
C VAL F 8 29.16 28.01 7.06
N ALA F 9 28.66 28.40 8.24
CA ALA F 9 29.34 28.06 9.49
C ALA F 9 29.41 26.56 9.69
N THR F 10 28.28 25.88 9.54
CA THR F 10 28.24 24.46 9.81
C THR F 10 29.06 23.70 8.79
N ASN F 11 29.02 24.14 7.52
CA ASN F 11 29.84 23.49 6.50
C ASN F 11 31.33 23.71 6.72
N ARG F 12 31.73 24.87 7.26
CA ARG F 12 33.14 25.04 7.59
C ARG F 12 33.55 24.00 8.62
N ASN F 13 32.69 23.75 9.61
CA ASN F 13 33.03 22.74 10.59
C ASN F 13 33.12 21.37 9.94
N PHE F 14 32.16 21.05 9.06
CA PHE F 14 32.17 19.76 8.38
C PHE F 14 33.46 19.57 7.59
N GLN F 15 33.88 20.60 6.85
CA GLN F 15 35.09 20.50 6.06
C GLN F 15 36.33 20.29 6.95
N ARG F 16 36.37 20.97 8.10
CA ARG F 16 37.48 20.83 9.03
C ARG F 16 37.56 19.42 9.56
N ALA F 17 36.41 18.87 9.96
CA ALA F 17 36.35 17.50 10.47
C ALA F 17 36.69 16.49 9.37
N SER F 18 36.19 16.71 8.16
N SER F 18 36.21 16.72 8.16
CA SER F 18 36.52 15.84 7.06
CA SER F 18 36.52 15.83 7.06
C SER F 18 38.03 15.81 6.84
C SER F 18 38.03 15.81 6.78
N ARG F 19 38.70 16.97 6.91
CA ARG F 19 40.13 16.99 6.68
C ARG F 19 40.88 16.27 7.80
N ILE F 20 40.40 16.36 9.04
CA ILE F 20 41.05 15.63 10.12
C ILE F 20 40.99 14.13 9.86
N LEU F 21 39.82 13.63 9.42
CA LEU F 21 39.66 12.21 9.12
C LEU F 21 40.35 11.80 7.83
N GLY F 22 40.68 12.75 6.97
CA GLY F 22 41.20 12.39 5.65
C GLY F 22 40.19 11.70 4.76
N LEU F 23 38.92 12.11 4.82
CA LEU F 23 37.92 11.48 3.98
C LEU F 23 38.24 11.70 2.51
N ASP F 24 37.97 10.65 1.73
CA ASP F 24 37.97 10.76 0.28
C ASP F 24 37.03 11.88 -0.15
N SER F 25 37.47 12.69 -1.13
CA SER F 25 36.67 13.84 -1.54
C SER F 25 35.31 13.45 -2.08
N LYS F 26 35.18 12.31 -2.78
CA LYS F 26 33.85 11.97 -3.29
C LYS F 26 32.90 11.55 -2.18
N LEU F 27 33.39 10.80 -1.19
CA LEU F 27 32.60 10.50 0.00
C LEU F 27 32.18 11.78 0.70
N GLU F 28 33.14 12.69 0.85
CA GLU F 28 32.85 13.94 1.55
C GLU F 28 31.74 14.69 0.85
N LYS F 29 31.81 14.79 -0.47
CA LYS F 29 30.79 15.53 -1.20
C LYS F 29 29.43 14.87 -1.04
N SER F 30 29.39 13.53 -1.07
CA SER F 30 28.12 12.85 -0.87
C SER F 30 27.57 13.13 0.52
N LEU F 31 28.43 13.03 1.53
CA LEU F 31 27.98 13.22 2.92
C LEU F 31 27.44 14.62 3.17
N LEU F 32 27.96 15.61 2.45
CA LEU F 32 27.47 16.97 2.62
C LEU F 32 26.06 17.10 2.06
N ILE F 33 25.81 16.54 0.87
CA ILE F 33 24.53 16.74 0.18
C ILE F 33 23.41 16.05 0.92
N PRO F 34 22.30 16.73 1.22
CA PRO F 34 21.20 16.05 1.88
C PRO F 34 20.53 15.00 0.99
N TYR F 35 20.11 13.93 1.64
CA TYR F 35 19.31 12.93 0.99
C TYR F 35 18.14 13.57 0.24
N ARG F 36 17.37 14.41 0.92
CA ARG F 36 16.18 14.99 0.30
C ARG F 36 15.79 16.27 1.05
N GLU F 37 15.57 17.35 0.30
CA GLU F 37 15.10 18.61 0.84
C GLU F 37 13.70 18.82 0.31
N ILE F 38 12.77 19.07 1.23
CA ILE F 38 11.35 19.23 0.94
C ILE F 38 10.90 20.60 1.40
N LYS F 39 10.24 21.34 0.51
CA LYS F 39 9.56 22.58 0.87
C LYS F 39 8.10 22.51 0.40
N VAL F 40 7.15 22.76 1.30
CA VAL F 40 5.73 22.56 1.01
C VAL F 40 4.92 23.82 1.34
N GLU F 41 3.94 24.12 0.50
CA GLU F 41 3.00 25.18 0.87
C GLU F 41 2.15 24.73 2.05
N CYS F 42 2.00 25.62 3.03
CA CYS F 42 1.14 25.36 4.20
C CYS F 42 0.20 26.56 4.33
N THR F 43 -1.02 26.44 3.80
CA THR F 43 -2.02 27.50 3.84
C THR F 43 -3.19 27.07 4.71
N ILE F 44 -3.60 27.93 5.62
CA ILE F 44 -4.74 27.64 6.51
C ILE F 44 -5.68 28.84 6.52
N PRO F 45 -6.95 28.61 6.86
CA PRO F 45 -7.81 29.73 7.22
C PRO F 45 -7.53 30.16 8.65
N LYS F 46 -7.40 31.46 8.83
CA LYS F 46 -7.30 32.01 10.17
C LYS F 46 -8.65 31.91 10.85
N ASP F 47 -8.68 32.25 12.15
CA ASP F 47 -9.93 32.16 12.90
C ASP F 47 -11.03 33.01 12.28
N ASP F 48 -10.69 34.11 11.59
CA ASP F 48 -11.70 34.92 10.93
C ASP F 48 -11.99 34.49 9.49
N GLY F 49 -11.41 33.38 9.05
CA GLY F 49 -11.69 32.85 7.73
C GLY F 49 -10.73 33.31 6.67
N SER F 50 -9.91 34.34 6.94
CA SER F 50 -8.96 34.82 5.94
C SER F 50 -7.78 33.86 5.85
N LEU F 51 -7.15 33.82 4.69
CA LEU F 51 -6.06 32.89 4.45
C LEU F 51 -4.72 33.46 4.90
N VAL F 52 -3.86 32.57 5.40
CA VAL F 52 -2.45 32.85 5.55
C VAL F 52 -1.66 31.67 4.97
N SER F 53 -0.56 31.97 4.31
CA SER F 53 0.27 30.97 3.62
C SER F 53 1.69 31.02 4.15
N TYR F 54 2.21 29.87 4.54
CA TYR F 54 3.59 29.71 4.98
C TYR F 54 4.25 28.65 4.12
N VAL F 55 5.57 28.60 4.15
CA VAL F 55 6.33 27.51 3.52
C VAL F 55 6.86 26.66 4.66
N GLY F 56 6.57 25.39 4.62
CA GLY F 56 7.11 24.46 5.59
C GLY F 56 8.28 23.70 4.98
N PHE F 57 9.25 23.40 5.82
CA PHE F 57 10.48 22.72 5.42
C PHE F 57 10.64 21.40 6.16
N ARG F 58 11.04 20.35 5.44
CA ARG F 58 11.65 19.19 6.10
C ARG F 58 12.90 18.82 5.31
N ILE F 59 14.05 18.97 5.94
CA ILE F 59 15.32 18.62 5.32
C ILE F 59 15.71 17.27 5.90
N GLN F 60 15.88 16.27 5.03
CA GLN F 60 16.27 14.94 5.40
C GLN F 60 17.73 14.79 5.00
N HIS F 61 18.62 15.04 5.97
CA HIS F 61 20.02 15.14 5.58
C HIS F 61 20.66 13.78 5.31
N ASP F 62 20.49 12.80 6.20
CA ASP F 62 21.21 11.53 6.02
C ASP F 62 20.52 10.40 6.78
N ASN F 63 20.40 9.24 6.15
CA ASN F 63 19.75 8.10 6.79
C ASN F 63 20.62 6.85 6.77
N ALA F 64 21.93 7.00 6.64
CA ALA F 64 22.79 5.82 6.56
C ALA F 64 22.69 4.98 7.83
N ARG F 65 22.53 5.60 8.98
CA ARG F 65 22.58 4.89 10.25
C ARG F 65 21.21 4.52 10.80
N GLY F 66 20.13 4.95 10.14
CA GLY F 66 18.79 4.59 10.56
C GLY F 66 17.78 5.65 10.18
N PRO F 67 16.54 5.50 10.67
CA PRO F 67 15.52 6.52 10.47
C PRO F 67 16.05 7.91 10.82
N MET F 68 15.60 8.90 10.08
CA MET F 68 16.07 10.23 10.36
C MET F 68 15.36 10.79 11.59
N LYS F 69 16.03 11.75 12.24
CA LYS F 69 15.54 12.26 13.51
C LYS F 69 15.87 13.73 13.63
N GLY F 70 14.91 14.50 14.11
CA GLY F 70 15.17 15.87 14.46
C GLY F 70 13.89 16.64 14.56
N GLY F 71 13.99 17.77 15.20
CA GLY F 71 12.82 18.53 15.58
C GLY F 71 12.24 19.42 14.50
N ILE F 72 11.16 20.10 14.90
CA ILE F 72 10.43 21.07 14.07
C ILE F 72 10.43 22.39 14.79
N ARG F 73 10.96 23.43 14.13
CA ARG F 73 11.09 24.76 14.70
C ARG F 73 10.04 25.69 14.09
N TYR F 74 9.29 26.36 14.96
CA TYR F 74 8.38 27.45 14.55
C TYR F 74 9.05 28.74 15.02
N HIS F 75 9.64 29.46 14.08
CA HIS F 75 10.37 30.67 14.47
C HIS F 75 10.53 31.56 13.25
N PRO F 76 10.46 32.89 13.41
CA PRO F 76 10.46 33.76 12.22
C PRO F 76 11.72 33.73 11.38
N GLU F 77 12.85 33.28 11.92
CA GLU F 77 14.08 33.21 11.13
C GLU F 77 14.31 31.85 10.51
N VAL F 78 13.37 30.92 10.63
CA VAL F 78 13.50 29.65 9.92
C VAL F 78 13.55 29.93 8.43
N ASP F 79 14.57 29.38 7.79
CA ASP F 79 14.72 29.42 6.34
C ASP F 79 15.52 28.20 5.91
N PRO F 80 15.69 28.01 4.60
CA PRO F 80 16.37 26.78 4.14
C PRO F 80 17.77 26.61 4.70
N ASP F 81 18.59 27.67 4.74
CA ASP F 81 19.93 27.53 5.25
C ASP F 81 19.93 27.06 6.70
N GLU F 82 19.08 27.68 7.53
CA GLU F 82 19.00 27.27 8.93
C GLU F 82 18.55 25.83 9.06
N VAL F 83 17.51 25.43 8.33
CA VAL F 83 17.03 24.05 8.51
C VAL F 83 18.04 23.06 7.96
N ASN F 84 18.77 23.43 6.89
CA ASN F 84 19.82 22.55 6.39
C ASN F 84 20.94 22.40 7.41
N ALA F 85 21.35 23.50 8.05
CA ALA F 85 22.42 23.36 9.04
C ALA F 85 21.99 22.47 10.18
N LEU F 86 20.77 22.71 10.69
CA LEU F 86 20.27 21.94 11.82
C LEU F 86 20.16 20.45 11.48
N ALA F 87 19.71 20.16 10.26
CA ALA F 87 19.52 18.76 9.87
C ALA F 87 20.86 18.06 9.79
N GLN F 88 21.85 18.73 9.21
CA GLN F 88 23.19 18.18 9.16
C GLN F 88 23.73 17.92 10.57
N LEU F 89 23.57 18.89 11.49
CA LEU F 89 24.02 18.69 12.87
C LEU F 89 23.33 17.49 13.53
N MET F 90 22.07 17.21 13.19
CA MET F 90 21.40 16.04 13.76
C MET F 90 22.04 14.74 13.28
N THR F 91 22.47 14.69 12.01
CA THR F 91 23.20 13.51 11.55
C THR F 91 24.43 13.25 12.42
N TRP F 92 25.23 14.31 12.71
CA TRP F 92 26.44 14.05 13.48
C TRP F 92 26.09 13.76 14.93
N LYS F 93 25.08 14.44 15.46
CA LYS F 93 24.72 14.31 16.87
C LYS F 93 24.20 12.90 17.20
N THR F 94 23.29 12.41 16.38
CA THR F 94 22.81 11.04 16.58
C THR F 94 23.96 10.05 16.55
N ALA F 95 24.94 10.30 15.70
CA ALA F 95 26.10 9.41 15.62
C ALA F 95 27.04 9.58 16.80
N VAL F 96 27.17 10.79 17.36
CA VAL F 96 28.02 10.98 18.53
C VAL F 96 27.54 10.17 19.72
N VAL F 97 26.22 10.14 19.98
CA VAL F 97 25.72 9.37 21.12
C VAL F 97 25.44 7.92 20.74
N ASP F 98 25.61 7.58 19.46
CA ASP F 98 25.50 6.21 18.97
C ASP F 98 24.09 5.65 19.18
N ILE F 99 23.11 6.42 18.75
CA ILE F 99 21.72 5.97 18.64
C ILE F 99 21.46 5.72 17.15
N PRO F 100 20.61 4.78 16.83
CA PRO F 100 20.46 4.25 15.46
C PRO F 100 19.52 5.09 14.62
N TYR F 101 19.91 6.35 14.45
CA TYR F 101 19.18 7.34 13.68
C TYR F 101 20.12 8.11 12.77
N GLY F 102 19.57 8.64 11.70
CA GLY F 102 20.19 9.69 10.92
C GLY F 102 19.61 11.04 11.30
N GLY F 103 19.85 12.04 10.46
CA GLY F 103 19.52 13.42 10.78
C GLY F 103 18.53 14.06 9.84
N ALA F 104 17.63 14.87 10.41
CA ALA F 104 16.66 15.65 9.65
C ALA F 104 16.22 16.80 10.53
N LYS F 105 15.56 17.78 9.91
CA LYS F 105 15.06 18.91 10.68
C LYS F 105 13.94 19.53 9.88
N GLY F 106 12.97 20.10 10.58
CA GLY F 106 11.87 20.78 9.92
C GLY F 106 11.58 22.14 10.54
N GLY F 107 10.73 22.89 9.86
CA GLY F 107 10.38 24.18 10.43
C GLY F 107 9.43 24.97 9.56
N ILE F 108 8.86 25.99 10.18
CA ILE F 108 8.04 26.97 9.50
C ILE F 108 8.45 28.34 10.01
N GLY F 109 8.67 29.25 9.08
CA GLY F 109 8.98 30.64 9.41
C GLY F 109 7.73 31.36 9.84
N CYS F 110 7.38 31.23 11.10
CA CYS F 110 6.22 31.89 11.65
C CYS F 110 6.56 32.31 13.06
N ASN F 111 5.72 33.17 13.61
CA ASN F 111 5.85 33.55 15.00
C ASN F 111 4.68 33.02 15.78
N PRO F 112 4.86 31.99 16.61
CA PRO F 112 3.71 31.40 17.28
C PRO F 112 2.94 32.37 18.13
N LYS F 113 3.60 33.37 18.70
CA LYS F 113 2.85 34.30 19.54
C LYS F 113 1.80 35.07 18.74
N ASP F 114 1.92 35.14 17.42
CA ASP F 114 0.98 35.89 16.60
C ASP F 114 -0.15 35.01 16.05
N LEU F 115 -0.22 33.76 16.43
CA LEU F 115 -1.23 32.82 15.96
C LEU F 115 -2.02 32.32 17.17
N SER F 116 -3.34 32.16 17.01
CA SER F 116 -4.14 31.58 18.08
C SER F 116 -3.82 30.10 18.21
N ILE F 117 -4.29 29.48 19.30
CA ILE F 117 -3.99 28.08 19.49
C ILE F 117 -4.72 27.25 18.43
N SER F 118 -5.89 27.67 17.99
CA SER F 118 -6.57 26.90 16.93
C SER F 118 -5.85 27.07 15.60
N GLU F 119 -5.32 28.27 15.35
CA GLU F 119 -4.52 28.47 14.13
C GLU F 119 -3.24 27.64 14.15
N LEU F 120 -2.55 27.57 15.29
CA LEU F 120 -1.35 26.76 15.37
C LEU F 120 -1.67 25.30 15.14
N GLU F 121 -2.81 24.82 15.65
CA GLU F 121 -3.22 23.45 15.42
C GLU F 121 -3.48 23.22 13.93
N ARG F 122 -4.23 24.13 13.26
CA ARG F 122 -4.48 23.90 11.84
C ARG F 122 -3.17 23.93 11.07
N LEU F 123 -2.28 24.86 11.39
CA LEU F 123 -1.01 24.94 10.66
C LEU F 123 -0.23 23.64 10.83
N THR F 124 -0.19 23.12 12.07
CA THR F 124 0.54 21.87 12.34
C THR F 124 -0.06 20.70 11.57
N ARG F 125 -1.40 20.61 11.57
CA ARG F 125 -2.09 19.53 10.87
C ARG F 125 -1.89 19.63 9.37
N VAL F 126 -1.89 20.85 8.80
CA VAL F 126 -1.68 20.97 7.36
C VAL F 126 -0.25 20.60 7.02
N PHE F 127 0.70 21.03 7.84
CA PHE F 127 2.10 20.68 7.60
C PHE F 127 2.25 19.18 7.59
N THR F 128 1.65 18.51 8.57
CA THR F 128 1.65 17.05 8.60
C THR F 128 1.01 16.47 7.34
N GLN F 129 -0.13 17.01 6.86
CA GLN F 129 -0.71 16.46 5.65
C GLN F 129 0.24 16.62 4.48
N LYS F 130 1.04 17.70 4.47
CA LYS F 130 1.91 17.94 3.35
C LYS F 130 3.19 17.11 3.41
N ILE F 131 3.53 16.53 4.56
CA ILE F 131 4.75 15.73 4.64
C ILE F 131 4.49 14.30 5.09
N HIS F 132 3.22 13.89 5.25
CA HIS F 132 2.96 12.58 5.87
C HIS F 132 3.63 11.45 5.07
N ASP F 133 3.68 11.58 3.75
CA ASP F 133 4.22 10.53 2.91
C ASP F 133 5.74 10.49 2.94
N LEU F 134 6.38 11.45 3.58
CA LEU F 134 7.83 11.55 3.63
C LEU F 134 8.40 11.23 4.98
N ILE F 135 7.57 11.08 6.03
CA ILE F 135 8.02 10.73 7.37
C ILE F 135 7.48 9.36 7.72
N GLY F 136 7.78 8.87 8.91
CA GLY F 136 7.36 7.53 9.31
C GLY F 136 8.23 6.98 10.40
N ILE F 137 7.71 5.95 11.07
CA ILE F 137 8.37 5.39 12.24
C ILE F 137 9.79 4.95 11.92
N HIS F 138 9.99 4.39 10.73
CA HIS F 138 11.32 3.92 10.34
C HIS F 138 11.92 4.74 9.23
N ARG F 139 11.37 5.95 9.00
CA ARG F 139 11.77 6.81 7.88
C ARG F 139 12.31 8.14 8.38
N ASP F 140 11.54 8.85 9.19
CA ASP F 140 11.90 10.19 9.67
C ASP F 140 10.93 10.51 10.79
N VAL F 141 11.44 10.77 11.98
CA VAL F 141 10.62 10.89 13.19
C VAL F 141 10.82 12.28 13.78
N PRO F 142 9.85 13.18 13.67
CA PRO F 142 10.07 14.51 14.23
C PRO F 142 9.95 14.56 15.75
N ALA F 143 10.01 15.77 16.28
CA ALA F 143 10.11 16.09 17.68
C ALA F 143 9.98 17.60 17.84
N PRO F 144 9.98 18.11 19.07
CA PRO F 144 9.94 19.57 19.26
C PRO F 144 11.29 20.22 18.98
N ASP F 145 11.23 21.54 18.82
CA ASP F 145 12.38 22.42 18.83
C ASP F 145 11.86 23.78 19.27
N MET F 146 12.59 24.85 18.96
N MET F 146 12.56 24.85 18.92
CA MET F 146 12.10 26.15 19.36
CA MET F 146 12.14 26.16 19.37
C MET F 146 10.72 26.34 18.79
C MET F 146 10.79 26.53 18.75
N GLY F 147 9.84 26.90 19.61
CA GLY F 147 8.53 27.27 19.18
C GLY F 147 7.52 26.17 19.07
N THR F 148 7.91 24.92 19.33
CA THR F 148 6.98 23.80 19.38
C THR F 148 7.16 23.05 20.68
N ASN F 149 6.17 22.21 21.00
CA ASN F 149 6.18 21.54 22.27
C ASN F 149 5.39 20.25 22.16
N SER F 150 5.12 19.63 23.31
CA SER F 150 4.45 18.33 23.27
C SER F 150 3.04 18.43 22.69
N GLN F 151 2.37 19.59 22.87
CA GLN F 151 1.05 19.71 22.28
C GLN F 151 1.16 19.74 20.76
N THR F 152 2.19 20.42 20.22
CA THR F 152 2.40 20.37 18.78
C THR F 152 2.54 18.94 18.31
N MET F 153 3.33 18.15 19.04
CA MET F 153 3.57 16.77 18.65
C MET F 153 2.30 15.95 18.71
N ALA F 154 1.40 16.24 19.66
CA ALA F 154 0.13 15.52 19.71
C ALA F 154 -0.67 15.73 18.43
N TRP F 155 -0.67 16.95 17.90
CA TRP F 155 -1.39 17.20 16.66
C TRP F 155 -0.74 16.49 15.47
N ILE F 156 0.60 16.45 15.41
CA ILE F 156 1.28 15.70 14.35
C ILE F 156 0.91 14.23 14.44
N LEU F 157 1.01 13.63 15.63
CA LEU F 157 0.59 12.25 15.80
C LEU F 157 -0.83 12.04 15.30
N ASP F 158 -1.74 12.90 15.77
CA ASP F 158 -3.15 12.71 15.48
C ASP F 158 -3.41 12.83 14.00
N GLU F 159 -2.84 13.85 13.35
CA GLU F 159 -3.13 14.00 11.92
C GLU F 159 -2.46 12.89 11.11
N TYR F 160 -1.22 12.52 11.46
CA TYR F 160 -0.51 11.47 10.72
C TYR F 160 -1.28 10.16 10.79
N SER F 161 -1.85 9.88 11.94
CA SER F 161 -2.53 8.60 12.12
C SER F 161 -3.79 8.48 11.27
N LYS F 162 -4.34 9.59 10.77
CA LYS F 162 -5.45 9.48 9.83
C LYS F 162 -5.03 8.87 8.51
N PHE F 163 -3.78 9.10 8.10
CA PHE F 163 -3.25 8.59 6.84
C PHE F 163 -2.65 7.20 6.95
N HIS F 164 -2.13 6.85 8.12
CA HIS F 164 -1.32 5.64 8.25
C HIS F 164 -1.70 4.79 9.45
N GLY F 165 -2.81 5.04 10.09
CA GLY F 165 -3.15 4.34 11.31
C GLY F 165 -2.34 4.87 12.46
N HIS F 166 -2.77 4.48 13.64
CA HIS F 166 -2.15 4.90 14.88
C HIS F 166 -0.67 4.57 14.87
N SER F 167 0.17 5.62 14.98
CA SER F 167 1.63 5.50 14.81
C SER F 167 2.35 6.29 15.88
N PRO F 168 2.28 5.84 17.14
CA PRO F 168 2.87 6.65 18.23
C PRO F 168 4.34 6.94 18.05
N ALA F 169 5.09 6.02 17.47
CA ALA F 169 6.51 6.23 17.26
C ALA F 169 6.81 7.16 16.07
N VAL F 170 5.82 7.77 15.41
CA VAL F 170 6.15 8.63 14.27
C VAL F 170 6.71 9.95 14.73
N VAL F 171 6.51 10.30 16.00
N VAL F 171 6.44 10.34 15.98
CA VAL F 171 6.92 11.59 16.52
CA VAL F 171 6.97 11.56 16.55
C VAL F 171 7.23 11.40 18.00
C VAL F 171 7.34 11.30 17.99
N THR F 172 8.29 12.07 18.48
CA THR F 172 8.63 12.02 19.90
C THR F 172 8.45 13.40 20.56
N GLY F 173 8.76 13.45 21.85
CA GLY F 173 8.30 14.58 22.65
C GLY F 173 6.81 14.65 22.83
N LYS F 174 6.10 13.51 22.77
CA LYS F 174 4.66 13.49 22.93
C LYS F 174 4.27 13.72 24.39
N PRO F 175 3.06 14.20 24.62
CA PRO F 175 2.51 14.16 25.97
C PRO F 175 2.51 12.73 26.51
N ILE F 176 2.75 12.61 27.82
CA ILE F 176 2.74 11.31 28.49
C ILE F 176 1.46 10.54 28.16
N ASP F 177 0.30 11.22 28.18
CA ASP F 177 -0.96 10.50 27.94
C ASP F 177 -1.15 10.07 26.50
N LEU F 178 -0.28 10.47 25.56
CA LEU F 178 -0.33 9.96 24.20
C LEU F 178 0.93 9.18 23.86
N GLY F 179 1.53 8.52 24.84
CA GLY F 179 2.70 7.69 24.58
C GLY F 179 4.04 8.37 24.74
N GLY F 180 4.09 9.58 25.29
CA GLY F 180 5.35 10.20 25.58
C GLY F 180 6.12 9.45 26.65
N SER F 181 7.38 9.81 26.77
CA SER F 181 8.30 9.19 27.72
C SER F 181 8.46 10.09 28.93
N LEU F 182 8.34 9.49 30.11
CA LEU F 182 8.83 10.18 31.28
C LEU F 182 10.26 10.62 31.02
N GLY F 183 10.61 11.82 31.53
CA GLY F 183 11.95 12.32 31.38
C GLY F 183 12.21 13.09 30.09
N ARG F 184 11.34 13.00 29.09
CA ARG F 184 11.72 13.63 27.84
C ARG F 184 11.65 15.15 27.96
N GLU F 185 10.71 15.69 28.74
CA GLU F 185 10.60 17.14 28.83
C GLU F 185 11.88 17.72 29.39
N ALA F 186 12.43 17.08 30.43
CA ALA F 186 13.65 17.55 31.10
C ALA F 186 14.93 17.08 30.42
N ALA F 187 14.87 16.26 29.37
CA ALA F 187 16.03 15.50 28.94
C ALA F 187 17.17 16.37 28.43
N THR F 188 16.86 17.39 27.64
CA THR F 188 17.95 18.15 27.06
C THR F 188 18.70 18.90 28.16
N GLY F 189 17.97 19.56 29.05
CA GLY F 189 18.64 20.28 30.14
C GLY F 189 19.39 19.36 31.08
N LEU F 190 18.79 18.21 31.42
CA LEU F 190 19.48 17.24 32.28
C LEU F 190 20.71 16.69 31.58
N GLY F 191 20.62 16.38 30.29
CA GLY F 191 21.78 15.87 29.60
C GLY F 191 22.88 16.91 29.52
N VAL F 192 22.51 18.18 29.35
CA VAL F 192 23.50 19.26 29.39
C VAL F 192 24.28 19.19 30.68
N VAL F 193 23.58 18.92 31.79
CA VAL F 193 24.23 18.80 33.09
C VAL F 193 25.10 17.56 33.17
N PHE F 194 24.63 16.42 32.67
CA PHE F 194 25.48 15.24 32.66
C PHE F 194 26.75 15.46 31.82
N ALA F 195 26.58 16.08 30.68
CA ALA F 195 27.73 16.41 29.82
C ALA F 195 28.71 17.29 30.56
N THR F 196 28.20 18.36 31.18
CA THR F 196 29.01 19.30 31.93
C THR F 196 29.73 18.61 33.09
N GLU F 197 29.03 17.73 33.79
CA GLU F 197 29.68 16.99 34.89
C GLU F 197 30.81 16.10 34.40
N ALA F 198 30.62 15.44 33.26
CA ALA F 198 31.67 14.62 32.67
C ALA F 198 32.88 15.47 32.33
N LEU F 199 32.67 16.62 31.70
CA LEU F 199 33.78 17.48 31.35
C LEU F 199 34.50 17.97 32.60
N PHE F 200 33.73 18.41 33.61
CA PHE F 200 34.33 19.05 34.76
C PHE F 200 35.10 18.04 35.61
N ALA F 201 34.69 16.77 35.62
CA ALA F 201 35.46 15.75 36.32
C ALA F 201 36.91 15.70 35.83
N GLU F 202 37.15 16.01 34.55
CA GLU F 202 38.51 15.96 34.02
C GLU F 202 39.40 16.99 34.66
N TYR F 203 38.82 18.06 35.21
CA TYR F 203 39.55 19.12 35.91
C TYR F 203 39.42 19.01 37.41
N GLY F 204 38.81 17.94 37.92
CA GLY F 204 38.61 17.78 39.35
C GLY F 204 37.60 18.74 39.93
N LYS F 205 36.68 19.24 39.12
CA LYS F 205 35.69 20.23 39.52
C LYS F 205 34.28 19.67 39.47
N SER F 206 33.36 20.38 40.13
CA SER F 206 31.96 20.02 40.19
C SER F 206 31.13 21.22 39.76
N ILE F 207 29.87 20.95 39.44
CA ILE F 207 28.92 22.02 39.13
C ILE F 207 28.83 22.99 40.29
N SER F 208 28.96 22.49 41.52
CA SER F 208 28.82 23.35 42.69
C SER F 208 30.00 24.30 42.85
N ASP F 209 31.08 24.11 42.09
CA ASP F 209 32.23 25.02 42.13
C ASP F 209 32.03 26.27 41.27
N MET F 210 31.00 26.30 40.43
CA MET F 210 30.95 27.24 39.31
C MET F 210 29.76 28.19 39.39
N THR F 211 29.93 29.35 38.75
CA THR F 211 28.84 30.22 38.37
C THR F 211 28.51 30.06 36.88
N PHE F 212 27.23 30.25 36.58
CA PHE F 212 26.64 29.98 35.28
C PHE F 212 25.80 31.17 34.79
N ALA F 213 25.92 31.47 33.50
CA ALA F 213 25.01 32.39 32.79
C ALA F 213 24.31 31.61 31.68
N ILE F 214 23.01 31.83 31.53
CA ILE F 214 22.15 31.04 30.64
C ILE F 214 21.41 32.01 29.73
N GLN F 215 21.55 31.84 28.41
CA GLN F 215 20.80 32.59 27.42
C GLN F 215 19.63 31.76 26.92
N GLY F 216 18.42 32.25 27.19
CA GLY F 216 17.23 31.52 26.79
C GLY F 216 16.63 30.80 27.99
N PHE F 217 15.32 30.75 28.08
CA PHE F 217 14.69 30.19 29.26
C PHE F 217 13.40 29.48 28.86
N GLY F 218 13.53 28.59 27.87
CA GLY F 218 12.42 27.76 27.42
C GLY F 218 12.62 26.32 27.83
N ASN F 219 12.29 25.37 26.96
CA ASN F 219 12.38 23.98 27.35
C ASN F 219 13.81 23.63 27.76
N VAL F 220 14.81 24.13 27.03
CA VAL F 220 16.20 23.78 27.34
C VAL F 220 16.71 24.59 28.53
N GLY F 221 16.53 25.89 28.51
CA GLY F 221 17.06 26.73 29.57
C GLY F 221 16.45 26.50 30.95
N THR F 222 15.14 26.30 31.02
CA THR F 222 14.53 26.10 32.34
C THR F 222 15.07 24.83 32.99
N TRP F 223 15.08 23.72 32.23
CA TRP F 223 15.47 22.46 32.84
C TRP F 223 16.96 22.40 33.09
N ALA F 224 17.77 23.04 32.24
CA ALA F 224 19.19 23.14 32.51
C ALA F 224 19.42 23.93 33.79
N ALA F 225 18.77 25.10 33.89
CA ALA F 225 18.93 25.92 35.09
C ALA F 225 18.53 25.14 36.33
N LYS F 226 17.40 24.44 36.26
CA LYS F 226 16.92 23.67 37.41
C LYS F 226 17.91 22.57 37.82
N ALA F 227 18.42 21.84 36.83
CA ALA F 227 19.34 20.75 37.12
C ALA F 227 20.65 21.27 37.69
N ILE F 228 21.11 22.43 37.21
CA ILE F 228 22.32 23.05 37.77
C ILE F 228 22.08 23.50 39.21
N PHE F 229 20.95 24.21 39.41
CA PHE F 229 20.58 24.72 40.73
C PHE F 229 20.54 23.58 41.75
N GLU F 230 19.94 22.46 41.36
CA GLU F 230 19.78 21.36 42.31
C GLU F 230 21.09 20.66 42.62
N ARG F 231 22.15 20.94 41.85
CA ARG F 231 23.47 20.39 42.10
C ARG F 231 24.40 21.44 42.70
N GLY F 232 23.85 22.56 43.16
CA GLY F 232 24.64 23.53 43.90
C GLY F 232 25.33 24.55 43.03
N GLY F 233 25.08 24.55 41.73
CA GLY F 233 25.63 25.57 40.89
C GLY F 233 24.92 26.88 41.14
N LYS F 234 25.67 27.96 41.02
CA LYS F 234 25.11 29.30 41.19
C LYS F 234 24.79 29.84 39.80
N VAL F 235 23.51 29.98 39.51
CA VAL F 235 23.06 30.53 38.25
C VAL F 235 22.95 32.04 38.49
N VAL F 236 23.88 32.80 37.91
CA VAL F 236 24.01 34.22 38.24
C VAL F 236 23.34 35.12 37.19
N ALA F 237 22.95 34.59 36.04
CA ALA F 237 22.27 35.40 35.02
C ALA F 237 21.47 34.48 34.10
N VAL F 238 20.27 34.95 33.75
CA VAL F 238 19.36 34.26 32.84
C VAL F 238 18.71 35.32 31.98
N SER F 239 18.62 35.06 30.69
CA SER F 239 17.91 35.93 29.75
C SER F 239 16.89 35.15 28.93
N ASP F 240 15.95 35.90 28.37
CA ASP F 240 15.13 35.37 27.28
C ASP F 240 14.88 36.52 26.32
N ILE F 241 13.93 36.33 25.41
N ILE F 241 13.92 36.34 25.41
CA ILE F 241 13.75 37.31 24.34
CA ILE F 241 13.76 37.32 24.33
C ILE F 241 13.41 38.67 24.92
C ILE F 241 13.23 38.65 24.83
N ASN F 242 12.70 38.69 26.04
CA ASN F 242 12.10 39.93 26.56
C ASN F 242 12.91 40.63 27.63
N GLY F 243 13.87 39.97 28.25
CA GLY F 243 14.66 40.63 29.28
C GLY F 243 15.59 39.64 29.97
N ALA F 244 16.11 40.07 31.12
CA ALA F 244 17.12 39.27 31.78
C ALA F 244 17.21 39.68 33.24
N ILE F 245 17.76 38.76 34.04
CA ILE F 245 17.84 38.92 35.49
C ILE F 245 19.18 38.36 35.95
N SER F 246 19.79 39.02 36.95
N SER F 246 19.79 39.01 36.94
CA SER F 246 21.15 38.72 37.41
CA SER F 246 21.05 38.52 37.45
C SER F 246 21.22 38.77 38.94
C SER F 246 21.08 38.60 38.96
N ASN F 247 21.95 37.81 39.53
CA ASN F 247 22.17 37.83 40.96
C ASN F 247 23.52 37.18 41.23
N PRO F 248 24.52 37.94 41.71
CA PRO F 248 25.85 37.35 41.87
C PRO F 248 25.93 36.28 42.93
N ASN F 249 24.96 36.20 43.84
CA ASN F 249 24.92 35.13 44.83
C ASN F 249 24.25 33.89 44.32
N GLY F 250 23.70 33.93 43.11
CA GLY F 250 22.95 32.80 42.63
C GLY F 250 21.49 33.13 42.71
N ILE F 251 20.81 33.03 41.59
CA ILE F 251 19.35 33.19 41.54
C ILE F 251 18.69 31.97 42.15
N ASP F 252 17.66 32.19 42.97
CA ASP F 252 16.81 31.08 43.42
C ASP F 252 16.01 30.59 42.21
N ILE F 253 16.52 29.57 41.50
CA ILE F 253 15.88 29.09 40.27
C ILE F 253 14.49 28.52 40.55
N ALA F 254 14.27 27.88 41.70
CA ALA F 254 12.94 27.38 42.01
C ALA F 254 11.94 28.53 42.02
N ALA F 255 12.31 29.65 42.65
CA ALA F 255 11.44 30.80 42.70
C ALA F 255 11.29 31.45 41.33
N LEU F 256 12.38 31.49 40.56
CA LEU F 256 12.32 32.07 39.21
C LEU F 256 11.38 31.27 38.33
N LEU F 257 11.40 29.96 38.46
CA LEU F 257 10.51 29.13 37.65
C LEU F 257 9.05 29.32 38.05
N LYS F 258 8.78 29.40 39.36
CA LYS F 258 7.42 29.67 39.81
C LYS F 258 6.94 31.01 39.29
N HIS F 259 7.82 32.01 39.28
CA HIS F 259 7.48 33.32 38.75
C HIS F 259 7.17 33.22 37.26
N LYS F 260 8.01 32.51 36.50
CA LYS F 260 7.75 32.29 35.08
C LYS F 260 6.42 31.60 34.86
N ALA F 261 6.13 30.59 35.68
CA ALA F 261 4.89 29.83 35.49
C ALA F 261 3.67 30.68 35.76
N GLY F 262 3.81 31.77 36.50
CA GLY F 262 2.70 32.67 36.75
C GLY F 262 2.61 33.81 35.75
N ASN F 263 3.28 33.64 34.61
CA ASN F 263 3.36 34.65 33.55
C ASN F 263 4.21 35.87 33.92
N GLY F 264 5.17 35.71 34.83
CA GLY F 264 6.07 36.80 35.13
C GLY F 264 7.17 36.93 34.09
N SER F 265 7.69 38.14 33.97
N SER F 265 7.69 38.15 33.97
CA SER F 265 8.80 38.42 33.09
CA SER F 265 8.81 38.43 33.09
C SER F 265 10.09 38.44 33.89
C SER F 265 10.09 38.44 33.90
N LEU F 266 11.19 38.00 33.25
CA LEU F 266 12.46 37.88 33.95
C LEU F 266 12.87 39.20 34.59
N LYS F 267 12.72 40.30 33.86
CA LYS F 267 13.25 41.58 34.36
C LYS F 267 12.51 42.05 35.59
N ASP F 268 11.34 41.46 35.88
CA ASP F 268 10.54 41.83 37.03
C ASP F 268 10.73 40.93 38.24
N PHE F 269 11.49 39.84 38.09
CA PHE F 269 11.72 38.93 39.20
C PHE F 269 12.40 39.66 40.35
N SER F 270 11.82 39.54 41.54
CA SER F 270 12.29 40.33 42.65
C SER F 270 13.56 39.76 43.27
N GLY F 271 13.93 38.53 42.91
CA GLY F 271 15.10 37.91 43.50
C GLY F 271 16.39 38.06 42.70
N GLY F 272 16.46 39.12 41.92
CA GLY F 272 17.67 39.50 41.23
C GLY F 272 17.52 40.93 40.77
N ASP F 273 18.55 41.43 40.10
CA ASP F 273 18.49 42.72 39.44
C ASP F 273 18.24 42.54 37.97
N ALA F 274 17.42 43.42 37.40
CA ALA F 274 17.26 43.42 35.95
C ALA F 274 18.62 43.71 35.29
N MET F 275 18.85 43.06 34.14
CA MET F 275 20.04 43.35 33.33
C MET F 275 19.63 43.36 31.85
N ASN F 276 20.50 43.94 31.04
CA ASN F 276 20.27 44.02 29.60
C ASN F 276 20.50 42.66 28.97
N PRO F 277 19.50 42.05 28.34
CA PRO F 277 19.75 40.74 27.75
C PRO F 277 20.88 40.76 26.70
N ASN F 278 21.17 41.92 26.10
CA ASN F 278 22.29 42.02 25.14
C ASN F 278 23.65 41.86 25.79
N ASP F 279 23.72 41.82 27.11
CA ASP F 279 24.96 41.65 27.87
C ASP F 279 25.11 40.25 28.43
N LEU F 280 24.14 39.35 28.18
CA LEU F 280 24.18 38.02 28.78
C LEU F 280 25.45 37.27 28.38
N LEU F 281 25.77 37.22 27.09
CA LEU F 281 26.88 36.38 26.62
C LEU F 281 28.24 36.87 27.12
N VAL F 282 28.36 38.15 27.47
CA VAL F 282 29.61 38.71 27.98
C VAL F 282 29.57 38.88 29.48
N HIS F 283 28.59 38.27 30.14
CA HIS F 283 28.46 38.38 31.59
C HIS F 283 29.59 37.65 32.29
N ASP F 284 30.04 38.18 33.42
CA ASP F 284 31.05 37.47 34.20
C ASP F 284 30.40 36.19 34.72
N CYS F 285 31.10 35.08 34.58
CA CYS F 285 30.64 33.78 35.02
C CYS F 285 31.78 32.83 34.73
N ASP F 286 31.75 31.67 35.37
CA ASP F 286 32.67 30.62 34.97
C ASP F 286 32.22 29.92 33.70
N VAL F 287 30.89 29.75 33.57
CA VAL F 287 30.29 28.88 32.57
C VAL F 287 29.14 29.62 31.89
N LEU F 288 29.16 29.63 30.57
CA LEU F 288 28.16 30.25 29.74
C LEU F 288 27.46 29.13 29.01
N ILE F 289 26.13 29.10 29.12
CA ILE F 289 25.31 28.08 28.44
C ILE F 289 24.30 28.76 27.54
N PRO F 290 24.63 28.92 26.26
CA PRO F 290 23.60 29.42 25.32
C PRO F 290 22.52 28.38 25.14
N CYS F 291 21.24 28.81 25.28
CA CYS F 291 20.10 27.92 25.19
C CYS F 291 19.01 28.49 24.30
N ALA F 292 19.39 29.33 23.34
CA ALA F 292 18.42 29.92 22.44
C ALA F 292 18.86 29.80 21.00
N LEU F 293 19.12 30.90 20.31
CA LEU F 293 19.38 30.86 18.89
C LEU F 293 20.82 30.45 18.58
N GLY F 294 21.02 30.04 17.33
CA GLY F 294 22.36 29.77 16.85
C GLY F 294 23.10 31.04 16.43
N GLY F 295 24.42 30.89 16.29
CA GLY F 295 25.26 31.96 15.73
C GLY F 295 25.48 33.17 16.61
N VAL F 296 25.11 33.08 17.89
CA VAL F 296 25.08 34.25 18.77
C VAL F 296 26.46 34.61 19.29
N LEU F 297 27.39 33.66 19.25
CA LEU F 297 28.80 33.93 19.54
C LEU F 297 29.53 33.99 18.21
N ASN F 298 30.03 35.18 17.89
CA ASN F 298 30.52 35.47 16.56
C ASN F 298 31.73 36.37 16.70
N LYS F 299 32.23 36.86 15.58
CA LYS F 299 33.50 37.57 15.69
C LYS F 299 33.35 38.94 16.34
N GLU F 300 32.15 39.44 16.50
CA GLU F 300 31.95 40.77 17.06
C GLU F 300 31.83 40.76 18.59
N ASN F 301 31.49 39.63 19.20
CA ASN F 301 31.44 39.56 20.66
C ASN F 301 32.37 38.53 21.30
N ALA F 302 32.96 37.60 20.53
CA ALA F 302 33.70 36.53 21.18
C ALA F 302 34.85 37.05 22.04
N ASN F 303 35.47 38.16 21.64
CA ASN F 303 36.61 38.63 22.38
C ASN F 303 36.26 39.10 23.78
N ASP F 304 34.98 39.37 24.05
CA ASP F 304 34.58 39.91 25.34
C ASP F 304 33.98 38.85 26.25
N VAL F 305 33.86 37.61 25.78
CA VAL F 305 33.35 36.54 26.62
C VAL F 305 34.26 36.40 27.83
N LYS F 306 33.65 36.27 29.00
CA LYS F 306 34.41 36.12 30.24
C LYS F 306 34.44 34.70 30.78
N ALA F 307 33.51 33.86 30.35
CA ALA F 307 33.47 32.46 30.77
C ALA F 307 34.75 31.72 30.38
N LYS F 308 35.13 30.76 31.22
CA LYS F 308 36.16 29.78 30.89
C LYS F 308 35.60 28.55 30.16
N PHE F 309 34.34 28.21 30.38
CA PHE F 309 33.68 27.11 29.70
C PHE F 309 32.43 27.61 29.00
N ILE F 310 32.20 27.10 27.80
CA ILE F 310 30.96 27.30 27.09
C ILE F 310 30.38 25.91 26.87
N ILE F 311 29.13 25.72 27.30
CA ILE F 311 28.41 24.48 27.11
C ILE F 311 27.31 24.77 26.09
N GLU F 312 27.37 24.12 24.94
CA GLU F 312 26.45 24.48 23.85
C GLU F 312 25.16 23.66 23.99
N ALA F 313 24.17 24.22 24.69
CA ALA F 313 22.85 23.60 24.78
C ALA F 313 22.02 23.88 23.52
N ALA F 314 22.01 25.14 23.10
CA ALA F 314 21.47 25.51 21.81
C ALA F 314 22.19 24.78 20.70
N ASN F 315 21.52 24.65 19.56
CA ASN F 315 22.21 24.21 18.35
C ASN F 315 22.99 25.38 17.75
N HIS F 316 24.22 25.06 17.31
CA HIS F 316 25.26 25.90 16.73
C HIS F 316 25.30 27.33 17.26
N PRO F 317 25.47 27.53 18.57
CA PRO F 317 25.51 28.90 19.10
C PRO F 317 26.80 29.63 18.80
N THR F 318 27.87 28.90 18.48
CA THR F 318 29.21 29.46 18.28
C THR F 318 29.65 29.21 16.84
N ASP F 319 29.94 30.28 16.11
CA ASP F 319 30.42 30.11 14.73
C ASP F 319 31.93 29.91 14.72
N PRO F 320 32.48 29.51 13.58
CA PRO F 320 33.90 29.13 13.56
C PRO F 320 34.86 30.28 13.78
N ASP F 321 34.48 31.50 13.44
CA ASP F 321 35.31 32.65 13.80
C ASP F 321 35.41 32.79 15.32
N ALA F 322 34.26 32.68 16.00
CA ALA F 322 34.26 32.77 17.45
C ALA F 322 35.03 31.61 18.06
N ASP F 323 34.90 30.41 17.49
CA ASP F 323 35.68 29.27 17.98
C ASP F 323 37.16 29.60 18.05
N GLU F 324 37.69 30.21 16.99
CA GLU F 324 39.12 30.49 16.95
C GLU F 324 39.48 31.51 18.00
N ILE F 325 38.69 32.59 18.07
CA ILE F 325 38.95 33.64 19.05
C ILE F 325 38.90 33.07 20.45
N LEU F 326 37.90 32.25 20.72
CA LEU F 326 37.71 31.71 22.06
C LEU F 326 38.81 30.71 22.41
N SER F 327 39.27 29.94 21.43
CA SER F 327 40.39 29.03 21.66
C SER F 327 41.60 29.80 22.14
N LYS F 328 41.88 30.95 21.53
CA LYS F 328 43.06 31.69 21.88
C LYS F 328 42.94 32.37 23.24
N LYS F 329 41.71 32.54 23.72
CA LYS F 329 41.45 33.02 25.07
C LYS F 329 41.56 31.93 26.12
N GLY F 330 41.74 30.68 25.74
CA GLY F 330 41.76 29.59 26.69
C GLY F 330 40.39 29.06 27.04
N VAL F 331 39.35 29.47 26.33
CA VAL F 331 38.01 29.00 26.63
C VAL F 331 37.86 27.59 26.09
N ILE F 332 37.15 26.76 26.83
CA ILE F 332 36.89 25.36 26.45
C ILE F 332 35.42 25.28 26.08
N ILE F 333 35.11 24.71 24.91
CA ILE F 333 33.74 24.69 24.40
C ILE F 333 33.28 23.25 24.26
N LEU F 334 32.27 22.87 25.04
CA LEU F 334 31.68 21.55 24.92
C LEU F 334 30.63 21.62 23.82
N PRO F 335 30.82 20.91 22.72
CA PRO F 335 30.02 21.19 21.52
C PRO F 335 28.60 20.66 21.56
N ASP F 336 27.76 21.41 20.86
CA ASP F 336 26.33 21.11 20.71
C ASP F 336 26.07 19.64 20.39
N VAL F 337 26.74 19.10 19.38
CA VAL F 337 26.45 17.74 18.93
C VAL F 337 26.72 16.69 19.99
N TYR F 338 27.35 17.05 21.10
CA TYR F 338 27.41 16.18 22.26
C TYR F 338 26.53 16.72 23.37
N ALA F 339 26.76 17.97 23.78
CA ALA F 339 26.20 18.47 25.02
C ALA F 339 24.67 18.53 25.02
N ASN F 340 24.02 18.80 23.88
CA ASN F 340 22.57 18.93 23.86
C ASN F 340 21.87 17.66 23.38
N ALA F 341 22.61 16.59 23.22
CA ALA F 341 22.06 15.36 22.66
C ALA F 341 21.21 14.56 23.62
N GLY F 342 21.02 15.01 24.86
CA GLY F 342 20.08 14.32 25.75
C GLY F 342 18.67 14.31 25.21
N GLY F 343 18.28 15.36 24.51
CA GLY F 343 16.93 15.40 23.98
C GLY F 343 16.71 14.29 22.98
N VAL F 344 17.59 14.21 21.99
CA VAL F 344 17.39 13.19 20.96
C VAL F 344 17.61 11.78 21.52
N THR F 345 18.47 11.64 22.52
CA THR F 345 18.70 10.35 23.15
C THR F 345 17.45 9.86 23.89
N VAL F 346 16.83 10.72 24.70
CA VAL F 346 15.56 10.32 25.30
C VAL F 346 14.46 10.21 24.24
N SER F 347 14.50 10.97 23.15
CA SER F 347 13.55 10.68 22.08
C SER F 347 13.73 9.25 21.56
N TYR F 348 14.97 8.82 21.38
CA TYR F 348 15.20 7.43 21.01
C TYR F 348 14.53 6.49 22.00
N PHE F 349 14.73 6.73 23.31
CA PHE F 349 14.08 5.89 24.33
C PHE F 349 12.55 5.90 24.18
N GLU F 350 11.97 7.07 23.89
CA GLU F 350 10.53 7.19 23.67
C GLU F 350 10.07 6.34 22.50
N TRP F 351 10.81 6.43 21.38
CA TRP F 351 10.54 5.62 20.21
C TRP F 351 10.62 4.14 20.54
N VAL F 352 11.64 3.74 21.31
CA VAL F 352 11.78 2.33 21.67
C VAL F 352 10.56 1.89 22.50
N GLN F 353 10.23 2.67 23.54
CA GLN F 353 9.05 2.36 24.37
C GLN F 353 7.79 2.23 23.54
N ASN F 354 7.60 3.12 22.57
CA ASN F 354 6.43 3.05 21.72
C ASN F 354 6.42 1.78 20.90
N ILE F 355 7.57 1.45 20.31
CA ILE F 355 7.63 0.27 19.46
C ILE F 355 7.45 -0.98 20.29
N GLN F 356 7.99 -0.99 21.52
CA GLN F 356 7.86 -2.18 22.37
C GLN F 356 6.51 -2.27 23.03
N GLY F 357 5.73 -1.20 23.00
CA GLY F 357 4.40 -1.19 23.57
C GLY F 357 4.35 -1.05 25.06
N PHE F 358 5.43 -0.67 25.72
CA PHE F 358 5.30 -0.43 27.14
C PHE F 358 6.38 0.54 27.60
N MET F 359 6.04 1.24 28.67
CA MET F 359 6.76 2.44 29.06
C MET F 359 7.73 2.14 30.19
N TRP F 360 8.79 2.93 30.27
CA TRP F 360 9.78 2.82 31.33
C TRP F 360 9.49 3.83 32.43
N ASP F 361 10.03 3.59 33.63
CA ASP F 361 9.92 4.64 34.63
C ASP F 361 11.04 5.69 34.45
N GLU F 362 10.86 6.85 35.11
CA GLU F 362 11.76 7.98 34.86
C GLU F 362 13.18 7.66 35.32
N GLU F 363 13.29 6.86 36.37
CA GLU F 363 14.60 6.50 36.90
C GLU F 363 15.37 5.67 35.86
N LYS F 364 14.68 4.76 35.18
CA LYS F 364 15.31 4.00 34.12
C LYS F 364 15.69 4.88 32.93
N VAL F 365 14.79 5.78 32.50
CA VAL F 365 15.12 6.74 31.45
C VAL F 365 16.40 7.49 31.78
N ASN F 366 16.49 8.05 32.99
CA ASN F 366 17.61 8.93 33.28
C ASN F 366 18.88 8.11 33.52
N GLN F 367 18.74 6.87 34.02
CA GLN F 367 19.94 6.04 34.15
C GLN F 367 20.52 5.74 32.77
N GLU F 368 19.67 5.43 31.81
CA GLU F 368 20.13 5.12 30.46
C GLU F 368 20.66 6.37 29.80
N LEU F 369 20.00 7.50 30.01
CA LEU F 369 20.54 8.78 29.51
C LEU F 369 21.96 9.00 30.02
N LYS F 370 22.17 8.82 31.33
CA LYS F 370 23.50 9.04 31.87
C LYS F 370 24.51 8.09 31.24
N ARG F 371 24.13 6.81 31.06
CA ARG F 371 25.03 5.85 30.43
C ARG F 371 25.41 6.29 29.01
N TYR F 372 24.44 6.81 28.26
CA TYR F 372 24.74 7.27 26.90
C TYR F 372 25.65 8.49 26.92
N MET F 373 25.39 9.44 27.82
CA MET F 373 26.21 10.64 27.81
C MET F 373 27.62 10.36 28.31
N THR F 374 27.78 9.41 29.25
CA THR F 374 29.12 9.04 29.73
C THR F 374 29.92 8.37 28.63
N LYS F 375 29.35 7.35 27.98
CA LYS F 375 30.04 6.67 26.90
C LYS F 375 30.45 7.65 25.80
N ALA F 376 29.55 8.56 25.42
CA ALA F 376 29.87 9.51 24.35
C ALA F 376 31.03 10.41 24.75
N PHE F 377 31.04 10.88 25.98
CA PHE F 377 32.16 11.72 26.39
C PHE F 377 33.47 10.95 26.39
N ASN F 378 33.46 9.71 26.89
CA ASN F 378 34.66 8.89 26.86
C ASN F 378 35.15 8.66 25.43
N ASP F 379 34.22 8.49 24.48
CA ASP F 379 34.62 8.28 23.08
C ASP F 379 35.16 9.57 22.51
N ILE F 380 34.58 10.71 22.91
CA ILE F 380 35.07 12.01 22.46
C ILE F 380 36.49 12.24 22.96
N LYS F 381 36.74 11.93 24.23
CA LYS F 381 38.08 12.12 24.79
C LYS F 381 39.09 11.30 24.01
N ALA F 382 38.74 10.05 23.74
CA ALA F 382 39.63 9.17 23.02
C ALA F 382 39.95 9.73 21.64
N ASN F 383 38.94 10.28 20.96
CA ASN F 383 39.10 10.82 19.62
C ASN F 383 39.97 12.06 19.63
N CYS F 384 39.78 12.91 20.65
CA CYS F 384 40.62 14.09 20.81
C CYS F 384 42.09 13.70 20.96
N LYS F 385 42.34 12.62 21.69
CA LYS F 385 43.71 12.14 21.86
C LYS F 385 44.27 11.60 20.55
N THR F 386 43.48 10.80 19.82
CA THR F 386 43.94 10.25 18.55
C THR F 386 44.33 11.36 17.57
N HIS F 387 43.50 12.37 17.46
CA HIS F 387 43.64 13.37 16.43
C HIS F 387 44.24 14.66 16.93
N ASN F 388 44.62 14.70 18.20
CA ASN F 388 45.13 15.89 18.87
C ASN F 388 44.30 17.12 18.51
N CYS F 389 42.99 17.03 18.75
CA CYS F 389 42.08 18.08 18.32
C CYS F 389 41.22 18.54 19.50
N ASP F 390 40.49 19.64 19.26
CA ASP F 390 39.66 20.21 20.30
C ASP F 390 38.36 19.43 20.45
N LEU F 391 37.61 19.79 21.47
CA LEU F 391 36.40 19.04 21.80
C LEU F 391 35.42 19.03 20.64
N ARG F 392 35.18 20.18 20.01
CA ARG F 392 34.23 20.20 18.89
C ARG F 392 34.64 19.17 17.83
N MET F 393 35.91 19.19 17.42
CA MET F 393 36.36 18.27 16.37
C MET F 393 36.40 16.84 16.85
N GLY F 394 36.68 16.61 18.14
CA GLY F 394 36.60 15.26 18.67
C GLY F 394 35.21 14.67 18.50
N ALA F 395 34.17 15.45 18.81
CA ALA F 395 32.81 14.97 18.66
C ALA F 395 32.40 14.93 17.19
N PHE F 396 32.74 15.98 16.43
CA PHE F 396 32.31 16.08 15.04
C PHE F 396 32.93 14.95 14.22
N THR F 397 34.23 14.69 14.40
CA THR F 397 34.84 13.58 13.67
C THR F 397 34.31 12.24 14.15
N LEU F 398 34.00 12.10 15.43
CA LEU F 398 33.44 10.83 15.90
C LEU F 398 32.14 10.54 15.19
N GLY F 399 31.27 11.54 15.07
CA GLY F 399 30.00 11.31 14.44
C GLY F 399 30.16 11.10 12.95
N LEU F 400 30.94 11.98 12.33
CA LEU F 400 31.17 11.92 10.90
C LEU F 400 31.79 10.59 10.49
N ASN F 401 32.75 10.08 11.29
CA ASN F 401 33.35 8.79 10.94
C ASN F 401 32.33 7.65 11.04
N ARG F 402 31.46 7.68 12.05
CA ARG F 402 30.45 6.63 12.17
C ARG F 402 29.49 6.68 10.98
N VAL F 403 29.09 7.88 10.57
CA VAL F 403 28.22 7.98 9.41
C VAL F 403 28.93 7.51 8.15
N ALA F 404 30.19 7.88 7.99
CA ALA F 404 30.95 7.48 6.81
C ALA F 404 31.07 5.96 6.75
N ARG F 405 31.32 5.32 7.90
CA ARG F 405 31.40 3.86 7.96
C ARG F 405 30.13 3.21 7.43
N ALA F 406 28.97 3.67 7.93
CA ALA F 406 27.71 3.09 7.53
C ALA F 406 27.44 3.34 6.06
N THR F 407 27.81 4.53 5.58
CA THR F 407 27.64 4.86 4.17
C THR F 407 28.48 3.95 3.29
N LEU F 408 29.72 3.69 3.70
CA LEU F 408 30.59 2.88 2.86
C LEU F 408 30.12 1.44 2.85
N LEU F 409 29.60 0.95 3.98
CA LEU F 409 29.06 -0.41 4.01
C LEU F 409 27.85 -0.55 3.09
N ARG F 410 26.98 0.45 3.06
CA ARG F 410 25.81 0.37 2.20
C ARG F 410 26.19 0.36 0.73
N GLY F 411 27.24 1.07 0.32
CA GLY F 411 27.64 1.01 -1.06
C GLY F 411 26.84 1.96 -1.96
N TRP F 412 27.18 1.89 -3.23
CA TRP F 412 26.86 2.93 -4.19
C TRP F 412 26.22 2.42 -5.48
N GLU F 413 26.15 1.11 -5.70
CA GLU F 413 25.56 0.62 -6.94
C GLU F 413 24.03 0.75 -6.84
N ALA F 414 23.37 0.74 -7.98
CA ALA F 414 21.96 1.05 -8.04
C ALA F 414 21.09 -0.12 -7.67
PA NAD G . 31.87 -19.75 3.82
O1A NAD G . 31.64 -19.41 2.39
O2A NAD G . 32.15 -18.68 4.81
O5B NAD G . 33.10 -20.78 3.91
C5B NAD G . 33.07 -22.00 3.15
C4B NAD G . 34.36 -22.72 3.46
O4B NAD G . 34.28 -24.03 2.86
C3B NAD G . 35.64 -22.07 2.92
O3B NAD G . 36.76 -22.27 3.76
C2B NAD G . 35.79 -22.81 1.59
O2B NAD G . 37.09 -22.81 1.03
C1B NAD G . 35.43 -24.20 2.07
N9A NAD G . 35.13 -25.15 1.01
C8A NAD G . 34.34 -25.01 -0.09
N7A NAD G . 34.31 -26.07 -0.85
C5A NAD G . 35.14 -26.97 -0.20
C6A NAD G . 35.55 -28.28 -0.49
N6A NAD G . 35.14 -28.92 -1.57
N1A NAD G . 36.41 -28.90 0.35
C2A NAD G . 36.81 -28.23 1.45
N3A NAD G . 36.50 -27.00 1.83
C4A NAD G . 35.67 -26.41 0.95
O3 NAD G . 30.63 -20.66 4.24
PN NAD G . 30.04 -20.96 5.70
O1N NAD G . 29.15 -19.83 6.14
O2N NAD G . 31.22 -21.25 6.59
O5D NAD G . 29.14 -22.25 5.48
C5D NAD G . 29.76 -23.55 5.62
C4D NAD G . 28.69 -24.59 5.83
O4D NAD G . 27.95 -24.30 7.05
C3D NAD G . 27.62 -24.71 4.73
O3D NAD G . 27.09 -26.03 4.67
C2D NAD G . 26.52 -23.80 5.28
O2D NAD G . 25.28 -24.03 4.65
C1D NAD G . 26.56 -24.21 6.75
N1N NAD G . 25.93 -23.25 7.70
C2N NAD G . 26.27 -21.95 7.71
C3N NAD G . 25.71 -21.08 8.65
C7N NAD G . 26.13 -19.64 8.79
O7N NAD G . 25.60 -18.96 9.67
N7N NAD G . 27.10 -19.17 8.01
C4N NAD G . 24.73 -21.56 9.52
C5N NAD G . 24.51 -22.93 9.59
C6N NAD G . 25.08 -23.74 8.64
C1 EDO H . 14.72 -21.72 24.65
O1 EDO H . 13.36 -21.37 24.30
C2 EDO H . 15.05 -21.34 26.10
O2 EDO H . 14.36 -20.15 26.50
C1 EDO I . 43.65 -19.17 0.40
O1 EDO I . 44.21 -20.41 -0.04
C2 EDO I . 42.53 -19.52 1.36
O2 EDO I . 41.71 -20.55 0.78
C1 PEG J . 39.02 -38.97 25.10
O1 PEG J . 38.93 -39.71 26.29
C2 PEG J . 38.86 -39.82 23.89
O2 PEG J . 37.56 -40.42 23.85
C3 PEG J . 37.06 -40.52 22.52
C4 PEG J . 36.03 -41.60 22.41
O4 PEG J . 34.93 -41.42 23.28
N01 8GL K . 23.17 -20.26 7.03
C02 8GL K . 21.80 -20.49 7.58
O03 8GL K . 20.84 -20.34 6.53
C04 8GL K . 21.51 -19.46 8.69
C05 8GL K . 20.26 -18.67 8.40
C06 8GL K . 19.96 -17.54 9.37
O07 8GL K . 18.84 -17.05 9.32
O08 8GL K . 20.85 -17.12 10.14
C09 8GL K . 21.62 -21.92 8.05
O10 8GL K . 21.97 -22.81 7.27
O11 8GL K . 21.05 -22.12 9.15
C1 EDO L . 17.21 -8.26 -17.59
O1 EDO L . 16.71 -9.23 -16.66
C2 EDO L . 16.11 -8.15 -18.62
O2 EDO L . 15.84 -6.77 -18.81
C1 EDO M . -0.67 -25.76 4.12
O1 EDO M . -1.77 -25.82 3.22
C2 EDO M . -1.25 -25.29 5.45
O2 EDO M . -1.99 -24.09 5.21
C1 EDO N . -5.67 -34.01 9.36
O1 EDO N . -6.36 -33.00 8.58
C2 EDO N . -4.56 -34.60 8.51
O2 EDO N . -5.11 -35.09 7.28
C1 PEG O . 44.01 -34.28 24.04
O1 PEG O . 43.28 -33.23 23.39
C2 PEG O . 44.21 -35.50 23.17
O2 PEG O . 45.52 -35.51 22.62
C3 PEG O . 45.75 -36.60 21.72
C4 PEG O . 47.00 -36.33 20.92
O4 PEG O . 47.20 -37.28 19.88
C1 EDO P . 37.91 -15.61 13.50
O1 EDO P . 37.67 -15.32 12.11
C2 EDO P . 39.10 -14.71 13.87
O2 EDO P . 39.29 -14.41 15.27
O1 PG4 Q . 34.00 -0.73 -10.50
C1 PG4 Q . 35.02 -0.74 -11.48
C2 PG4 Q . 34.43 -0.61 -12.86
O2 PG4 Q . 35.43 -0.22 -13.78
C3 PG4 Q . 36.30 -1.25 -14.18
C4 PG4 Q . 36.85 -0.89 -15.52
O3 PG4 Q . 35.78 -0.41 -16.35
C5 PG4 Q . 36.21 -0.05 -17.65
C6 PG4 Q . 35.24 0.89 -18.31
O4 PG4 Q . 34.00 0.25 -18.59
C7 PG4 Q . 33.38 0.74 -19.77
C8 PG4 Q . 32.07 0.05 -19.97
O5 PG4 Q . 31.31 0.10 -18.81
CA CA R . 3.76 -27.34 2.54
NA NA S . 33.36 -0.26 -15.83
N GLY T . 27.31 -12.60 9.59
CA GLY T . 27.87 -13.94 9.75
C GLY T . 27.92 -14.87 8.55
O GLY T . 27.14 -15.84 8.50
OXT GLY T . 28.75 -14.77 7.62
PA NAD U . -32.39 18.96 -3.47
O1A NAD U . -31.82 19.07 -2.10
O2A NAD U . -31.69 19.59 -4.63
O5B NAD U . -33.88 19.55 -3.44
C5B NAD U . -34.93 18.99 -2.66
C4B NAD U . -36.18 19.77 -2.96
O4B NAD U . -37.27 19.18 -2.23
C3B NAD U . -36.16 21.25 -2.55
O3B NAD U . -37.02 21.94 -3.46
C2B NAD U . -36.80 21.22 -1.17
O2B NAD U . -37.40 22.41 -0.72
C1B NAD U . -37.88 20.19 -1.46
N9A NAD U . -38.47 19.60 -0.28
C8A NAD U . -37.84 19.14 0.85
N7A NAD U . -38.68 18.68 1.75
C5A NAD U . -39.93 18.93 1.21
C6A NAD U . -41.24 18.69 1.69
N6A NAD U . -41.52 18.19 2.89
N1A NAD U . -42.27 19.07 0.89
C2A NAD U . -42.00 19.61 -0.30
N3A NAD U . -40.81 19.85 -0.86
C4A NAD U . -39.81 19.49 -0.04
O3 NAD U . -32.68 17.39 -3.73
PN NAD U . -32.79 16.55 -5.09
O1N NAD U . -31.41 16.22 -5.56
O2N NAD U . -33.71 17.33 -5.99
O5D NAD U . -33.48 15.18 -4.61
C5D NAD U . -34.91 15.08 -4.58
C4D NAD U . -35.32 13.64 -4.65
O4D NAD U . -34.82 13.07 -5.88
C3D NAD U . -34.78 12.77 -3.51
O3D NAD U . -35.67 11.70 -3.20
C2D NAD U . -33.52 12.18 -4.14
O2D NAD U . -33.10 11.01 -3.45
C1D NAD U . -34.05 11.90 -5.55
N1N NAD U . -33.01 11.70 -6.59
C2N NAD U . -32.01 12.59 -6.77
C3N NAD U . -31.06 12.36 -7.76
C7N NAD U . -29.97 13.36 -8.07
O7N NAD U . -29.12 13.06 -8.90
N7N NAD U . -30.01 14.52 -7.44
C4N NAD U . -31.12 11.19 -8.52
C5N NAD U . -32.22 10.37 -8.40
C6N NAD U . -33.16 10.65 -7.45
N01 8GL V . -29.04 10.73 -6.00
C02 8GL V . -28.59 9.42 -6.52
O03 8GL V . -27.97 8.80 -5.43
C04 8GL V . -27.56 9.64 -7.64
C05 8GL V . -26.40 8.69 -7.56
C06 8GL V . -25.28 8.87 -8.58
O07 8GL V . -25.36 9.78 -9.43
O08 8GL V . -24.32 8.11 -8.50
C09 8GL V . -29.80 8.50 -6.84
O10 8GL V . -29.78 7.76 -7.87
O11 8GL V . -30.70 8.50 -5.98
N GLY W . -24.58 17.88 -9.68
CA GLY W . -25.94 17.34 -9.79
C GLY W . -26.76 17.24 -8.50
O GLY W . -27.48 16.27 -8.29
OXT GLY W . -26.77 18.10 -7.61
C1 EDO X . -32.80 24.86 -14.35
O1 EDO X . -32.60 26.12 -15.06
C2 EDO X . -32.68 25.05 -12.84
O2 EDO X . -31.34 25.06 -12.40
C1 EDO Y . -37.39 30.01 -1.20
O1 EDO Y . -38.74 30.05 -0.74
C2 EDO Y . -37.30 28.76 -2.04
O2 EDO Y . -37.79 27.65 -1.26
O1 PG4 Z . -55.10 7.04 -21.88
C1 PG4 Z . -53.94 7.15 -21.07
C2 PG4 Z . -54.13 8.07 -19.91
O2 PG4 Z . -54.27 9.41 -20.39
C3 PG4 Z . -54.61 10.34 -19.35
C4 PG4 Z . -55.28 11.55 -19.96
O3 PG4 Z . -54.46 12.09 -20.97
C5 PG4 Z . -54.94 13.32 -21.51
C6 PG4 Z . -56.00 13.04 -22.52
O4 PG4 Z . -55.40 12.74 -23.77
C7 PG4 Z . -56.37 12.55 -24.81
C8 PG4 Z . -55.94 13.23 -26.07
O5 PG4 Z . -54.75 12.68 -26.63
C1 PGE AA . -27.67 0.49 -23.08
O1 PGE AA . -27.61 0.01 -24.41
C2 PGE AA . -27.31 -0.61 -22.13
O2 PGE AA . -25.97 -0.92 -22.34
C3 PGE AA . -25.56 -1.98 -21.51
C4 PGE AA . -24.84 -3.04 -22.36
O4 PGE AA . -22.24 -3.88 -25.68
C6 PGE AA . -22.32 -2.88 -24.68
C5 PGE AA . -22.76 -3.52 -23.39
O3 PGE AA . -23.51 -2.61 -22.60
C1 EDO BA . -13.03 12.76 18.30
O1 EDO BA . -11.67 13.26 18.33
C2 EDO BA . -13.65 13.43 17.09
O2 EDO BA . -14.04 12.41 16.17
C1 EDO CA . -28.50 -20.19 -3.65
O1 EDO CA . -28.56 -21.18 -2.58
C2 EDO CA . -27.47 -20.67 -4.65
O2 EDO CA . -26.31 -21.04 -3.89
C1 EDO DA . -12.79 31.05 15.82
O1 EDO DA . -13.41 32.36 15.84
C2 EDO DA . -12.43 30.65 17.25
O2 EDO DA . -11.45 29.62 17.22
CA CA EA . -25.59 -9.21 0.38
NA NA FA . -13.91 31.42 13.29
PA NAD GA . 17.49 19.70 -26.90
O1A NAD GA . 18.45 19.30 -25.83
O2A NAD GA . 16.94 18.64 -27.79
O5B NAD GA . 18.23 20.73 -27.86
C5B NAD GA . 18.82 21.93 -27.35
C4B NAD GA . 19.40 22.68 -28.51
O4B NAD GA . 19.82 23.97 -28.02
C3B NAD GA . 20.66 22.04 -29.13
O3B NAD GA . 20.65 22.31 -30.53
C2B NAD GA . 21.78 22.77 -28.38
O2B NAD GA . 23.04 22.79 -29.02
C1B NAD GA . 21.16 24.15 -28.39
N9A NAD GA . 21.76 25.09 -27.46
C8A NAD GA . 22.10 24.89 -26.15
N7A NAD GA . 22.68 25.94 -25.61
C5A NAD GA . 22.73 26.86 -26.63
C6A NAD GA . 23.24 28.17 -26.70
N6A NAD GA . 23.85 28.77 -25.68
N1A NAD GA . 23.14 28.82 -27.87
C2A NAD GA . 22.57 28.19 -28.90
N3A NAD GA . 22.06 26.97 -28.97
C4A NAD GA . 22.17 26.35 -27.78
O3 NAD GA . 16.37 20.61 -26.24
PN NAD GA . 14.88 20.92 -26.75
O1N NAD GA . 13.97 19.84 -26.33
O2N NAD GA . 14.99 21.25 -28.21
O5D NAD GA . 14.59 22.21 -25.87
C5D NAD GA . 14.84 23.55 -26.40
C4D NAD GA . 13.98 24.54 -25.66
O4D NAD GA . 12.58 24.22 -25.89
C3D NAD GA . 14.12 24.56 -24.13
O3D NAD GA . 13.84 25.87 -23.64
C2D NAD GA . 12.97 23.65 -23.65
O2D NAD GA . 12.61 23.88 -22.30
C1D NAD GA . 11.91 24.12 -24.65
N1N NAD GA . 10.75 23.20 -24.84
C2N NAD GA . 10.94 21.88 -25.06
C3N NAD GA . 9.84 21.04 -25.27
C7N NAD GA . 10.01 19.61 -25.75
O7N NAD GA . 9.02 18.90 -25.88
N7N NAD GA . 11.23 19.17 -26.03
C4N NAD GA . 8.55 21.55 -25.07
C5N NAD GA . 8.38 22.91 -24.96
C6N NAD GA . 9.49 23.71 -24.84
N01 8GL HA . 9.42 20.16 -22.29
C02 8GL HA . 8.10 20.37 -21.61
O03 8GL HA . 8.32 20.29 -20.22
C04 8GL HA . 7.08 19.37 -22.15
C05 8GL HA . 6.39 18.64 -21.03
C06 8GL HA . 5.53 17.45 -21.43
O07 8GL HA . 5.50 17.10 -22.62
O08 8GL HA . 4.87 16.93 -20.55
C09 8GL HA . 7.64 21.82 -21.77
O10 8GL HA . 6.44 22.05 -22.07
O11 8GL HA . 8.50 22.67 -21.53
N GLY IA . 10.25 12.42 -27.43
CA GLY IA . 9.87 13.83 -27.44
C GLY IA . 11.02 14.80 -27.15
O GLY IA . 12.20 14.47 -27.30
OXT GLY IA . 10.78 15.94 -26.75
C1 EDO JA . 26.25 19.70 -33.65
O1 EDO JA . 26.18 20.69 -32.61
C2 EDO JA . 27.71 19.34 -33.96
O2 EDO JA . 28.41 20.57 -34.21
C1 PEG KA . 5.99 40.55 -46.00
O1 PEG KA . 4.64 40.20 -46.17
C2 PEG KA . 6.52 40.19 -44.64
O2 PEG KA . 5.95 41.04 -43.65
C3 PEG KA . 6.60 40.91 -42.39
C4 PEG KA . 6.11 41.96 -41.44
O4 PEG KA . 4.73 41.81 -41.12
C1 PEG LA . 14.49 37.42 -48.69
O1 PEG LA . 14.59 36.71 -49.92
C2 PEG LA . 13.08 37.77 -48.35
O2 PEG LA . 12.27 36.60 -48.49
C3 PEG LA . 10.90 36.85 -48.20
C4 PEG LA . 10.21 35.55 -47.97
O4 PEG LA . 10.41 34.63 -49.02
C1 EDO MA . -10.16 33.59 -1.60
O1 EDO MA . -10.65 32.98 -0.38
C2 EDO MA . -8.75 34.13 -1.38
O2 EDO MA . -8.73 34.98 -0.22
C1 EDO NA . 24.47 7.91 -2.15
O1 EDO NA . 23.16 8.40 -2.48
C2 EDO NA . 24.54 7.96 -0.62
O2 EDO NA . 24.42 6.61 -0.18
C1 EDO OA . -9.53 21.99 -26.90
O1 EDO OA . -10.45 21.66 -25.87
C2 EDO OA . -10.22 21.90 -28.26
O2 EDO OA . -11.37 21.07 -28.07
C1 EDO PA . 13.45 16.04 -38.33
O1 EDO PA . 14.17 15.16 -39.22
C2 EDO PA . 14.32 16.37 -37.13
O2 EDO PA . 14.92 15.19 -36.61
CA CA QA . 0.44 27.01 -4.39
PA NAD RA . -18.05 -18.82 27.38
O1A NAD RA . -18.73 -18.95 26.05
O2A NAD RA . -16.73 -19.50 27.54
O5B NAD RA . -19.03 -19.39 28.51
C5B NAD RA . -20.36 -18.88 28.74
C4B NAD RA . -20.95 -19.64 29.90
O4B NAD RA . -22.21 -19.05 30.28
C3B NAD RA . -21.23 -21.11 29.64
O3B NAD RA . -21.06 -21.79 30.87
C2B NAD RA . -22.70 -21.06 29.24
O2B NAD RA . -23.35 -22.31 29.38
C1B NAD RA . -23.19 -20.06 30.28
N9A NAD RA . -24.47 -19.46 29.98
C8A NAD RA . -24.91 -18.97 28.78
N7A NAD RA . -26.15 -18.50 28.84
C5A NAD RA . -26.53 -18.70 30.15
C6A NAD RA . -27.72 -18.42 30.86
N6A NAD RA . -28.81 -17.86 30.33
N1A NAD RA . -27.76 -18.76 32.17
C2A NAD RA . -26.68 -19.33 32.72
N3A NAD RA . -25.52 -19.64 32.16
C4A NAD RA . -25.51 -19.30 30.86
O3 NAD RA . -18.01 -17.27 27.77
PN NAD RA . -17.01 -16.44 28.72
O1N NAD RA . -15.74 -16.17 28.00
O2N NAD RA . -16.90 -17.20 30.02
O5D NAD RA . -17.82 -15.10 28.96
C5D NAD RA . -18.76 -14.99 30.03
C4D NAD RA . -18.99 -13.53 30.32
O4D NAD RA . -17.73 -12.96 30.72
C3D NAD RA . -19.48 -12.67 29.15
O3D NAD RA . -20.26 -11.58 29.64
C2D NAD RA . -18.18 -12.09 28.59
O2D NAD RA . -18.41 -10.90 27.86
C1D NAD RA . -17.46 -11.80 29.92
N1N NAD RA . -15.98 -11.64 29.85
C2N NAD RA . -15.21 -12.52 29.18
C3N NAD RA . -13.82 -12.35 29.12
C7N NAD RA . -12.89 -13.35 28.46
O7N NAD RA . -11.69 -13.10 28.40
N7N NAD RA . -13.40 -14.47 27.97
C4N NAD RA . -13.26 -11.19 29.66
C5N NAD RA . -14.05 -10.36 30.44
C6N NAD RA . -15.40 -10.61 30.55
N01 8GL SA . -13.66 -10.72 26.53
C02 8GL SA . -13.10 -9.34 26.50
O03 8GL SA . -13.52 -8.74 25.27
C04 8GL SA . -11.58 -9.38 26.60
C05 8GL SA . -10.92 -8.97 25.32
C06 8GL SA . -9.40 -8.98 25.32
O07 8GL SA . -8.84 -8.14 24.62
O08 8GL SA . -8.81 -9.83 26.01
C09 8GL SA . -13.68 -8.47 27.60
O10 8GL SA . -14.93 -8.38 27.70
O11 8GL SA . -12.89 -7.79 28.27
O1 PG4 TA . -16.88 -20.84 55.10
C1 PG4 TA . -17.59 -19.66 54.75
C2 PG4 TA . -18.84 -19.47 55.56
O2 PG4 TA . -19.67 -20.60 55.40
C3 PG4 TA . -20.98 -20.40 55.93
C4 PG4 TA . -21.86 -21.58 55.61
O3 PG4 TA . -21.31 -22.76 56.18
C5 PG4 TA . -22.24 -23.83 56.28
C6 PG4 TA . -21.69 -25.06 55.63
O4 PG4 TA . -20.41 -25.39 56.17
C7 PG4 TA . -19.94 -26.65 55.70
C8 PG4 TA . -18.63 -27.03 56.32
O5 PG4 TA . -17.56 -26.14 55.96
C1 PEG UA . -20.72 -9.29 54.86
O1 PEG UA . -19.53 -8.54 54.95
C2 PEG UA . -20.48 -10.73 54.58
O2 PEG UA . -19.74 -11.35 55.62
C3 PEG UA . -19.87 -12.77 55.60
C4 PEG UA . -18.66 -13.42 56.21
O4 PEG UA . -18.38 -12.95 57.52
C1 EDO VA . -22.10 -12.75 -1.32
O1 EDO VA . -21.38 -13.41 -2.40
C2 EDO VA . -21.79 -13.59 -0.08
O2 EDO VA . -21.20 -12.73 0.86
C1 EDO WA . -13.86 20.72 24.85
O1 EDO WA . -13.43 21.31 23.61
C2 EDO WA . -15.24 20.14 24.66
O2 EDO WA . -16.05 21.15 24.01
C1 EDO XA . -11.26 -24.76 33.66
O1 EDO XA . -10.65 -25.03 32.39
C2 EDO XA . -10.22 -24.78 34.78
O2 EDO XA . -9.69 -26.12 34.95
C1 PEG YA . 1.40 3.13 34.31
O1 PEG YA . 2.33 2.82 33.27
C2 PEG YA . 0.24 2.17 34.37
O2 PEG YA . 0.59 0.97 35.07
C3 PEG YA . -0.34 0.67 36.10
C4 PEG YA . -0.03 -0.63 36.75
O4 PEG YA . 1.18 -0.61 37.50
CA CA ZA . -16.38 9.21 19.82
NA NA AB . -18.96 -31.41 2.37
N GLY BB . -8.25 -17.89 24.89
CA GLY BB . -8.74 -17.67 26.25
C GLY BB . -10.22 -17.26 26.34
O GLY BB . -11.15 -17.96 25.93
OXT GLY BB . -10.52 -16.18 26.85
PA NAD CB . -10.90 -26.93 -23.68
O1A NAD CB . -10.60 -27.50 -22.33
O2A NAD CB . -12.06 -26.02 -23.88
O5B NAD CB . -11.10 -28.14 -24.70
C5B NAD CB . -10.11 -29.12 -24.93
C4B NAD CB . -10.68 -30.10 -25.92
O4B NAD CB . -9.63 -31.01 -26.28
C3B NAD CB . -11.85 -30.97 -25.41
O3B NAD CB . -12.77 -31.22 -26.47
C2B NAD CB . -11.13 -32.25 -25.00
O2B NAD CB . -11.92 -33.41 -25.01
C1B NAD CB . -10.11 -32.33 -26.13
N9A NAD CB . -9.00 -33.22 -25.85
C8A NAD CB . -8.24 -33.33 -24.70
N7A NAD CB . -7.36 -34.29 -24.76
C5A NAD CB . -7.54 -34.84 -26.02
C6A NAD CB . -6.93 -35.90 -26.70
N6A NAD CB . -5.96 -36.65 -26.16
N1A NAD CB . -7.36 -36.21 -27.95
C2A NAD CB . -8.35 -35.47 -28.47
N3A NAD CB . -9.01 -34.46 -27.94
C4A NAD CB . -8.56 -34.20 -26.69
O3 NAD CB . -9.53 -26.29 -24.21
PN NAD CB . -9.31 -25.16 -25.34
O1N NAD CB . -9.47 -23.83 -24.73
O2N NAD CB . -10.20 -25.47 -26.50
O5D NAD CB . -7.79 -25.35 -25.73
C5D NAD CB . -7.37 -26.27 -26.77
C4D NAD CB . -6.01 -25.89 -27.28
O4D NAD CB . -6.04 -24.53 -27.76
C3D NAD CB . -4.88 -25.92 -26.25
O3D NAD CB . -3.61 -26.20 -26.84
C2D NAD CB . -4.85 -24.48 -25.76
O2D NAD CB . -3.63 -24.14 -25.13
C1D NAD CB . -5.02 -23.80 -27.12
N1N NAD CB . -5.45 -22.39 -27.09
C2N NAD CB . -6.52 -22.00 -26.36
C3N NAD CB . -6.95 -20.67 -26.40
C7N NAD CB . -8.20 -20.21 -25.69
O7N NAD CB . -8.47 -19.01 -25.67
N7N NAD CB . -9.02 -21.13 -25.16
C4N NAD CB . -6.19 -19.73 -27.11
C5N NAD CB . -5.18 -20.19 -27.94
C6N NAD CB . -4.85 -21.52 -27.93
N01 8GL DB . -5.20 -19.84 -23.95
C02 8GL DB . -4.32 -18.64 -24.14
O03 8GL DB . -3.48 -18.63 -23.01
C04 8GL DB . -5.17 -17.36 -24.19
C05 8GL DB . -4.49 -16.23 -23.46
C06 8GL DB . -5.29 -14.96 -23.20
O07 8GL DB . -6.40 -14.84 -23.68
O08 8GL DB . -4.77 -14.09 -22.51
C09 8GL DB . -3.36 -18.80 -25.33
O10 8GL DB . -2.79 -19.89 -25.42
O11 8GL DB . -3.13 -17.81 -26.08
C1 EDO EB . -1.86 -2.85 -34.07
O1 EDO EB . -0.56 -2.25 -34.03
C2 EDO EB . -2.06 -3.73 -35.29
O2 EDO EB . -3.16 -3.25 -36.09
N GLY FB . -14.05 -17.58 -22.55
CA GLY FB . -13.01 -18.05 -23.45
C GLY FB . -12.35 -19.42 -23.20
O GLY FB . -12.88 -20.41 -22.66
OXT GLY FB . -11.19 -19.60 -23.57
O1 PG4 GB . -2.81 -25.19 -53.85
C1 PG4 GB . -2.81 -25.25 -52.43
C2 PG4 GB . -3.31 -26.57 -51.90
O2 PG4 GB . -4.66 -26.79 -52.32
C3 PG4 GB . -5.28 -27.90 -51.67
C4 PG4 GB . -6.47 -28.36 -52.46
O3 PG4 GB . -7.37 -27.29 -52.72
C5 PG4 GB . -8.16 -27.52 -53.89
C6 PG4 GB . -9.04 -26.33 -54.16
O4 PG4 GB . -9.59 -26.43 -55.49
C7 PG4 GB . -9.02 -25.51 -56.41
C8 PG4 GB . -9.59 -24.13 -56.20
O5 PG4 GB . -9.06 -23.17 -57.09
C1 EDO HB . 23.41 -6.99 -26.02
O1 EDO HB . 24.20 -7.89 -25.23
C2 EDO HB . 23.09 -5.72 -25.22
O2 EDO HB . 24.20 -5.37 -24.37
O1 PG4 IB . -15.91 -31.74 6.93
C1 PG4 IB . -17.01 -32.43 6.37
C2 PG4 IB . -17.19 -32.05 4.94
O2 PG4 IB . -18.57 -32.11 4.58
C3 PG4 IB . -19.14 -33.41 4.66
C4 PG4 IB . -20.40 -33.47 3.83
O3 PG4 IB . -20.06 -33.29 2.45
C5 PG4 IB . -21.09 -33.64 1.53
C6 PG4 IB . -20.79 -33.00 0.19
O4 PG4 IB . -20.98 -31.60 0.35
C7 PG4 IB . -20.24 -30.79 -0.55
C8 PG4 IB . -21.10 -30.38 -1.70
O5 PG4 IB . -20.56 -29.24 -2.35
C1 EDO JB . -20.40 -23.57 -29.54
O1 EDO JB . -21.62 -22.90 -29.94
C2 EDO JB . -20.02 -23.19 -28.13
O2 EDO JB . -19.30 -24.26 -27.51
CA CA KB . 14.44 -13.12 -19.61
C1 EDO LB . -14.65 32.33 10.20
O1 EDO LB . -15.38 32.07 11.39
C2 EDO LB . -15.38 31.82 8.97
O2 EDO LB . -16.40 32.78 8.66
C1 EDO MB . -4.75 24.82 -0.62
O1 EDO MB . -3.52 25.49 -0.44
C2 EDO MB . -4.88 24.94 -2.12
O2 EDO MB . -3.59 25.47 -2.49
PA NAD NB . 11.79 27.10 23.34
O1A NAD NB . 10.99 27.69 22.24
O2A NAD NB . 11.20 26.20 24.36
O5B NAD NB . 12.47 28.32 24.13
C5B NAD NB . 13.26 29.29 23.44
C4B NAD NB . 13.79 30.24 24.49
O4B NAD NB . 14.76 31.07 23.83
C3B NAD NB . 12.75 31.20 25.10
O3B NAD NB . 13.09 31.44 26.46
C2B NAD NB . 12.90 32.44 24.23
O2B NAD NB . 12.45 33.67 24.79
C1B NAD NB . 14.42 32.42 24.10
N9A NAD NB . 14.93 33.26 23.03
C8A NAD NB . 14.45 33.40 21.75
N7A NAD NB . 15.08 34.34 21.07
C5A NAD NB . 16.00 34.85 21.97
C6A NAD NB . 16.96 35.88 21.86
N6A NAD NB . 17.11 36.62 20.78
N1A NAD NB . 17.68 36.18 22.97
C2A NAD NB . 17.49 35.44 24.07
N3A NAD NB . 16.61 34.46 24.28
C4A NAD NB . 15.89 34.22 23.19
O3 NAD NB . 13.06 26.42 22.63
PN NAD NB . 14.04 25.27 23.18
O1N NAD NB . 13.34 23.95 22.97
O2N NAD NB . 14.39 25.61 24.58
O5D NAD NB . 15.30 25.40 22.20
C5D NAD NB . 16.40 26.27 22.54
C4D NAD NB . 17.64 25.83 21.81
O4D NAD NB . 17.95 24.48 22.19
C3D NAD NB . 17.54 25.82 20.28
O3D NAD NB . 18.79 26.04 19.64
C2D NAD NB . 17.13 24.36 20.03
O2D NAD NB . 17.37 23.99 18.70
C1D NAD NB . 18.06 23.72 21.03
N1N NAD NB . 17.72 22.31 21.37
C2N NAD NB . 16.48 21.95 21.72
C3N NAD NB . 16.19 20.63 22.08
C7N NAD NB . 14.87 20.19 22.65
O7N NAD NB . 14.71 19.01 22.93
N7N NAD NB . 13.92 21.12 22.85
C4N NAD NB . 17.21 19.67 21.93
C5N NAD NB . 18.50 20.09 21.72
C6N NAD NB . 18.73 21.41 21.42
N01 8GL OB . 15.38 19.65 19.14
C02 8GL OB . 16.09 18.45 18.62
O03 8GL OB . 15.78 18.40 17.26
C04 8GL OB . 15.56 17.20 19.33
C05 8GL OB . 15.27 16.11 18.34
C06 8GL OB . 14.59 14.87 18.89
O07 8GL OB . 14.42 13.92 18.12
O08 8GL OB . 14.28 14.85 20.10
C09 8GL OB . 17.61 18.64 18.66
O10 8GL OB . 18.04 19.75 18.28
O11 8GL OB . 18.35 17.67 19.01
C1 PEG PB . 24.79 1.54 21.33
O1 PEG PB . 25.28 0.24 21.62
C2 PEG PB . 25.57 2.63 22.02
O2 PEG PB . 25.38 2.55 23.44
C3 PEG PB . 26.00 3.62 24.13
C4 PEG PB . 25.67 3.51 25.57
O4 PEG PB . 26.37 2.46 26.18
C1 EDO QB . 7.49 36.86 29.65
O1 EDO QB . 8.43 37.95 29.64
C2 EDO QB . 8.32 35.59 29.49
O2 EDO QB . 9.35 35.82 28.51
C1 PEG RB . 37.83 27.39 36.18
O1 PEG RB . 38.21 26.01 36.11
C2 PEG RB . 36.65 27.63 37.08
O2 PEG RB . 36.98 27.37 38.45
C3 PEG RB . 35.89 27.65 39.32
C4 PEG RB . 36.35 27.51 40.73
O4 PEG RB . 36.92 26.25 40.98
C1 EDO SB . 35.10 6.78 -1.64
O1 EDO SB . 34.93 7.39 -2.93
C2 EDO SB . 34.06 5.68 -1.57
O2 EDO SB . 34.27 4.81 -2.68
C1 EDO TB . 31.18 31.82 44.06
O1 EDO TB . 30.65 32.93 43.33
C2 EDO TB . 31.16 30.52 43.26
O2 EDO TB . 30.39 29.53 43.96
C1 EDO UB . 45.15 31.37 28.01
O1 EDO UB . 45.12 32.03 26.74
C2 EDO UB . 44.86 32.47 29.01
O2 EDO UB . 45.51 33.60 28.43
C1 EDO VB . 10.76 23.50 34.82
O1 EDO VB . 10.03 24.12 33.76
C2 EDO VB . 9.86 23.65 36.03
O2 EDO VB . 10.15 22.73 37.11
CA CA WB . 24.24 12.65 1.25
N GLY XB . 8.58 17.29 25.10
CA GLY XB . 9.92 17.88 24.99
C GLY XB . 10.00 19.35 24.59
O GLY XB . 10.98 19.78 23.96
OXT GLY XB . 9.12 20.17 24.87
#